data_8E4Q
#
_entry.id   8E4Q
#
_cell.length_a   1.00
_cell.length_b   1.00
_cell.length_c   1.00
_cell.angle_alpha   90.00
_cell.angle_beta   90.00
_cell.angle_gamma   90.00
#
_symmetry.space_group_name_H-M   'P 1'
#
loop_
_entity.id
_entity.type
_entity.pdbx_description
1 polymer 'Transient receptor potential cation channel subfamily M member 8'
2 non-polymer '[(2R)-2-octanoyloxy-3-[oxidanyl-[(1R,2R,3S,4R,5R,6S)-2,3,6-tris(oxidanyl)-4,5-diphosphonooxy-cyclohexyl]oxy-phosphoryl]oxy-propyl] octanoate'
#
_entity_poly.entity_id   1
_entity_poly.type   'polypeptide(L)'
_entity_poly.pdbx_seq_one_letter_code
;MATLFQVSMGSMRHRRNGNFESSRLLYSSMSRSIDVACSDADLANFIQENFKKRECVFFTKDTKSMGNLCKCGYPENQHI
EGTQVNTTEKWNYKKHTKELPTDAFGDIQFENLGKRGKYIRLSCDTDSETLYDLMTQHWHLKTPNLVISVTGGAKNFALK
PRMRKIFSRLIYIAQSKGAWIFTGGTHYGLMKYIGEVVRDNTISRSSEENVVAIGIAAWGMISNRETLIRTADSDGSYLA
HYIMDDLKRDPLYCLDNNHTHLLLVDNGTHGHPTIEAKVRTQLEKYISERVIPESNYGGKIPIVCFAQGGGKETLKSINV
AIKSKIPCVVVEGSGRIADVIASLVEAEGTLASSCVKESLLRFLPRTISRLSEEETESWIKWIKEVLESPHLLTVIKIEE
AGDEIVSNAISFALYKAFSTNEHDRDNWNGQLKLLLEWNQLDLASDEIFTNDRNWESADLQDVMFTALVKDRPKFVRLFL
ENGLNLRKFLTTEVLRELYTNNFSSLVFKNLQIAKNSYNDALLTFVWKMVEDFRRGAKRDDKNSKDEMEIELSEECPITR
HPLQALFIWSVLQNKKELSKVIWEQTRGCTLAALGASKLLKSMAKVKNDINAAGESEELANEYETRAVELFTECYSNDED
LAEQLLTYSCEAWGGSNCLELAVEARDQQFIAQPGVQNFLSKQWYGEISRDTKNWKIILCLFFFPLIGCGFISFRKKPVE
KTKKLFLYYVSFFTSPFVVFSWNVIFYIAFLLLFAYVLLMDFQKEPTALEIILYVLVFILLCDEVRQWYMNGSKYFSDLW
NVMDTLAIFYFIAGIVFRLHSDESSWYSGRVIFCLDYIVFTLRLIHIFTVSRNLGPKIIMLQRMMIDVFFFLFLFAVWMV
AFGVARQGILRKNEHRWEWIFRSVIYEPYLAMFGQYPDDIDGTTYNFDHCTFSGNESKPLCVELDANNQPRFPEWITIPL
VCIYMLSTNILLVNLLVAMFGYTVGSVQENNDQVWKFQRFFLVQEYCSRLTIPFPFVIFAYIFMVMRKCFKCCCKKESKE
PSVCCSRNEDNEILAWEAVMKENYLVKINTKASDSSEEMVHRFRQLDAKLSDLKGLLKEISSKIKSNSLEVLFQGPDYKD
DDDKAHHHHHHHHHH
;
_entity_poly.pdbx_strand_id   A,B,D,C
#
# COMPACT_ATOMS: atom_id res chain seq x y z
N ASP A 42 22.56 70.20 4.36
CA ASP A 42 21.97 71.39 4.96
C ASP A 42 21.71 71.19 6.45
N LEU A 43 20.67 70.42 6.76
CA LEU A 43 20.33 70.18 8.17
C LEU A 43 21.45 69.45 8.89
N ALA A 44 22.07 68.47 8.23
CA ALA A 44 23.19 67.74 8.83
C ALA A 44 24.34 68.68 9.21
N ASN A 45 24.78 69.50 8.24
CA ASN A 45 25.83 70.47 8.52
C ASN A 45 25.40 71.40 9.66
N PHE A 46 24.10 71.70 9.74
CA PHE A 46 23.61 72.49 10.87
C PHE A 46 23.79 71.75 12.18
N ILE A 47 23.48 70.45 12.20
CA ILE A 47 23.55 69.68 13.44
C ILE A 47 24.98 69.63 13.95
N GLN A 48 25.95 69.51 13.03
CA GLN A 48 27.32 69.40 13.50
C GLN A 48 27.70 70.59 14.38
N GLU A 49 27.24 71.79 14.03
CA GLU A 49 27.56 72.96 14.83
C GLU A 49 26.99 72.83 16.24
N ASN A 50 25.74 72.37 16.36
CA ASN A 50 25.14 72.21 17.66
C ASN A 50 25.91 71.19 18.50
N PHE A 51 26.33 70.08 17.88
CA PHE A 51 27.06 69.06 18.62
C PHE A 51 28.48 69.51 18.94
N LYS A 52 29.13 70.18 17.99
CA LYS A 52 30.51 70.64 18.20
C LYS A 52 31.44 69.46 18.46
N ALA A 104 30.70 65.74 9.35
CA ALA A 104 31.19 64.99 10.49
C ALA A 104 30.50 63.64 10.61
N PHE A 105 29.26 63.58 10.11
CA PHE A 105 28.42 62.38 10.19
C PHE A 105 27.84 62.10 8.80
N GLY A 106 28.58 61.34 8.01
CA GLY A 106 28.13 60.95 6.68
C GLY A 106 27.59 59.53 6.67
N ASP A 107 27.82 58.84 5.56
CA ASP A 107 27.43 57.45 5.40
C ASP A 107 28.63 56.66 4.89
N ILE A 108 28.71 55.40 5.31
CA ILE A 108 29.82 54.52 4.96
C ILE A 108 29.29 53.43 4.04
N GLN A 109 29.96 53.23 2.90
CA GLN A 109 29.60 52.21 1.94
C GLN A 109 30.87 51.55 1.42
N PHE A 110 30.83 50.23 1.30
CA PHE A 110 31.99 49.46 0.86
C PHE A 110 31.58 48.07 0.38
N GLY A 117 25.16 52.55 5.50
CA GLY A 117 24.11 53.35 6.12
C GLY A 117 24.62 54.68 6.64
N LYS A 118 23.78 55.37 7.40
CA LYS A 118 24.10 56.68 7.96
C LYS A 118 24.37 56.55 9.45
N TYR A 119 25.46 57.15 9.91
CA TYR A 119 25.82 57.16 11.32
C TYR A 119 26.06 58.58 11.78
N ILE A 120 25.83 58.83 13.06
CA ILE A 120 26.01 60.15 13.64
C ILE A 120 26.87 60.03 14.90
N ARG A 121 27.60 61.11 15.20
CA ARG A 121 28.49 61.17 16.34
C ARG A 121 27.95 62.18 17.34
N LEU A 122 27.76 61.74 18.59
CA LEU A 122 27.29 62.59 19.67
C LEU A 122 28.10 62.28 20.92
N SER A 123 28.49 63.32 21.65
CA SER A 123 29.40 63.14 22.77
C SER A 123 28.71 62.50 23.97
N CYS A 124 27.74 63.18 24.56
CA CYS A 124 27.00 62.67 25.71
C CYS A 124 25.98 63.71 26.13
N ASP A 125 25.07 63.31 27.02
CA ASP A 125 24.08 64.19 27.61
C ASP A 125 23.12 64.78 26.58
N THR A 126 23.11 64.23 25.36
CA THR A 126 22.18 64.70 24.35
C THR A 126 20.75 64.40 24.77
N ASP A 127 19.85 65.34 24.47
CA ASP A 127 18.45 65.15 24.81
C ASP A 127 17.87 63.96 24.08
N SER A 128 17.29 63.02 24.83
CA SER A 128 16.67 61.86 24.20
C SER A 128 15.52 62.26 23.31
N GLU A 129 14.70 63.22 23.76
CA GLU A 129 13.61 63.71 22.94
C GLU A 129 14.13 64.29 21.63
N THR A 130 15.21 65.06 21.70
CA THR A 130 15.78 65.63 20.48
C THR A 130 16.32 64.54 19.56
N LEU A 131 16.92 63.49 20.14
CA LEU A 131 17.44 62.40 19.32
C LEU A 131 16.32 61.69 18.57
N TYR A 132 15.26 61.32 19.29
CA TYR A 132 14.14 60.65 18.64
C TYR A 132 13.47 61.57 17.62
N ASP A 133 13.34 62.86 17.96
CA ASP A 133 12.74 63.80 17.03
C ASP A 133 13.57 63.94 15.77
N LEU A 134 14.90 63.99 15.90
CA LEU A 134 15.76 64.08 14.73
C LEU A 134 15.66 62.84 13.88
N MET A 135 15.66 61.66 14.50
CA MET A 135 15.56 60.41 13.73
C MET A 135 14.24 60.36 12.96
N THR A 136 13.14 60.80 13.59
CA THR A 136 11.86 60.82 12.88
C THR A 136 11.84 61.89 11.80
N GLN A 137 12.35 63.07 12.11
CA GLN A 137 12.33 64.19 11.17
C GLN A 137 13.11 63.87 9.90
N HIS A 138 14.35 63.41 10.04
CA HIS A 138 15.19 63.19 8.87
C HIS A 138 14.66 62.03 8.02
N TRP A 139 14.31 60.92 8.65
CA TRP A 139 13.95 59.71 7.92
C TRP A 139 13.15 58.80 8.86
N HIS A 140 12.98 57.55 8.45
CA HIS A 140 12.35 56.51 9.27
C HIS A 140 10.89 56.82 9.59
N LEU A 141 10.28 56.00 10.45
CA LEU A 141 8.85 56.10 10.74
C LEU A 141 8.60 55.58 12.15
N LYS A 142 7.32 55.60 12.56
CA LYS A 142 6.95 55.25 13.94
C LYS A 142 7.16 53.77 14.21
N THR A 143 7.25 53.42 15.49
CA THR A 143 7.64 52.07 15.91
C THR A 143 6.47 51.34 16.55
N PRO A 144 5.82 50.41 15.82
CA PRO A 144 4.80 49.57 16.45
C PRO A 144 5.32 48.77 17.62
N ASN A 145 6.56 48.29 17.55
CA ASN A 145 7.15 47.50 18.63
C ASN A 145 8.65 47.46 18.43
N LEU A 146 9.41 47.68 19.50
CA LEU A 146 10.87 47.70 19.43
C LEU A 146 11.45 46.73 20.46
N VAL A 147 12.43 45.92 20.04
CA VAL A 147 13.10 44.98 20.92
C VAL A 147 14.45 45.53 21.33
N ILE A 148 14.91 45.11 22.51
CA ILE A 148 16.25 45.41 22.99
C ILE A 148 16.87 44.12 23.50
N SER A 149 18.15 43.94 23.20
CA SER A 149 18.89 42.76 23.63
C SER A 149 20.26 43.17 24.14
N VAL A 150 20.70 42.50 25.19
CA VAL A 150 22.01 42.72 25.78
C VAL A 150 22.74 41.39 25.79
N THR A 151 24.00 41.41 25.35
CA THR A 151 24.81 40.19 25.33
C THR A 151 25.71 40.13 26.56
N LYS A 155 33.24 39.31 25.44
CA LYS A 155 31.85 38.88 25.51
C LYS A 155 31.53 37.86 24.43
N ASN A 156 32.55 37.13 23.98
CA ASN A 156 32.37 36.13 22.94
C ASN A 156 31.51 34.98 23.44
N PHE A 157 30.69 34.44 22.54
CA PHE A 157 29.82 33.33 22.87
C PHE A 157 29.69 32.44 21.64
N ALA A 158 29.60 31.14 21.86
CA ALA A 158 29.50 30.17 20.77
C ALA A 158 28.04 29.82 20.54
N LEU A 159 27.58 29.97 19.30
CA LEU A 159 26.19 29.69 18.97
C LEU A 159 25.92 28.19 19.10
N LYS A 160 24.71 27.87 19.53
CA LYS A 160 24.22 26.52 19.68
C LYS A 160 23.31 26.15 18.52
N PRO A 161 23.03 24.87 18.32
CA PRO A 161 22.18 24.48 17.19
C PRO A 161 20.79 25.11 17.23
N ARG A 162 20.24 25.36 18.41
CA ARG A 162 18.89 25.92 18.52
C ARG A 162 18.90 27.44 18.64
N MET A 163 19.87 28.02 19.35
CA MET A 163 19.88 29.46 19.57
C MET A 163 19.73 30.21 18.26
N ARG A 164 20.40 29.71 17.20
CA ARG A 164 20.26 30.34 15.89
C ARG A 164 18.81 30.35 15.43
N LYS A 165 18.10 29.24 15.63
CA LYS A 165 16.68 29.19 15.29
C LYS A 165 15.89 30.24 16.08
N ILE A 166 16.16 30.32 17.37
CA ILE A 166 15.42 31.25 18.23
C ILE A 166 15.59 32.67 17.73
N PHE A 167 16.83 33.08 17.49
CA PHE A 167 17.08 34.46 17.09
C PHE A 167 16.62 34.74 15.67
N SER A 168 16.74 33.76 14.77
CA SER A 168 16.19 33.94 13.43
C SER A 168 14.68 34.17 13.49
N ARG A 169 13.99 33.40 14.32
CA ARG A 169 12.55 33.59 14.49
C ARG A 169 12.27 34.97 15.07
N LEU A 170 13.07 35.41 16.04
CA LEU A 170 12.88 36.74 16.62
C LEU A 170 12.98 37.81 15.54
N ILE A 171 13.99 37.72 14.69
CA ILE A 171 14.18 38.72 13.65
C ILE A 171 13.05 38.65 12.63
N TYR A 172 12.58 37.43 12.33
CA TYR A 172 11.45 37.31 11.41
C TYR A 172 10.21 37.99 11.96
N ILE A 173 9.95 37.84 13.26
CA ILE A 173 8.80 38.50 13.86
C ILE A 173 8.99 40.01 13.82
N ALA A 174 10.18 40.49 14.14
CA ALA A 174 10.45 41.93 14.05
C ALA A 174 10.19 42.44 12.65
N GLN A 175 10.56 41.65 11.64
CA GLN A 175 10.25 42.00 10.25
C GLN A 175 8.75 42.05 10.03
N SER A 176 8.03 41.06 10.54
CA SER A 176 6.59 40.96 10.29
C SER A 176 5.85 42.16 10.86
N LYS A 177 6.19 42.56 12.09
CA LYS A 177 5.45 43.62 12.76
C LYS A 177 5.99 45.01 12.42
N GLY A 178 7.28 45.14 12.16
CA GLY A 178 7.89 46.44 11.98
C GLY A 178 8.48 46.91 13.29
N ALA A 179 9.80 46.89 13.42
CA ALA A 179 10.42 47.03 14.72
C ALA A 179 11.81 47.61 14.62
N TRP A 180 12.29 48.13 15.75
CA TRP A 180 13.68 48.51 15.94
C TRP A 180 14.32 47.51 16.88
N ILE A 181 15.51 47.05 16.55
CA ILE A 181 16.31 46.23 17.44
C ILE A 181 17.44 47.12 17.96
N PHE A 182 17.89 46.83 19.18
CA PHE A 182 18.98 47.56 19.82
C PHE A 182 20.07 46.58 20.21
N THR A 183 21.30 46.92 19.84
CA THR A 183 22.47 46.09 20.15
C THR A 183 23.62 47.01 20.56
N GLY A 184 24.57 46.45 21.31
CA GLY A 184 25.68 47.23 21.80
C GLY A 184 26.97 46.97 21.06
N GLY A 185 27.40 47.95 20.26
CA GLY A 185 28.62 47.77 19.51
C GLY A 185 28.46 46.71 18.43
N THR A 186 29.62 46.22 17.96
CA THR A 186 29.62 45.19 16.93
C THR A 186 30.70 44.14 17.21
N HIS A 187 31.14 43.99 18.45
CA HIS A 187 32.04 42.91 18.80
C HIS A 187 31.45 41.59 18.35
N TYR A 188 32.19 40.88 17.48
CA TYR A 188 31.63 39.73 16.80
C TYR A 188 31.28 38.62 17.79
N GLY A 189 30.24 37.88 17.45
CA GLY A 189 29.67 36.89 18.33
C GLY A 189 28.18 36.73 18.08
N LEU A 190 27.36 36.89 19.12
CA LEU A 190 25.91 36.81 18.96
C LEU A 190 25.40 37.99 18.13
N MET A 191 25.86 39.20 18.43
CA MET A 191 25.38 40.38 17.72
C MET A 191 25.75 40.33 16.24
N LYS A 192 26.94 39.84 15.93
CA LYS A 192 27.32 39.66 14.52
C LYS A 192 26.38 38.68 13.83
N TYR A 193 25.97 37.63 14.54
CA TYR A 193 25.01 36.69 13.97
C TYR A 193 23.67 37.39 13.71
N ILE A 194 23.25 38.26 14.62
CA ILE A 194 22.02 39.03 14.39
C ILE A 194 22.14 39.86 13.13
N GLY A 195 23.28 40.53 12.96
CA GLY A 195 23.47 41.32 11.75
C GLY A 195 23.40 40.46 10.50
N GLU A 196 24.02 39.28 10.54
CA GLU A 196 23.97 38.38 9.39
C GLU A 196 22.54 37.97 9.08
N VAL A 197 21.74 37.69 10.12
CA VAL A 197 20.35 37.30 9.91
C VAL A 197 19.57 38.45 9.28
N VAL A 198 19.81 39.67 9.74
CA VAL A 198 19.17 40.85 9.15
C VAL A 198 19.48 40.93 7.66
N ARG A 199 20.77 40.84 7.33
CA ARG A 199 21.18 40.98 5.94
C ARG A 199 20.58 39.87 5.08
N ASP A 200 20.51 38.66 5.62
CA ASP A 200 19.88 37.57 4.89
C ASP A 200 18.41 37.84 4.66
N ASN A 201 17.72 38.35 5.69
CA ASN A 201 16.28 38.56 5.60
C ASN A 201 15.95 39.56 4.51
N THR A 202 16.70 40.67 4.42
CA THR A 202 16.33 41.70 3.47
C THR A 202 16.32 41.14 2.05
N ILE A 203 17.40 40.48 1.64
CA ILE A 203 17.46 39.92 0.29
C ILE A 203 16.47 38.78 0.14
N SER A 204 16.21 38.02 1.22
CA SER A 204 15.26 36.94 1.11
C SER A 204 13.87 37.46 0.73
N ARG A 205 13.46 38.58 1.33
CA ARG A 205 12.10 39.08 1.16
C ARG A 205 12.02 40.38 0.38
N SER A 206 12.74 41.43 0.79
CA SER A 206 12.61 42.76 0.18
C SER A 206 11.13 43.14 0.25
N SER A 207 10.52 43.57 -0.84
CA SER A 207 9.07 43.88 -0.89
C SER A 207 8.79 44.98 0.14
N GLU A 208 7.76 44.84 0.97
CA GLU A 208 7.33 45.92 1.85
C GLU A 208 8.06 45.90 3.18
N GLU A 209 8.39 47.10 3.68
CA GLU A 209 8.92 47.27 5.02
C GLU A 209 10.39 46.86 5.12
N ASN A 210 11.00 47.14 6.26
CA ASN A 210 12.38 46.77 6.52
C ASN A 210 12.61 46.77 8.02
N VAL A 211 13.72 46.17 8.42
CA VAL A 211 14.11 46.10 9.82
C VAL A 211 15.38 46.92 10.02
N VAL A 212 15.52 47.47 11.22
CA VAL A 212 16.65 48.33 11.56
C VAL A 212 17.36 47.73 12.78
N ALA A 213 18.69 47.68 12.77
CA ALA A 213 19.43 47.16 13.91
C ALA A 213 19.66 48.29 14.90
N ILE A 214 20.04 49.46 14.41
CA ILE A 214 20.23 50.64 15.25
C ILE A 214 21.13 50.41 16.45
N GLY A 215 22.30 49.86 16.24
CA GLY A 215 23.24 49.58 17.32
C GLY A 215 23.76 50.80 18.06
N ILE A 216 24.13 50.66 19.32
CA ILE A 216 24.68 51.80 20.07
C ILE A 216 26.02 51.44 20.74
N ALA A 217 27.02 52.31 20.66
CA ALA A 217 28.32 52.06 21.27
C ALA A 217 29.04 53.39 21.51
N ALA A 218 30.31 53.30 21.87
CA ALA A 218 31.12 54.44 22.26
C ALA A 218 32.16 54.77 21.19
N TRP A 219 32.62 56.02 21.22
CA TRP A 219 33.66 56.46 20.28
C TRP A 219 34.98 55.77 20.56
N GLY A 220 35.36 55.64 21.83
CA GLY A 220 36.71 55.22 22.17
C GLY A 220 37.02 53.80 21.75
N MET A 221 36.08 52.88 21.95
CA MET A 221 36.37 51.46 21.74
C MET A 221 36.73 51.16 20.29
N ILE A 222 36.28 52.00 19.36
CA ILE A 222 36.43 51.73 17.93
C ILE A 222 37.79 52.25 17.45
N SER A 223 38.28 51.63 16.38
CA SER A 223 39.51 52.10 15.74
C SER A 223 39.28 53.44 15.05
N ASN A 224 40.38 54.10 14.70
CA ASN A 224 40.30 55.40 14.06
C ASN A 224 39.68 55.29 12.67
N ARG A 225 38.94 56.32 12.29
CA ARG A 225 38.31 56.40 10.98
C ARG A 225 38.34 57.84 10.49
N GLU A 226 38.31 58.00 9.18
CA GLU A 226 38.35 59.34 8.59
C GLU A 226 37.13 60.14 9.00
N THR A 227 37.35 61.40 9.36
CA THR A 227 36.29 62.30 9.78
C THR A 227 35.97 63.28 8.67
N LEU A 228 34.68 63.53 8.47
CA LEU A 228 34.22 64.43 7.41
C LEU A 228 34.83 65.82 7.60
N TYR A 238 33.32 64.25 3.64
CA TYR A 238 31.92 64.08 4.02
C TYR A 238 31.57 62.60 4.17
N LEU A 239 31.52 61.90 3.04
CA LEU A 239 31.17 60.48 3.04
C LEU A 239 32.44 59.63 3.04
N ALA A 240 33.13 59.66 4.18
CA ALA A 240 34.37 58.91 4.34
C ALA A 240 34.10 57.41 4.29
N HIS A 241 34.95 56.70 3.54
CA HIS A 241 34.89 55.25 3.51
C HIS A 241 35.51 54.66 4.78
N TYR A 242 35.13 53.43 5.08
CA TYR A 242 35.63 52.72 6.25
C TYR A 242 36.13 51.35 5.85
N ILE A 243 37.25 50.94 6.46
CA ILE A 243 37.86 49.64 6.22
C ILE A 243 38.10 48.98 7.58
N MET A 244 37.69 47.73 7.70
CA MET A 244 37.86 46.98 8.94
C MET A 244 39.35 46.84 9.29
N TYR A 253 36.48 48.12 19.26
CA TYR A 253 37.72 47.57 18.71
C TYR A 253 37.49 47.06 17.29
N CYS A 254 36.24 46.74 16.97
CA CYS A 254 35.90 46.26 15.64
C CYS A 254 34.41 46.49 15.42
N LEU A 255 34.01 46.49 14.16
CA LEU A 255 32.63 46.79 13.77
C LEU A 255 32.09 45.70 12.85
N ASP A 256 30.77 45.70 12.70
CA ASP A 256 30.06 44.75 11.85
C ASP A 256 29.39 45.51 10.71
N ASN A 257 29.44 44.91 9.51
CA ASN A 257 28.91 45.59 8.33
C ASN A 257 27.39 45.53 8.27
N ASN A 258 26.78 44.55 8.93
CA ASN A 258 25.35 44.31 8.74
C ASN A 258 24.50 45.45 9.29
N HIS A 259 24.86 45.96 10.46
CA HIS A 259 24.01 46.95 11.13
C HIS A 259 23.84 48.18 10.24
N THR A 260 22.62 48.70 10.21
CA THR A 260 22.30 49.81 9.30
C THR A 260 22.92 51.11 9.81
N HIS A 261 22.57 51.49 11.05
CA HIS A 261 23.09 52.70 11.66
C HIS A 261 23.60 52.38 13.06
N LEU A 262 24.69 53.03 13.47
CA LEU A 262 25.14 53.01 14.85
C LEU A 262 25.34 54.44 15.33
N LEU A 263 24.64 54.80 16.41
CA LEU A 263 24.83 56.10 17.03
C LEU A 263 26.01 56.05 18.00
N LEU A 264 26.83 57.10 17.96
CA LEU A 264 28.10 57.14 18.66
C LEU A 264 27.98 57.98 19.92
N VAL A 265 28.68 57.54 20.98
CA VAL A 265 28.50 58.07 22.32
C VAL A 265 29.87 58.14 23.00
N ASP A 266 29.85 58.42 24.30
CA ASP A 266 31.02 58.34 25.16
C ASP A 266 31.93 59.57 25.08
N ASN A 267 31.52 60.58 24.34
CA ASN A 267 32.18 61.90 24.36
C ASN A 267 33.67 61.71 24.11
N GLY A 268 34.55 62.25 24.95
CA GLY A 268 35.98 62.16 24.72
C GLY A 268 36.67 61.15 25.62
N THR A 269 37.02 60.00 25.06
CA THR A 269 37.71 58.96 25.80
C THR A 269 38.59 58.18 24.84
N HIS A 270 39.60 57.50 25.40
CA HIS A 270 40.49 56.66 24.61
C HIS A 270 40.53 55.25 25.18
N GLY A 271 40.44 55.13 26.51
CA GLY A 271 40.51 53.84 27.16
C GLY A 271 39.33 53.53 28.05
N HIS A 272 38.39 54.47 28.15
CA HIS A 272 37.21 54.27 28.99
C HIS A 272 36.36 53.14 28.45
N PRO A 273 36.13 52.06 29.21
CA PRO A 273 35.29 50.96 28.70
C PRO A 273 33.84 51.07 29.13
N THR A 274 32.94 50.72 28.19
CA THR A 274 31.51 50.64 28.46
C THR A 274 30.93 51.97 28.93
N ILE A 275 31.48 53.08 28.42
CA ILE A 275 30.99 54.39 28.83
C ILE A 275 29.59 54.63 28.31
N GLU A 276 29.33 54.27 27.04
CA GLU A 276 28.02 54.51 26.45
C GLU A 276 26.93 53.66 27.10
N ALA A 277 27.30 52.56 27.76
CA ALA A 277 26.31 51.60 28.24
C ALA A 277 25.26 52.27 29.12
N LYS A 278 25.63 53.36 29.80
CA LYS A 278 24.66 54.12 30.57
C LYS A 278 23.62 54.76 29.66
N VAL A 279 24.06 55.68 28.79
CA VAL A 279 23.09 56.53 28.08
C VAL A 279 22.16 55.69 27.23
N ARG A 280 22.64 54.57 26.71
CA ARG A 280 21.77 53.71 25.92
C ARG A 280 20.52 53.37 26.70
N THR A 281 20.68 52.89 27.94
CA THR A 281 19.51 52.53 28.73
C THR A 281 18.59 53.73 28.88
N GLN A 282 19.15 54.92 29.05
CA GLN A 282 18.34 56.12 29.16
C GLN A 282 17.38 56.24 27.98
N LEU A 283 17.90 56.12 26.76
CA LEU A 283 17.02 56.23 25.60
C LEU A 283 15.99 55.11 25.61
N GLU A 284 16.38 53.91 26.03
CA GLU A 284 15.44 52.80 26.11
C GLU A 284 14.24 53.15 26.97
N LYS A 285 14.45 54.01 27.98
CA LYS A 285 13.33 54.39 28.84
C LYS A 285 12.44 55.43 28.18
N TYR A 286 13.01 56.32 27.37
CA TYR A 286 12.27 57.49 26.92
C TYR A 286 11.11 57.12 26.01
N ILE A 287 11.36 56.24 25.02
CA ILE A 287 10.37 56.02 23.97
C ILE A 287 9.05 55.53 24.54
N SER A 288 9.11 54.69 25.58
CA SER A 288 7.88 54.21 26.20
C SER A 288 7.00 55.37 26.66
N GLU A 289 7.60 56.40 27.25
CA GLU A 289 6.83 57.51 27.79
C GLU A 289 6.05 58.23 26.71
N ARG A 290 6.62 58.33 25.50
CA ARG A 290 5.96 59.03 24.42
C ARG A 290 4.60 58.40 24.13
N VAL A 291 3.62 59.25 23.87
CA VAL A 291 2.23 58.84 23.68
C VAL A 291 1.84 59.09 22.23
N ILE A 292 1.22 58.09 21.60
CA ILE A 292 0.72 58.20 20.25
C ILE A 292 -0.74 57.75 20.25
N PRO A 293 -1.69 58.59 19.85
CA PRO A 293 -3.09 58.18 19.91
C PRO A 293 -3.39 57.00 19.00
N GLU A 294 -4.31 56.15 19.43
CA GLU A 294 -4.77 55.00 18.66
C GLU A 294 -3.60 54.14 18.21
N SER A 295 -2.73 53.81 19.16
CA SER A 295 -1.55 53.00 18.90
C SER A 295 -1.82 51.51 19.02
N ASN A 296 -3.04 51.11 19.38
CA ASN A 296 -3.45 49.72 19.64
C ASN A 296 -2.93 49.24 20.99
N TYR A 297 -2.14 50.04 21.71
CA TYR A 297 -1.67 49.71 23.05
C TYR A 297 -2.07 50.80 24.04
N GLY A 298 -3.13 51.55 23.71
CA GLY A 298 -3.54 52.65 24.56
C GLY A 298 -2.50 53.75 24.67
N GLY A 299 -1.73 54.00 23.62
CA GLY A 299 -0.78 55.08 23.59
C GLY A 299 0.62 54.75 24.07
N LYS A 300 0.84 53.55 24.59
CA LYS A 300 2.14 53.15 25.12
C LYS A 300 2.79 52.14 24.18
N ILE A 301 3.84 52.56 23.50
CA ILE A 301 4.57 51.65 22.59
C ILE A 301 5.19 50.53 23.40
N PRO A 302 5.13 49.27 22.96
CA PRO A 302 5.69 48.18 23.74
C PRO A 302 7.20 48.13 23.67
N ILE A 303 7.82 47.53 24.71
CA ILE A 303 9.28 47.42 24.83
C ILE A 303 9.68 46.12 25.54
N VAL A 304 10.53 45.28 24.94
CA VAL A 304 10.88 44.00 25.55
C VAL A 304 12.40 43.72 25.57
N CYS A 305 12.94 43.23 26.69
CA CYS A 305 14.37 42.87 26.77
C CYS A 305 14.64 41.37 26.64
N PHE A 306 15.65 41.00 25.85
CA PHE A 306 15.98 39.60 25.66
C PHE A 306 17.40 39.41 26.17
N ALA A 307 17.62 38.42 27.04
CA ALA A 307 18.96 38.18 27.56
C ALA A 307 19.54 37.00 26.79
N GLN A 308 20.84 37.05 26.49
CA GLN A 308 21.49 35.97 25.75
C GLN A 308 21.26 34.62 26.42
N GLY A 311 27.71 38.77 29.86
CA GLY A 311 26.87 38.20 30.90
C GLY A 311 26.62 39.15 32.04
N LYS A 312 27.70 39.62 32.67
CA LYS A 312 27.58 40.56 33.78
C LYS A 312 26.91 41.86 33.33
N GLU A 313 27.29 42.36 32.16
CA GLU A 313 26.68 43.59 31.65
C GLU A 313 25.18 43.41 31.47
N THR A 314 24.76 42.25 30.95
CA THR A 314 23.34 41.96 30.84
C THR A 314 22.68 41.96 32.22
N LEU A 315 23.38 41.44 33.23
CA LEU A 315 22.83 41.44 34.58
C LEU A 315 22.52 42.86 35.05
N LYS A 316 23.49 43.77 34.90
CA LYS A 316 23.24 45.15 35.32
C LYS A 316 22.12 45.79 34.50
N SER A 317 22.13 45.57 33.19
CA SER A 317 21.09 46.15 32.35
C SER A 317 19.72 45.60 32.70
N ILE A 318 19.65 44.38 33.23
CA ILE A 318 18.37 43.84 33.68
C ILE A 318 17.84 44.65 34.86
N ASN A 319 18.71 44.97 35.82
CA ASN A 319 18.29 45.80 36.93
C ASN A 319 17.81 47.16 36.45
N VAL A 320 18.53 47.76 35.49
CA VAL A 320 18.08 49.04 34.95
C VAL A 320 16.71 48.87 34.29
N ALA A 321 16.54 47.81 33.50
CA ALA A 321 15.28 47.57 32.82
C ALA A 321 14.13 47.48 33.82
N ILE A 322 14.31 46.67 34.87
CA ILE A 322 13.24 46.50 35.85
C ILE A 322 12.95 47.82 36.54
N LYS A 323 13.98 48.57 36.91
CA LYS A 323 13.75 49.88 37.51
C LYS A 323 13.01 50.81 36.57
N SER A 324 13.10 50.59 35.26
CA SER A 324 12.34 51.36 34.29
C SER A 324 10.97 50.76 34.00
N LYS A 325 10.61 49.65 34.66
CA LYS A 325 9.30 49.02 34.49
C LYS A 325 9.15 48.46 33.08
N ILE A 326 10.18 47.74 32.63
CA ILE A 326 10.21 47.13 31.32
C ILE A 326 10.26 45.61 31.50
N PRO A 327 9.31 44.86 30.93
CA PRO A 327 9.39 43.40 31.03
C PRO A 327 10.55 42.85 30.21
N CYS A 328 11.16 41.79 30.74
CA CYS A 328 12.30 41.15 30.11
C CYS A 328 12.02 39.67 29.89
N VAL A 329 12.75 39.09 28.94
CA VAL A 329 12.65 37.68 28.62
C VAL A 329 14.03 37.06 28.75
N VAL A 330 14.08 35.84 29.24
CA VAL A 330 15.34 35.15 29.47
C VAL A 330 15.22 33.73 28.95
N VAL A 331 16.23 33.28 28.20
CA VAL A 331 16.23 31.93 27.67
C VAL A 331 16.12 30.93 28.82
N GLU A 332 15.47 29.80 28.55
CA GLU A 332 15.37 28.72 29.53
C GLU A 332 16.73 28.06 29.73
N GLY A 335 24.55 29.66 30.19
CA GLY A 335 25.77 29.54 30.97
C GLY A 335 26.16 30.81 31.68
N ARG A 336 25.29 31.81 31.69
CA ARG A 336 25.57 33.10 32.31
C ARG A 336 24.47 33.44 33.30
N ILE A 337 24.44 34.70 33.72
CA ILE A 337 23.47 35.23 34.67
C ILE A 337 22.07 34.79 34.28
N ALA A 338 21.77 34.81 32.98
CA ALA A 338 20.47 34.35 32.50
C ALA A 338 20.21 32.92 32.94
N ASP A 339 21.22 32.06 32.84
CA ASP A 339 21.06 30.68 33.28
C ASP A 339 20.81 30.60 34.77
N VAL A 340 21.47 31.47 35.55
CA VAL A 340 21.23 31.50 36.99
C VAL A 340 19.80 31.92 37.29
N ILE A 341 19.29 32.92 36.56
CA ILE A 341 17.91 33.35 36.72
C ILE A 341 16.98 32.19 36.44
N ALA A 342 17.24 31.45 35.37
CA ALA A 342 16.42 30.28 35.05
C ALA A 342 16.49 29.24 36.17
N SER A 343 17.68 29.03 36.71
CA SER A 343 17.84 28.05 37.80
C SER A 343 17.04 28.46 39.02
N LEU A 344 16.98 29.76 39.30
CA LEU A 344 16.22 30.24 40.45
C LEU A 344 14.77 29.78 40.38
N VAL A 345 14.18 29.77 39.19
CA VAL A 345 12.79 29.39 39.01
C VAL A 345 12.56 27.98 39.56
N SER A 353 22.92 35.39 50.01
CA SER A 353 22.71 34.26 50.90
C SER A 353 23.14 32.96 50.23
N SER A 354 22.81 31.83 50.86
CA SER A 354 23.23 30.54 50.34
C SER A 354 22.59 30.26 48.99
N CYS A 355 21.34 30.69 48.79
CA CYS A 355 20.70 30.48 47.50
C CYS A 355 21.47 31.13 46.37
N VAL A 356 21.80 32.42 46.53
CA VAL A 356 22.52 33.16 45.50
C VAL A 356 23.86 32.51 45.23
N LYS A 357 24.60 32.18 46.29
CA LYS A 357 25.94 31.61 46.12
C LYS A 357 25.87 30.25 45.46
N GLU A 358 24.88 29.43 45.82
CA GLU A 358 24.74 28.11 45.22
C GLU A 358 24.47 28.23 43.72
N SER A 359 23.50 29.07 43.34
CA SER A 359 23.21 29.22 41.91
C SER A 359 24.42 29.79 41.19
N LEU A 360 25.11 30.76 41.80
CA LEU A 360 26.26 31.39 41.15
C LEU A 360 27.37 30.37 40.91
N LEU A 361 27.67 29.55 41.93
CA LEU A 361 28.72 28.55 41.77
C LEU A 361 28.33 27.52 40.71
N ARG A 362 27.06 27.10 40.70
CA ARG A 362 26.63 26.12 39.70
C ARG A 362 26.73 26.68 38.29
N PHE A 363 26.35 27.95 38.10
CA PHE A 363 26.25 28.49 36.74
C PHE A 363 27.62 28.58 36.07
N LEU A 364 28.60 29.17 36.73
CA LEU A 364 29.89 29.42 36.11
C LEU A 364 31.02 29.22 37.11
N PRO A 365 31.83 28.16 36.98
CA PRO A 365 32.95 27.98 37.91
C PRO A 365 34.00 29.07 37.81
N ARG A 366 34.44 29.41 36.60
CA ARG A 366 35.57 30.32 36.44
C ARG A 366 35.16 31.77 36.71
N THR A 367 33.95 32.16 36.30
CA THR A 367 33.55 33.55 36.41
C THR A 367 33.54 34.03 37.86
N ILE A 368 33.01 33.22 38.76
CA ILE A 368 32.89 33.64 40.15
C ILE A 368 34.26 33.83 40.79
N SER A 369 35.24 33.00 40.41
CA SER A 369 36.56 33.07 41.04
C SER A 369 37.20 34.43 40.81
N ARG A 370 37.09 34.97 39.58
CA ARG A 370 37.68 36.27 39.30
C ARG A 370 37.06 37.36 40.17
N LEU A 371 35.74 37.33 40.34
CA LEU A 371 35.08 38.33 41.17
C LEU A 371 35.52 38.17 42.64
N SER A 372 35.70 39.30 43.31
CA SER A 372 36.08 39.28 44.71
C SER A 372 34.89 38.89 45.58
N GLU A 373 35.18 38.63 46.86
CA GLU A 373 34.13 38.21 47.78
C GLU A 373 33.03 39.27 47.90
N GLU A 374 33.41 40.54 48.04
CA GLU A 374 32.43 41.61 48.18
C GLU A 374 31.65 41.82 46.89
N GLU A 375 32.30 41.62 45.75
CA GLU A 375 31.57 41.67 44.48
C GLU A 375 30.46 40.65 44.46
N THR A 376 30.62 39.53 45.18
CA THR A 376 29.53 38.57 45.31
C THR A 376 28.39 39.14 46.13
N GLU A 377 28.67 39.95 47.14
CA GLU A 377 27.59 40.63 47.86
C GLU A 377 26.86 41.60 46.93
N SER A 378 27.62 42.32 46.10
CA SER A 378 26.97 43.19 45.12
C SER A 378 26.10 42.38 44.17
N TRP A 379 26.58 41.21 43.76
CA TRP A 379 25.78 40.32 42.92
C TRP A 379 24.51 39.86 43.64
N ILE A 380 24.62 39.56 44.93
CA ILE A 380 23.44 39.22 45.71
C ILE A 380 22.42 40.34 45.64
N LYS A 381 22.87 41.57 45.85
CA LYS A 381 21.95 42.71 45.81
C LYS A 381 21.29 42.83 44.45
N TRP A 382 22.07 42.69 43.37
CA TRP A 382 21.50 42.83 42.03
C TRP A 382 20.50 41.72 41.72
N ILE A 383 20.80 40.49 42.14
CA ILE A 383 19.86 39.39 41.91
C ILE A 383 18.59 39.59 42.72
N LYS A 384 18.71 40.12 43.94
CA LYS A 384 17.52 40.43 44.72
C LYS A 384 16.68 41.48 44.00
N GLU A 385 17.33 42.50 43.44
CA GLU A 385 16.59 43.50 42.68
C GLU A 385 15.89 42.87 41.48
N VAL A 386 16.58 41.97 40.78
CA VAL A 386 15.99 41.33 39.61
C VAL A 386 14.76 40.53 39.99
N LEU A 387 14.84 39.75 41.06
CA LEU A 387 13.72 38.91 41.49
C LEU A 387 12.67 39.67 42.29
N GLU A 388 12.91 40.94 42.61
CA GLU A 388 11.97 41.68 43.47
C GLU A 388 10.54 41.60 42.94
N SER A 389 10.35 41.90 41.65
CA SER A 389 9.03 41.90 41.05
C SER A 389 8.89 40.75 40.06
N PRO A 390 8.00 39.77 40.32
CA PRO A 390 7.91 38.61 39.41
C PRO A 390 7.09 38.89 38.15
N HIS A 391 6.09 39.77 38.26
CA HIS A 391 5.15 39.93 37.15
C HIS A 391 5.83 40.43 35.88
N LEU A 392 6.70 41.44 36.00
CA LEU A 392 7.31 42.01 34.80
C LEU A 392 8.19 41.00 34.08
N LEU A 393 9.00 40.24 34.82
CA LEU A 393 9.91 39.30 34.21
C LEU A 393 9.15 38.11 33.61
N THR A 394 9.76 37.49 32.60
CA THR A 394 9.18 36.32 31.94
C THR A 394 10.31 35.39 31.52
N VAL A 395 9.99 34.11 31.41
CA VAL A 395 10.98 33.07 31.15
C VAL A 395 10.48 32.15 30.03
N ILE A 396 11.40 31.75 29.15
CA ILE A 396 11.11 30.78 28.10
C ILE A 396 11.32 29.37 28.65
N LYS A 397 10.69 28.40 28.00
CA LYS A 397 10.83 26.99 28.35
C LYS A 397 11.34 26.21 27.15
N ILE A 398 12.18 25.22 27.41
CA ILE A 398 12.74 24.38 26.35
C ILE A 398 11.66 23.48 25.77
N ASP A 403 8.36 25.96 17.84
CA ASP A 403 8.69 26.86 16.73
C ASP A 403 8.20 28.28 17.04
N GLU A 404 7.06 28.38 17.71
CA GLU A 404 6.46 29.66 18.07
C GLU A 404 6.70 30.02 19.52
N ILE A 405 7.64 29.36 20.19
CA ILE A 405 7.87 29.62 21.61
C ILE A 405 8.32 31.07 21.83
N VAL A 406 9.14 31.60 20.91
CA VAL A 406 9.62 32.97 21.03
C VAL A 406 8.45 33.95 20.96
N SER A 407 7.61 33.79 19.95
CA SER A 407 6.47 34.70 19.79
C SER A 407 5.55 34.61 21.01
N ASN A 408 5.29 33.39 21.48
CA ASN A 408 4.42 33.22 22.65
C ASN A 408 5.02 33.89 23.88
N ALA A 409 6.34 33.74 24.08
CA ALA A 409 6.98 34.36 25.23
C ALA A 409 6.90 35.88 25.17
N ILE A 410 7.18 36.44 23.99
CA ILE A 410 7.14 37.89 23.84
C ILE A 410 5.76 38.42 24.12
N SER A 411 4.75 37.78 23.54
CA SER A 411 3.38 38.21 23.72
C SER A 411 2.97 38.08 25.19
N PHE A 412 3.39 36.98 25.81
CA PHE A 412 3.07 36.77 27.21
C PHE A 412 3.69 37.85 28.07
N ALA A 413 4.93 38.20 27.77
CA ALA A 413 5.62 39.23 28.53
C ALA A 413 4.82 40.52 28.46
N LEU A 414 4.52 40.95 27.25
CA LEU A 414 3.73 42.16 27.03
C LEU A 414 2.41 42.09 27.78
N TYR A 415 1.75 40.93 27.73
CA TYR A 415 0.42 40.78 28.32
C TYR A 415 0.45 40.98 29.82
N LYS A 416 1.51 40.48 30.48
CA LYS A 416 1.60 40.63 31.93
C LYS A 416 1.67 42.09 32.32
N ALA A 417 2.48 42.88 31.61
CA ALA A 417 2.54 44.30 31.91
C ALA A 417 1.19 44.97 31.69
N PHE A 418 0.51 44.59 30.61
CA PHE A 418 -0.76 45.21 30.31
C PHE A 418 -1.80 44.85 31.37
N SER A 419 -1.64 43.68 31.98
CA SER A 419 -2.57 43.22 33.01
C SER A 419 -2.30 43.80 34.40
N THR A 420 -1.04 44.07 34.73
CA THR A 420 -0.73 44.60 36.06
C THR A 420 -1.48 45.89 36.36
N ASN A 421 -1.56 46.79 35.37
CA ASN A 421 -2.09 48.12 35.64
C ASN A 421 -3.51 48.07 36.17
N GLU A 422 -4.32 47.13 35.67
CA GLU A 422 -5.74 46.96 35.96
C GLU A 422 -6.60 47.98 35.23
N HIS A 423 -6.01 48.98 34.56
CA HIS A 423 -6.80 49.87 33.71
C HIS A 423 -7.27 49.15 32.46
N ASP A 424 -6.50 48.18 31.96
CA ASP A 424 -6.96 47.38 30.83
C ASP A 424 -8.03 46.39 31.25
N ARG A 425 -8.10 46.05 32.55
CA ARG A 425 -9.09 45.08 33.02
C ARG A 425 -10.50 45.54 32.69
N ASP A 426 -10.85 46.76 33.09
CA ASP A 426 -12.19 47.27 32.78
C ASP A 426 -12.36 47.47 31.28
N ASN A 427 -11.33 47.95 30.60
CA ASN A 427 -11.36 48.13 29.14
C ASN A 427 -10.91 46.83 28.48
N TRP A 428 -11.78 45.82 28.56
CA TRP A 428 -11.48 44.52 27.98
C TRP A 428 -11.26 44.60 26.47
N ASN A 429 -11.76 45.64 25.82
CA ASN A 429 -11.62 45.76 24.36
C ASN A 429 -10.17 45.93 23.95
N GLY A 430 -9.43 46.84 24.61
CA GLY A 430 -8.01 46.99 24.30
C GLY A 430 -7.20 45.76 24.66
N GLN A 431 -7.51 45.17 25.82
CA GLN A 431 -6.86 43.93 26.22
C GLN A 431 -7.08 42.85 25.16
N LEU A 432 -8.24 42.87 24.52
CA LEU A 432 -8.51 41.92 23.44
C LEU A 432 -7.75 42.29 22.17
N LYS A 433 -7.65 43.59 21.88
CA LYS A 433 -6.95 44.01 20.67
C LYS A 433 -5.49 43.56 20.70
N LEU A 434 -4.84 43.74 21.85
CA LEU A 434 -3.43 43.32 21.94
C LEU A 434 -3.31 41.82 21.64
N LEU A 435 -4.12 41.00 22.30
CA LEU A 435 -4.06 39.56 22.06
C LEU A 435 -4.49 39.20 20.64
N LEU A 436 -5.24 40.06 19.97
CA LEU A 436 -5.57 39.80 18.57
C LEU A 436 -4.37 40.05 17.67
N GLU A 437 -3.55 41.04 18.00
CA GLU A 437 -2.37 41.30 17.18
C GLU A 437 -1.54 40.02 17.01
N TRP A 438 -0.97 39.52 18.09
CA TRP A 438 -0.34 38.21 18.08
C TRP A 438 -1.41 37.11 18.00
N ASN A 439 -1.17 36.10 17.18
CA ASN A 439 -2.16 35.06 16.91
C ASN A 439 -2.15 34.06 18.07
N GLN A 440 -2.80 34.45 19.15
CA GLN A 440 -2.92 33.63 20.36
C GLN A 440 -4.39 33.45 20.70
N LEU A 441 -4.88 32.21 20.64
CA LEU A 441 -6.29 31.89 20.88
C LEU A 441 -6.54 31.29 22.26
N ASP A 442 -5.78 30.26 22.61
CA ASP A 442 -6.06 29.50 23.83
C ASP A 442 -6.09 30.42 25.06
N LEU A 443 -5.10 31.30 25.17
CA LEU A 443 -5.02 32.24 26.28
C LEU A 443 -6.17 33.23 26.25
N ALA A 444 -6.47 33.76 25.06
CA ALA A 444 -7.49 34.79 24.92
C ALA A 444 -8.86 34.26 25.32
N SER A 445 -9.22 33.07 24.85
CA SER A 445 -10.50 32.49 25.22
C SER A 445 -10.69 32.59 26.72
N ASP A 446 -9.75 31.99 27.46
CA ASP A 446 -9.84 31.99 28.92
C ASP A 446 -9.99 33.41 29.46
N GLU A 447 -9.05 34.30 29.14
CA GLU A 447 -9.02 35.56 29.90
C GLU A 447 -10.17 36.50 29.53
N ILE A 448 -10.44 36.68 28.23
CA ILE A 448 -11.40 37.70 27.81
C ILE A 448 -12.80 37.15 27.55
N PHE A 449 -12.99 35.82 27.53
CA PHE A 449 -14.28 35.24 27.17
C PHE A 449 -14.80 34.32 28.27
N THR A 450 -14.83 34.83 29.50
CA THR A 450 -15.51 34.13 30.59
C THR A 450 -16.92 34.68 30.80
N ASN A 451 -17.67 34.02 31.67
CA ASN A 451 -19.10 34.28 31.78
C ASN A 451 -19.39 35.59 32.50
N ASP A 452 -18.50 36.03 33.39
CA ASP A 452 -18.82 37.17 34.25
C ASP A 452 -19.12 38.42 33.42
N ARG A 453 -18.27 38.72 32.44
CA ARG A 453 -18.47 39.87 31.57
C ARG A 453 -19.33 39.49 30.37
N ASN A 454 -19.88 40.52 29.73
CA ASN A 454 -20.80 40.34 28.61
C ASN A 454 -20.36 41.17 27.42
N TRP A 455 -20.84 40.80 26.24
CA TRP A 455 -20.50 41.48 25.01
C TRP A 455 -21.60 41.31 24.00
N GLU A 456 -21.65 42.21 23.03
CA GLU A 456 -22.66 42.15 21.99
C GLU A 456 -22.00 42.37 20.64
N SER A 457 -22.73 42.16 19.56
CA SER A 457 -22.19 42.32 18.22
C SER A 457 -21.74 43.75 17.97
N ALA A 458 -22.52 44.72 18.46
CA ALA A 458 -22.13 46.12 18.33
C ALA A 458 -20.76 46.36 18.93
N ASP A 459 -20.40 45.62 19.98
CA ASP A 459 -19.08 45.78 20.58
C ASP A 459 -18.00 45.16 19.71
N LEU A 460 -18.30 44.05 19.04
CA LEU A 460 -17.28 43.24 18.36
C LEU A 460 -17.15 43.52 16.87
N GLN A 461 -17.93 44.45 16.31
CA GLN A 461 -17.88 44.67 14.86
C GLN A 461 -16.48 45.07 14.39
N ASP A 462 -15.85 46.05 15.05
CA ASP A 462 -14.55 46.53 14.59
C ASP A 462 -13.47 45.45 14.72
N VAL A 463 -13.46 44.76 15.86
CA VAL A 463 -12.53 43.65 16.05
C VAL A 463 -12.74 42.61 14.96
N MET A 464 -13.99 42.33 14.61
CA MET A 464 -14.26 41.36 13.55
C MET A 464 -13.70 41.83 12.21
N PHE A 465 -13.83 43.10 11.92
CA PHE A 465 -13.33 43.63 10.65
C PHE A 465 -11.85 43.34 10.50
N THR A 466 -11.06 43.73 11.49
CA THR A 466 -9.63 43.47 11.44
C THR A 466 -9.34 41.98 11.42
N ALA A 467 -10.10 41.22 12.20
CA ALA A 467 -9.92 39.78 12.27
C ALA A 467 -9.99 39.19 10.89
N LEU A 468 -10.96 39.63 10.10
CA LEU A 468 -11.07 39.19 8.72
C LEU A 468 -9.88 39.67 7.89
N VAL A 469 -9.53 40.96 8.02
CA VAL A 469 -8.53 41.52 7.11
C VAL A 469 -7.18 40.83 7.29
N LYS A 470 -6.78 40.58 8.53
CA LYS A 470 -5.45 40.03 8.82
C LYS A 470 -5.39 38.50 8.71
N ASP A 471 -6.44 37.85 8.20
CA ASP A 471 -6.42 36.41 7.96
C ASP A 471 -6.20 35.64 9.27
N ARG A 472 -7.03 35.94 10.26
CA ARG A 472 -7.00 35.28 11.57
C ARG A 472 -8.24 34.39 11.68
N PRO A 473 -8.19 33.15 11.18
CA PRO A 473 -9.39 32.33 11.08
C PRO A 473 -9.96 31.85 12.41
N LYS A 474 -9.12 31.26 13.24
CA LYS A 474 -9.58 30.71 14.52
C LYS A 474 -10.23 31.79 15.38
N PHE A 475 -9.72 33.02 15.32
CA PHE A 475 -10.39 34.11 16.02
C PHE A 475 -11.75 34.44 15.43
N VAL A 476 -11.92 34.28 14.11
CA VAL A 476 -13.24 34.43 13.54
C VAL A 476 -14.19 33.35 14.08
N ARG A 477 -13.69 32.11 14.20
CA ARG A 477 -14.50 31.09 14.84
C ARG A 477 -14.90 31.51 16.24
N LEU A 478 -13.94 32.02 17.02
CA LEU A 478 -14.22 32.37 18.40
C LEU A 478 -15.25 33.49 18.48
N PHE A 479 -15.17 34.47 17.57
CA PHE A 479 -16.14 35.56 17.56
C PHE A 479 -17.52 35.10 17.11
N LEU A 480 -17.58 34.15 16.17
CA LEU A 480 -18.86 33.66 15.69
C LEU A 480 -19.56 32.78 16.72
N GLU A 481 -18.79 32.03 17.51
CA GLU A 481 -19.40 31.20 18.55
C GLU A 481 -20.14 32.07 19.57
N ASN A 482 -19.57 33.20 19.94
CA ASN A 482 -20.11 34.04 21.01
C ASN A 482 -21.02 35.14 20.43
N GLY A 483 -22.06 34.70 19.74
CA GLY A 483 -23.17 35.56 19.39
C GLY A 483 -22.86 36.74 18.50
N LEU A 484 -22.15 36.51 17.40
CA LEU A 484 -21.95 37.53 16.36
C LEU A 484 -22.80 37.15 15.17
N ASN A 485 -23.82 37.97 14.88
CA ASN A 485 -24.69 37.75 13.74
C ASN A 485 -23.97 38.23 12.49
N LEU A 486 -23.54 37.28 11.65
CA LEU A 486 -22.69 37.63 10.52
C LEU A 486 -23.46 38.33 9.42
N ARG A 487 -24.68 37.88 9.12
CA ARG A 487 -25.47 38.53 8.08
C ARG A 487 -25.78 39.98 8.44
N LYS A 488 -25.91 40.27 9.75
CA LYS A 488 -26.14 41.64 10.19
C LYS A 488 -24.88 42.49 10.08
N PHE A 489 -23.70 41.87 10.27
CA PHE A 489 -22.45 42.62 10.24
C PHE A 489 -22.08 43.07 8.84
N LEU A 490 -22.43 42.28 7.81
CA LEU A 490 -22.02 42.58 6.44
C LEU A 490 -22.99 43.57 5.82
N THR A 491 -22.72 44.85 6.05
CA THR A 491 -23.43 45.91 5.33
C THR A 491 -22.67 46.24 4.04
N THR A 492 -23.38 46.89 3.12
CA THR A 492 -22.80 47.13 1.80
C THR A 492 -21.52 47.95 1.88
N GLU A 493 -21.45 48.91 2.81
CA GLU A 493 -20.23 49.71 2.94
C GLU A 493 -19.03 48.84 3.32
N VAL A 494 -19.24 47.89 4.22
CA VAL A 494 -18.14 47.00 4.62
C VAL A 494 -17.69 46.15 3.44
N LEU A 495 -18.63 45.69 2.61
CA LEU A 495 -18.25 44.93 1.43
C LEU A 495 -17.46 45.78 0.44
N ARG A 496 -17.89 47.03 0.25
CA ARG A 496 -17.12 47.94 -0.60
C ARG A 496 -15.71 48.11 -0.06
N GLU A 497 -15.56 48.25 1.26
CA GLU A 497 -14.23 48.40 1.83
C GLU A 497 -13.39 47.14 1.63
N LEU A 498 -14.03 45.97 1.73
CA LEU A 498 -13.32 44.72 1.53
C LEU A 498 -12.82 44.58 0.10
N TYR A 499 -13.62 45.01 -0.88
CA TYR A 499 -13.26 44.78 -2.27
C TYR A 499 -12.40 45.88 -2.88
N THR A 500 -12.47 47.11 -2.37
CA THR A 500 -11.69 48.18 -2.97
C THR A 500 -10.27 48.23 -2.41
N ASN A 501 -10.10 48.05 -1.11
CA ASN A 501 -8.80 48.24 -0.46
C ASN A 501 -8.05 46.94 -0.21
N ASN A 502 -8.67 45.98 0.49
CA ASN A 502 -7.98 44.79 0.93
C ASN A 502 -7.96 43.68 -0.11
N PHE A 503 -8.28 43.99 -1.36
CA PHE A 503 -8.23 43.01 -2.44
C PHE A 503 -6.90 43.13 -3.16
N SER A 504 -6.10 42.07 -3.12
CA SER A 504 -4.76 42.11 -3.68
C SER A 504 -4.82 42.47 -5.17
N SER A 505 -3.95 43.39 -5.57
CA SER A 505 -3.93 43.84 -6.96
C SER A 505 -3.54 42.71 -7.90
N LEU A 506 -2.61 41.85 -7.46
CA LEU A 506 -2.16 40.74 -8.30
C LEU A 506 -3.34 39.83 -8.67
N VAL A 507 -4.16 39.48 -7.68
CA VAL A 507 -5.29 38.59 -7.94
C VAL A 507 -6.27 39.27 -8.89
N PHE A 508 -6.46 40.58 -8.77
CA PHE A 508 -7.34 41.30 -9.70
C PHE A 508 -6.81 41.22 -11.12
N LYS A 509 -5.53 41.51 -11.31
CA LYS A 509 -4.95 41.45 -12.66
C LYS A 509 -5.09 40.05 -13.26
N ASN A 510 -4.91 39.02 -12.43
CA ASN A 510 -5.03 37.64 -12.90
C ASN A 510 -6.47 37.30 -13.28
N LEU A 511 -7.40 37.76 -12.45
CA LEU A 511 -8.81 37.53 -12.70
C LEU A 511 -9.17 38.14 -14.04
N GLN A 512 -8.56 39.27 -14.36
CA GLN A 512 -8.84 39.94 -15.63
C GLN A 512 -8.56 39.00 -16.80
N ILE A 513 -7.38 38.40 -16.83
CA ILE A 513 -7.08 37.44 -17.89
C ILE A 513 -8.10 36.32 -17.90
N ALA A 514 -8.46 35.80 -16.72
CA ALA A 514 -9.39 34.68 -16.70
C ALA A 514 -10.74 35.08 -17.31
N LYS A 515 -11.21 36.30 -17.05
CA LYS A 515 -12.43 36.77 -17.71
C LYS A 515 -12.21 36.95 -19.21
N ASN A 516 -11.06 37.50 -19.61
CA ASN A 516 -10.86 37.84 -21.01
C ASN A 516 -10.85 36.61 -21.90
N SER A 517 -10.08 35.59 -21.54
CA SER A 517 -9.74 34.54 -22.50
C SER A 517 -10.27 33.15 -22.17
N TYR A 518 -10.77 32.94 -20.96
CA TYR A 518 -11.42 31.69 -20.56
C TYR A 518 -12.84 31.98 -20.08
N ASN A 519 -13.52 32.85 -20.82
CA ASN A 519 -14.84 33.34 -20.42
C ASN A 519 -15.80 32.19 -20.16
N ASP A 520 -16.53 32.30 -19.05
CA ASP A 520 -17.51 31.30 -18.65
C ASP A 520 -18.75 32.03 -18.17
N ALA A 521 -19.87 31.29 -18.12
CA ALA A 521 -21.15 31.90 -17.78
C ALA A 521 -21.14 32.46 -16.36
N LEU A 522 -20.62 31.70 -15.41
CA LEU A 522 -20.52 32.15 -14.02
C LEU A 522 -19.43 33.21 -13.84
N LEU A 523 -18.34 33.09 -14.61
CA LEU A 523 -17.18 33.95 -14.44
C LEU A 523 -17.41 35.37 -14.95
N THR A 524 -18.47 35.59 -15.72
CA THR A 524 -18.85 36.94 -16.12
C THR A 524 -19.72 37.61 -15.06
N PHE A 525 -20.64 36.86 -14.46
CA PHE A 525 -21.43 37.39 -13.36
C PHE A 525 -20.56 37.74 -12.17
N VAL A 526 -19.60 36.87 -11.83
CA VAL A 526 -18.70 37.18 -10.72
C VAL A 526 -17.92 38.45 -11.02
N TRP A 527 -17.41 38.59 -12.24
CA TRP A 527 -16.66 39.78 -12.58
C TRP A 527 -17.52 41.03 -12.52
N LYS A 528 -18.77 40.94 -12.98
CA LYS A 528 -19.67 42.08 -12.88
C LYS A 528 -19.88 42.50 -11.44
N MET A 529 -20.10 41.53 -10.55
CA MET A 529 -20.29 41.88 -9.14
C MET A 529 -19.04 42.54 -8.58
N VAL A 530 -17.87 42.01 -8.90
CA VAL A 530 -16.64 42.60 -8.38
C VAL A 530 -16.48 44.03 -8.87
N GLU A 531 -16.75 44.26 -10.16
CA GLU A 531 -16.63 45.62 -10.70
C GLU A 531 -17.63 46.56 -10.04
N ASP A 532 -18.87 46.12 -9.84
CA ASP A 532 -19.87 46.97 -9.21
C ASP A 532 -19.48 47.33 -7.78
N PHE A 533 -18.96 46.36 -7.02
CA PHE A 533 -18.46 46.67 -5.68
C PHE A 533 -17.28 47.63 -5.74
N ARG A 534 -16.37 47.41 -6.69
CA ARG A 534 -15.12 48.16 -6.73
C ARG A 534 -15.37 49.64 -6.99
N ARG A 535 -16.39 49.95 -7.79
CA ARG A 535 -16.75 51.34 -8.10
C ARG A 535 -16.84 52.20 -6.85
N PRO A 557 -29.00 46.18 -1.34
CA PRO A 557 -29.40 46.90 -2.55
C PRO A 557 -28.56 46.55 -3.79
N ILE A 558 -27.23 46.73 -3.72
CA ILE A 558 -26.39 46.33 -4.83
C ILE A 558 -26.44 44.82 -5.02
N THR A 559 -26.51 44.07 -3.93
CA THR A 559 -26.55 42.62 -4.01
C THR A 559 -27.34 42.04 -2.85
N ARG A 560 -28.05 40.95 -3.12
CA ARG A 560 -28.61 40.10 -2.08
C ARG A 560 -27.59 38.99 -1.81
N HIS A 561 -27.92 38.08 -0.90
CA HIS A 561 -27.04 37.00 -0.51
C HIS A 561 -25.64 37.53 -0.16
N PRO A 562 -25.54 38.39 0.86
CA PRO A 562 -24.21 38.97 1.18
C PRO A 562 -23.16 37.92 1.51
N LEU A 563 -23.55 36.86 2.20
CA LEU A 563 -22.60 35.84 2.64
C LEU A 563 -21.93 35.18 1.44
N GLN A 564 -22.66 35.01 0.34
CA GLN A 564 -22.04 34.50 -0.89
C GLN A 564 -20.96 35.44 -1.39
N ALA A 565 -21.21 36.74 -1.32
CA ALA A 565 -20.19 37.72 -1.73
C ALA A 565 -18.94 37.58 -0.88
N LEU A 566 -19.11 37.48 0.44
CA LEU A 566 -17.94 37.33 1.30
C LEU A 566 -17.21 36.01 1.05
N PHE A 567 -17.96 34.94 0.79
CA PHE A 567 -17.34 33.66 0.50
C PHE A 567 -16.51 33.73 -0.77
N ILE A 568 -17.04 34.39 -1.81
CA ILE A 568 -16.27 34.56 -3.04
C ILE A 568 -15.02 35.38 -2.78
N TRP A 569 -15.16 36.47 -2.02
CA TRP A 569 -13.98 37.28 -1.70
C TRP A 569 -12.91 36.43 -1.01
N SER A 570 -13.31 35.61 -0.04
CA SER A 570 -12.33 34.76 0.63
C SER A 570 -11.72 33.75 -0.32
N VAL A 571 -12.51 33.18 -1.21
CA VAL A 571 -12.01 32.13 -2.09
C VAL A 571 -10.99 32.69 -3.08
N LEU A 572 -11.28 33.84 -3.69
CA LEU A 572 -10.43 34.33 -4.76
C LEU A 572 -9.00 34.55 -4.29
N GLN A 573 -8.81 34.87 -3.01
CA GLN A 573 -7.48 35.09 -2.46
C GLN A 573 -6.85 33.81 -1.92
N ASN A 574 -7.49 32.67 -2.13
CA ASN A 574 -6.92 31.36 -1.80
C ASN A 574 -6.54 31.26 -0.32
N LYS A 575 -7.46 31.68 0.53
CA LYS A 575 -7.31 31.55 1.98
C LYS A 575 -8.10 30.31 2.40
N LYS A 576 -7.40 29.19 2.55
CA LYS A 576 -8.08 27.91 2.73
C LYS A 576 -8.86 27.86 4.05
N GLU A 577 -8.19 28.15 5.17
CA GLU A 577 -8.83 28.01 6.47
C GLU A 577 -9.93 29.05 6.67
N LEU A 578 -9.67 30.30 6.27
CA LEU A 578 -10.65 31.35 6.44
C LEU A 578 -11.80 31.23 5.46
N SER A 579 -11.63 30.47 4.37
CA SER A 579 -12.74 30.17 3.49
C SER A 579 -13.57 29.02 4.02
N LYS A 580 -12.90 28.00 4.56
CA LYS A 580 -13.63 26.88 5.15
C LYS A 580 -14.47 27.35 6.34
N VAL A 581 -13.94 28.28 7.14
CA VAL A 581 -14.72 28.76 8.28
C VAL A 581 -16.00 29.46 7.80
N ILE A 582 -15.86 30.37 6.84
CA ILE A 582 -17.02 31.12 6.36
C ILE A 582 -17.96 30.24 5.56
N TRP A 583 -17.48 29.10 5.06
CA TRP A 583 -18.35 28.22 4.26
C TRP A 583 -19.47 27.64 5.12
N GLU A 584 -19.23 27.44 6.42
CA GLU A 584 -20.25 26.81 7.26
C GLU A 584 -21.45 27.74 7.47
N GLN A 585 -21.18 29.04 7.65
CA GLN A 585 -22.27 30.00 7.91
C GLN A 585 -23.15 30.22 6.69
N THR A 586 -22.64 29.95 5.50
CA THR A 586 -23.45 30.11 4.29
C THR A 586 -24.67 29.20 4.36
N ARG A 587 -25.71 29.58 3.62
CA ARG A 587 -26.97 28.87 3.70
C ARG A 587 -27.02 27.66 2.77
N GLY A 588 -26.74 27.85 1.49
CA GLY A 588 -26.61 26.73 0.57
C GLY A 588 -25.20 26.22 0.52
N CYS A 589 -24.92 25.15 1.26
CA CYS A 589 -23.55 24.68 1.43
C CYS A 589 -23.06 23.92 0.22
N THR A 590 -23.80 22.89 -0.21
CA THR A 590 -23.36 22.07 -1.34
C THR A 590 -23.23 22.91 -2.61
N LEU A 591 -24.22 23.75 -2.88
CA LEU A 591 -24.20 24.57 -4.08
C LEU A 591 -23.04 25.55 -4.05
N ALA A 592 -22.81 26.17 -2.89
CA ALA A 592 -21.71 27.11 -2.76
C ALA A 592 -20.36 26.43 -2.97
N ALA A 593 -20.19 25.24 -2.40
CA ALA A 593 -18.94 24.51 -2.59
C ALA A 593 -18.72 24.15 -4.05
N LEU A 594 -19.78 23.68 -4.71
CA LEU A 594 -19.67 23.32 -6.12
C LEU A 594 -19.29 24.53 -6.97
N GLY A 595 -19.96 25.66 -6.73
CA GLY A 595 -19.64 26.87 -7.48
C GLY A 595 -18.23 27.36 -7.22
N ALA A 596 -17.77 27.27 -5.97
CA ALA A 596 -16.40 27.66 -5.65
C ALA A 596 -15.40 26.77 -6.38
N SER A 597 -15.67 25.47 -6.44
CA SER A 597 -14.79 24.57 -7.18
C SER A 597 -14.73 24.96 -8.64
N LYS A 598 -15.90 25.25 -9.24
CA LYS A 598 -15.93 25.67 -10.64
C LYS A 598 -15.10 26.94 -10.86
N LEU A 599 -15.29 27.92 -9.99
CA LEU A 599 -14.58 29.18 -10.13
C LEU A 599 -13.07 28.97 -10.00
N LEU A 600 -12.65 28.13 -9.07
CA LEU A 600 -11.23 27.84 -8.93
C LEU A 600 -10.70 27.09 -10.14
N LYS A 601 -11.50 26.21 -10.72
CA LYS A 601 -11.09 25.56 -11.97
C LYS A 601 -10.79 26.61 -13.04
N SER A 602 -11.69 27.58 -13.18
CA SER A 602 -11.45 28.62 -14.18
C SER A 602 -10.20 29.43 -13.84
N MET A 603 -10.03 29.76 -12.56
CA MET A 603 -8.85 30.53 -12.15
C MET A 603 -7.56 29.78 -12.42
N ALA A 604 -7.57 28.44 -12.33
CA ALA A 604 -6.35 27.66 -12.48
C ALA A 604 -5.84 27.62 -13.91
N LYS A 605 -6.69 27.88 -14.90
CA LYS A 605 -6.30 27.79 -16.30
C LYS A 605 -5.50 29.01 -16.77
N VAL A 606 -5.08 29.88 -15.88
CA VAL A 606 -4.29 31.06 -16.23
C VAL A 606 -2.83 30.74 -15.95
N LYS A 607 -1.98 30.96 -16.96
CA LYS A 607 -0.56 30.61 -16.88
C LYS A 607 0.32 31.83 -16.70
N ASN A 608 -0.26 33.01 -16.46
CA ASN A 608 0.56 34.17 -16.12
C ASN A 608 1.32 33.93 -14.83
N ASP A 609 0.66 33.34 -13.83
CA ASP A 609 1.28 33.00 -12.56
C ASP A 609 1.00 31.53 -12.28
N ILE A 610 2.07 30.76 -12.08
CA ILE A 610 1.97 29.31 -11.92
C ILE A 610 1.78 28.92 -10.46
N ASN A 611 2.52 29.58 -9.56
CA ASN A 611 2.47 29.22 -8.14
C ASN A 611 1.06 29.39 -7.58
N ALA A 612 0.40 30.50 -7.92
CA ALA A 612 -0.97 30.70 -7.45
C ALA A 612 -1.92 29.68 -8.06
N ALA A 613 -1.71 29.34 -9.33
CA ALA A 613 -2.61 28.41 -10.02
C ALA A 613 -2.57 27.05 -9.36
N GLY A 614 -1.39 26.58 -8.96
CA GLY A 614 -1.32 25.28 -8.30
C GLY A 614 -2.16 25.23 -7.04
N GLU A 615 -2.01 26.25 -6.19
CA GLU A 615 -2.78 26.31 -4.94
C GLU A 615 -4.27 26.37 -5.23
N SER A 616 -4.66 27.15 -6.24
CA SER A 616 -6.07 27.25 -6.60
C SER A 616 -6.63 25.89 -6.99
N GLU A 617 -5.88 25.14 -7.81
CA GLU A 617 -6.35 23.82 -8.21
C GLU A 617 -6.49 22.88 -7.01
N GLU A 618 -5.50 22.92 -6.10
CA GLU A 618 -5.59 22.09 -4.91
C GLU A 618 -6.85 22.40 -4.11
N LEU A 619 -7.13 23.69 -3.92
CA LEU A 619 -8.32 24.09 -3.17
C LEU A 619 -9.59 23.64 -3.87
N ALA A 620 -9.60 23.70 -5.20
CA ALA A 620 -10.76 23.25 -5.96
C ALA A 620 -11.03 21.77 -5.70
N ASN A 621 -9.98 20.95 -5.74
CA ASN A 621 -10.17 19.53 -5.47
C ASN A 621 -10.69 19.30 -4.06
N GLU A 622 -10.14 20.02 -3.08
CA GLU A 622 -10.62 19.91 -1.71
C GLU A 622 -12.12 20.15 -1.63
N TYR A 623 -12.57 21.26 -2.24
CA TYR A 623 -13.99 21.62 -2.15
C TYR A 623 -14.87 20.62 -2.88
N GLU A 624 -14.40 20.09 -4.01
CA GLU A 624 -15.19 19.09 -4.73
C GLU A 624 -15.41 17.87 -3.86
N THR A 625 -14.34 17.36 -3.24
CA THR A 625 -14.48 16.18 -2.38
C THR A 625 -15.44 16.48 -1.23
N ARG A 626 -15.31 17.67 -0.63
CA ARG A 626 -16.21 18.02 0.46
C ARG A 626 -17.67 18.01 0.01
N ALA A 627 -17.94 18.58 -1.17
CA ALA A 627 -19.31 18.65 -1.65
C ALA A 627 -19.90 17.25 -1.88
N VAL A 628 -19.13 16.36 -2.51
CA VAL A 628 -19.65 15.02 -2.76
C VAL A 628 -19.93 14.31 -1.44
N GLU A 629 -19.02 14.43 -0.48
CA GLU A 629 -19.26 13.79 0.82
C GLU A 629 -20.53 14.30 1.47
N LEU A 630 -20.73 15.63 1.44
CA LEU A 630 -21.92 16.20 2.06
C LEU A 630 -23.18 15.72 1.37
N PHE A 631 -23.16 15.63 0.04
CA PHE A 631 -24.37 15.19 -0.64
C PHE A 631 -24.68 13.73 -0.34
N THR A 632 -23.64 12.90 -0.19
CA THR A 632 -23.89 11.52 0.23
C THR A 632 -24.57 11.50 1.60
N GLU A 633 -24.05 12.31 2.52
CA GLU A 633 -24.67 12.38 3.85
C GLU A 633 -26.13 12.79 3.75
N CYS A 634 -26.42 13.81 2.93
CA CYS A 634 -27.79 14.28 2.80
C CYS A 634 -28.69 13.19 2.20
N TYR A 635 -28.21 12.49 1.18
CA TYR A 635 -29.02 11.48 0.52
C TYR A 635 -29.30 10.31 1.44
N SER A 636 -28.38 10.01 2.37
CA SER A 636 -28.60 8.86 3.25
C SER A 636 -29.90 8.99 4.05
N ASN A 637 -30.20 10.20 4.53
CA ASN A 637 -31.36 10.35 5.42
C ASN A 637 -32.66 10.24 4.65
N ASP A 638 -32.89 11.14 3.69
CA ASP A 638 -34.16 11.21 2.97
C ASP A 638 -33.88 11.31 1.48
N GLU A 639 -34.42 10.36 0.71
CA GLU A 639 -34.23 10.37 -0.73
C GLU A 639 -35.10 11.42 -1.40
N ASP A 640 -36.32 11.62 -0.91
CA ASP A 640 -37.26 12.51 -1.58
C ASP A 640 -36.76 13.96 -1.58
N LEU A 641 -36.27 14.43 -0.44
CA LEU A 641 -35.86 15.82 -0.32
C LEU A 641 -34.51 16.09 -0.99
N ALA A 642 -33.65 15.08 -1.07
CA ALA A 642 -32.35 15.29 -1.70
C ALA A 642 -32.51 15.67 -3.17
N GLU A 643 -33.42 15.00 -3.88
CA GLU A 643 -33.61 15.31 -5.28
C GLU A 643 -34.24 16.68 -5.48
N GLN A 644 -35.19 17.06 -4.62
CA GLN A 644 -35.74 18.42 -4.66
C GLN A 644 -34.64 19.45 -4.43
N LEU A 645 -33.74 19.18 -3.49
CA LEU A 645 -32.60 20.06 -3.25
C LEU A 645 -31.68 20.12 -4.46
N LEU A 646 -31.54 19.02 -5.17
CA LEU A 646 -30.54 18.92 -6.23
C LEU A 646 -30.81 19.93 -7.34
N THR A 647 -32.05 20.01 -7.80
CA THR A 647 -32.44 20.90 -8.88
C THR A 647 -32.63 22.34 -8.41
N TYR A 648 -32.52 22.60 -7.11
CA TYR A 648 -32.74 23.93 -6.58
C TYR A 648 -31.79 24.93 -7.22
N SER A 649 -32.30 26.12 -7.51
CA SER A 649 -31.56 27.18 -8.18
C SER A 649 -31.69 28.47 -7.38
N CYS A 650 -30.59 29.22 -7.27
CA CYS A 650 -30.58 30.49 -6.55
C CYS A 650 -29.88 31.54 -7.40
N GLU A 651 -30.36 32.78 -7.30
CA GLU A 651 -29.77 33.91 -8.03
C GLU A 651 -28.39 34.27 -7.50
N ALA A 652 -28.00 33.77 -6.33
CA ALA A 652 -26.66 34.05 -5.83
C ALA A 652 -25.61 33.72 -6.87
N TRP A 653 -25.80 32.62 -7.59
CA TRP A 653 -25.00 32.28 -8.74
C TRP A 653 -25.81 32.58 -10.00
N GLY A 654 -25.22 32.32 -11.16
CA GLY A 654 -25.83 32.71 -12.41
C GLY A 654 -27.03 31.87 -12.80
N GLY A 655 -28.04 31.81 -11.93
CA GLY A 655 -29.22 31.02 -12.24
C GLY A 655 -28.91 29.56 -12.52
N SER A 656 -28.03 28.96 -11.71
CA SER A 656 -27.56 27.61 -11.94
C SER A 656 -27.88 26.72 -10.75
N ASN A 657 -28.27 25.49 -11.05
CA ASN A 657 -28.50 24.46 -10.04
C ASN A 657 -27.27 23.54 -9.96
N CYS A 658 -27.32 22.61 -9.02
CA CYS A 658 -26.15 21.79 -8.72
C CYS A 658 -25.71 20.97 -9.94
N LEU A 659 -26.66 20.35 -10.64
CA LEU A 659 -26.32 19.54 -11.81
C LEU A 659 -25.71 20.39 -12.93
N GLU A 660 -26.34 21.53 -13.22
CA GLU A 660 -25.84 22.43 -14.25
C GLU A 660 -24.43 22.89 -13.94
N LEU A 661 -24.16 23.17 -12.66
CA LEU A 661 -22.83 23.63 -12.26
C LEU A 661 -21.82 22.50 -12.33
N ALA A 662 -22.22 21.28 -11.94
CA ALA A 662 -21.31 20.15 -12.00
C ALA A 662 -20.89 19.85 -13.43
N VAL A 663 -21.81 19.91 -14.38
CA VAL A 663 -21.45 19.56 -15.74
C VAL A 663 -20.40 20.52 -16.29
N GLU A 664 -20.62 21.83 -16.11
CA GLU A 664 -19.64 22.79 -16.57
C GLU A 664 -18.34 22.70 -15.78
N ALA A 665 -18.40 22.33 -14.50
CA ALA A 665 -17.18 22.23 -13.70
C ALA A 665 -16.35 21.02 -14.08
N ARG A 666 -16.96 20.01 -14.70
CA ARG A 666 -16.26 18.80 -15.15
C ARG A 666 -15.55 18.11 -13.99
N ASP A 667 -16.29 17.93 -12.89
CA ASP A 667 -15.83 17.14 -11.76
C ASP A 667 -16.50 15.77 -11.85
N GLN A 668 -15.71 14.75 -12.19
CA GLN A 668 -16.27 13.43 -12.47
C GLN A 668 -16.89 12.78 -11.24
N GLN A 669 -16.31 13.04 -10.06
CA GLN A 669 -16.72 12.31 -8.86
C GLN A 669 -18.18 12.60 -8.50
N PHE A 670 -18.57 13.87 -8.54
CA PHE A 670 -19.92 14.22 -8.09
C PHE A 670 -20.98 13.52 -8.92
N ILE A 671 -20.81 13.51 -10.24
CA ILE A 671 -21.75 12.81 -11.10
C ILE A 671 -21.66 11.32 -10.90
N ALA A 672 -20.44 10.80 -10.70
CA ALA A 672 -20.24 9.35 -10.62
C ALA A 672 -20.87 8.73 -9.39
N GLN A 673 -21.26 9.53 -8.38
CA GLN A 673 -21.73 8.96 -7.14
C GLN A 673 -23.11 8.33 -7.32
N PRO A 674 -23.49 7.39 -6.44
CA PRO A 674 -24.73 6.62 -6.67
C PRO A 674 -26.00 7.46 -6.73
N GLY A 675 -26.20 8.37 -5.78
CA GLY A 675 -27.52 9.00 -5.65
C GLY A 675 -27.96 9.75 -6.88
N VAL A 676 -27.05 10.58 -7.42
CA VAL A 676 -27.38 11.32 -8.63
C VAL A 676 -27.62 10.37 -9.79
N GLN A 677 -26.87 9.26 -9.81
CA GLN A 677 -27.07 8.26 -10.86
C GLN A 677 -28.48 7.67 -10.80
N ASN A 678 -28.94 7.35 -9.59
CA ASN A 678 -30.29 6.81 -9.42
C ASN A 678 -31.34 7.84 -9.83
N PHE A 679 -31.15 9.09 -9.42
CA PHE A 679 -32.08 10.14 -9.82
C PHE A 679 -32.16 10.24 -11.33
N LEU A 680 -31.00 10.25 -11.99
CA LEU A 680 -30.99 10.33 -13.45
C LEU A 680 -31.64 9.11 -14.08
N SER A 681 -31.39 7.93 -13.53
CA SER A 681 -31.95 6.71 -14.12
C SER A 681 -33.47 6.71 -14.04
N LYS A 682 -34.03 7.10 -12.89
CA LYS A 682 -35.49 7.12 -12.79
C LYS A 682 -36.10 8.31 -13.50
N GLN A 683 -35.32 9.36 -13.79
CA GLN A 683 -35.78 10.35 -14.75
C GLN A 683 -35.83 9.77 -16.15
N TRP A 684 -34.82 8.97 -16.51
CA TRP A 684 -34.77 8.36 -17.84
C TRP A 684 -35.93 7.40 -18.05
N TYR A 685 -36.25 6.60 -17.04
CA TYR A 685 -37.40 5.70 -17.15
C TYR A 685 -38.72 6.44 -17.04
N GLY A 686 -38.77 7.54 -16.27
CA GLY A 686 -39.98 8.31 -16.15
C GLY A 686 -40.99 7.66 -15.22
N GLU A 687 -42.27 7.94 -15.46
CA GLU A 687 -43.32 7.40 -14.62
C GLU A 687 -43.38 5.89 -14.69
N ILE A 688 -42.79 5.28 -15.71
CA ILE A 688 -42.72 3.83 -15.77
C ILE A 688 -42.00 3.31 -14.54
N SER A 689 -42.57 2.29 -13.91
CA SER A 689 -41.92 1.68 -12.76
C SER A 689 -40.69 0.92 -13.20
N ARG A 690 -39.64 0.99 -12.40
CA ARG A 690 -38.44 0.22 -12.68
C ARG A 690 -38.63 -1.22 -12.22
N ASP A 691 -37.59 -2.03 -12.42
CA ASP A 691 -37.58 -3.45 -12.13
C ASP A 691 -38.43 -4.24 -13.11
N THR A 692 -39.12 -3.60 -14.05
CA THR A 692 -39.82 -4.30 -15.12
C THR A 692 -38.81 -4.68 -16.20
N LYS A 693 -38.74 -5.96 -16.51
CA LYS A 693 -37.76 -6.44 -17.49
C LYS A 693 -38.04 -5.82 -18.85
N ASN A 694 -36.96 -5.53 -19.58
CA ASN A 694 -37.05 -4.76 -20.82
C ASN A 694 -38.06 -5.38 -21.79
N TRP A 695 -38.00 -6.70 -21.96
CA TRP A 695 -38.90 -7.36 -22.90
C TRP A 695 -40.35 -7.11 -22.54
N LYS A 696 -40.65 -6.98 -21.25
CA LYS A 696 -42.01 -6.62 -20.84
C LYS A 696 -42.41 -5.29 -21.46
N ILE A 697 -41.52 -4.30 -21.38
CA ILE A 697 -41.81 -2.98 -21.97
C ILE A 697 -41.97 -3.10 -23.47
N ILE A 698 -41.10 -3.86 -24.14
CA ILE A 698 -41.19 -3.93 -25.60
C ILE A 698 -42.47 -4.61 -26.04
N LEU A 699 -42.84 -5.70 -25.37
CA LEU A 699 -44.10 -6.38 -25.69
C LEU A 699 -45.28 -5.44 -25.49
N CYS A 700 -45.28 -4.67 -24.41
CA CYS A 700 -46.32 -3.66 -24.25
C CYS A 700 -46.25 -2.61 -25.35
N LEU A 701 -45.04 -2.30 -25.82
CA LEU A 701 -44.89 -1.31 -26.88
C LEU A 701 -45.56 -1.78 -28.17
N PHE A 702 -45.37 -3.04 -28.53
CA PHE A 702 -45.99 -3.55 -29.76
C PHE A 702 -47.51 -3.60 -29.63
N PHE A 703 -48.01 -4.06 -28.49
CA PHE A 703 -49.44 -4.27 -28.28
C PHE A 703 -49.97 -3.19 -27.34
N PHE A 704 -50.88 -2.37 -27.86
CA PHE A 704 -51.50 -1.32 -27.02
C PHE A 704 -52.22 -1.88 -25.80
N PRO A 705 -53.10 -2.88 -25.93
CA PRO A 705 -53.98 -3.22 -24.78
C PRO A 705 -53.24 -3.61 -23.51
N LEU A 706 -52.07 -4.26 -23.62
CA LEU A 706 -51.48 -4.89 -22.45
C LEU A 706 -51.30 -3.89 -21.31
N ILE A 707 -50.86 -2.67 -21.62
CA ILE A 707 -50.58 -1.71 -20.56
C ILE A 707 -51.79 -1.53 -19.67
N GLY A 708 -52.99 -1.51 -20.26
CA GLY A 708 -54.18 -1.31 -19.47
C GLY A 708 -54.43 -2.43 -18.48
N CYS A 709 -54.17 -3.67 -18.88
CA CYS A 709 -54.56 -4.81 -18.06
C CYS A 709 -53.76 -4.85 -16.76
N GLY A 710 -52.46 -4.57 -16.82
CA GLY A 710 -51.60 -4.65 -15.65
C GLY A 710 -50.35 -5.47 -15.90
N PHE A 711 -50.14 -5.85 -17.17
CA PHE A 711 -48.93 -6.59 -17.54
C PHE A 711 -47.68 -5.76 -17.24
N ILE A 712 -47.74 -4.46 -17.52
CA ILE A 712 -46.70 -3.52 -17.13
C ILE A 712 -47.20 -2.76 -15.90
N SER A 713 -46.37 -2.69 -14.87
CA SER A 713 -46.72 -1.94 -13.67
C SER A 713 -46.45 -0.45 -13.89
N PHE A 714 -46.67 0.33 -12.84
CA PHE A 714 -46.43 1.77 -12.90
C PHE A 714 -45.99 2.27 -11.54
N ARG A 715 -45.34 3.43 -11.55
CA ARG A 715 -44.66 3.99 -10.39
C ARG A 715 -45.41 5.21 -9.90
N LYS A 716 -45.66 5.26 -8.60
CA LYS A 716 -46.37 6.37 -7.98
C LYS A 716 -45.78 6.72 -6.62
N LYS A 723 -60.83 8.28 -15.43
CA LYS A 723 -59.89 9.40 -15.44
C LYS A 723 -58.49 8.94 -15.07
N LYS A 724 -58.40 8.09 -14.05
CA LYS A 724 -57.10 7.60 -13.61
C LYS A 724 -56.43 6.76 -14.68
N LEU A 725 -57.21 5.94 -15.39
CA LEU A 725 -56.62 4.97 -16.31
C LEU A 725 -55.87 5.65 -17.46
N PHE A 726 -56.46 6.70 -18.03
CA PHE A 726 -55.89 7.29 -19.24
C PHE A 726 -54.46 7.76 -19.02
N LEU A 727 -54.13 8.18 -17.80
CA LEU A 727 -52.78 8.65 -17.53
C LEU A 727 -51.76 7.55 -17.72
N TYR A 728 -52.13 6.29 -17.51
CA TYR A 728 -51.21 5.19 -17.78
C TYR A 728 -50.83 5.16 -19.25
N TYR A 729 -51.82 5.24 -20.13
CA TYR A 729 -51.54 5.24 -21.57
C TYR A 729 -50.71 6.44 -21.97
N VAL A 730 -51.01 7.61 -21.44
CA VAL A 730 -50.24 8.76 -21.83
C VAL A 730 -48.82 8.68 -21.35
N SER A 731 -48.64 8.37 -20.07
CA SER A 731 -47.30 8.36 -19.49
C SER A 731 -46.45 7.21 -20.02
N PHE A 732 -47.07 6.18 -20.58
CA PHE A 732 -46.27 5.10 -21.16
C PHE A 732 -45.55 5.57 -22.41
N PHE A 733 -46.10 6.57 -23.12
CA PHE A 733 -45.55 7.04 -24.38
C PHE A 733 -44.74 8.31 -24.26
N THR A 734 -44.65 8.92 -23.08
CA THR A 734 -43.82 10.09 -22.89
C THR A 734 -42.50 9.79 -22.20
N SER A 735 -42.28 8.57 -21.76
CA SER A 735 -41.02 8.22 -21.13
C SER A 735 -39.92 8.14 -22.20
N PRO A 736 -38.74 8.71 -21.95
CA PRO A 736 -37.70 8.71 -22.99
C PRO A 736 -37.32 7.33 -23.51
N PHE A 737 -37.27 6.33 -22.64
CA PHE A 737 -36.83 4.99 -23.05
C PHE A 737 -37.75 4.42 -24.12
N VAL A 738 -39.06 4.46 -23.86
CA VAL A 738 -40.04 3.96 -24.82
C VAL A 738 -39.91 4.71 -26.14
N VAL A 739 -39.80 6.03 -26.07
CA VAL A 739 -39.73 6.84 -27.28
C VAL A 739 -38.49 6.49 -28.09
N PHE A 740 -37.36 6.31 -27.42
CA PHE A 740 -36.12 5.98 -28.12
C PHE A 740 -36.25 4.64 -28.83
N SER A 741 -36.75 3.62 -28.14
CA SER A 741 -36.88 2.31 -28.77
C SER A 741 -37.86 2.37 -29.95
N TRP A 742 -38.97 3.09 -29.77
CA TRP A 742 -39.94 3.24 -30.84
C TRP A 742 -39.33 3.95 -32.04
N ASN A 743 -38.51 4.98 -31.80
CA ASN A 743 -37.88 5.70 -32.88
C ASN A 743 -36.95 4.78 -33.67
N VAL A 744 -36.20 3.93 -32.99
CA VAL A 744 -35.32 3.00 -33.70
C VAL A 744 -36.13 2.05 -34.57
N ILE A 745 -37.21 1.49 -34.01
CA ILE A 745 -38.04 0.56 -34.76
C ILE A 745 -38.62 1.25 -36.00
N PHE A 746 -39.13 2.46 -35.83
CA PHE A 746 -39.69 3.20 -36.95
C PHE A 746 -38.62 3.56 -37.97
N TYR A 747 -37.40 3.81 -37.52
CA TYR A 747 -36.31 4.09 -38.46
C TYR A 747 -36.02 2.90 -39.34
N ILE A 748 -36.05 1.70 -38.75
CA ILE A 748 -35.87 0.49 -39.58
C ILE A 748 -37.00 0.38 -40.60
N ALA A 749 -38.24 0.61 -40.17
CA ALA A 749 -39.34 0.58 -41.15
C ALA A 749 -39.12 1.61 -42.25
N PHE A 750 -38.61 2.79 -41.88
CA PHE A 750 -38.35 3.84 -42.85
C PHE A 750 -37.30 3.40 -43.89
N LEU A 751 -36.23 2.75 -43.42
CA LEU A 751 -35.22 2.26 -44.35
C LEU A 751 -35.80 1.23 -45.31
N LEU A 752 -36.65 0.33 -44.81
CA LEU A 752 -37.27 -0.63 -45.71
C LEU A 752 -38.12 0.07 -46.77
N LEU A 753 -38.89 1.07 -46.36
CA LEU A 753 -39.71 1.79 -47.31
C LEU A 753 -38.82 2.41 -48.37
N PHE A 754 -37.75 3.07 -47.92
CA PHE A 754 -36.82 3.72 -48.80
C PHE A 754 -36.28 2.75 -49.85
N ALA A 755 -35.86 1.57 -49.41
CA ALA A 755 -35.31 0.58 -50.33
C ALA A 755 -36.35 0.13 -51.35
N TYR A 756 -37.58 -0.17 -50.87
CA TYR A 756 -38.62 -0.60 -51.80
C TYR A 756 -38.88 0.46 -52.85
N VAL A 757 -39.07 1.71 -52.42
CA VAL A 757 -39.38 2.79 -53.36
C VAL A 757 -38.26 2.96 -54.37
N LEU A 758 -37.02 2.97 -53.88
CA LEU A 758 -35.88 3.19 -54.77
C LEU A 758 -35.76 2.08 -55.80
N LEU A 759 -35.99 0.83 -55.38
CA LEU A 759 -35.75 -0.27 -56.30
C LEU A 759 -36.87 -0.43 -57.33
N MET A 760 -38.14 -0.37 -56.90
CA MET A 760 -39.22 -0.70 -57.83
C MET A 760 -40.39 0.26 -57.73
N ASP A 761 -40.13 1.54 -57.40
CA ASP A 761 -41.16 2.56 -57.42
C ASP A 761 -40.62 3.88 -57.96
N PHE A 762 -39.64 3.83 -58.86
CA PHE A 762 -39.04 5.01 -59.46
C PHE A 762 -39.55 5.13 -60.88
N GLN A 763 -40.40 6.13 -61.13
CA GLN A 763 -41.04 6.32 -62.42
C GLN A 763 -40.83 7.76 -62.87
N LYS A 764 -41.26 8.06 -64.10
CA LYS A 764 -41.05 9.39 -64.65
C LYS A 764 -41.64 10.46 -63.75
N GLU A 765 -42.89 10.26 -63.30
CA GLU A 765 -43.53 11.17 -62.38
C GLU A 765 -43.57 10.56 -60.99
N PRO A 766 -43.08 11.25 -59.95
CA PRO A 766 -43.06 10.64 -58.62
C PRO A 766 -44.46 10.22 -58.18
N THR A 767 -44.53 9.05 -57.56
CA THR A 767 -45.78 8.52 -57.05
C THR A 767 -46.05 9.02 -55.63
N ALA A 768 -47.28 8.82 -55.18
CA ALA A 768 -47.68 9.23 -53.84
C ALA A 768 -46.75 8.65 -52.77
N LEU A 769 -46.33 7.40 -52.95
CA LEU A 769 -45.43 6.75 -51.99
C LEU A 769 -44.16 7.57 -51.78
N GLU A 770 -43.52 7.98 -52.88
CA GLU A 770 -42.34 8.82 -52.77
C GLU A 770 -42.67 10.12 -52.03
N ILE A 771 -43.88 10.62 -52.20
CA ILE A 771 -44.28 11.85 -51.52
C ILE A 771 -44.35 11.64 -50.02
N ILE A 772 -44.89 10.49 -49.58
CA ILE A 772 -44.89 10.17 -48.16
C ILE A 772 -43.46 10.09 -47.65
N LEU A 773 -42.57 9.46 -48.42
CA LEU A 773 -41.17 9.38 -48.05
C LEU A 773 -40.57 10.78 -47.87
N TYR A 774 -40.88 11.67 -48.81
CA TYR A 774 -40.38 13.05 -48.74
C TYR A 774 -40.90 13.75 -47.49
N VAL A 775 -42.17 13.52 -47.15
CA VAL A 775 -42.73 14.12 -45.94
C VAL A 775 -41.96 13.66 -44.71
N LEU A 776 -41.69 12.35 -44.63
CA LEU A 776 -40.92 11.85 -43.50
C LEU A 776 -39.56 12.52 -43.42
N VAL A 777 -38.90 12.65 -44.58
CA VAL A 777 -37.58 13.26 -44.60
C VAL A 777 -37.65 14.71 -44.11
N PHE A 778 -38.72 15.43 -44.47
CA PHE A 778 -38.88 16.80 -44.00
C PHE A 778 -39.08 16.84 -42.48
N ILE A 779 -39.85 15.90 -41.93
CA ILE A 779 -39.95 15.78 -40.48
C ILE A 779 -38.55 15.70 -39.88
N LEU A 780 -37.71 14.85 -40.45
CA LEU A 780 -36.36 14.68 -39.93
C LEU A 780 -35.58 15.98 -40.01
N LEU A 781 -35.77 16.74 -41.09
CA LEU A 781 -35.09 18.03 -41.20
C LEU A 781 -35.45 18.95 -40.03
N CYS A 782 -36.75 19.05 -39.72
CA CYS A 782 -37.14 19.89 -38.59
C CYS A 782 -36.49 19.42 -37.29
N ASP A 783 -36.48 18.11 -37.08
CA ASP A 783 -35.85 17.56 -35.89
C ASP A 783 -34.38 17.99 -35.80
N GLU A 784 -33.68 18.00 -36.92
CA GLU A 784 -32.28 18.45 -36.93
C GLU A 784 -32.17 19.94 -36.61
N VAL A 785 -33.08 20.75 -37.16
CA VAL A 785 -33.04 22.17 -36.87
C VAL A 785 -33.15 22.40 -35.37
N ARG A 786 -33.91 21.57 -34.68
CA ARG A 786 -34.00 21.75 -33.23
C ARG A 786 -32.63 21.61 -32.58
N GLN A 787 -31.83 20.65 -33.03
CA GLN A 787 -30.50 20.49 -32.46
C GLN A 787 -29.62 21.68 -32.76
N TRP A 788 -29.75 22.24 -33.96
CA TRP A 788 -29.01 23.47 -34.25
C TRP A 788 -29.38 24.58 -33.26
N TYR A 789 -30.67 24.73 -32.98
CA TYR A 789 -31.08 25.88 -32.16
C TYR A 789 -30.78 25.66 -30.68
N MET A 790 -30.96 24.44 -30.18
CA MET A 790 -30.87 24.21 -28.74
C MET A 790 -29.44 24.29 -28.25
N ASN A 791 -28.52 23.61 -28.92
CA ASN A 791 -27.10 23.59 -28.54
C ASN A 791 -26.27 23.64 -29.82
N GLY A 792 -25.76 24.83 -30.13
CA GLY A 792 -25.05 25.04 -31.38
C GLY A 792 -23.57 24.71 -31.33
N SER A 793 -22.92 25.09 -30.23
CA SER A 793 -21.46 24.99 -30.16
C SER A 793 -20.99 23.54 -30.27
N LYS A 794 -21.54 22.66 -29.44
CA LYS A 794 -21.06 21.29 -29.35
C LYS A 794 -21.63 20.39 -30.44
N TYR A 795 -22.68 20.80 -31.13
CA TYR A 795 -23.29 19.93 -32.13
C TYR A 795 -22.33 19.64 -33.28
N PHE A 796 -21.62 20.65 -33.75
CA PHE A 796 -20.70 20.49 -34.87
C PHE A 796 -19.31 20.04 -34.45
N SER A 797 -19.09 19.81 -33.15
CA SER A 797 -17.79 19.34 -32.71
C SER A 797 -17.47 17.95 -33.24
N ASP A 798 -18.48 17.10 -33.38
CA ASP A 798 -18.30 15.72 -33.79
C ASP A 798 -18.66 15.53 -35.26
N LEU A 799 -18.01 14.55 -35.88
CA LEU A 799 -18.20 14.32 -37.31
C LEU A 799 -19.55 13.72 -37.63
N TRP A 800 -20.08 12.88 -36.73
CA TRP A 800 -21.27 12.09 -37.04
C TRP A 800 -22.52 12.96 -37.22
N ASN A 801 -22.69 13.98 -36.38
CA ASN A 801 -23.79 14.93 -36.57
C ASN A 801 -23.67 15.67 -37.90
N VAL A 802 -22.44 16.11 -38.23
CA VAL A 802 -22.20 16.74 -39.52
C VAL A 802 -22.61 15.82 -40.65
N MET A 803 -22.28 14.53 -40.53
CA MET A 803 -22.64 13.59 -41.60
C MET A 803 -24.14 13.48 -41.75
N ASP A 804 -24.87 13.38 -40.64
CA ASP A 804 -26.33 13.31 -40.74
C ASP A 804 -26.88 14.54 -41.48
N THR A 805 -26.42 15.72 -41.10
CA THR A 805 -26.92 16.93 -41.77
C THR A 805 -26.57 16.94 -43.25
N LEU A 806 -25.34 16.56 -43.58
CA LEU A 806 -24.94 16.57 -44.98
C LEU A 806 -25.72 15.55 -45.77
N ALA A 807 -26.12 14.44 -45.14
CA ALA A 807 -26.97 13.46 -45.82
C ALA A 807 -28.32 14.06 -46.18
N ILE A 808 -28.93 14.79 -45.24
CA ILE A 808 -30.24 15.35 -45.56
C ILE A 808 -30.12 16.39 -46.69
N PHE A 809 -29.07 17.21 -46.65
CA PHE A 809 -28.88 18.17 -47.74
C PHE A 809 -28.64 17.46 -49.08
N TYR A 810 -27.89 16.35 -49.05
CA TYR A 810 -27.70 15.54 -50.24
C TYR A 810 -29.04 15.10 -50.81
N PHE A 811 -29.97 14.74 -49.94
CA PHE A 811 -31.28 14.32 -50.40
C PHE A 811 -31.98 15.44 -51.11
N ILE A 812 -31.83 16.64 -50.59
CA ILE A 812 -32.47 17.80 -51.18
C ILE A 812 -31.98 17.92 -52.59
N ALA A 813 -30.65 17.87 -52.78
CA ALA A 813 -30.10 17.91 -54.13
C ALA A 813 -30.71 16.83 -55.01
N GLY A 814 -30.91 15.63 -54.45
CA GLY A 814 -31.48 14.55 -55.24
C GLY A 814 -32.86 14.87 -55.76
N ILE A 815 -33.70 15.46 -54.92
CA ILE A 815 -35.02 15.89 -55.39
C ILE A 815 -34.86 16.93 -56.49
N VAL A 816 -33.94 17.87 -56.31
CA VAL A 816 -33.75 18.89 -57.34
C VAL A 816 -33.52 18.21 -58.69
N PHE A 817 -32.70 17.17 -58.70
CA PHE A 817 -32.47 16.48 -59.97
C PHE A 817 -33.72 15.75 -60.44
N ARG A 818 -34.39 15.02 -59.54
CA ARG A 818 -35.50 14.17 -59.98
C ARG A 818 -36.59 14.99 -60.65
N LEU A 819 -36.84 16.20 -60.15
CA LEU A 819 -38.02 16.93 -60.64
C LEU A 819 -37.86 17.44 -62.08
N HIS A 820 -36.65 17.43 -62.62
CA HIS A 820 -36.46 17.99 -63.97
C HIS A 820 -37.17 17.17 -65.04
N SER A 821 -37.51 15.92 -64.75
CA SER A 821 -38.25 15.06 -65.69
C SER A 821 -37.48 14.84 -66.99
N ASP A 822 -36.16 14.92 -66.95
CA ASP A 822 -35.31 14.54 -68.07
C ASP A 822 -34.51 13.31 -67.69
N GLU A 823 -34.42 12.35 -68.62
CA GLU A 823 -33.81 11.07 -68.29
C GLU A 823 -32.38 11.24 -67.80
N SER A 824 -31.62 12.13 -68.44
CA SER A 824 -30.22 12.32 -68.06
C SER A 824 -30.11 12.79 -66.61
N SER A 825 -30.95 13.74 -66.21
CA SER A 825 -30.96 14.17 -64.81
C SER A 825 -31.64 13.14 -63.91
N TRP A 826 -32.59 12.40 -64.46
CA TRP A 826 -33.30 11.38 -63.71
C TRP A 826 -32.34 10.32 -63.17
N TYR A 827 -31.47 9.82 -64.04
CA TYR A 827 -30.50 8.80 -63.62
C TYR A 827 -29.58 9.33 -62.52
N SER A 828 -29.10 10.57 -62.67
CA SER A 828 -28.21 11.15 -61.66
C SER A 828 -28.92 11.28 -60.33
N GLY A 829 -30.18 11.71 -60.34
CA GLY A 829 -30.94 11.78 -59.10
C GLY A 829 -31.07 10.42 -58.45
N ARG A 830 -31.29 9.38 -59.26
CA ARG A 830 -31.37 8.02 -58.73
C ARG A 830 -30.08 7.63 -58.04
N VAL A 831 -28.94 7.92 -58.67
CA VAL A 831 -27.65 7.61 -58.06
C VAL A 831 -27.48 8.34 -56.74
N ILE A 832 -27.87 9.62 -56.72
CA ILE A 832 -27.80 10.42 -55.50
C ILE A 832 -28.61 9.75 -54.39
N PHE A 833 -29.81 9.29 -54.73
CA PHE A 833 -30.64 8.63 -53.74
C PHE A 833 -29.95 7.39 -53.18
N CYS A 834 -29.34 6.58 -54.05
CA CYS A 834 -28.65 5.39 -53.57
C CYS A 834 -27.57 5.73 -52.55
N LEU A 835 -26.73 6.72 -52.88
CA LEU A 835 -25.65 7.07 -51.96
C LEU A 835 -26.20 7.60 -50.64
N ASP A 836 -27.26 8.42 -50.70
CA ASP A 836 -27.87 8.90 -49.47
C ASP A 836 -28.40 7.74 -48.63
N TYR A 837 -28.92 6.70 -49.29
CA TYR A 837 -29.38 5.52 -48.57
C TYR A 837 -28.24 4.88 -47.80
N ILE A 838 -27.09 4.73 -48.45
CA ILE A 838 -25.93 4.16 -47.76
C ILE A 838 -25.60 5.01 -46.53
N VAL A 839 -25.63 6.32 -46.68
CA VAL A 839 -25.28 7.20 -45.55
C VAL A 839 -26.25 7.01 -44.39
N PHE A 840 -27.54 6.91 -44.69
CA PHE A 840 -28.53 6.69 -43.63
C PHE A 840 -28.26 5.38 -42.89
N THR A 841 -27.93 4.32 -43.65
CA THR A 841 -27.62 3.05 -42.99
C THR A 841 -26.41 3.20 -42.07
N LEU A 842 -25.40 3.96 -42.50
CA LEU A 842 -24.26 4.20 -41.63
C LEU A 842 -24.68 4.88 -40.34
N ARG A 843 -25.58 5.86 -40.44
CA ARG A 843 -26.08 6.52 -39.23
C ARG A 843 -26.71 5.50 -38.28
N LEU A 844 -27.52 4.60 -38.83
CA LEU A 844 -28.17 3.59 -37.99
C LEU A 844 -27.13 2.70 -37.30
N ILE A 845 -26.09 2.31 -38.03
CA ILE A 845 -25.06 1.47 -37.45
C ILE A 845 -24.37 2.18 -36.30
N HIS A 846 -24.09 3.48 -36.47
CA HIS A 846 -23.49 4.26 -35.39
C HIS A 846 -24.38 4.23 -34.15
N ILE A 847 -25.68 4.37 -34.36
CA ILE A 847 -26.61 4.34 -33.24
C ILE A 847 -26.50 3.01 -32.50
N PHE A 848 -26.52 1.90 -33.22
CA PHE A 848 -26.44 0.58 -32.60
C PHE A 848 -25.14 0.38 -31.83
N THR A 849 -24.04 0.82 -32.42
CA THR A 849 -22.74 0.65 -31.79
C THR A 849 -22.69 1.33 -30.44
N VAL A 850 -23.03 2.60 -30.41
CA VAL A 850 -22.96 3.37 -29.17
C VAL A 850 -24.02 2.89 -28.19
N SER A 851 -25.19 2.51 -28.68
CA SER A 851 -26.22 2.01 -27.78
C SER A 851 -25.74 0.77 -27.03
N ARG A 852 -25.09 -0.15 -27.74
CA ARG A 852 -24.65 -1.37 -27.08
C ARG A 852 -23.46 -1.15 -26.15
N ASN A 853 -22.50 -0.30 -26.53
CA ASN A 853 -21.26 -0.23 -25.77
C ASN A 853 -21.32 0.70 -24.57
N LEU A 854 -22.44 1.39 -24.34
CA LEU A 854 -22.53 2.31 -23.20
C LEU A 854 -22.32 1.54 -21.88
N GLY A 855 -21.40 2.07 -21.06
CA GLY A 855 -20.90 1.39 -19.89
C GLY A 855 -19.47 1.82 -19.61
N PRO A 856 -18.57 0.86 -19.36
CA PRO A 856 -17.16 1.19 -19.13
C PRO A 856 -16.27 1.19 -20.38
N LYS A 857 -16.86 1.05 -21.56
CA LYS A 857 -16.11 1.04 -22.82
C LYS A 857 -16.28 2.32 -23.63
N ILE A 858 -16.99 3.32 -23.10
CA ILE A 858 -17.40 4.44 -23.95
C ILE A 858 -16.24 5.40 -24.17
N ILE A 859 -15.38 5.58 -23.16
CA ILE A 859 -14.17 6.40 -23.33
C ILE A 859 -13.27 5.77 -24.40
N MET A 860 -13.07 4.45 -24.32
CA MET A 860 -12.28 3.75 -25.33
C MET A 860 -12.86 3.95 -26.71
N LEU A 861 -14.18 3.86 -26.83
CA LEU A 861 -14.81 3.97 -28.14
C LEU A 861 -14.71 5.39 -28.68
N GLN A 862 -14.79 6.39 -27.80
CA GLN A 862 -14.78 7.77 -28.29
C GLN A 862 -13.39 8.21 -28.73
N ARG A 863 -12.34 7.79 -28.02
CA ARG A 863 -10.99 8.20 -28.44
C ARG A 863 -10.60 7.55 -29.77
N MET A 864 -10.97 6.29 -29.96
CA MET A 864 -10.49 5.53 -31.11
C MET A 864 -11.07 6.04 -32.42
N MET A 865 -12.32 6.51 -32.42
CA MET A 865 -12.87 7.07 -33.65
C MET A 865 -12.02 8.24 -34.12
N ILE A 866 -11.62 9.12 -33.21
CA ILE A 866 -10.79 10.26 -33.56
C ILE A 866 -9.45 9.79 -34.11
N ASP A 867 -8.83 8.82 -33.41
CA ASP A 867 -7.52 8.36 -33.87
C ASP A 867 -7.59 7.75 -35.27
N VAL A 868 -8.62 6.94 -35.52
CA VAL A 868 -8.76 6.31 -36.83
C VAL A 868 -9.05 7.36 -37.90
N PHE A 869 -9.80 8.40 -37.55
CA PHE A 869 -10.02 9.48 -38.50
C PHE A 869 -8.70 10.15 -38.89
N PHE A 870 -7.84 10.39 -37.91
CA PHE A 870 -6.54 10.99 -38.23
C PHE A 870 -5.72 10.07 -39.13
N PHE A 871 -5.74 8.77 -38.85
CA PHE A 871 -5.01 7.83 -39.70
C PHE A 871 -5.53 7.88 -41.13
N LEU A 872 -6.85 7.92 -41.30
CA LEU A 872 -7.41 8.00 -42.66
C LEU A 872 -6.99 9.29 -43.34
N PHE A 873 -6.92 10.39 -42.58
CA PHE A 873 -6.46 11.65 -43.15
C PHE A 873 -5.04 11.53 -43.68
N LEU A 874 -4.15 10.92 -42.90
CA LEU A 874 -2.78 10.74 -43.36
C LEU A 874 -2.74 9.85 -44.60
N PHE A 875 -3.57 8.80 -44.63
CA PHE A 875 -3.59 7.91 -45.78
C PHE A 875 -4.01 8.66 -47.05
N ALA A 876 -5.02 9.52 -46.95
CA ALA A 876 -5.44 10.32 -48.09
C ALA A 876 -4.32 11.23 -48.56
N VAL A 877 -3.66 11.90 -47.62
CA VAL A 877 -2.55 12.78 -47.97
C VAL A 877 -1.50 12.00 -48.76
N TRP A 878 -1.17 10.80 -48.30
CA TRP A 878 -0.17 10.00 -48.99
C TRP A 878 -0.66 9.60 -50.39
N MET A 879 -1.94 9.26 -50.50
CA MET A 879 -2.46 8.84 -51.80
C MET A 879 -2.34 9.94 -52.83
N VAL A 880 -2.54 11.19 -52.42
CA VAL A 880 -2.41 12.28 -53.40
C VAL A 880 -1.00 12.32 -53.99
N ALA A 881 0.02 12.21 -53.14
CA ALA A 881 1.39 12.23 -53.64
C ALA A 881 1.66 11.04 -54.53
N PHE A 882 1.20 9.85 -54.14
CA PHE A 882 1.39 8.68 -54.98
C PHE A 882 0.78 8.90 -56.35
N GLY A 883 -0.43 9.44 -56.40
CA GLY A 883 -1.08 9.66 -57.68
C GLY A 883 -0.35 10.68 -58.53
N VAL A 884 0.15 11.75 -57.92
CA VAL A 884 0.90 12.75 -58.68
C VAL A 884 2.15 12.11 -59.29
N ALA A 885 2.87 11.33 -58.49
CA ALA A 885 4.07 10.68 -59.01
C ALA A 885 3.74 9.77 -60.18
N ARG A 886 2.70 8.94 -60.03
CA ARG A 886 2.35 8.00 -61.08
C ARG A 886 1.94 8.72 -62.35
N GLN A 887 1.10 9.76 -62.22
CA GLN A 887 0.67 10.51 -63.40
C GLN A 887 1.85 11.17 -64.09
N GLY A 888 2.76 11.76 -63.32
CA GLY A 888 3.91 12.40 -63.92
C GLY A 888 4.79 11.41 -64.67
N ILE A 889 5.04 10.24 -64.08
CA ILE A 889 5.93 9.28 -64.72
C ILE A 889 5.30 8.74 -66.00
N LEU A 890 4.01 8.37 -65.96
CA LEU A 890 3.45 7.65 -67.09
C LEU A 890 3.13 8.57 -68.27
N ARG A 891 2.24 9.54 -68.08
CA ARG A 891 1.71 10.34 -69.17
C ARG A 891 2.49 11.65 -69.30
N LYS A 892 2.72 12.05 -70.55
CA LYS A 892 3.43 13.29 -70.86
C LYS A 892 2.69 14.19 -71.82
N ASN A 893 2.01 13.62 -72.82
CA ASN A 893 1.40 14.44 -73.87
C ASN A 893 0.29 15.33 -73.31
N GLU A 894 -0.52 14.76 -72.40
CA GLU A 894 -1.68 15.44 -71.82
C GLU A 894 -1.42 16.69 -70.98
N HIS A 895 -1.78 17.87 -71.49
CA HIS A 895 -1.62 19.11 -70.72
C HIS A 895 -2.95 19.75 -70.28
N ARG A 896 -4.08 19.14 -70.64
CA ARG A 896 -5.38 19.68 -70.27
C ARG A 896 -5.50 19.79 -68.76
N TRP A 897 -5.90 20.97 -68.29
CA TRP A 897 -6.10 21.16 -66.85
C TRP A 897 -7.19 20.24 -66.33
N GLU A 898 -8.22 19.99 -67.13
CA GLU A 898 -9.37 19.23 -66.66
C GLU A 898 -9.00 17.78 -66.37
N TRP A 899 -8.19 17.16 -67.24
CA TRP A 899 -7.86 15.75 -67.07
C TRP A 899 -6.93 15.52 -65.89
N ILE A 900 -6.09 16.51 -65.57
CA ILE A 900 -5.11 16.33 -64.50
C ILE A 900 -5.81 16.11 -63.17
N PHE A 901 -6.88 16.87 -62.91
CA PHE A 901 -7.61 16.69 -61.65
C PHE A 901 -8.13 15.28 -61.54
N ARG A 902 -8.86 14.81 -62.56
CA ARG A 902 -9.32 13.43 -62.59
C ARG A 902 -8.19 12.48 -62.24
N SER A 903 -7.12 12.55 -63.03
CA SER A 903 -6.02 11.61 -62.89
C SER A 903 -5.50 11.62 -61.45
N VAL A 904 -4.91 12.73 -61.03
CA VAL A 904 -4.20 12.74 -59.75
C VAL A 904 -5.15 12.39 -58.61
N ILE A 905 -6.40 12.83 -58.67
CA ILE A 905 -7.27 12.67 -57.51
C ILE A 905 -7.81 11.24 -57.42
N TYR A 906 -8.43 10.72 -58.49
CA TYR A 906 -9.07 9.41 -58.37
C TYR A 906 -8.65 8.45 -59.47
N GLU A 907 -7.37 8.44 -59.83
CA GLU A 907 -6.79 7.25 -60.43
C GLU A 907 -6.31 6.27 -59.36
N PRO A 908 -5.61 6.72 -58.31
CA PRO A 908 -5.04 5.75 -57.37
C PRO A 908 -6.08 4.89 -56.67
N TYR A 909 -7.21 5.50 -56.27
CA TYR A 909 -8.26 4.71 -55.63
C TYR A 909 -8.81 3.66 -56.60
N LEU A 910 -8.93 4.01 -57.89
CA LEU A 910 -9.31 3.02 -58.89
C LEU A 910 -8.27 1.91 -58.97
N ALA A 911 -6.98 2.27 -58.89
CA ALA A 911 -5.93 1.27 -58.93
C ALA A 911 -6.05 0.29 -57.77
N MET A 912 -6.36 0.80 -56.58
CA MET A 912 -6.58 -0.08 -55.44
C MET A 912 -7.81 -0.96 -55.67
N PHE A 913 -8.97 -0.33 -55.80
CA PHE A 913 -10.22 -1.03 -56.12
C PHE A 913 -10.91 -0.25 -57.25
N GLY A 914 -10.86 -0.80 -58.45
CA GLY A 914 -11.49 -0.16 -59.59
C GLY A 914 -11.31 -1.00 -60.83
N GLN A 915 -12.07 -0.63 -61.87
CA GLN A 915 -11.98 -1.34 -63.13
C GLN A 915 -10.72 -0.95 -63.90
N TYR A 916 -10.29 0.30 -63.77
CA TYR A 916 -9.09 0.76 -64.46
C TYR A 916 -7.84 0.18 -63.84
N PRO A 950 3.60 1.96 -60.43
CA PRO A 950 4.08 2.62 -61.65
C PRO A 950 5.44 2.12 -62.11
N ARG A 951 5.47 1.07 -62.93
CA ARG A 951 6.71 0.49 -63.44
C ARG A 951 6.70 0.54 -64.96
N PHE A 952 7.06 1.70 -65.50
CA PHE A 952 7.58 1.77 -66.85
C PHE A 952 9.08 1.50 -66.83
N PRO A 953 9.84 2.15 -65.93
CA PRO A 953 11.30 2.00 -65.95
C PRO A 953 11.79 0.81 -65.13
N GLU A 954 12.68 0.01 -65.72
CA GLU A 954 13.25 -1.14 -65.02
C GLU A 954 14.42 -0.78 -64.13
N TRP A 955 15.01 0.41 -64.29
CA TRP A 955 16.30 0.70 -63.68
C TRP A 955 16.17 1.25 -62.25
N ILE A 956 15.03 1.85 -61.90
CA ILE A 956 14.88 2.48 -60.59
C ILE A 956 13.90 1.69 -59.72
N THR A 957 13.81 0.38 -59.96
CA THR A 957 12.87 -0.44 -59.20
C THR A 957 13.24 -0.50 -57.72
N ILE A 958 14.53 -0.69 -57.42
CA ILE A 958 14.93 -0.90 -56.03
C ILE A 958 14.67 0.33 -55.17
N PRO A 959 15.02 1.55 -55.58
CA PRO A 959 14.65 2.72 -54.77
C PRO A 959 13.15 2.84 -54.56
N LEU A 960 12.36 2.47 -55.56
CA LEU A 960 10.90 2.47 -55.40
C LEU A 960 10.47 1.48 -54.31
N VAL A 961 11.10 0.30 -54.29
CA VAL A 961 10.81 -0.67 -53.25
C VAL A 961 11.13 -0.09 -51.88
N CYS A 962 12.28 0.56 -51.75
CA CYS A 962 12.66 1.15 -50.46
C CYS A 962 11.67 2.23 -50.04
N ILE A 963 11.22 3.05 -50.98
CA ILE A 963 10.23 4.07 -50.69
C ILE A 963 8.94 3.43 -50.19
N TYR A 964 8.50 2.36 -50.85
CA TYR A 964 7.33 1.62 -50.38
C TYR A 964 7.52 1.16 -48.94
N MET A 965 8.72 0.65 -48.63
CA MET A 965 8.98 0.18 -47.27
C MET A 965 8.84 1.31 -46.25
N LEU A 966 9.40 2.48 -46.59
CA LEU A 966 9.31 3.62 -45.67
C LEU A 966 7.87 4.03 -45.43
N SER A 967 7.09 4.15 -46.51
CA SER A 967 5.69 4.53 -46.36
C SER A 967 4.94 3.51 -45.51
N THR A 968 5.20 2.23 -45.75
CA THR A 968 4.60 1.18 -44.93
C THR A 968 4.94 1.39 -43.46
N ASN A 969 6.21 1.68 -43.17
CA ASN A 969 6.62 1.87 -41.78
C ASN A 969 5.79 2.98 -41.13
N ILE A 970 5.73 4.14 -41.77
CA ILE A 970 5.05 5.28 -41.15
C ILE A 970 3.58 4.96 -40.94
N LEU A 971 2.91 4.44 -41.98
CA LEU A 971 1.47 4.26 -41.88
C LEU A 971 1.11 3.17 -40.87
N LEU A 972 1.89 2.08 -40.84
CA LEU A 972 1.64 1.03 -39.86
C LEU A 972 1.84 1.56 -38.45
N VAL A 973 2.89 2.37 -38.23
CA VAL A 973 3.08 2.98 -36.92
C VAL A 973 1.86 3.80 -36.53
N ASN A 974 1.36 4.63 -37.45
CA ASN A 974 0.22 5.48 -37.12
C ASN A 974 -1.02 4.65 -36.78
N LEU A 975 -1.27 3.59 -37.55
CA LEU A 975 -2.42 2.73 -37.25
C LEU A 975 -2.29 2.09 -35.88
N LEU A 976 -1.11 1.57 -35.54
CA LEU A 976 -0.98 0.91 -34.25
C LEU A 976 -1.10 1.90 -33.11
N VAL A 977 -0.62 3.14 -33.31
CA VAL A 977 -0.82 4.17 -32.30
C VAL A 977 -2.30 4.46 -32.13
N ALA A 978 -3.04 4.52 -33.24
CA ALA A 978 -4.48 4.69 -33.14
C ALA A 978 -5.10 3.56 -32.32
N MET A 979 -4.61 2.34 -32.53
CA MET A 979 -5.13 1.20 -31.79
C MET A 979 -4.90 1.35 -30.29
N PHE A 980 -3.67 1.70 -29.90
CA PHE A 980 -3.26 1.59 -28.50
C PHE A 980 -3.22 2.94 -27.77
N GLY A 981 -3.76 4.01 -28.36
CA GLY A 981 -3.67 5.31 -27.72
C GLY A 981 -4.43 5.41 -26.42
N TYR A 982 -5.59 4.76 -26.34
CA TYR A 982 -6.51 5.01 -25.22
C TYR A 982 -5.95 4.61 -23.87
N THR A 983 -4.88 3.82 -23.82
CA THR A 983 -4.41 3.26 -22.56
C THR A 983 -3.48 4.19 -21.79
N VAL A 984 -2.72 5.04 -22.47
CA VAL A 984 -1.62 5.73 -21.81
C VAL A 984 -2.16 6.78 -20.83
N GLY A 985 -3.14 7.56 -21.25
CA GLY A 985 -3.57 8.70 -20.45
C GLY A 985 -4.25 8.30 -19.15
N SER A 986 -5.06 7.24 -19.19
CA SER A 986 -5.94 6.93 -18.08
C SER A 986 -5.17 6.35 -16.90
N VAL A 987 -5.84 6.31 -15.76
CA VAL A 987 -5.33 5.72 -14.53
C VAL A 987 -6.29 4.63 -14.09
N GLN A 988 -5.75 3.47 -13.72
CA GLN A 988 -6.58 2.31 -13.41
C GLN A 988 -7.41 2.52 -12.14
N GLU A 989 -6.87 3.24 -11.15
CA GLU A 989 -7.54 3.34 -9.86
C GLU A 989 -8.91 3.99 -10.00
N ASN A 990 -8.99 5.13 -10.70
CA ASN A 990 -10.21 5.93 -10.79
C ASN A 990 -10.86 5.84 -12.16
N ASN A 991 -10.76 4.68 -12.82
CA ASN A 991 -11.30 4.55 -14.17
C ASN A 991 -12.82 4.63 -14.20
N ASP A 992 -13.49 4.26 -13.10
CA ASP A 992 -14.95 4.13 -13.11
C ASP A 992 -15.64 5.49 -13.25
N GLN A 993 -15.13 6.48 -12.52
CA GLN A 993 -15.78 7.79 -12.48
C GLN A 993 -15.87 8.40 -13.87
N VAL A 994 -14.84 8.19 -14.69
CA VAL A 994 -14.77 8.86 -15.99
C VAL A 994 -15.92 8.40 -16.87
N TRP A 995 -16.10 7.09 -16.99
CA TRP A 995 -17.18 6.59 -17.84
C TRP A 995 -18.54 6.85 -17.22
N LYS A 996 -18.64 6.86 -15.89
CA LYS A 996 -19.92 7.22 -15.30
C LYS A 996 -20.31 8.65 -15.67
N PHE A 997 -19.36 9.57 -15.60
CA PHE A 997 -19.62 10.96 -16.01
C PHE A 997 -20.02 11.02 -17.48
N GLN A 998 -19.29 10.33 -18.35
CA GLN A 998 -19.59 10.39 -19.78
C GLN A 998 -21.00 9.87 -20.05
N ARG A 999 -21.37 8.76 -19.41
CA ARG A 999 -22.72 8.21 -19.59
C ARG A 999 -23.78 9.19 -19.10
N PHE A 1000 -23.56 9.80 -17.94
CA PHE A 1000 -24.50 10.80 -17.46
C PHE A 1000 -24.71 11.89 -18.51
N PHE A 1001 -23.61 12.36 -19.10
CA PHE A 1001 -23.71 13.44 -20.09
C PHE A 1001 -24.55 13.01 -21.28
N LEU A 1002 -24.24 11.84 -21.85
CA LEU A 1002 -24.96 11.41 -23.05
C LEU A 1002 -26.44 11.16 -22.74
N VAL A 1003 -26.73 10.53 -21.62
CA VAL A 1003 -28.12 10.27 -21.26
C VAL A 1003 -28.87 11.57 -21.09
N GLN A 1004 -28.25 12.54 -20.42
CA GLN A 1004 -28.89 13.83 -20.21
C GLN A 1004 -29.24 14.45 -21.56
N GLU A 1005 -28.29 14.42 -22.49
CA GLU A 1005 -28.57 14.96 -23.82
C GLU A 1005 -29.78 14.28 -24.44
N TYR A 1006 -29.78 12.95 -24.45
CA TYR A 1006 -30.89 12.22 -25.08
C TYR A 1006 -32.21 12.52 -24.38
N CYS A 1007 -32.21 12.57 -23.05
CA CYS A 1007 -33.44 12.84 -22.32
C CYS A 1007 -33.97 14.22 -22.67
N SER A 1008 -33.08 15.21 -22.80
CA SER A 1008 -33.52 16.54 -23.20
C SER A 1008 -34.13 16.50 -24.60
N ARG A 1009 -33.50 15.77 -25.53
CA ARG A 1009 -33.99 15.76 -26.91
C ARG A 1009 -35.37 15.13 -27.01
N LEU A 1010 -35.54 13.92 -26.49
CA LEU A 1010 -36.73 13.14 -26.80
C LEU A 1010 -37.97 13.76 -26.18
N THR A 1011 -39.02 13.93 -26.99
CA THR A 1011 -40.29 14.47 -26.54
C THR A 1011 -41.43 13.50 -26.73
N ILE A 1012 -41.62 12.99 -27.95
CA ILE A 1012 -42.73 12.09 -28.26
C ILE A 1012 -42.30 11.15 -29.38
N PRO A 1013 -43.12 10.17 -29.76
CA PRO A 1013 -42.73 9.29 -30.88
C PRO A 1013 -42.49 10.08 -32.15
N PHE A 1014 -41.53 9.60 -32.94
CA PHE A 1014 -41.08 10.34 -34.12
C PHE A 1014 -42.18 10.71 -35.09
N PRO A 1015 -43.05 9.80 -35.53
CA PRO A 1015 -43.95 10.12 -36.66
C PRO A 1015 -44.85 11.31 -36.41
N PHE A 1016 -45.29 11.54 -35.17
CA PHE A 1016 -46.19 12.64 -34.84
C PHE A 1016 -45.45 13.91 -34.45
N VAL A 1017 -44.12 13.87 -34.39
CA VAL A 1017 -43.34 14.98 -33.82
C VAL A 1017 -43.79 16.31 -34.40
N ILE A 1018 -44.02 16.36 -35.71
CA ILE A 1018 -44.24 17.65 -36.36
C ILE A 1018 -45.37 18.39 -35.66
N PHE A 1019 -46.44 17.69 -35.31
CA PHE A 1019 -47.57 18.34 -34.65
C PHE A 1019 -47.08 19.20 -33.50
N ALA A 1020 -46.37 18.58 -32.54
CA ALA A 1020 -45.86 19.34 -31.41
C ALA A 1020 -45.09 20.56 -31.89
N TYR A 1021 -44.15 20.36 -32.82
CA TYR A 1021 -43.38 21.49 -33.33
C TYR A 1021 -44.31 22.60 -33.80
N ILE A 1022 -45.26 22.26 -34.66
CA ILE A 1022 -46.19 23.28 -35.13
C ILE A 1022 -46.88 23.93 -33.94
N PHE A 1023 -47.43 23.11 -33.05
CA PHE A 1023 -48.05 23.63 -31.85
C PHE A 1023 -47.09 24.57 -31.13
N MET A 1024 -45.85 24.12 -30.93
CA MET A 1024 -44.88 24.93 -30.21
C MET A 1024 -44.74 26.30 -30.86
N VAL A 1025 -44.59 26.32 -32.19
CA VAL A 1025 -44.37 27.60 -32.85
C VAL A 1025 -45.60 28.49 -32.71
N MET A 1026 -46.79 27.90 -32.64
CA MET A 1026 -47.99 28.69 -32.37
C MET A 1026 -47.93 29.30 -30.98
N ARG A 1027 -47.44 28.53 -30.00
CA ARG A 1027 -47.36 29.03 -28.63
C ARG A 1027 -46.38 30.18 -28.52
N LYS A 1028 -45.21 30.05 -29.14
CA LYS A 1028 -44.19 31.08 -29.07
C LYS A 1028 -44.04 31.81 -30.41
N PRO A 1041 -40.17 36.61 -12.45
CA PRO A 1041 -39.64 37.41 -11.34
C PRO A 1041 -39.80 36.72 -9.99
N SER A 1042 -39.02 35.68 -9.76
CA SER A 1042 -39.06 34.89 -8.54
C SER A 1042 -37.75 35.09 -7.77
N VAL A 1043 -37.87 35.36 -6.47
CA VAL A 1043 -36.69 35.57 -5.63
C VAL A 1043 -36.11 34.22 -5.24
N CYS A 1044 -34.80 34.21 -4.95
CA CYS A 1044 -34.12 32.96 -4.61
C CYS A 1044 -34.72 32.31 -3.36
N CYS A 1045 -34.94 33.10 -2.31
CA CYS A 1045 -35.20 32.55 -0.99
C CYS A 1045 -36.39 33.20 -0.30
N SER A 1046 -37.13 34.07 -0.98
CA SER A 1046 -38.26 34.74 -0.35
C SER A 1046 -39.35 33.75 0.05
N ARG A 1047 -39.62 32.76 -0.81
CA ARG A 1047 -40.73 31.86 -0.58
C ARG A 1047 -40.46 30.93 0.60
N ASN A 1048 -41.53 30.59 1.31
CA ASN A 1048 -41.44 29.80 2.53
C ASN A 1048 -41.09 28.34 2.24
N GLU A 1049 -41.79 27.74 1.27
CA GLU A 1049 -41.50 26.35 0.91
C GLU A 1049 -40.06 26.20 0.46
N ASP A 1050 -39.49 27.26 -0.11
CA ASP A 1050 -38.06 27.26 -0.42
C ASP A 1050 -37.22 27.32 0.85
N ASN A 1051 -37.71 28.04 1.87
CA ASN A 1051 -36.97 28.16 3.12
C ASN A 1051 -36.84 26.82 3.83
N GLU A 1052 -37.90 26.00 3.77
CA GLU A 1052 -37.87 24.73 4.50
C GLU A 1052 -36.73 23.84 4.03
N ILE A 1053 -36.50 23.78 2.72
CA ILE A 1053 -35.47 22.90 2.17
C ILE A 1053 -34.10 23.32 2.70
N LEU A 1054 -33.82 24.61 2.69
CA LEU A 1054 -32.53 25.11 3.16
C LEU A 1054 -32.36 24.84 4.66
N ALA A 1055 -33.43 24.97 5.43
CA ALA A 1055 -33.34 24.66 6.86
C ALA A 1055 -32.95 23.20 7.06
N TRP A 1056 -33.60 22.30 6.32
CA TRP A 1056 -33.27 20.88 6.43
C TRP A 1056 -31.82 20.64 6.05
N GLU A 1057 -31.36 21.29 4.99
CA GLU A 1057 -29.96 21.14 4.57
C GLU A 1057 -29.00 21.60 5.65
N ALA A 1058 -29.33 22.70 6.34
CA ALA A 1058 -28.45 23.19 7.39
C ALA A 1058 -28.34 22.19 8.54
N VAL A 1059 -29.48 21.61 8.94
CA VAL A 1059 -29.44 20.57 9.96
C VAL A 1059 -28.55 19.40 9.52
N MET A 1060 -28.70 18.99 8.27
CA MET A 1060 -27.87 17.91 7.74
C MET A 1060 -26.39 18.27 7.82
N LYS A 1061 -26.05 19.50 7.47
CA LYS A 1061 -24.66 19.95 7.57
C LYS A 1061 -24.16 19.87 8.99
N GLU A 1062 -24.98 20.24 9.97
CA GLU A 1062 -24.53 20.17 11.35
C GLU A 1062 -24.17 18.73 11.70
N ASN A 1063 -25.00 17.78 11.29
CA ASN A 1063 -24.65 16.38 11.53
C ASN A 1063 -23.32 16.01 10.85
N TYR A 1064 -23.14 16.43 9.60
CA TYR A 1064 -21.91 16.11 8.88
C TYR A 1064 -20.69 16.68 9.59
N LEU A 1065 -20.78 17.93 10.05
CA LEU A 1065 -19.66 18.55 10.75
C LEU A 1065 -19.32 17.80 12.02
N VAL A 1066 -20.34 17.41 12.79
CA VAL A 1066 -20.07 16.63 13.99
C VAL A 1066 -19.33 15.36 13.62
N LYS A 1067 -19.75 14.68 12.55
CA LYS A 1067 -19.09 13.44 12.18
C LYS A 1067 -17.63 13.67 11.79
N ILE A 1068 -17.35 14.70 11.00
CA ILE A 1068 -15.99 14.91 10.53
C ILE A 1068 -15.08 15.33 11.68
N ASN A 1069 -15.60 16.12 12.62
CA ASN A 1069 -14.74 16.68 13.66
C ASN A 1069 -14.06 15.61 14.48
N THR A 1070 -14.79 14.56 14.86
CA THR A 1070 -14.23 13.56 15.76
C THR A 1070 -13.04 12.85 15.14
N LYS A 1071 -13.15 12.48 13.87
CA LYS A 1071 -12.07 11.78 13.17
C LYS A 1071 -10.91 12.75 12.88
N GLU A 1078 -3.60 11.12 22.10
CA GLU A 1078 -4.44 10.55 23.15
C GLU A 1078 -3.57 9.91 24.24
N MET A 1079 -2.64 9.05 23.82
CA MET A 1079 -1.77 8.38 24.78
C MET A 1079 -0.85 9.38 25.48
N VAL A 1080 -0.29 10.33 24.73
CA VAL A 1080 0.62 11.30 25.32
C VAL A 1080 -0.11 12.15 26.35
N HIS A 1081 -1.38 12.48 26.09
CA HIS A 1081 -2.16 13.24 27.06
C HIS A 1081 -2.33 12.45 28.35
N ARG A 1082 -2.61 11.15 28.25
CA ARG A 1082 -2.72 10.33 29.44
C ARG A 1082 -1.41 10.28 30.21
N PHE A 1083 -0.29 10.09 29.49
CA PHE A 1083 1.00 10.06 30.14
C PHE A 1083 1.30 11.37 30.86
N ARG A 1084 1.05 12.49 30.19
CA ARG A 1084 1.32 13.79 30.79
C ARG A 1084 0.45 14.05 32.01
N GLN A 1085 -0.85 13.71 31.92
CA GLN A 1085 -1.74 13.90 33.06
C GLN A 1085 -1.29 13.05 34.24
N LEU A 1086 -0.91 11.80 33.97
CA LEU A 1086 -0.44 10.94 35.06
C LEU A 1086 0.81 11.53 35.71
N ASP A 1087 1.75 12.02 34.91
CA ASP A 1087 2.97 12.59 35.46
C ASP A 1087 2.67 13.81 36.31
N ALA A 1088 1.81 14.70 35.81
CA ALA A 1088 1.48 15.91 36.56
C ALA A 1088 0.78 15.57 37.87
N LYS A 1089 -0.18 14.63 37.83
CA LYS A 1089 -0.88 14.24 39.05
C LYS A 1089 0.08 13.62 40.05
N LEU A 1090 1.00 12.78 39.59
CA LEU A 1090 1.97 12.18 40.49
C LEU A 1090 2.87 13.25 41.12
N SER A 1091 3.30 14.23 40.34
CA SER A 1091 4.13 15.29 40.88
C SER A 1091 3.37 16.09 41.94
N ASP A 1092 2.10 16.42 41.66
CA ASP A 1092 1.30 17.16 42.64
C ASP A 1092 1.11 16.35 43.91
N LEU A 1093 0.82 15.06 43.79
CA LEU A 1093 0.66 14.22 44.96
C LEU A 1093 1.95 14.13 45.76
N LYS A 1094 3.08 14.01 45.08
CA LYS A 1094 4.37 13.98 45.78
C LYS A 1094 4.63 15.28 46.52
N GLY A 1095 4.30 16.42 45.90
CA GLY A 1095 4.46 17.69 46.58
C GLY A 1095 3.57 17.79 47.81
N LEU A 1096 2.32 17.34 47.70
CA LEU A 1096 1.43 17.37 48.85
C LEU A 1096 1.95 16.46 49.97
N LEU A 1097 2.47 15.28 49.60
CA LEU A 1097 3.01 14.38 50.61
C LEU A 1097 4.24 14.99 51.28
N LYS A 1098 5.09 15.67 50.50
CA LYS A 1098 6.25 16.33 51.08
C LYS A 1098 5.82 17.44 52.04
N GLU A 1099 4.79 18.21 51.68
CA GLU A 1099 4.28 19.23 52.59
C GLU A 1099 3.75 18.62 53.87
N ILE A 1100 3.02 17.50 53.76
CA ILE A 1100 2.49 16.83 54.93
C ILE A 1100 3.63 16.34 55.82
N SER A 1101 4.67 15.75 55.22
CA SER A 1101 5.81 15.28 55.99
C SER A 1101 6.51 16.43 56.69
N SER A 1102 6.68 17.55 56.00
CA SER A 1102 7.29 18.72 56.63
C SER A 1102 6.45 19.20 57.80
N LYS A 1103 5.12 19.18 57.66
CA LYS A 1103 4.24 19.53 58.77
C LYS A 1103 4.45 18.58 59.94
N ILE A 1104 4.59 17.29 59.65
CA ILE A 1104 4.81 16.31 60.72
C ILE A 1104 6.13 16.59 61.43
N LYS A 1105 7.18 16.86 60.67
CA LYS A 1105 8.49 17.16 61.25
C LYS A 1105 8.64 18.66 61.52
N ASP B 42 -65.60 25.05 22.86
CA ASP B 42 -66.58 24.53 23.81
C ASP B 42 -65.95 24.37 25.20
N LEU B 43 -65.15 23.32 25.35
CA LEU B 43 -64.51 23.06 26.64
C LEU B 43 -63.58 24.20 27.04
N ALA B 44 -62.83 24.74 26.09
CA ALA B 44 -61.95 25.88 26.37
C ALA B 44 -62.73 27.07 26.93
N ASN B 45 -63.77 27.49 26.21
CA ASN B 45 -64.61 28.57 26.69
C ASN B 45 -65.18 28.25 28.06
N PHE B 46 -65.46 26.98 28.33
CA PHE B 46 -65.89 26.58 29.66
C PHE B 46 -64.79 26.82 30.69
N ILE B 47 -63.56 26.47 30.36
CA ILE B 47 -62.46 26.59 31.32
C ILE B 47 -62.25 28.05 31.69
N GLN B 48 -62.39 28.95 30.71
CA GLN B 48 -62.13 30.36 31.02
C GLN B 48 -62.99 30.82 32.18
N GLU B 49 -64.26 30.38 32.22
CA GLU B 49 -65.14 30.78 33.31
C GLU B 49 -64.62 30.31 34.66
N ASN B 50 -64.17 29.04 34.71
CA ASN B 50 -63.63 28.51 35.97
C ASN B 50 -62.40 29.31 36.41
N PHE B 51 -61.52 29.66 35.47
CA PHE B 51 -60.32 30.39 35.84
C PHE B 51 -60.64 31.85 36.17
N LYS B 52 -61.55 32.46 35.42
CA LYS B 52 -61.91 33.86 35.65
C LYS B 52 -60.69 34.77 35.50
N ALA B 104 -59.79 33.34 25.77
CA ALA B 104 -58.73 33.88 26.61
C ALA B 104 -57.41 33.15 26.38
N PHE B 105 -57.51 31.87 25.97
CA PHE B 105 -56.36 31.01 25.76
C PHE B 105 -56.50 30.33 24.40
N GLY B 106 -55.99 30.99 23.37
CA GLY B 106 -56.00 30.45 22.02
C GLY B 106 -54.67 29.87 21.63
N ASP B 107 -54.32 30.01 20.36
CA ASP B 107 -53.04 29.57 19.83
C ASP B 107 -52.41 30.70 19.03
N ILE B 108 -51.08 30.76 19.07
CA ILE B 108 -50.33 31.82 18.41
C ILE B 108 -49.56 31.20 17.24
N GLN B 109 -49.69 31.80 16.07
CA GLN B 109 -49.00 31.34 14.87
C GLN B 109 -48.50 32.55 14.09
N PHE B 110 -47.27 32.46 13.60
CA PHE B 110 -46.66 33.56 12.87
C PHE B 110 -45.47 33.08 12.05
N GLY B 117 -48.36 27.13 18.67
CA GLY B 117 -48.94 26.16 19.58
C GLY B 117 -50.06 26.74 20.42
N LYS B 118 -50.51 25.97 21.41
CA LYS B 118 -51.60 26.37 22.29
C LYS B 118 -51.03 26.73 23.65
N TYR B 119 -51.47 27.87 24.19
CA TYR B 119 -51.06 28.32 25.51
C TYR B 119 -52.29 28.64 26.34
N ILE B 120 -52.15 28.50 27.66
CA ILE B 120 -53.25 28.74 28.58
C ILE B 120 -52.77 29.67 29.69
N ARG B 121 -53.70 30.46 30.23
CA ARG B 121 -53.41 31.42 31.28
C ARG B 121 -54.10 30.98 32.57
N LEU B 122 -53.32 30.86 33.65
CA LEU B 122 -53.83 30.48 34.95
C LEU B 122 -53.15 31.35 36.00
N SER B 123 -53.93 31.82 36.98
CA SER B 123 -53.42 32.80 37.93
C SER B 123 -52.46 32.18 38.93
N CYS B 124 -52.97 31.25 39.77
CA CYS B 124 -52.15 30.58 40.77
C CYS B 124 -53.04 29.62 41.54
N ASP B 125 -52.40 28.76 42.33
CA ASP B 125 -53.09 27.83 43.22
C ASP B 125 -53.96 26.83 42.48
N THR B 126 -53.79 26.72 41.16
CA THR B 126 -54.55 25.75 40.39
C THR B 126 -54.16 24.34 40.80
N ASP B 127 -55.15 23.45 40.85
CA ASP B 127 -54.89 22.07 41.22
C ASP B 127 -53.97 21.41 40.21
N SER B 128 -52.86 20.84 40.70
CA SER B 128 -51.94 20.15 39.81
C SER B 128 -52.60 18.95 39.15
N GLU B 129 -53.40 18.21 39.92
CA GLU B 129 -54.11 17.07 39.35
C GLU B 129 -55.05 17.53 38.24
N THR B 130 -55.75 18.64 38.45
CA THR B 130 -56.64 19.16 37.40
C THR B 130 -55.86 19.59 36.18
N LEU B 131 -54.68 20.19 36.38
CA LEU B 131 -53.87 20.63 35.26
C LEU B 131 -53.41 19.45 34.41
N TYR B 132 -52.86 18.43 35.05
CA TYR B 132 -52.43 17.24 34.32
C TYR B 132 -53.61 16.54 33.67
N ASP B 133 -54.75 16.48 34.36
CA ASP B 133 -55.93 15.84 33.80
C ASP B 133 -56.43 16.59 32.57
N LEU B 134 -56.41 17.92 32.62
CA LEU B 134 -56.83 18.72 31.47
C LEU B 134 -55.88 18.53 30.30
N MET B 135 -54.57 18.52 30.56
CA MET B 135 -53.62 18.33 29.47
C MET B 135 -53.80 16.97 28.81
N THR B 136 -54.05 15.93 29.61
CA THR B 136 -54.29 14.61 29.03
C THR B 136 -55.63 14.55 28.31
N GLN B 137 -56.67 15.13 28.91
CA GLN B 137 -58.01 15.08 28.34
C GLN B 137 -58.06 15.75 26.98
N HIS B 138 -57.56 16.99 26.90
CA HIS B 138 -57.68 17.76 25.66
C HIS B 138 -56.84 17.14 24.56
N TRP B 139 -55.59 16.79 24.85
CA TRP B 139 -54.65 16.34 23.84
C TRP B 139 -53.51 15.58 24.52
N HIS B 140 -52.43 15.33 23.78
CA HIS B 140 -51.21 14.73 24.31
C HIS B 140 -51.42 13.31 24.80
N LEU B 141 -50.40 12.72 25.42
CA LEU B 141 -50.44 11.32 25.83
C LEU B 141 -49.53 11.14 27.06
N LYS B 142 -49.45 9.90 27.54
CA LYS B 142 -48.73 9.59 28.77
C LYS B 142 -47.22 9.76 28.59
N THR B 143 -46.51 9.93 29.71
CA THR B 143 -45.09 10.30 29.70
C THR B 143 -44.22 9.15 30.16
N PRO B 144 -43.56 8.44 29.26
CA PRO B 144 -42.58 7.42 29.69
C PRO B 144 -41.46 7.99 30.54
N ASN B 145 -41.02 9.20 30.24
CA ASN B 145 -39.95 9.84 31.00
C ASN B 145 -39.94 11.32 30.69
N LEU B 146 -39.84 12.15 31.73
CA LEU B 146 -39.84 13.60 31.56
C LEU B 146 -38.62 14.21 32.23
N VAL B 147 -37.96 15.14 31.53
CA VAL B 147 -36.78 15.83 32.04
C VAL B 147 -37.17 17.22 32.51
N ILE B 148 -36.42 17.75 33.47
CA ILE B 148 -36.56 19.12 33.94
C ILE B 148 -35.17 19.73 33.99
N SER B 149 -35.07 20.98 33.58
CA SER B 149 -33.81 21.71 33.59
C SER B 149 -34.04 23.12 34.11
N VAL B 150 -33.08 23.60 34.89
CA VAL B 150 -33.11 24.95 35.42
C VAL B 150 -31.82 25.64 34.98
N THR B 151 -31.95 26.87 34.50
CA THR B 151 -30.78 27.64 34.07
C THR B 151 -30.35 28.62 35.16
N LYS B 155 -29.79 36.02 33.33
CA LYS B 155 -29.38 34.62 33.37
C LYS B 155 -28.73 34.21 32.05
N ASN B 156 -28.14 35.18 31.36
CA ASN B 156 -27.49 34.90 30.09
C ASN B 156 -26.25 34.04 30.30
N PHE B 157 -26.01 33.14 29.34
CA PHE B 157 -24.85 32.26 29.39
C PHE B 157 -24.37 32.02 27.96
N ALA B 158 -23.06 31.91 27.80
CA ALA B 158 -22.45 31.70 26.49
C ALA B 158 -22.20 30.21 26.27
N LEU B 159 -22.72 29.69 25.16
CA LEU B 159 -22.55 28.28 24.86
C LEU B 159 -21.08 27.96 24.57
N LYS B 160 -20.68 26.77 24.98
CA LYS B 160 -19.34 26.26 24.76
C LYS B 160 -19.35 25.26 23.61
N PRO B 161 -18.17 24.93 23.06
CA PRO B 161 -18.14 23.99 21.94
C PRO B 161 -18.74 22.63 22.26
N ARG B 162 -18.65 22.16 23.51
CA ARG B 162 -19.17 20.85 23.86
C ARG B 162 -20.59 20.91 24.40
N MET B 163 -20.92 21.94 25.19
CA MET B 163 -22.25 22.01 25.80
C MET B 163 -23.35 21.82 24.78
N ARG B 164 -23.16 22.38 23.58
CA ARG B 164 -24.14 22.19 22.52
C ARG B 164 -24.31 20.71 22.19
N LYS B 165 -23.20 19.98 22.10
CA LYS B 165 -23.27 18.54 21.87
C LYS B 165 -24.04 17.84 22.97
N ILE B 166 -23.75 18.20 24.22
CA ILE B 166 -24.40 17.54 25.36
C ILE B 166 -25.91 17.72 25.28
N PHE B 167 -26.35 18.96 25.08
CA PHE B 167 -27.78 19.23 25.08
C PHE B 167 -28.47 18.68 23.83
N SER B 168 -27.79 18.71 22.69
CA SER B 168 -28.37 18.09 21.49
C SER B 168 -28.57 16.60 21.72
N ARG B 169 -27.60 15.94 22.34
CA ARG B 169 -27.77 14.52 22.67
C ARG B 169 -28.92 14.31 23.64
N LEU B 170 -29.04 15.19 24.63
CA LEU B 170 -30.15 15.08 25.58
C LEU B 170 -31.50 15.14 24.86
N ILE B 171 -31.64 16.11 23.94
CA ILE B 171 -32.90 16.25 23.23
C ILE B 171 -33.13 15.06 22.31
N TYR B 172 -32.06 14.53 21.71
CA TYR B 172 -32.22 13.35 20.87
C TYR B 172 -32.73 12.16 21.67
N ILE B 173 -32.21 11.99 22.89
CA ILE B 173 -32.69 10.89 23.74
C ILE B 173 -34.15 11.12 24.12
N ALA B 174 -34.50 12.35 24.49
CA ALA B 174 -35.89 12.65 24.80
C ALA B 174 -36.79 12.32 23.62
N GLN B 175 -36.33 12.62 22.40
CA GLN B 175 -37.07 12.22 21.21
C GLN B 175 -37.20 10.72 21.11
N SER B 176 -36.11 9.99 21.36
CA SER B 176 -36.12 8.55 21.19
C SER B 176 -37.11 7.88 22.13
N LYS B 177 -37.12 8.30 23.40
CA LYS B 177 -37.96 7.65 24.39
C LYS B 177 -39.37 8.20 24.45
N GLY B 178 -39.56 9.48 24.14
CA GLY B 178 -40.85 10.12 24.30
C GLY B 178 -40.91 10.81 25.65
N ALA B 179 -40.83 12.14 25.66
CA ALA B 179 -40.59 12.84 26.92
C ALA B 179 -41.15 14.25 26.87
N TRP B 180 -41.32 14.80 28.07
CA TRP B 180 -41.60 16.22 28.26
C TRP B 180 -40.36 16.88 28.85
N ILE B 181 -40.01 18.03 28.30
CA ILE B 181 -38.96 18.86 28.86
C ILE B 181 -39.63 20.05 29.54
N PHE B 182 -39.00 20.56 30.59
CA PHE B 182 -39.50 21.70 31.33
C PHE B 182 -38.44 22.80 31.35
N THR B 183 -38.85 24.02 31.01
CA THR B 183 -37.96 25.17 30.99
C THR B 183 -38.70 26.37 31.55
N GLY B 184 -37.93 27.34 32.05
CA GLY B 184 -38.52 28.51 32.67
C GLY B 184 -38.48 29.74 31.79
N GLY B 185 -39.64 30.16 31.29
CA GLY B 185 -39.67 31.32 30.43
C GLY B 185 -38.97 31.06 29.10
N THR B 186 -38.62 32.17 28.44
CA THR B 186 -37.93 32.08 27.16
C THR B 186 -36.83 33.12 27.03
N HIS B 187 -36.33 33.65 28.16
CA HIS B 187 -35.18 34.53 28.12
C HIS B 187 -34.05 33.87 27.33
N TYR B 188 -33.62 34.53 26.26
CA TYR B 188 -32.72 33.88 25.31
C TYR B 188 -31.38 33.56 25.96
N GLY B 189 -30.78 32.48 25.49
CA GLY B 189 -29.58 31.93 26.10
C GLY B 189 -29.53 30.43 25.92
N LEU B 190 -29.39 29.69 27.01
CA LEU B 190 -29.38 28.24 26.93
C LEU B 190 -30.75 27.69 26.51
N MET B 191 -31.82 28.22 27.12
CA MET B 191 -33.17 27.73 26.81
C MET B 191 -33.54 28.01 25.35
N LYS B 192 -33.14 29.17 24.84
CA LYS B 192 -33.38 29.45 23.42
C LYS B 192 -32.66 28.43 22.54
N TYR B 193 -31.45 28.03 22.94
CA TYR B 193 -30.73 27.01 22.19
C TYR B 193 -31.47 25.68 22.23
N ILE B 194 -32.06 25.34 23.38
CA ILE B 194 -32.87 24.13 23.48
C ILE B 194 -34.04 24.19 22.50
N GLY B 195 -34.71 25.34 22.45
CA GLY B 195 -35.81 25.48 21.52
C GLY B 195 -35.36 25.31 20.07
N GLU B 196 -34.21 25.89 19.73
CA GLU B 196 -33.68 25.74 18.39
C GLU B 196 -33.39 24.28 18.07
N VAL B 197 -32.83 23.55 19.03
CA VAL B 197 -32.54 22.13 18.82
C VAL B 197 -33.84 21.35 18.60
N VAL B 198 -34.87 21.67 19.38
CA VAL B 198 -36.17 21.02 19.20
C VAL B 198 -36.67 21.24 17.78
N ARG B 199 -36.67 22.50 17.34
CA ARG B 199 -37.20 22.83 16.02
C ARG B 199 -36.40 22.14 14.93
N ASP B 200 -35.08 22.07 15.10
CA ASP B 200 -34.26 21.36 14.13
C ASP B 200 -34.61 19.88 14.10
N ASN B 201 -34.80 19.27 15.28
CA ASN B 201 -35.05 17.83 15.35
C ASN B 201 -36.33 17.47 14.61
N THR B 202 -37.40 18.26 14.80
CA THR B 202 -38.68 17.85 14.21
C THR B 202 -38.56 17.74 12.70
N ILE B 203 -38.02 18.77 12.05
CA ILE B 203 -37.88 18.73 10.59
C ILE B 203 -36.85 17.70 10.17
N SER B 204 -35.82 17.48 11.01
CA SER B 204 -34.82 16.48 10.67
C SER B 204 -35.44 15.09 10.55
N ARG B 205 -36.34 14.77 11.48
CA ARG B 205 -36.88 13.41 11.55
C ARG B 205 -38.36 13.32 11.18
N SER B 206 -39.23 14.10 11.82
CA SER B 206 -40.68 13.98 11.64
C SER B 206 -41.06 12.52 11.92
N SER B 207 -41.79 11.84 11.05
CA SER B 207 -42.12 10.42 11.18
C SER B 207 -42.87 10.24 12.50
N GLU B 208 -42.51 9.26 13.34
CA GLU B 208 -43.30 8.91 14.51
C GLU B 208 -42.88 9.73 15.72
N GLU B 209 -43.88 10.13 16.52
CA GLU B 209 -43.65 10.75 17.82
C GLU B 209 -43.21 12.19 17.69
N ASN B 210 -43.13 12.89 18.82
CA ASN B 210 -42.69 14.27 18.86
C ASN B 210 -42.25 14.59 20.28
N VAL B 211 -41.54 15.71 20.42
CA VAL B 211 -41.06 16.19 21.71
C VAL B 211 -41.77 17.49 22.04
N VAL B 212 -41.96 17.72 23.34
CA VAL B 212 -42.65 18.90 23.84
C VAL B 212 -41.72 19.65 24.77
N ALA B 213 -41.66 20.99 24.66
CA ALA B 213 -40.83 21.77 25.55
C ALA B 213 -41.62 22.10 26.81
N ILE B 214 -42.88 22.48 26.64
CA ILE B 214 -43.76 22.77 27.78
C ILE B 214 -43.18 23.73 28.80
N GLY B 215 -42.70 24.88 28.35
CA GLY B 215 -42.11 25.87 29.25
C GLY B 215 -43.06 26.48 30.26
N ILE B 216 -42.54 26.93 31.40
CA ILE B 216 -43.41 27.56 32.40
C ILE B 216 -42.85 28.91 32.84
N ALA B 217 -43.71 29.95 32.96
CA ALA B 217 -43.27 31.27 33.38
C ALA B 217 -44.46 32.04 33.93
N ALA B 218 -44.26 33.33 34.16
CA ALA B 218 -45.23 34.20 34.81
C ALA B 218 -45.84 35.18 33.81
N TRP B 219 -47.02 35.68 34.17
CA TRP B 219 -47.69 36.67 33.33
C TRP B 219 -46.93 38.00 33.30
N GLY B 220 -46.43 38.43 34.46
CA GLY B 220 -45.92 39.79 34.56
C GLY B 220 -44.68 40.04 33.73
N MET B 221 -43.75 39.07 33.72
CA MET B 221 -42.46 39.31 33.08
C MET B 221 -42.59 39.56 31.59
N ILE B 222 -43.66 39.08 30.97
CA ILE B 222 -43.81 39.14 29.53
C ILE B 222 -44.43 40.47 29.12
N SER B 223 -44.15 40.89 27.89
CA SER B 223 -44.76 42.07 27.33
C SER B 223 -46.25 41.85 27.07
N ASN B 224 -46.97 42.95 26.85
CA ASN B 224 -48.40 42.87 26.62
C ASN B 224 -48.71 42.16 25.30
N ARG B 225 -49.82 41.43 25.29
CA ARG B 225 -50.28 40.73 24.10
C ARG B 225 -51.80 40.79 24.05
N GLU B 226 -52.34 40.67 22.84
CA GLU B 226 -53.77 40.71 22.66
C GLU B 226 -54.44 39.55 23.38
N THR B 227 -55.54 39.83 24.06
CA THR B 227 -56.30 38.84 24.80
C THR B 227 -57.56 38.47 24.05
N LEU B 228 -57.88 37.18 24.01
CA LEU B 228 -59.05 36.69 23.30
C LEU B 228 -60.32 37.34 23.83
N TYR B 238 -59.98 35.54 19.71
CA TYR B 238 -59.74 34.16 20.12
C TYR B 238 -58.28 33.77 19.86
N LEU B 239 -57.92 33.64 18.58
CA LEU B 239 -56.58 33.24 18.19
C LEU B 239 -55.74 34.48 17.86
N ALA B 240 -55.44 35.24 18.91
CA ALA B 240 -54.66 36.45 18.76
C ALA B 240 -53.24 36.14 18.30
N HIS B 241 -52.76 36.91 17.32
CA HIS B 241 -51.38 36.81 16.87
C HIS B 241 -50.45 37.49 17.88
N TYR B 242 -49.19 37.08 17.84
CA TYR B 242 -48.17 37.63 18.72
C TYR B 242 -46.96 38.07 17.91
N ILE B 243 -46.37 39.21 18.29
CA ILE B 243 -45.20 39.75 17.64
C ILE B 243 -44.17 40.06 18.72
N MET B 244 -42.93 39.62 18.51
CA MET B 244 -41.86 39.85 19.47
C MET B 244 -41.62 41.34 19.66
N TYR B 253 -39.98 39.15 29.75
CA TYR B 253 -39.59 40.33 28.98
C TYR B 253 -39.52 40.00 27.49
N CYS B 254 -39.32 38.74 27.18
CA CYS B 254 -39.25 38.28 25.79
C CYS B 254 -39.55 36.79 25.76
N LEU B 255 -39.93 36.31 24.57
CA LEU B 255 -40.34 34.93 24.40
C LEU B 255 -39.58 34.29 23.24
N ASP B 256 -39.63 32.97 23.19
CA ASP B 256 -38.99 32.18 22.14
C ASP B 256 -40.05 31.47 21.32
N ASN B 257 -39.83 31.41 20.01
CA ASN B 257 -40.82 30.83 19.12
C ASN B 257 -40.81 29.31 19.14
N ASN B 258 -39.68 28.71 19.53
CA ASN B 258 -39.52 27.27 19.38
C ASN B 258 -40.47 26.50 20.28
N HIS B 259 -40.61 26.93 21.54
CA HIS B 259 -41.37 26.17 22.50
C HIS B 259 -42.81 25.99 22.03
N THR B 260 -43.34 24.78 22.23
CA THR B 260 -44.66 24.44 21.72
C THR B 260 -45.75 25.12 22.54
N HIS B 261 -45.75 24.88 23.84
CA HIS B 261 -46.74 25.47 24.75
C HIS B 261 -46.02 26.05 25.95
N LEU B 262 -46.51 27.19 26.45
CA LEU B 262 -46.08 27.72 27.74
C LEU B 262 -47.30 27.99 28.60
N LEU B 263 -47.35 27.38 29.78
CA LEU B 263 -48.40 27.65 30.73
C LEU B 263 -48.06 28.89 31.56
N LEU B 264 -49.07 29.74 31.76
CA LEU B 264 -48.88 31.05 32.36
C LEU B 264 -49.33 31.04 33.83
N VAL B 265 -48.60 31.79 34.65
CA VAL B 265 -48.70 31.72 36.10
C VAL B 265 -48.56 33.12 36.67
N ASP B 266 -48.45 33.19 37.99
CA ASP B 266 -48.11 34.42 38.71
C ASP B 266 -49.30 35.35 38.92
N ASN B 267 -50.50 34.93 38.54
CA ASN B 267 -51.74 35.63 38.90
C ASN B 267 -51.61 37.10 38.50
N GLY B 268 -51.87 38.05 39.39
CA GLY B 268 -51.83 39.45 39.05
C GLY B 268 -50.60 40.16 39.57
N THR B 269 -49.65 40.44 38.68
CA THR B 269 -48.43 41.15 39.03
C THR B 269 -47.95 41.95 37.83
N HIS B 270 -47.13 42.96 38.10
CA HIS B 270 -46.54 43.77 37.04
C HIS B 270 -45.02 43.81 37.18
N GLY B 271 -44.53 43.79 38.41
CA GLY B 271 -43.10 43.85 38.66
C GLY B 271 -42.57 42.72 39.51
N HIS B 272 -43.45 41.82 39.93
CA HIS B 272 -43.03 40.70 40.76
C HIS B 272 -42.11 39.77 39.98
N PRO B 273 -40.87 39.56 40.41
CA PRO B 273 -39.97 38.65 39.66
C PRO B 273 -39.97 37.23 40.20
N THR B 274 -39.91 36.28 39.27
CA THR B 274 -39.77 34.85 39.60
C THR B 274 -40.92 34.35 40.47
N ILE B 275 -42.12 34.91 40.27
CA ILE B 275 -43.26 34.49 41.08
C ILE B 275 -43.67 33.06 40.74
N GLU B 276 -43.70 32.71 39.45
CA GLU B 276 -44.10 31.38 39.04
C GLU B 276 -43.12 30.29 39.49
N ALA B 277 -41.87 30.67 39.77
CA ALA B 277 -40.83 29.68 40.03
C ALA B 277 -41.23 28.71 41.14
N LYS B 278 -42.07 29.16 42.07
CA LYS B 278 -42.59 28.26 43.10
C LYS B 278 -43.47 27.20 42.48
N VAL B 279 -44.61 27.60 41.89
CA VAL B 279 -45.63 26.62 41.54
C VAL B 279 -45.09 25.62 40.55
N ARG B 280 -44.16 26.03 39.69
CA ARG B 280 -43.59 25.08 38.74
C ARG B 280 -43.03 23.87 39.47
N THR B 281 -42.22 24.10 40.50
CA THR B 281 -41.66 22.97 41.25
C THR B 281 -42.78 22.09 41.79
N GLN B 282 -43.87 22.71 42.26
CA GLN B 282 -45.00 21.94 42.77
C GLN B 282 -45.46 20.92 41.75
N LEU B 283 -45.69 21.35 40.51
CA LEU B 283 -46.15 20.40 39.49
C LEU B 283 -45.09 19.34 39.26
N GLU B 284 -43.81 19.72 39.27
CA GLU B 284 -42.74 18.75 39.09
C GLU B 284 -42.84 17.62 40.11
N LYS B 285 -43.36 17.91 41.31
CA LYS B 285 -43.49 16.87 42.32
C LYS B 285 -44.69 15.97 42.05
N TYR B 286 -45.77 16.52 41.48
CA TYR B 286 -47.03 15.79 41.45
C TYR B 286 -46.96 14.56 40.55
N ILE B 287 -46.40 14.72 39.35
CA ILE B 287 -46.51 13.66 38.34
C ILE B 287 -45.89 12.37 38.84
N SER B 288 -44.78 12.46 39.58
CA SER B 288 -44.16 11.26 40.12
C SER B 288 -45.14 10.45 40.95
N GLU B 289 -45.95 11.12 41.77
CA GLU B 289 -46.86 10.41 42.66
C GLU B 289 -47.87 9.59 41.89
N ARG B 290 -48.31 10.09 40.74
CA ARG B 290 -49.31 9.38 39.94
C ARG B 290 -48.81 8.00 39.58
N VAL B 291 -49.71 7.02 39.65
CA VAL B 291 -49.39 5.62 39.44
C VAL B 291 -50.05 5.15 38.16
N ILE B 292 -49.29 4.45 37.32
CA ILE B 292 -49.80 3.87 36.08
C ILE B 292 -49.38 2.41 36.06
N PRO B 293 -50.32 1.45 35.98
CA PRO B 293 -49.92 0.04 36.02
C PRO B 293 -49.06 -0.35 34.83
N GLU B 294 -48.13 -1.27 35.07
CA GLU B 294 -47.27 -1.81 34.02
C GLU B 294 -46.54 -0.70 33.27
N SER B 295 -45.96 0.22 34.03
CA SER B 295 -45.24 1.35 33.46
C SER B 295 -43.77 1.04 33.16
N ASN B 296 -43.30 -0.15 33.47
CA ASN B 296 -41.91 -0.60 33.35
C ASN B 296 -41.04 -0.01 34.46
N TYR B 297 -41.60 0.85 35.32
CA TYR B 297 -40.88 1.39 36.48
C TYR B 297 -41.65 1.08 37.76
N GLY B 298 -42.47 0.04 37.74
CA GLY B 298 -43.29 -0.29 38.89
C GLY B 298 -44.29 0.79 39.25
N GLY B 299 -44.83 1.50 38.26
CA GLY B 299 -45.86 2.48 38.49
C GLY B 299 -45.38 3.90 38.75
N LYS B 300 -44.07 4.11 38.87
CA LYS B 300 -43.53 5.44 39.18
C LYS B 300 -42.82 5.98 37.94
N ILE B 301 -43.40 7.02 37.35
CA ILE B 301 -42.79 7.65 36.17
C ILE B 301 -41.47 8.29 36.57
N PRO B 302 -40.41 8.15 35.79
CA PRO B 302 -39.12 8.72 36.18
C PRO B 302 -39.08 10.23 36.00
N ILE B 303 -38.20 10.89 36.77
CA ILE B 303 -38.04 12.35 36.75
C ILE B 303 -36.57 12.74 37.03
N VAL B 304 -35.94 13.53 36.16
CA VAL B 304 -34.53 13.88 36.34
C VAL B 304 -34.23 15.38 36.18
N CYS B 305 -33.43 15.98 37.07
CA CYS B 305 -33.06 17.40 36.93
C CYS B 305 -31.66 17.61 36.36
N PHE B 306 -31.51 18.56 35.43
CA PHE B 306 -30.23 18.83 34.82
C PHE B 306 -29.88 20.26 35.16
N ALA B 307 -28.68 20.51 35.69
CA ALA B 307 -28.27 21.86 36.02
C ALA B 307 -27.36 22.37 34.91
N GLN B 308 -27.48 23.65 34.54
CA GLN B 308 -26.66 24.21 33.48
C GLN B 308 -25.17 23.99 33.74
N GLY B 311 -28.06 30.77 37.78
CA GLY B 311 -27.22 29.98 38.67
C GLY B 311 -27.81 29.82 40.05
N LYS B 312 -28.06 30.97 40.71
CA LYS B 312 -28.64 30.94 42.05
C LYS B 312 -30.02 30.29 42.05
N GLU B 313 -30.84 30.61 41.05
CA GLU B 313 -32.17 30.01 40.95
C GLU B 313 -32.07 28.50 40.83
N THR B 314 -31.12 28.01 40.03
CA THR B 314 -30.89 26.57 39.94
C THR B 314 -30.50 26.00 41.29
N LEU B 315 -29.69 26.75 42.07
CA LEU B 315 -29.31 26.29 43.40
C LEU B 315 -30.54 26.05 44.27
N LYS B 316 -31.44 27.04 44.33
CA LYS B 316 -32.64 26.86 45.15
C LYS B 316 -33.51 25.71 44.63
N SER B 317 -33.68 25.63 43.31
CA SER B 317 -34.49 24.56 42.75
C SER B 317 -33.88 23.20 43.02
N ILE B 318 -32.56 23.12 43.18
CA ILE B 318 -31.93 21.86 43.54
C ILE B 318 -32.37 21.43 44.94
N ASN B 319 -32.39 22.37 45.89
CA ASN B 319 -32.85 22.05 47.22
C ASN B 319 -34.31 21.58 47.17
N VAL B 320 -35.14 22.27 46.39
CA VAL B 320 -36.54 21.82 46.27
C VAL B 320 -36.59 20.41 45.69
N ALA B 321 -35.80 20.15 44.64
CA ALA B 321 -35.79 18.84 44.01
C ALA B 321 -35.43 17.75 45.02
N ILE B 322 -34.34 17.97 45.78
CA ILE B 322 -33.91 16.96 46.73
C ILE B 322 -34.98 16.74 47.79
N LYS B 323 -35.57 17.84 48.30
CA LYS B 323 -36.65 17.69 49.26
C LYS B 323 -37.83 16.92 48.69
N SER B 324 -38.00 16.92 47.37
CA SER B 324 -39.02 16.12 46.72
C SER B 324 -38.54 14.72 46.36
N LYS B 325 -37.30 14.37 46.70
CA LYS B 325 -36.76 13.03 46.44
C LYS B 325 -36.64 12.77 44.94
N ILE B 326 -36.07 13.74 44.24
CA ILE B 326 -35.86 13.67 42.79
C ILE B 326 -34.36 13.68 42.53
N PRO B 327 -33.81 12.68 41.84
CA PRO B 327 -32.39 12.72 41.50
C PRO B 327 -32.09 13.80 40.48
N CYS B 328 -30.91 14.41 40.64
CA CYS B 328 -30.47 15.49 39.77
C CYS B 328 -29.12 15.15 39.16
N VAL B 329 -28.83 15.80 38.04
CA VAL B 329 -27.58 15.63 37.32
C VAL B 329 -26.93 16.99 37.18
N VAL B 330 -25.61 17.04 37.29
CA VAL B 330 -24.87 18.29 37.22
C VAL B 330 -23.66 18.09 36.32
N VAL B 331 -23.45 19.03 35.41
CA VAL B 331 -22.30 18.95 34.51
C VAL B 331 -21.02 18.89 35.33
N GLU B 332 -20.02 18.19 34.79
CA GLU B 332 -18.71 18.11 35.42
C GLU B 332 -18.00 19.46 35.32
N GLY B 335 -19.30 27.34 35.70
CA GLY B 335 -18.94 28.61 36.31
C GLY B 335 -19.94 29.08 37.33
N ARG B 336 -20.91 28.24 37.68
CA ARG B 336 -21.95 28.60 38.64
C ARG B 336 -22.01 27.58 39.75
N ILE B 337 -23.09 27.62 40.52
CA ILE B 337 -23.34 26.73 41.64
C ILE B 337 -23.05 25.29 41.25
N ALA B 338 -23.44 24.92 40.03
CA ALA B 338 -23.16 23.57 39.53
C ALA B 338 -21.67 23.29 39.55
N ASP B 339 -20.86 24.27 39.14
CA ASP B 339 -19.42 24.09 39.16
C ASP B 339 -18.90 23.94 40.59
N VAL B 340 -19.51 24.66 41.54
CA VAL B 340 -19.12 24.52 42.94
C VAL B 340 -19.46 23.12 43.44
N ILE B 341 -20.63 22.60 43.07
CA ILE B 341 -21.02 21.25 43.45
C ILE B 341 -20.00 20.26 42.91
N ALA B 342 -19.59 20.44 41.65
CA ALA B 342 -18.58 19.56 41.07
C ALA B 342 -17.26 19.66 41.83
N SER B 343 -16.88 20.88 42.22
CA SER B 343 -15.63 21.07 42.95
C SER B 343 -15.68 20.36 44.29
N LEU B 344 -16.84 20.36 44.95
CA LEU B 344 -16.97 19.69 46.22
C LEU B 344 -16.57 18.23 46.13
N VAL B 345 -16.92 17.57 45.03
CA VAL B 345 -16.63 16.15 44.85
C VAL B 345 -15.12 15.92 44.97
N SER B 353 -19.05 27.16 56.37
CA SER B 353 -17.71 26.95 56.91
C SER B 353 -16.65 27.30 55.87
N SER B 354 -15.39 26.98 56.18
CA SER B 354 -14.30 27.32 55.27
C SER B 354 -14.44 26.59 53.94
N CYS B 355 -14.93 25.35 53.96
CA CYS B 355 -15.11 24.60 52.72
C CYS B 355 -16.05 25.34 51.77
N VAL B 356 -17.23 25.71 52.28
CA VAL B 356 -18.22 26.39 51.46
C VAL B 356 -17.66 27.69 50.92
N LYS B 357 -17.03 28.48 51.78
CA LYS B 357 -16.52 29.78 51.37
C LYS B 357 -15.40 29.64 50.34
N GLU B 358 -14.53 28.64 50.52
CA GLU B 358 -13.45 28.42 49.57
C GLU B 358 -14.00 28.07 48.20
N SER B 359 -14.92 27.10 48.14
CA SER B 359 -15.48 26.73 46.85
C SER B 359 -16.23 27.91 46.23
N LEU B 360 -16.97 28.67 47.04
CA LEU B 360 -17.74 29.79 46.53
C LEU B 360 -16.83 30.86 45.94
N LEU B 361 -15.74 31.19 46.64
CA LEU B 361 -14.81 32.20 46.13
C LEU B 361 -14.15 31.71 44.85
N ARG B 362 -13.76 30.43 44.80
CA ARG B 362 -13.12 29.90 43.61
C ARG B 362 -14.07 29.93 42.40
N PHE B 363 -15.34 29.58 42.61
CA PHE B 363 -16.25 29.41 41.48
C PHE B 363 -16.51 30.73 40.77
N LEU B 364 -16.88 31.78 41.51
CA LEU B 364 -17.28 33.04 40.90
C LEU B 364 -16.78 34.22 41.71
N PRO B 365 -15.80 34.97 41.22
CA PRO B 365 -15.34 36.15 42.00
C PRO B 365 -16.40 37.23 42.14
N ARG B 366 -17.06 37.61 41.04
CA ARG B 366 -17.97 38.75 41.08
C ARG B 366 -19.28 38.41 41.79
N THR B 367 -19.79 37.18 41.60
CA THR B 367 -21.10 36.84 42.12
C THR B 367 -21.14 36.94 43.64
N ILE B 368 -20.10 36.43 44.31
CA ILE B 368 -20.10 36.41 45.78
C ILE B 368 -20.08 37.83 46.33
N SER B 369 -19.39 38.75 45.66
CA SER B 369 -19.26 40.10 46.20
C SER B 369 -20.62 40.78 46.32
N ARG B 370 -21.49 40.60 45.32
CA ARG B 370 -22.81 41.22 45.38
C ARG B 370 -23.60 40.70 46.57
N LEU B 371 -23.55 39.40 46.81
CA LEU B 371 -24.26 38.81 47.94
C LEU B 371 -23.68 39.34 49.26
N SER B 372 -24.57 39.59 50.22
CA SER B 372 -24.15 40.07 51.53
C SER B 372 -23.53 38.92 52.33
N GLU B 373 -22.90 39.28 53.45
CA GLU B 373 -22.25 38.27 54.29
C GLU B 373 -23.23 37.23 54.78
N GLU B 374 -24.41 37.66 55.26
CA GLU B 374 -25.40 36.72 55.77
C GLU B 374 -25.99 35.86 54.65
N GLU B 375 -26.12 36.44 53.45
CA GLU B 375 -26.55 35.63 52.32
C GLU B 375 -25.59 34.49 52.08
N THR B 376 -24.32 34.66 52.43
CA THR B 376 -23.37 33.55 52.35
C THR B 376 -23.69 32.47 53.38
N GLU B 377 -24.16 32.85 54.56
CA GLU B 377 -24.62 31.85 55.51
C GLU B 377 -25.83 31.09 54.95
N SER B 378 -26.75 31.80 54.31
CA SER B 378 -27.88 31.13 53.68
C SER B 378 -27.39 30.18 52.60
N TRP B 379 -26.38 30.59 51.83
CA TRP B 379 -25.78 29.71 50.83
C TRP B 379 -25.16 28.48 51.48
N ILE B 380 -24.49 28.65 52.62
CA ILE B 380 -23.94 27.52 53.34
C ILE B 380 -25.05 26.53 53.66
N LYS B 381 -26.17 27.04 54.19
CA LYS B 381 -27.28 26.15 54.55
C LYS B 381 -27.80 25.41 53.33
N TRP B 382 -27.97 26.11 52.21
CA TRP B 382 -28.50 25.47 51.00
C TRP B 382 -27.54 24.42 50.46
N ILE B 383 -26.24 24.70 50.49
CA ILE B 383 -25.26 23.72 50.01
C ILE B 383 -25.24 22.51 50.93
N LYS B 384 -25.38 22.72 52.24
CA LYS B 384 -25.48 21.59 53.15
C LYS B 384 -26.70 20.74 52.83
N GLU B 385 -27.83 21.39 52.55
CA GLU B 385 -29.01 20.63 52.16
C GLU B 385 -28.76 19.84 50.89
N VAL B 386 -28.09 20.45 49.91
CA VAL B 386 -27.84 19.77 48.63
C VAL B 386 -26.97 18.54 48.85
N LEU B 387 -25.92 18.67 49.66
CA LEU B 387 -25.00 17.55 49.91
C LEU B 387 -25.51 16.58 50.96
N GLU B 388 -26.64 16.88 51.61
CA GLU B 388 -27.11 16.03 52.71
C GLU B 388 -27.20 14.56 52.28
N SER B 389 -27.85 14.30 51.15
CA SER B 389 -28.05 12.94 50.67
C SER B 389 -27.24 12.70 49.40
N PRO B 390 -26.24 11.80 49.42
CA PRO B 390 -25.40 11.61 48.23
C PRO B 390 -26.04 10.73 47.16
N HIS B 391 -26.87 9.76 47.58
CA HIS B 391 -27.35 8.76 46.64
C HIS B 391 -28.18 9.37 45.53
N LEU B 392 -29.10 10.29 45.87
CA LEU B 392 -29.99 10.84 44.84
C LEU B 392 -29.22 11.64 43.81
N LEU B 393 -28.27 12.46 44.25
CA LEU B 393 -27.54 13.30 43.32
C LEU B 393 -26.58 12.47 42.46
N THR B 394 -26.28 12.98 41.28
CA THR B 394 -25.35 12.34 40.35
C THR B 394 -24.57 13.41 39.60
N VAL B 395 -23.38 13.05 39.14
CA VAL B 395 -22.45 13.98 38.52
C VAL B 395 -21.89 13.38 37.24
N ILE B 396 -21.75 14.22 36.21
CA ILE B 396 -21.14 13.84 34.94
C ILE B 396 -19.63 14.04 35.04
N LYS B 397 -18.89 13.33 34.19
CA LYS B 397 -17.44 13.46 34.12
C LYS B 397 -17.04 13.87 32.70
N ILE B 398 -16.00 14.68 32.61
CA ILE B 398 -15.51 15.15 31.31
C ILE B 398 -14.83 14.01 30.58
N ASP B 403 -19.55 10.30 23.94
CA ASP B 403 -20.73 10.58 23.13
C ASP B 403 -22.00 10.16 23.86
N GLU B 404 -21.91 9.07 24.62
CA GLU B 404 -23.04 8.54 25.37
C GLU B 404 -22.97 8.88 26.85
N ILE B 405 -22.12 9.84 27.23
CA ILE B 405 -21.96 10.17 28.65
C ILE B 405 -23.28 10.67 29.23
N VAL B 406 -24.03 11.45 28.45
CA VAL B 406 -25.30 11.98 28.93
C VAL B 406 -26.28 10.85 29.23
N SER B 407 -26.43 9.93 28.28
CA SER B 407 -27.36 8.81 28.47
C SER B 407 -26.94 7.97 29.67
N ASN B 408 -25.64 7.71 29.78
CA ASN B 408 -25.15 6.91 30.91
C ASN B 408 -25.42 7.61 32.23
N ALA B 409 -25.21 8.92 32.29
CA ALA B 409 -25.45 9.66 33.53
C ALA B 409 -26.93 9.63 33.91
N ILE B 410 -27.80 9.84 32.93
CA ILE B 410 -29.23 9.84 33.19
C ILE B 410 -29.67 8.50 33.73
N SER B 411 -29.25 7.44 33.04
CA SER B 411 -29.62 6.09 33.45
C SER B 411 -29.08 5.78 34.83
N PHE B 412 -27.84 6.19 35.09
CA PHE B 412 -27.23 5.95 36.38
C PHE B 412 -28.01 6.67 37.47
N ALA B 413 -28.42 7.90 37.20
CA ALA B 413 -29.18 8.67 38.18
C ALA B 413 -30.44 7.91 38.54
N LEU B 414 -31.20 7.55 37.52
CA LEU B 414 -32.44 6.78 37.72
C LEU B 414 -32.18 5.50 38.51
N TYR B 415 -31.09 4.81 38.17
CA TYR B 415 -30.79 3.51 38.79
C TYR B 415 -30.54 3.66 40.28
N LYS B 416 -29.86 4.73 40.69
CA LYS B 416 -29.58 4.91 42.10
C LYS B 416 -30.86 5.06 42.90
N ALA B 417 -31.81 5.84 42.39
CA ALA B 417 -33.09 5.97 43.08
C ALA B 417 -33.80 4.63 43.16
N PHE B 418 -33.76 3.88 42.06
CA PHE B 418 -34.46 2.60 42.05
C PHE B 418 -33.82 1.63 43.03
N SER B 419 -32.52 1.78 43.27
CA SER B 419 -31.80 0.90 44.17
C SER B 419 -31.94 1.28 45.66
N THR B 420 -32.09 2.57 45.96
CA THR B 420 -32.20 2.97 47.36
C THR B 420 -33.37 2.29 48.06
N ASN B 421 -34.52 2.18 47.39
CA ASN B 421 -35.72 1.71 48.07
C ASN B 421 -35.53 0.32 48.65
N GLU B 422 -34.79 -0.54 47.96
CA GLU B 422 -34.55 -1.95 48.29
C GLU B 422 -35.76 -2.82 47.96
N HIS B 423 -36.90 -2.24 47.55
CA HIS B 423 -38.01 -3.06 47.06
C HIS B 423 -37.69 -3.63 45.69
N ASP B 424 -36.90 -2.92 44.88
CA ASP B 424 -36.46 -3.47 43.61
C ASP B 424 -35.41 -4.55 43.79
N ARG B 425 -34.71 -4.54 44.94
CA ARG B 425 -33.66 -5.53 45.18
C ARG B 425 -34.21 -6.95 45.09
N ASP B 426 -35.27 -7.23 45.85
CA ASP B 426 -35.87 -8.57 45.80
C ASP B 426 -36.49 -8.84 44.42
N ASN B 427 -37.14 -7.84 43.84
CA ASN B 427 -37.73 -7.95 42.51
C ASN B 427 -36.67 -7.58 41.47
N TRP B 428 -35.70 -8.48 41.32
CA TRP B 428 -34.61 -8.26 40.36
C TRP B 428 -35.13 -8.13 38.94
N ASN B 429 -36.32 -8.64 38.65
CA ASN B 429 -36.86 -8.58 37.29
C ASN B 429 -37.12 -7.15 36.84
N GLY B 430 -37.78 -6.35 37.68
CA GLY B 430 -38.00 -4.94 37.33
C GLY B 430 -36.71 -4.16 37.26
N GLN B 431 -35.81 -4.40 38.21
CA GLN B 431 -34.50 -3.78 38.19
C GLN B 431 -33.78 -4.10 36.89
N LEU B 432 -34.00 -5.30 36.36
CA LEU B 432 -33.41 -5.66 35.08
C LEU B 432 -34.13 -4.98 33.92
N LYS B 433 -35.45 -4.85 34.00
CA LYS B 433 -36.19 -4.21 32.92
C LYS B 433 -35.72 -2.77 32.73
N LEU B 434 -35.56 -2.03 33.83
CA LEU B 434 -35.11 -0.65 33.70
C LEU B 434 -33.77 -0.59 32.97
N LEU B 435 -32.80 -1.39 33.41
CA LEU B 435 -31.50 -1.38 32.77
C LEU B 435 -31.56 -1.91 31.34
N LEU B 436 -32.59 -2.68 31.00
CA LEU B 436 -32.76 -3.10 29.61
C LEU B 436 -33.24 -1.96 28.74
N GLU B 437 -34.08 -1.08 29.28
CA GLU B 437 -34.54 0.06 28.48
C GLU B 437 -33.37 0.83 27.89
N TRP B 438 -32.57 1.45 28.75
CA TRP B 438 -31.29 2.03 28.31
C TRP B 438 -30.29 0.92 28.00
N ASN B 439 -29.56 1.08 26.90
CA ASN B 439 -28.66 0.04 26.42
C ASN B 439 -27.36 0.09 27.23
N GLN B 440 -27.42 -0.49 28.43
CA GLN B 440 -26.29 -0.55 29.35
C GLN B 440 -26.05 -2.00 29.73
N LEU B 441 -24.88 -2.54 29.34
CA LEU B 441 -24.52 -3.93 29.58
C LEU B 441 -23.55 -4.11 30.74
N ASP B 442 -22.46 -3.36 30.73
CA ASP B 442 -21.38 -3.60 31.69
C ASP B 442 -21.90 -3.52 33.13
N LEU B 443 -22.70 -2.50 33.42
CA LEU B 443 -23.27 -2.32 34.75
C LEU B 443 -24.25 -3.44 35.09
N ALA B 444 -25.10 -3.80 34.12
CA ALA B 444 -26.13 -4.79 34.36
C ALA B 444 -25.54 -6.14 34.69
N SER B 445 -24.53 -6.57 33.91
CA SER B 445 -23.89 -7.84 34.19
C SER B 445 -23.55 -7.93 35.67
N ASP B 446 -22.75 -6.96 36.13
CA ASP B 446 -22.33 -6.97 37.53
C ASP B 446 -23.53 -7.02 38.47
N GLU B 447 -24.48 -6.10 38.35
CA GLU B 447 -25.45 -5.98 39.45
C GLU B 447 -26.48 -7.11 39.44
N ILE B 448 -27.03 -7.45 38.27
CA ILE B 448 -28.14 -8.41 38.23
C ILE B 448 -27.70 -9.84 37.92
N PHE B 449 -26.45 -10.07 37.53
CA PHE B 449 -26.01 -11.40 37.11
C PHE B 449 -24.82 -11.88 37.93
N THR B 450 -24.93 -11.82 39.25
CA THR B 450 -23.96 -12.45 40.14
C THR B 450 -24.45 -13.82 40.59
N ASN B 451 -23.58 -14.54 41.29
CA ASN B 451 -23.81 -15.95 41.57
C ASN B 451 -24.86 -16.15 42.65
N ASP B 452 -25.01 -15.20 43.57
CA ASP B 452 -25.86 -15.42 44.74
C ASP B 452 -27.30 -15.73 44.33
N ARG B 453 -27.86 -14.94 43.42
CA ARG B 453 -29.21 -15.15 42.94
C ARG B 453 -29.21 -16.10 41.75
N ASN B 454 -30.39 -16.65 41.46
CA ASN B 454 -30.55 -17.65 40.41
C ASN B 454 -31.69 -17.26 39.48
N TRP B 455 -31.68 -17.83 38.29
CA TRP B 455 -32.68 -17.52 37.28
C TRP B 455 -32.83 -18.71 36.34
N GLU B 456 -33.97 -18.79 35.68
CA GLU B 456 -34.23 -19.86 34.74
C GLU B 456 -34.83 -19.28 33.47
N SER B 457 -34.94 -20.08 32.43
CA SER B 457 -35.48 -19.62 31.15
C SER B 457 -36.92 -19.14 31.31
N ALA B 458 -37.71 -19.86 32.09
CA ALA B 458 -39.09 -19.43 32.36
C ALA B 458 -39.13 -18.02 32.90
N ASP B 459 -38.11 -17.62 33.66
CA ASP B 459 -38.06 -16.26 34.19
C ASP B 459 -37.70 -15.25 33.11
N LEU B 460 -36.85 -15.64 32.16
CA LEU B 460 -36.25 -14.69 31.22
C LEU B 460 -36.95 -14.65 29.87
N GLN B 461 -38.02 -15.42 29.65
CA GLN B 461 -38.65 -15.45 28.33
C GLN B 461 -39.14 -14.07 27.90
N ASP B 462 -39.88 -13.37 28.76
CA ASP B 462 -40.46 -12.08 28.38
C ASP B 462 -39.38 -11.04 28.11
N VAL B 463 -38.38 -10.99 28.99
CA VAL B 463 -37.26 -10.08 28.79
C VAL B 463 -36.58 -10.38 27.47
N MET B 464 -36.44 -11.67 27.13
CA MET B 464 -35.82 -12.04 25.87
C MET B 464 -36.64 -11.55 24.69
N PHE B 465 -37.96 -11.65 24.79
CA PHE B 465 -38.81 -11.22 23.69
C PHE B 465 -38.57 -9.76 23.36
N THR B 466 -38.63 -8.90 24.36
CA THR B 466 -38.39 -7.49 24.13
C THR B 466 -36.96 -7.25 23.68
N ALA B 467 -36.01 -7.98 24.25
CA ALA B 467 -34.61 -7.84 23.89
C ALA B 467 -34.46 -8.02 22.39
N LEU B 468 -35.12 -9.02 21.85
CA LEU B 468 -35.10 -9.22 20.41
C LEU B 468 -35.80 -8.08 19.67
N VAL B 469 -36.98 -7.68 20.15
CA VAL B 469 -37.76 -6.72 19.36
C VAL B 469 -37.03 -5.39 19.25
N LYS B 470 -36.42 -4.91 20.33
CA LYS B 470 -35.80 -3.60 20.36
C LYS B 470 -34.37 -3.59 19.81
N ASP B 471 -33.92 -4.68 19.20
CA ASP B 471 -32.59 -4.73 18.56
C ASP B 471 -31.48 -4.44 19.57
N ARG B 472 -31.49 -5.21 20.66
CA ARG B 472 -30.48 -5.12 21.72
C ARG B 472 -29.61 -6.37 21.65
N PRO B 473 -28.56 -6.39 20.82
CA PRO B 473 -27.82 -7.63 20.56
C PRO B 473 -26.99 -8.14 21.73
N LYS B 474 -26.17 -7.25 22.29
CA LYS B 474 -25.29 -7.65 23.39
C LYS B 474 -26.08 -8.22 24.57
N PHE B 475 -27.26 -7.68 24.83
CA PHE B 475 -28.11 -8.25 25.87
C PHE B 475 -28.60 -9.64 25.48
N VAL B 476 -28.84 -9.90 24.20
CA VAL B 476 -29.17 -11.25 23.79
C VAL B 476 -27.99 -12.18 24.06
N ARG B 477 -26.78 -11.73 23.78
CA ARG B 477 -25.61 -12.53 24.15
C ARG B 477 -25.61 -12.82 25.64
N LEU B 478 -25.86 -11.80 26.46
CA LEU B 478 -25.81 -11.98 27.90
C LEU B 478 -26.87 -12.98 28.37
N PHE B 479 -28.06 -12.92 27.78
CA PHE B 479 -29.13 -13.84 28.16
C PHE B 479 -28.84 -15.26 27.68
N LEU B 480 -28.20 -15.42 26.52
CA LEU B 480 -27.89 -16.74 26.01
C LEU B 480 -26.76 -17.40 26.79
N GLU B 481 -25.80 -16.61 27.27
CA GLU B 481 -24.71 -17.18 28.07
C GLU B 481 -25.24 -17.82 29.34
N ASN B 482 -26.22 -17.19 29.99
CA ASN B 482 -26.72 -17.64 31.28
C ASN B 482 -27.94 -18.55 31.11
N GLY B 483 -27.73 -19.64 30.40
CA GLY B 483 -28.68 -20.75 30.39
C GLY B 483 -30.07 -20.46 29.86
N LEU B 484 -30.16 -19.82 28.69
CA LEU B 484 -31.43 -19.65 27.99
C LEU B 484 -31.43 -20.59 26.79
N ASN B 485 -32.30 -21.60 26.83
CA ASN B 485 -32.43 -22.55 25.74
C ASN B 485 -33.25 -21.89 24.62
N LEU B 486 -32.58 -21.55 23.52
CA LEU B 486 -33.23 -20.75 22.49
C LEU B 486 -34.24 -21.57 21.69
N ARG B 487 -33.90 -22.83 21.36
CA ARG B 487 -34.84 -23.65 20.61
C ARG B 487 -36.12 -23.89 21.39
N LYS B 488 -36.02 -23.94 22.72
CA LYS B 488 -37.22 -24.09 23.55
C LYS B 488 -38.03 -22.81 23.62
N PHE B 489 -37.37 -21.65 23.54
CA PHE B 489 -38.08 -20.38 23.65
C PHE B 489 -38.92 -20.08 22.41
N LEU B 490 -38.47 -20.52 21.23
CA LEU B 490 -39.14 -20.19 19.98
C LEU B 490 -40.28 -21.16 19.74
N THR B 491 -41.45 -20.84 20.29
CA THR B 491 -42.67 -21.54 19.97
C THR B 491 -43.35 -20.87 18.79
N THR B 492 -44.25 -21.60 18.14
CA THR B 492 -44.85 -21.10 16.90
C THR B 492 -45.61 -19.80 17.12
N GLU B 493 -46.24 -19.64 18.28
CA GLU B 493 -46.96 -18.39 18.57
C GLU B 493 -46.01 -17.20 18.58
N VAL B 494 -44.83 -17.37 19.20
CA VAL B 494 -43.85 -16.29 19.24
C VAL B 494 -43.38 -15.94 17.83
N LEU B 495 -43.19 -16.95 16.98
CA LEU B 495 -42.80 -16.66 15.61
C LEU B 495 -43.89 -15.91 14.86
N ARG B 496 -45.15 -16.30 15.07
CA ARG B 496 -46.25 -15.56 14.46
C ARG B 496 -46.25 -14.12 14.91
N GLU B 497 -45.99 -13.88 16.20
CA GLU B 497 -45.96 -12.51 16.70
C GLU B 497 -44.80 -11.74 16.09
N LEU B 498 -43.66 -12.41 15.89
CA LEU B 498 -42.50 -11.75 15.30
C LEU B 498 -42.77 -11.34 13.86
N TYR B 499 -43.49 -12.18 13.10
CA TYR B 499 -43.66 -11.92 11.67
C TYR B 499 -44.88 -11.07 11.35
N THR B 500 -45.91 -11.07 12.20
CA THR B 500 -47.11 -10.29 11.89
C THR B 500 -46.98 -8.83 12.33
N ASN B 501 -46.41 -8.58 13.50
CA ASN B 501 -46.39 -7.26 14.10
C ASN B 501 -45.07 -6.54 13.90
N ASN B 502 -43.95 -7.13 14.34
CA ASN B 502 -42.67 -6.45 14.38
C ASN B 502 -41.92 -6.53 13.05
N PHE B 503 -42.58 -6.92 11.98
CA PHE B 503 -41.96 -6.98 10.66
C PHE B 503 -42.27 -5.69 9.91
N SER B 504 -41.21 -4.93 9.59
CA SER B 504 -41.41 -3.63 8.96
C SER B 504 -42.19 -3.76 7.66
N SER B 505 -43.18 -2.89 7.49
CA SER B 505 -44.01 -2.93 6.29
C SER B 505 -43.19 -2.64 5.03
N LEU B 506 -42.23 -1.73 5.13
CA LEU B 506 -41.40 -1.37 3.99
C LEU B 506 -40.66 -2.58 3.45
N VAL B 507 -40.04 -3.35 4.35
CA VAL B 507 -39.29 -4.53 3.93
C VAL B 507 -40.22 -5.54 3.28
N PHE B 508 -41.44 -5.68 3.79
CA PHE B 508 -42.41 -6.59 3.18
C PHE B 508 -42.75 -6.16 1.74
N LYS B 509 -43.06 -4.88 1.55
CA LYS B 509 -43.39 -4.39 0.22
C LYS B 509 -42.23 -4.61 -0.74
N ASN B 510 -40.99 -4.42 -0.26
CA ASN B 510 -39.82 -4.61 -1.10
C ASN B 510 -39.62 -6.08 -1.46
N LEU B 511 -39.82 -6.95 -0.48
CA LEU B 511 -39.70 -8.37 -0.69
C LEU B 511 -40.67 -8.79 -1.77
N GLN B 512 -41.85 -8.17 -1.79
CA GLN B 512 -42.85 -8.51 -2.78
C GLN B 512 -42.28 -8.33 -4.18
N ILE B 513 -41.71 -7.18 -4.47
CA ILE B 513 -41.10 -6.97 -5.78
C ILE B 513 -40.04 -8.05 -6.05
N ALA B 514 -39.21 -8.33 -5.04
CA ALA B 514 -38.14 -9.31 -5.28
C ALA B 514 -38.71 -10.66 -5.66
N LYS B 515 -39.81 -11.08 -5.02
CA LYS B 515 -40.47 -12.31 -5.43
C LYS B 515 -41.07 -12.19 -6.83
N ASN B 516 -41.70 -11.06 -7.14
CA ASN B 516 -42.43 -10.92 -8.39
C ASN B 516 -41.51 -11.02 -9.59
N SER B 517 -40.42 -10.25 -9.60
CA SER B 517 -39.69 -10.00 -10.85
C SER B 517 -38.27 -10.56 -10.89
N TYR B 518 -37.72 -11.00 -9.76
CA TYR B 518 -36.42 -11.65 -9.69
C TYR B 518 -36.57 -13.03 -9.05
N ASN B 519 -37.63 -13.74 -9.46
CA ASN B 519 -38.00 -15.00 -8.84
C ASN B 519 -36.84 -15.98 -8.86
N ASP B 520 -36.63 -16.64 -7.72
CA ASP B 520 -35.57 -17.63 -7.56
C ASP B 520 -36.14 -18.82 -6.80
N ALA B 521 -35.44 -19.95 -6.89
CA ALA B 521 -35.95 -21.19 -6.29
C ALA B 521 -36.07 -21.06 -4.78
N LEU B 522 -35.04 -20.51 -4.13
CA LEU B 522 -35.08 -20.30 -2.68
C LEU B 522 -36.03 -19.17 -2.28
N LEU B 523 -36.13 -18.14 -3.12
CA LEU B 523 -36.88 -16.95 -2.79
C LEU B 523 -38.39 -17.16 -2.86
N THR B 524 -38.85 -18.26 -3.45
CA THR B 524 -40.26 -18.62 -3.41
C THR B 524 -40.60 -19.39 -2.16
N PHE B 525 -39.72 -20.30 -1.73
CA PHE B 525 -39.92 -21.01 -0.48
C PHE B 525 -39.89 -20.04 0.71
N VAL B 526 -38.95 -19.10 0.71
CA VAL B 526 -38.92 -18.12 1.79
C VAL B 526 -40.22 -17.33 1.83
N TRP B 527 -40.68 -16.89 0.67
CA TRP B 527 -41.92 -16.12 0.63
C TRP B 527 -43.11 -16.95 1.11
N LYS B 528 -43.17 -18.21 0.72
CA LYS B 528 -44.25 -19.06 1.20
C LYS B 528 -44.22 -19.17 2.73
N MET B 529 -43.04 -19.38 3.31
CA MET B 529 -42.98 -19.46 4.76
C MET B 529 -43.43 -18.17 5.42
N VAL B 530 -42.99 -17.02 4.87
CA VAL B 530 -43.39 -15.74 5.45
C VAL B 530 -44.90 -15.57 5.37
N GLU B 531 -45.50 -15.91 4.24
CA GLU B 531 -46.96 -15.78 4.12
C GLU B 531 -47.68 -16.70 5.09
N ASP B 532 -47.21 -17.94 5.23
CA ASP B 532 -47.85 -18.88 6.14
C ASP B 532 -47.79 -18.38 7.58
N PHE B 533 -46.63 -17.86 7.99
CA PHE B 533 -46.54 -17.27 9.33
C PHE B 533 -47.45 -16.06 9.46
N ARG B 534 -47.50 -15.22 8.44
CA ARG B 534 -48.22 -13.95 8.53
C ARG B 534 -49.72 -14.17 8.73
N ARG B 535 -50.26 -15.22 8.12
CA ARG B 535 -51.66 -15.55 8.25
C ARG B 535 -52.13 -15.54 9.70
N PRO B 557 -44.94 -27.52 14.07
CA PRO B 557 -45.97 -27.96 13.14
C PRO B 557 -45.99 -27.22 11.81
N ILE B 558 -46.13 -25.89 11.84
CA ILE B 558 -46.06 -25.13 10.58
C ILE B 558 -44.67 -25.24 9.97
N THR B 559 -43.63 -25.27 10.81
CA THR B 559 -42.27 -25.36 10.31
C THR B 559 -41.39 -26.10 11.32
N ARG B 560 -40.44 -26.86 10.79
CA ARG B 560 -39.33 -27.36 11.58
C ARG B 560 -38.17 -26.38 11.44
N HIS B 561 -37.06 -26.68 12.07
CA HIS B 561 -35.88 -25.81 12.06
C HIS B 561 -36.27 -24.37 12.46
N PRO B 562 -36.80 -24.17 13.68
CA PRO B 562 -37.24 -22.82 14.06
C PRO B 562 -36.13 -21.78 13.99
N LEU B 563 -34.92 -22.17 14.38
CA LEU B 563 -33.81 -21.23 14.43
C LEU B 563 -33.51 -20.64 13.05
N GLN B 564 -33.68 -21.45 12.01
CA GLN B 564 -33.54 -20.93 10.64
C GLN B 564 -34.57 -19.85 10.36
N ALA B 565 -35.80 -20.06 10.82
CA ALA B 565 -36.83 -19.04 10.64
C ALA B 565 -36.44 -17.73 11.32
N LEU B 566 -35.96 -17.82 12.56
CA LEU B 566 -35.55 -16.60 13.26
C LEU B 566 -34.36 -15.94 12.59
N PHE B 567 -33.42 -16.74 12.08
CA PHE B 567 -32.27 -16.17 11.40
C PHE B 567 -32.70 -15.43 10.15
N ILE B 568 -33.64 -15.99 9.39
CA ILE B 568 -34.15 -15.31 8.20
C ILE B 568 -34.85 -14.02 8.60
N TRP B 569 -35.66 -14.06 9.65
CA TRP B 569 -36.33 -12.85 10.11
C TRP B 569 -35.31 -11.77 10.45
N SER B 570 -34.24 -12.13 11.16
CA SER B 570 -33.23 -11.15 11.50
C SER B 570 -32.52 -10.61 10.25
N VAL B 571 -32.25 -11.49 9.29
CA VAL B 571 -31.49 -11.07 8.11
C VAL B 571 -32.29 -10.11 7.26
N LEU B 572 -33.58 -10.40 7.03
CA LEU B 572 -34.35 -9.59 6.09
C LEU B 572 -34.41 -8.13 6.50
N GLN B 573 -34.34 -7.85 7.81
CA GLN B 573 -34.38 -6.49 8.31
C GLN B 573 -32.99 -5.86 8.41
N ASN B 574 -31.95 -6.55 7.91
CA ASN B 574 -30.61 -6.00 7.81
C ASN B 574 -30.08 -5.54 9.17
N LYS B 575 -30.25 -6.39 10.17
CA LYS B 575 -29.69 -6.15 11.51
C LYS B 575 -28.40 -6.95 11.62
N LYS B 576 -27.27 -6.28 11.37
CA LYS B 576 -26.00 -6.99 11.23
C LYS B 576 -25.59 -7.68 12.52
N GLU B 577 -25.53 -6.94 13.63
CA GLU B 577 -25.03 -7.50 14.88
C GLU B 577 -25.98 -8.56 15.44
N LEU B 578 -27.28 -8.27 15.41
CA LEU B 578 -28.25 -9.20 15.94
C LEU B 578 -28.44 -10.42 15.05
N SER B 579 -28.02 -10.33 13.77
CA SER B 579 -28.02 -11.52 12.93
C SER B 579 -26.76 -12.35 13.16
N LYS B 580 -25.62 -11.69 13.34
CA LYS B 580 -24.39 -12.41 13.62
C LYS B 580 -24.50 -13.15 14.95
N VAL B 581 -25.15 -12.55 15.95
CA VAL B 581 -25.30 -13.24 17.23
C VAL B 581 -26.11 -14.51 17.06
N ILE B 582 -27.27 -14.41 16.40
CA ILE B 582 -28.14 -15.57 16.24
C ILE B 582 -27.54 -16.60 15.28
N TRP B 583 -26.59 -16.18 14.44
CA TRP B 583 -25.99 -17.13 13.50
C TRP B 583 -25.20 -18.21 14.22
N GLU B 584 -24.63 -17.89 15.39
CA GLU B 584 -23.80 -18.88 16.09
C GLU B 584 -24.64 -20.03 16.64
N GLN B 585 -25.83 -19.72 17.16
CA GLN B 585 -26.68 -20.74 17.76
C GLN B 585 -27.26 -21.70 16.72
N THR B 586 -27.34 -21.26 15.46
CA THR B 586 -27.85 -22.15 14.42
C THR B 586 -26.99 -23.39 14.31
N ARG B 587 -27.58 -24.46 13.78
CA ARG B 587 -26.89 -25.74 13.74
C ARG B 587 -26.00 -25.89 12.52
N GLY B 588 -26.55 -25.68 11.32
CA GLY B 588 -25.74 -25.65 10.11
C GLY B 588 -25.25 -24.25 9.81
N CYS B 589 -24.00 -23.97 10.19
CA CYS B 589 -23.49 -22.61 10.13
C CYS B 589 -23.11 -22.22 8.71
N THR B 590 -22.25 -23.02 8.06
CA THR B 590 -21.79 -22.67 6.72
C THR B 590 -22.97 -22.60 5.74
N LEU B 591 -23.86 -23.59 5.80
CA LEU B 591 -24.99 -23.60 4.87
C LEU B 591 -25.91 -22.41 5.12
N ALA B 592 -26.15 -22.09 6.39
CA ALA B 592 -27.01 -20.95 6.71
C ALA B 592 -26.39 -19.64 6.20
N ALA B 593 -25.09 -19.47 6.40
CA ALA B 593 -24.43 -18.26 5.93
C ALA B 593 -24.50 -18.15 4.41
N LEU B 594 -24.27 -19.26 3.71
CA LEU B 594 -24.33 -19.24 2.25
C LEU B 594 -25.73 -18.88 1.76
N GLY B 595 -26.75 -19.50 2.37
CA GLY B 595 -28.12 -19.19 1.98
C GLY B 595 -28.49 -17.75 2.27
N ALA B 596 -28.03 -17.22 3.41
CA ALA B 596 -28.30 -15.82 3.72
C ALA B 596 -27.66 -14.90 2.70
N SER B 597 -26.42 -15.21 2.29
CA SER B 597 -25.78 -14.41 1.27
C SER B 597 -26.57 -14.44 -0.03
N LYS B 598 -27.03 -15.62 -0.43
CA LYS B 598 -27.84 -15.72 -1.64
C LYS B 598 -29.10 -14.88 -1.55
N LEU B 599 -29.80 -14.97 -0.41
CA LEU B 599 -31.04 -14.23 -0.23
C LEU B 599 -30.78 -12.73 -0.28
N LEU B 600 -29.70 -12.28 0.34
CA LEU B 600 -29.36 -10.86 0.29
C LEU B 600 -28.99 -10.43 -1.12
N LYS B 601 -28.32 -11.30 -1.88
CA LYS B 601 -28.07 -11.00 -3.28
C LYS B 601 -29.36 -10.72 -4.01
N SER B 602 -30.36 -11.60 -3.82
CA SER B 602 -31.63 -11.39 -4.49
C SER B 602 -32.29 -10.10 -4.01
N MET B 603 -32.23 -9.82 -2.71
CA MET B 603 -32.84 -8.60 -2.18
C MET B 603 -32.18 -7.35 -2.74
N ALA B 604 -30.88 -7.42 -3.04
CA ALA B 604 -30.16 -6.23 -3.49
C ALA B 604 -30.53 -5.81 -4.90
N LYS B 605 -31.07 -6.71 -5.72
CA LYS B 605 -31.39 -6.40 -7.11
C LYS B 605 -32.67 -5.61 -7.26
N VAL B 606 -33.24 -5.10 -6.17
CA VAL B 606 -34.46 -4.29 -6.23
C VAL B 606 -34.07 -2.83 -6.16
N LYS B 607 -34.55 -2.04 -7.13
CA LYS B 607 -34.19 -0.64 -7.24
C LYS B 607 -35.29 0.31 -6.78
N ASN B 608 -36.36 -0.22 -6.18
CA ASN B 608 -37.35 0.65 -5.57
C ASN B 608 -36.74 1.49 -4.45
N ASP B 609 -35.89 0.87 -3.63
CA ASP B 609 -35.19 1.55 -2.56
C ASP B 609 -33.70 1.25 -2.69
N ILE B 610 -32.90 2.31 -2.80
CA ILE B 610 -31.46 2.16 -3.06
C ILE B 610 -30.67 2.05 -1.76
N ASN B 611 -31.02 2.86 -0.76
CA ASN B 611 -30.28 2.90 0.48
C ASN B 611 -30.29 1.54 1.17
N ALA B 612 -31.46 0.89 1.22
CA ALA B 612 -31.54 -0.44 1.82
C ALA B 612 -30.75 -1.47 1.00
N ALA B 613 -30.80 -1.35 -0.32
CA ALA B 613 -30.11 -2.31 -1.19
C ALA B 613 -28.61 -2.28 -0.96
N GLY B 614 -28.04 -1.09 -0.79
CA GLY B 614 -26.61 -1.02 -0.54
C GLY B 614 -26.20 -1.77 0.72
N GLU B 615 -26.93 -1.54 1.81
CA GLU B 615 -26.62 -2.23 3.06
C GLU B 615 -26.79 -3.73 2.91
N SER B 616 -27.84 -4.16 2.20
CA SER B 616 -28.06 -5.59 1.99
C SER B 616 -26.88 -6.22 1.26
N GLU B 617 -26.39 -5.55 0.22
CA GLU B 617 -25.24 -6.08 -0.52
C GLU B 617 -24.00 -6.17 0.36
N GLU B 618 -23.76 -5.13 1.18
CA GLU B 618 -22.62 -5.17 2.08
C GLU B 618 -22.70 -6.36 3.02
N LEU B 619 -23.88 -6.59 3.60
CA LEU B 619 -24.06 -7.71 4.50
C LEU B 619 -23.85 -9.04 3.79
N ALA B 620 -24.30 -9.13 2.54
CA ALA B 620 -24.10 -10.35 1.76
C ALA B 620 -22.62 -10.66 1.60
N ASN B 621 -21.83 -9.64 1.26
CA ASN B 621 -20.39 -9.86 1.12
C ASN B 621 -19.78 -10.30 2.44
N GLU B 622 -20.18 -9.66 3.54
CA GLU B 622 -19.67 -10.06 4.85
C GLU B 622 -19.91 -11.54 5.11
N TYR B 623 -21.14 -11.99 4.87
CA TYR B 623 -21.48 -13.38 5.16
C TYR B 623 -20.74 -14.34 4.23
N GLU B 624 -20.57 -13.97 2.97
CA GLU B 624 -19.82 -14.83 2.06
C GLU B 624 -18.39 -15.04 2.55
N THR B 625 -17.72 -13.94 2.91
CA THR B 625 -16.35 -14.08 3.40
C THR B 625 -16.30 -14.94 4.66
N ARG B 626 -17.27 -14.74 5.55
CA ARG B 626 -17.31 -15.56 6.77
C ARG B 626 -17.44 -17.04 6.44
N ALA B 627 -18.33 -17.37 5.49
CA ALA B 627 -18.56 -18.77 5.14
C ALA B 627 -17.29 -19.40 4.57
N VAL B 628 -16.61 -18.70 3.66
CA VAL B 628 -15.42 -19.29 3.07
C VAL B 628 -14.35 -19.51 4.13
N GLU B 629 -14.18 -18.54 5.03
CA GLU B 629 -13.19 -18.72 6.09
C GLU B 629 -13.51 -19.93 6.95
N LEU B 630 -14.79 -20.08 7.32
CA LEU B 630 -15.17 -21.21 8.17
C LEU B 630 -14.93 -22.53 7.45
N PHE B 631 -15.23 -22.60 6.16
CA PHE B 631 -15.02 -23.86 5.47
C PHE B 631 -13.54 -24.19 5.36
N THR B 632 -12.69 -23.18 5.19
CA THR B 632 -11.26 -23.45 5.21
C THR B 632 -10.84 -24.04 6.55
N GLU B 633 -11.34 -23.44 7.64
CA GLU B 633 -11.03 -23.97 8.97
C GLU B 633 -11.48 -25.42 9.09
N CYS B 634 -12.69 -25.73 8.62
CA CYS B 634 -13.19 -27.09 8.73
C CYS B 634 -12.34 -28.06 7.91
N TYR B 635 -11.96 -27.66 6.69
CA TYR B 635 -11.19 -28.54 5.83
C TYR B 635 -9.80 -28.81 6.39
N SER B 636 -9.24 -27.85 7.12
CA SER B 636 -7.89 -28.04 7.64
C SER B 636 -7.80 -29.29 8.53
N ASN B 637 -8.81 -29.51 9.37
CA ASN B 637 -8.73 -30.60 10.34
C ASN B 637 -8.86 -31.96 9.66
N ASP B 638 -9.99 -32.21 9.01
CA ASP B 638 -10.29 -33.53 8.45
C ASP B 638 -10.81 -33.34 7.03
N GLU B 639 -10.14 -33.96 6.07
CA GLU B 639 -10.56 -33.85 4.67
C GLU B 639 -11.78 -34.74 4.39
N ASP B 640 -11.84 -35.92 5.01
CA ASP B 640 -12.90 -36.86 4.68
C ASP B 640 -14.27 -36.31 5.07
N LEU B 641 -14.39 -35.74 6.27
CA LEU B 641 -15.68 -35.28 6.76
C LEU B 641 -16.11 -33.97 6.10
N ALA B 642 -15.16 -33.14 5.67
CA ALA B 642 -15.53 -31.88 5.04
C ALA B 642 -16.31 -32.12 3.75
N GLU B 643 -15.89 -33.09 2.95
CA GLU B 643 -16.61 -33.37 1.70
C GLU B 643 -17.98 -33.97 1.96
N GLN B 644 -18.11 -34.84 2.97
CA GLN B 644 -19.42 -35.34 3.35
C GLN B 644 -20.33 -34.20 3.79
N LEU B 645 -19.79 -33.25 4.56
CA LEU B 645 -20.55 -32.08 4.96
C LEU B 645 -20.95 -31.24 3.76
N LEU B 646 -20.09 -31.17 2.73
CA LEU B 646 -20.29 -30.24 1.63
C LEU B 646 -21.58 -30.54 0.88
N THR B 647 -21.81 -31.81 0.56
CA THR B 647 -22.98 -32.24 -0.19
C THR B 647 -24.23 -32.36 0.68
N TYR B 648 -24.08 -32.16 1.99
CA TYR B 648 -25.22 -32.31 2.89
C TYR B 648 -26.35 -31.35 2.51
N SER B 649 -27.58 -31.85 2.61
CA SER B 649 -28.77 -31.11 2.23
C SER B 649 -29.77 -31.16 3.37
N CYS B 650 -30.45 -30.03 3.62
CA CYS B 650 -31.46 -29.92 4.67
C CYS B 650 -32.70 -29.26 4.11
N GLU B 651 -33.87 -29.69 4.60
CA GLU B 651 -35.13 -29.11 4.19
C GLU B 651 -35.33 -27.68 4.71
N ALA B 652 -34.50 -27.23 5.65
CA ALA B 652 -34.60 -25.86 6.13
C ALA B 652 -34.58 -24.89 4.95
N TRP B 653 -33.74 -25.16 3.97
CA TRP B 653 -33.73 -24.45 2.71
C TRP B 653 -34.40 -25.32 1.65
N GLY B 654 -34.47 -24.80 0.42
CA GLY B 654 -35.22 -25.50 -0.61
C GLY B 654 -34.54 -26.74 -1.15
N GLY B 655 -34.25 -27.69 -0.26
CA GLY B 655 -33.58 -28.92 -0.70
C GLY B 655 -32.28 -28.66 -1.41
N SER B 656 -31.45 -27.77 -0.88
CA SER B 656 -30.22 -27.34 -1.52
C SER B 656 -29.03 -27.63 -0.62
N ASN B 657 -27.94 -28.07 -1.24
CA ASN B 657 -26.67 -28.26 -0.55
C ASN B 657 -25.76 -27.08 -0.82
N CYS B 658 -24.58 -27.09 -0.19
CA CYS B 658 -23.70 -25.94 -0.23
C CYS B 658 -23.27 -25.60 -1.65
N LEU B 659 -22.89 -26.61 -2.44
CA LEU B 659 -22.46 -26.37 -3.81
C LEU B 659 -23.59 -25.80 -4.66
N GLU B 660 -24.77 -26.42 -4.58
CA GLU B 660 -25.92 -25.95 -5.34
C GLU B 660 -26.25 -24.51 -5.00
N LEU B 661 -26.15 -24.15 -3.72
CA LEU B 661 -26.44 -22.78 -3.31
C LEU B 661 -25.37 -21.81 -3.77
N ALA B 662 -24.10 -22.23 -3.72
CA ALA B 662 -23.01 -21.36 -4.16
C ALA B 662 -23.14 -21.03 -5.64
N VAL B 663 -23.50 -22.02 -6.47
CA VAL B 663 -23.54 -21.75 -7.90
C VAL B 663 -24.61 -20.71 -8.22
N GLU B 664 -25.81 -20.88 -7.66
CA GLU B 664 -26.85 -19.89 -7.88
C GLU B 664 -26.52 -18.55 -7.25
N ALA B 665 -25.80 -18.55 -6.12
CA ALA B 665 -25.45 -17.28 -5.48
C ALA B 665 -24.39 -16.51 -6.24
N ARG B 666 -23.62 -17.19 -7.09
CA ARG B 666 -22.58 -16.55 -7.91
C ARG B 666 -21.58 -15.80 -7.05
N ASP B 667 -21.10 -16.47 -6.00
CA ASP B 667 -20.00 -15.97 -5.18
C ASP B 667 -18.73 -16.70 -5.62
N GLN B 668 -17.84 -15.97 -6.29
CA GLN B 668 -16.67 -16.59 -6.91
C GLN B 668 -15.70 -17.14 -5.86
N GLN B 669 -15.58 -16.48 -4.71
CA GLN B 669 -14.56 -16.85 -3.75
C GLN B 669 -14.74 -18.26 -3.22
N PHE B 670 -15.98 -18.62 -2.86
CA PHE B 670 -16.20 -19.92 -2.23
C PHE B 670 -15.78 -21.05 -3.16
N ILE B 671 -16.16 -20.96 -4.43
CA ILE B 671 -15.76 -21.98 -5.40
C ILE B 671 -14.26 -21.92 -5.64
N ALA B 672 -13.69 -20.71 -5.67
CA ALA B 672 -12.28 -20.56 -6.03
C ALA B 672 -11.34 -21.13 -4.99
N GLN B 673 -11.81 -21.43 -3.79
CA GLN B 673 -10.91 -21.83 -2.72
C GLN B 673 -10.38 -23.26 -2.98
N PRO B 674 -9.23 -23.59 -2.39
CA PRO B 674 -8.58 -24.87 -2.74
C PRO B 674 -9.40 -26.12 -2.46
N GLY B 675 -10.01 -26.24 -1.28
CA GLY B 675 -10.59 -27.51 -0.88
C GLY B 675 -11.68 -28.00 -1.81
N VAL B 676 -12.61 -27.12 -2.15
CA VAL B 676 -13.68 -27.49 -3.07
C VAL B 676 -13.09 -27.83 -4.43
N GLN B 677 -12.04 -27.13 -4.84
CA GLN B 677 -11.39 -27.43 -6.11
C GLN B 677 -10.82 -28.84 -6.12
N ASN B 678 -10.17 -29.24 -5.02
CA ASN B 678 -9.63 -30.59 -4.94
C ASN B 678 -10.74 -31.63 -4.95
N PHE B 679 -11.82 -31.37 -4.21
CA PHE B 679 -12.95 -32.29 -4.22
C PHE B 679 -13.48 -32.47 -5.63
N LEU B 680 -13.67 -31.36 -6.35
CA LEU B 680 -14.17 -31.42 -7.71
C LEU B 680 -13.20 -32.16 -8.62
N SER B 681 -11.90 -31.92 -8.44
CA SER B 681 -10.92 -32.54 -9.32
C SER B 681 -10.92 -34.05 -9.15
N LYS B 682 -10.96 -34.53 -7.90
CA LYS B 682 -10.96 -35.97 -7.69
C LYS B 682 -12.32 -36.59 -7.98
N GLN B 683 -13.39 -35.79 -8.02
CA GLN B 683 -14.64 -36.27 -8.61
C GLN B 683 -14.48 -36.44 -10.12
N TRP B 684 -13.81 -35.49 -10.77
CA TRP B 684 -13.61 -35.54 -12.21
C TRP B 684 -12.76 -36.74 -12.61
N TYR B 685 -11.71 -37.03 -11.84
CA TYR B 685 -10.89 -38.20 -12.13
C TYR B 685 -11.60 -39.49 -11.72
N GLY B 686 -12.42 -39.44 -10.67
CA GLY B 686 -13.14 -40.64 -10.24
C GLY B 686 -12.26 -41.60 -9.47
N GLU B 687 -12.62 -42.87 -9.53
CA GLU B 687 -11.86 -43.89 -8.81
C GLU B 687 -10.43 -44.01 -9.31
N ILE B 688 -10.14 -43.50 -10.52
CA ILE B 688 -8.77 -43.48 -10.98
C ILE B 688 -7.91 -42.69 -10.01
N SER B 689 -6.77 -43.27 -9.66
CA SER B 689 -5.84 -42.57 -8.79
C SER B 689 -5.21 -41.39 -9.52
N ARG B 690 -5.04 -40.29 -8.80
CA ARG B 690 -4.38 -39.13 -9.38
C ARG B 690 -2.86 -39.34 -9.34
N ASP B 691 -2.13 -38.35 -9.83
CA ASP B 691 -0.68 -38.36 -9.97
C ASP B 691 -0.22 -39.30 -11.08
N THR B 692 -1.13 -40.02 -11.73
CA THR B 692 -0.77 -40.80 -12.92
C THR B 692 -0.71 -39.88 -14.12
N LYS B 693 0.43 -39.87 -14.80
CA LYS B 693 0.61 -38.97 -15.93
C LYS B 693 -0.38 -39.31 -17.04
N ASN B 694 -0.85 -38.27 -17.73
CA ASN B 694 -1.95 -38.43 -18.68
C ASN B 694 -1.65 -39.51 -19.71
N TRP B 695 -0.44 -39.50 -20.27
CA TRP B 695 -0.10 -40.48 -21.29
C TRP B 695 -0.25 -41.89 -20.78
N LYS B 696 0.01 -42.11 -19.49
CA LYS B 696 -0.24 -43.43 -18.90
C LYS B 696 -1.70 -43.83 -19.08
N ILE B 697 -2.62 -42.91 -18.77
CA ILE B 697 -4.04 -43.18 -18.93
C ILE B 697 -4.37 -43.44 -20.39
N ILE B 698 -3.83 -42.65 -21.31
CA ILE B 698 -4.18 -42.82 -22.71
C ILE B 698 -3.67 -44.15 -23.25
N LEU B 699 -2.43 -44.52 -22.89
CA LEU B 699 -1.91 -45.81 -23.31
C LEU B 699 -2.75 -46.95 -22.77
N CYS B 700 -3.18 -46.85 -21.51
CA CYS B 700 -4.12 -47.85 -20.99
C CYS B 700 -5.44 -47.81 -21.75
N LEU B 701 -5.86 -46.63 -22.19
CA LEU B 701 -7.11 -46.51 -22.93
C LEU B 701 -7.04 -47.28 -24.25
N PHE B 702 -5.94 -47.15 -24.97
CA PHE B 702 -5.82 -47.87 -26.25
C PHE B 702 -5.75 -49.37 -26.03
N PHE B 703 -4.98 -49.82 -25.04
CA PHE B 703 -4.74 -51.23 -24.80
C PHE B 703 -5.51 -51.66 -23.56
N PHE B 704 -6.46 -52.58 -23.75
CA PHE B 704 -7.22 -53.11 -22.61
C PHE B 704 -6.35 -53.78 -21.56
N PRO B 705 -5.43 -54.69 -21.90
CA PRO B 705 -4.79 -55.50 -20.85
C PRO B 705 -4.03 -54.70 -19.80
N LEU B 706 -3.43 -53.57 -20.17
CA LEU B 706 -2.48 -52.92 -19.28
C LEU B 706 -3.10 -52.64 -17.91
N ILE B 707 -4.36 -52.18 -17.88
CA ILE B 707 -4.97 -51.81 -16.61
C ILE B 707 -4.89 -52.96 -15.62
N GLY B 708 -5.10 -54.18 -16.10
CA GLY B 708 -5.08 -55.31 -15.21
C GLY B 708 -3.72 -55.54 -14.57
N CYS B 709 -2.64 -55.34 -15.33
CA CYS B 709 -1.32 -55.72 -14.83
C CYS B 709 -0.89 -54.83 -13.66
N GLY B 710 -1.17 -53.53 -13.74
CA GLY B 710 -0.73 -52.61 -12.71
C GLY B 710 -0.02 -51.40 -13.27
N PHE B 711 -0.01 -51.28 -14.60
CA PHE B 711 0.59 -50.13 -15.25
C PHE B 711 -0.09 -48.84 -14.82
N ILE B 712 -1.42 -48.87 -14.70
CA ILE B 712 -2.20 -47.78 -14.12
C ILE B 712 -2.57 -48.17 -12.70
N SER B 713 -2.32 -47.27 -11.76
CA SER B 713 -2.70 -47.53 -10.37
C SER B 713 -4.18 -47.23 -10.17
N PHE B 714 -4.64 -47.35 -8.92
CA PHE B 714 -6.02 -47.08 -8.58
C PHE B 714 -6.09 -46.52 -7.17
N ARG B 715 -7.21 -45.85 -6.89
CA ARG B 715 -7.39 -45.08 -5.67
C ARG B 715 -8.43 -45.76 -4.79
N LYS B 716 -8.10 -45.92 -3.52
CA LYS B 716 -8.99 -46.56 -2.56
C LYS B 716 -8.93 -45.86 -1.21
N LYS B 723 -13.16 -61.38 -8.12
CA LYS B 723 -14.23 -60.41 -7.88
C LYS B 723 -13.67 -59.00 -7.75
N LYS B 724 -12.55 -58.87 -7.02
CA LYS B 724 -11.95 -57.57 -6.83
C LYS B 724 -11.43 -56.99 -8.15
N LEU B 725 -10.86 -57.84 -9.01
CA LEU B 725 -10.20 -57.34 -10.21
C LEU B 725 -11.18 -56.65 -11.16
N PHE B 726 -12.36 -57.23 -11.36
CA PHE B 726 -13.26 -56.72 -12.38
C PHE B 726 -13.63 -55.26 -12.14
N LEU B 727 -13.67 -54.85 -10.87
CA LEU B 727 -14.02 -53.47 -10.57
C LEU B 727 -13.02 -52.49 -11.15
N TYR B 728 -11.75 -52.91 -11.29
CA TYR B 728 -10.78 -52.03 -11.92
C TYR B 728 -11.17 -51.74 -13.36
N TYR B 729 -11.51 -52.79 -14.11
CA TYR B 729 -11.92 -52.59 -15.50
C TYR B 729 -13.18 -51.75 -15.59
N VAL B 730 -14.14 -51.99 -14.73
CA VAL B 730 -15.36 -51.20 -14.83
C VAL B 730 -15.11 -49.76 -14.49
N SER B 731 -14.45 -49.50 -13.38
CA SER B 731 -14.24 -48.14 -12.91
C SER B 731 -13.30 -47.37 -13.81
N PHE B 732 -12.47 -48.05 -14.60
CA PHE B 732 -11.60 -47.32 -15.52
C PHE B 732 -12.41 -46.66 -16.64
N PHE B 733 -13.57 -47.23 -16.97
CA PHE B 733 -14.38 -46.74 -18.09
C PHE B 733 -15.56 -45.88 -17.67
N THR B 734 -15.79 -45.70 -16.36
CA THR B 734 -16.85 -44.83 -15.90
C THR B 734 -16.34 -43.47 -15.42
N SER B 735 -15.04 -43.27 -15.36
CA SER B 735 -14.51 -41.98 -14.96
C SER B 735 -14.73 -40.95 -16.07
N PRO B 736 -15.19 -39.73 -15.75
CA PRO B 736 -15.48 -38.77 -16.83
C PRO B 736 -14.30 -38.47 -17.74
N PHE B 737 -13.09 -38.39 -17.20
CA PHE B 737 -11.92 -38.03 -18.01
C PHE B 737 -11.70 -39.03 -19.14
N VAL B 738 -11.68 -40.32 -18.78
CA VAL B 738 -11.49 -41.38 -19.77
C VAL B 738 -12.59 -41.30 -20.83
N VAL B 739 -13.83 -41.14 -20.39
CA VAL B 739 -14.96 -41.12 -21.31
C VAL B 739 -14.84 -39.96 -22.28
N PHE B 740 -14.47 -38.78 -21.76
CA PHE B 740 -14.34 -37.60 -22.62
C PHE B 740 -13.26 -37.82 -23.69
N SER B 741 -12.09 -38.31 -23.27
CA SER B 741 -11.02 -38.52 -24.25
C SER B 741 -11.43 -39.57 -25.28
N TRP B 742 -12.08 -40.64 -24.83
CA TRP B 742 -12.55 -41.68 -25.74
C TRP B 742 -13.57 -41.12 -26.73
N ASN B 743 -14.46 -40.26 -26.25
CA ASN B 743 -15.47 -39.66 -27.12
C ASN B 743 -14.81 -38.82 -28.20
N VAL B 744 -13.78 -38.05 -27.85
CA VAL B 744 -13.09 -37.25 -28.86
C VAL B 744 -12.44 -38.15 -29.91
N ILE B 745 -11.76 -39.20 -29.46
CA ILE B 745 -11.10 -40.11 -30.39
C ILE B 745 -12.12 -40.74 -31.34
N PHE B 746 -13.24 -41.20 -30.79
CA PHE B 746 -14.28 -41.81 -31.60
C PHE B 746 -14.91 -40.80 -32.56
N TYR B 747 -15.00 -39.54 -32.13
CA TYR B 747 -15.53 -38.50 -33.02
C TYR B 747 -14.63 -38.30 -34.23
N ILE B 748 -13.32 -38.34 -34.02
CA ILE B 748 -12.39 -38.26 -35.16
C ILE B 748 -12.61 -39.45 -36.09
N ALA B 749 -12.72 -40.65 -35.53
CA ALA B 749 -12.98 -41.81 -36.39
C ALA B 749 -14.30 -41.62 -37.16
N PHE B 750 -15.31 -41.06 -36.50
CA PHE B 750 -16.60 -40.82 -37.16
C PHE B 750 -16.45 -39.86 -38.33
N LEU B 751 -15.68 -38.78 -38.15
CA LEU B 751 -15.48 -37.84 -39.25
C LEU B 751 -14.78 -38.52 -40.42
N LEU B 752 -13.78 -39.36 -40.14
CA LEU B 752 -13.12 -40.08 -41.24
C LEU B 752 -14.10 -40.96 -41.99
N LEU B 753 -14.95 -41.67 -41.26
CA LEU B 753 -15.94 -42.53 -41.90
C LEU B 753 -16.83 -41.68 -42.79
N PHE B 754 -17.31 -40.58 -42.25
CA PHE B 754 -18.18 -39.66 -42.97
C PHE B 754 -17.54 -39.24 -44.29
N ALA B 755 -16.28 -38.83 -44.23
CA ALA B 755 -15.59 -38.37 -45.44
C ALA B 755 -15.48 -39.48 -46.47
N TYR B 756 -15.07 -40.68 -46.03
CA TYR B 756 -14.94 -41.80 -46.95
C TYR B 756 -16.27 -42.08 -47.64
N VAL B 757 -17.34 -42.22 -46.85
CA VAL B 757 -18.65 -42.54 -47.41
C VAL B 757 -19.08 -41.48 -48.40
N LEU B 758 -18.94 -40.20 -48.02
CA LEU B 758 -19.39 -39.13 -48.88
C LEU B 758 -18.63 -39.11 -50.19
N LEU B 759 -17.33 -39.36 -50.15
CA LEU B 759 -16.53 -39.21 -51.36
C LEU B 759 -16.69 -40.39 -52.31
N MET B 760 -16.63 -41.63 -51.80
CA MET B 760 -16.60 -42.78 -52.70
C MET B 760 -17.51 -43.91 -52.24
N ASP B 761 -18.62 -43.58 -51.58
CA ASP B 761 -19.62 -44.58 -51.23
C ASP B 761 -21.04 -44.04 -51.41
N PHE B 762 -21.23 -43.12 -52.36
CA PHE B 762 -22.53 -42.51 -52.61
C PHE B 762 -23.07 -43.11 -53.92
N GLN B 763 -24.10 -43.93 -53.80
CA GLN B 763 -24.68 -44.66 -54.93
C GLN B 763 -26.18 -44.42 -54.96
N LYS B 764 -26.83 -44.92 -56.01
CA LYS B 764 -28.26 -44.71 -56.18
C LYS B 764 -29.04 -45.20 -54.97
N GLU B 765 -28.73 -46.41 -54.51
CA GLU B 765 -29.34 -46.99 -53.31
C GLU B 765 -28.35 -46.95 -52.17
N PRO B 766 -28.70 -46.37 -51.01
CA PRO B 766 -27.73 -46.29 -49.91
C PRO B 766 -27.22 -47.68 -49.52
N THR B 767 -25.91 -47.74 -49.25
CA THR B 767 -25.28 -48.98 -48.83
C THR B 767 -25.35 -49.13 -47.32
N ALA B 768 -25.04 -50.35 -46.86
CA ALA B 768 -25.06 -50.64 -45.43
C ALA B 768 -24.17 -49.66 -44.65
N LEU B 769 -23.02 -49.30 -45.22
CA LEU B 769 -22.12 -48.36 -44.55
C LEU B 769 -22.83 -47.06 -44.20
N GLU B 770 -23.52 -46.48 -45.17
CA GLU B 770 -24.29 -45.26 -44.90
C GLU B 770 -25.31 -45.50 -43.81
N ILE B 771 -25.87 -46.71 -43.74
CA ILE B 771 -26.85 -47.02 -42.71
C ILE B 771 -26.21 -47.01 -41.32
N ILE B 772 -25.00 -47.55 -41.21
CA ILE B 772 -24.27 -47.48 -39.94
C ILE B 772 -24.03 -46.02 -39.58
N LEU B 773 -23.63 -45.21 -40.56
CA LEU B 773 -23.44 -43.78 -40.32
C LEU B 773 -24.72 -43.13 -39.79
N TYR B 774 -25.85 -43.47 -40.41
CA TYR B 774 -27.13 -42.93 -39.98
C TYR B 774 -27.45 -43.34 -38.55
N VAL B 775 -27.15 -44.58 -38.19
CA VAL B 775 -27.39 -45.05 -36.83
C VAL B 775 -26.58 -44.23 -35.83
N LEU B 776 -25.29 -43.99 -36.16
CA LEU B 776 -24.47 -43.17 -35.27
C LEU B 776 -25.07 -41.79 -35.10
N VAL B 777 -25.52 -41.20 -36.21
CA VAL B 777 -26.09 -39.86 -36.15
C VAL B 777 -27.34 -39.85 -35.26
N PHE B 778 -28.15 -40.91 -35.33
CA PHE B 778 -29.33 -41.01 -34.47
C PHE B 778 -28.94 -41.11 -32.99
N ILE B 779 -27.88 -41.87 -32.69
CA ILE B 779 -27.35 -41.88 -31.32
C ILE B 779 -27.08 -40.45 -30.86
N LEU B 780 -26.41 -39.69 -31.73
CA LEU B 780 -26.09 -38.31 -31.37
C LEU B 780 -27.34 -37.48 -31.11
N LEU B 781 -28.39 -37.72 -31.91
CA LEU B 781 -29.65 -37.01 -31.70
C LEU B 781 -30.19 -37.27 -30.29
N CYS B 782 -30.21 -38.53 -29.87
CA CYS B 782 -30.70 -38.83 -28.53
C CYS B 782 -29.86 -38.11 -27.47
N ASP B 783 -28.54 -38.14 -27.65
CA ASP B 783 -27.66 -37.44 -26.70
C ASP B 783 -28.03 -35.97 -26.59
N GLU B 784 -28.36 -35.33 -27.73
CA GLU B 784 -28.78 -33.92 -27.70
C GLU B 784 -30.11 -33.74 -26.97
N VAL B 785 -31.05 -34.65 -27.19
CA VAL B 785 -32.33 -34.56 -26.51
C VAL B 785 -32.12 -34.56 -25.01
N ARG B 786 -31.12 -35.30 -24.54
CA ARG B 786 -30.88 -35.30 -23.09
C ARG B 786 -30.53 -33.90 -22.61
N GLN B 787 -29.74 -33.15 -23.37
CA GLN B 787 -29.40 -31.80 -22.97
C GLN B 787 -30.62 -30.91 -22.97
N TRP B 788 -31.51 -31.09 -23.95
CA TRP B 788 -32.76 -30.33 -23.91
C TRP B 788 -33.53 -30.60 -22.63
N TYR B 789 -33.62 -31.87 -22.22
CA TYR B 789 -34.48 -32.19 -21.08
C TYR B 789 -33.84 -31.80 -19.75
N MET B 790 -32.53 -31.99 -19.61
CA MET B 790 -31.89 -31.82 -18.32
C MET B 790 -31.81 -30.35 -17.92
N ASN B 791 -31.34 -29.50 -18.83
CA ASN B 791 -31.18 -28.07 -18.56
C ASN B 791 -31.60 -27.32 -19.82
N GLY B 792 -32.82 -26.78 -19.82
CA GLY B 792 -33.37 -26.15 -21.00
C GLY B 792 -33.03 -24.68 -21.15
N SER B 793 -33.06 -23.95 -20.03
CA SER B 793 -32.93 -22.49 -20.10
C SER B 793 -31.57 -22.08 -20.66
N LYS B 794 -30.49 -22.60 -20.06
CA LYS B 794 -29.15 -22.17 -20.42
C LYS B 794 -28.60 -22.82 -21.67
N TYR B 795 -29.22 -23.91 -22.15
CA TYR B 795 -28.68 -24.61 -23.31
C TYR B 795 -28.72 -23.73 -24.56
N PHE B 796 -29.82 -23.02 -24.76
CA PHE B 796 -29.98 -22.18 -25.95
C PHE B 796 -29.41 -20.78 -25.77
N SER B 797 -28.81 -20.49 -24.62
CA SER B 797 -28.22 -19.17 -24.41
C SER B 797 -27.03 -18.94 -25.35
N ASP B 798 -26.27 -19.98 -25.66
CA ASP B 798 -25.07 -19.87 -26.46
C ASP B 798 -25.32 -20.32 -27.89
N LEU B 799 -24.55 -19.75 -28.82
CA LEU B 799 -24.75 -20.02 -30.23
C LEU B 799 -24.29 -21.42 -30.62
N TRP B 800 -23.23 -21.92 -29.96
CA TRP B 800 -22.58 -23.15 -30.40
C TRP B 800 -23.48 -24.38 -30.24
N ASN B 801 -24.21 -24.47 -29.12
CA ASN B 801 -25.19 -25.54 -28.96
C ASN B 801 -26.29 -25.48 -30.03
N VAL B 802 -26.79 -24.27 -30.30
CA VAL B 802 -27.76 -24.08 -31.36
C VAL B 802 -27.21 -24.59 -32.68
N MET B 803 -25.94 -24.29 -32.97
CA MET B 803 -25.36 -24.75 -34.22
C MET B 803 -25.31 -26.27 -34.30
N ASP B 804 -24.90 -26.93 -33.22
CA ASP B 804 -24.89 -28.39 -33.23
C ASP B 804 -26.27 -28.95 -33.55
N THR B 805 -27.30 -28.43 -32.88
CA THR B 805 -28.65 -28.94 -33.13
C THR B 805 -29.08 -28.67 -34.57
N LEU B 806 -28.81 -27.47 -35.07
CA LEU B 806 -29.22 -27.16 -36.43
C LEU B 806 -28.47 -28.04 -37.44
N ALA B 807 -27.24 -28.42 -37.12
CA ALA B 807 -26.51 -29.34 -37.99
C ALA B 807 -27.21 -30.69 -38.07
N ILE B 808 -27.65 -31.22 -36.93
CA ILE B 808 -28.28 -32.53 -36.97
C ILE B 808 -29.60 -32.44 -37.76
N PHE B 809 -30.37 -31.37 -37.56
CA PHE B 809 -31.60 -31.21 -38.34
C PHE B 809 -31.31 -31.09 -39.83
N TYR B 810 -30.22 -30.38 -40.17
CA TYR B 810 -29.80 -30.29 -41.57
C TYR B 810 -29.55 -31.68 -42.14
N PHE B 811 -28.96 -32.55 -41.35
CA PHE B 811 -28.70 -33.90 -41.82
C PHE B 811 -30.00 -34.60 -42.13
N ILE B 812 -31.00 -34.39 -41.29
CA ILE B 812 -32.28 -35.03 -41.48
C ILE B 812 -32.81 -34.61 -42.83
N ALA B 813 -32.79 -33.32 -43.11
CA ALA B 813 -33.22 -32.85 -44.43
C ALA B 813 -32.45 -33.55 -45.54
N GLY B 814 -31.14 -33.75 -45.34
CA GLY B 814 -30.35 -34.39 -46.37
C GLY B 814 -30.82 -35.81 -46.68
N ILE B 815 -31.15 -36.57 -45.64
CA ILE B 815 -31.72 -37.90 -45.87
C ILE B 815 -33.02 -37.78 -46.64
N VAL B 816 -33.87 -36.81 -46.26
CA VAL B 816 -35.14 -36.66 -46.96
C VAL B 816 -34.88 -36.53 -48.46
N PHE B 817 -33.87 -35.74 -48.83
CA PHE B 817 -33.58 -35.63 -50.26
C PHE B 817 -33.03 -36.93 -50.83
N ARG B 818 -32.08 -37.56 -50.14
CA ARG B 818 -31.41 -38.72 -50.72
C ARG B 818 -32.40 -39.83 -51.04
N LEU B 819 -33.42 -40.01 -50.21
CA LEU B 819 -34.27 -41.18 -50.38
C LEU B 819 -35.17 -41.10 -51.60
N HIS B 820 -35.32 -39.92 -52.22
CA HIS B 820 -36.22 -39.80 -53.36
C HIS B 820 -35.77 -40.59 -54.58
N SER B 821 -34.50 -40.97 -54.63
CA SER B 821 -33.96 -41.79 -55.72
C SER B 821 -34.11 -41.12 -57.09
N ASP B 822 -34.16 -39.79 -57.11
CA ASP B 822 -34.11 -39.04 -58.35
C ASP B 822 -32.81 -38.24 -58.39
N GLU B 823 -32.17 -38.24 -59.56
CA GLU B 823 -30.83 -37.65 -59.67
C GLU B 823 -30.83 -36.19 -59.25
N SER B 824 -31.86 -35.44 -59.66
CA SER B 824 -31.92 -34.02 -59.33
C SER B 824 -31.94 -33.80 -57.83
N SER B 825 -32.74 -34.59 -57.10
CA SER B 825 -32.75 -34.49 -55.64
C SER B 825 -31.52 -35.14 -55.04
N TRP B 826 -30.98 -36.16 -55.71
CA TRP B 826 -29.79 -36.86 -55.23
C TRP B 826 -28.61 -35.90 -55.09
N TYR B 827 -28.37 -35.09 -56.13
CA TYR B 827 -27.26 -34.13 -56.10
C TYR B 827 -27.44 -33.13 -54.96
N SER B 828 -28.66 -32.61 -54.78
CA SER B 828 -28.91 -31.65 -53.71
C SER B 828 -28.66 -32.28 -52.35
N GLY B 829 -29.09 -33.52 -52.14
CA GLY B 829 -28.81 -34.19 -50.89
C GLY B 829 -27.32 -34.33 -50.65
N ARG B 830 -26.57 -34.63 -51.70
CA ARG B 830 -25.12 -34.72 -51.59
C ARG B 830 -24.51 -33.40 -51.13
N VAL B 831 -24.96 -32.30 -51.73
CA VAL B 831 -24.46 -30.98 -51.33
C VAL B 831 -24.79 -30.71 -49.86
N ILE B 832 -26.01 -31.05 -49.45
CA ILE B 832 -26.42 -30.87 -48.06
C ILE B 832 -25.47 -31.63 -47.14
N PHE B 833 -25.15 -32.87 -47.51
CA PHE B 833 -24.22 -33.66 -46.70
C PHE B 833 -22.87 -32.98 -46.57
N CYS B 834 -22.35 -32.44 -47.67
CA CYS B 834 -21.05 -31.77 -47.61
C CYS B 834 -21.08 -30.61 -46.61
N LEU B 835 -22.10 -29.77 -46.70
CA LEU B 835 -22.17 -28.62 -45.80
C LEU B 835 -22.30 -29.06 -44.34
N ASP B 836 -23.10 -30.10 -44.09
CA ASP B 836 -23.22 -30.62 -42.73
C ASP B 836 -21.87 -31.13 -42.23
N TYR B 837 -21.08 -31.73 -43.12
CA TYR B 837 -19.74 -32.18 -42.74
C TYR B 837 -18.89 -31.02 -42.28
N ILE B 838 -18.92 -29.91 -43.02
CA ILE B 838 -18.16 -28.73 -42.60
C ILE B 838 -18.61 -28.30 -41.20
N VAL B 839 -19.92 -28.29 -40.96
CA VAL B 839 -20.42 -27.85 -39.66
C VAL B 839 -19.90 -28.75 -38.55
N PHE B 840 -19.91 -30.06 -38.76
CA PHE B 840 -19.42 -30.98 -37.75
C PHE B 840 -17.94 -30.71 -37.45
N THR B 841 -17.14 -30.47 -38.49
CA THR B 841 -15.74 -30.15 -38.26
C THR B 841 -15.59 -28.89 -37.42
N LEU B 842 -16.44 -27.88 -37.67
CA LEU B 842 -16.40 -26.67 -36.86
C LEU B 842 -16.68 -26.99 -35.40
N ARG B 843 -17.66 -27.86 -35.14
CA ARG B 843 -17.93 -28.27 -33.77
C ARG B 843 -16.70 -28.87 -33.11
N LEU B 844 -16.01 -29.74 -33.84
CA LEU B 844 -14.81 -30.37 -33.28
C LEU B 844 -13.74 -29.32 -32.95
N ILE B 845 -13.56 -28.34 -33.84
CA ILE B 845 -12.57 -27.30 -33.59
C ILE B 845 -12.92 -26.52 -32.34
N HIS B 846 -14.21 -26.21 -32.15
CA HIS B 846 -14.63 -25.52 -30.94
C HIS B 846 -14.26 -26.32 -29.70
N ILE B 847 -14.47 -27.63 -29.76
CA ILE B 847 -14.12 -28.49 -28.64
C ILE B 847 -12.63 -28.38 -28.32
N PHE B 848 -11.79 -28.48 -29.33
CA PHE B 848 -10.34 -28.40 -29.12
C PHE B 848 -9.92 -27.07 -28.54
N THR B 849 -10.49 -25.99 -29.05
CA THR B 849 -10.13 -24.66 -28.59
C THR B 849 -10.38 -24.50 -27.11
N VAL B 850 -11.60 -24.80 -26.68
CA VAL B 850 -11.97 -24.63 -25.28
C VAL B 850 -11.24 -25.64 -24.41
N SER B 851 -11.03 -26.85 -24.91
CA SER B 851 -10.31 -27.85 -24.12
C SER B 851 -8.90 -27.35 -23.80
N ARG B 852 -8.22 -26.77 -24.79
CA ARG B 852 -6.85 -26.33 -24.54
C ARG B 852 -6.78 -25.09 -23.67
N ASN B 853 -7.69 -24.12 -23.85
CA ASN B 853 -7.52 -22.83 -23.20
C ASN B 853 -8.06 -22.79 -21.78
N LEU B 854 -8.68 -23.87 -21.28
CA LEU B 854 -9.21 -23.86 -19.92
C LEU B 854 -8.10 -23.59 -18.90
N GLY B 855 -8.35 -22.60 -18.03
CA GLY B 855 -7.35 -22.05 -17.15
C GLY B 855 -7.66 -20.59 -16.85
N PRO B 856 -6.66 -19.71 -16.95
CA PRO B 856 -6.90 -18.28 -16.73
C PRO B 856 -7.25 -17.48 -17.99
N LYS B 857 -7.46 -18.14 -19.12
CA LYS B 857 -7.81 -17.47 -20.37
C LYS B 857 -9.28 -17.65 -20.77
N ILE B 858 -10.08 -18.29 -19.92
CA ILE B 858 -11.41 -18.72 -20.38
C ILE B 858 -12.38 -17.54 -20.39
N ILE B 859 -12.25 -16.61 -19.44
CA ILE B 859 -13.06 -15.41 -19.45
C ILE B 859 -12.77 -14.58 -20.71
N MET B 860 -11.47 -14.42 -21.03
CA MET B 860 -11.08 -13.72 -22.25
C MET B 860 -11.69 -14.38 -23.47
N LEU B 861 -11.65 -15.71 -23.52
CA LEU B 861 -12.15 -16.41 -24.70
C LEU B 861 -13.66 -16.30 -24.81
N GLN B 862 -14.36 -16.29 -23.67
CA GLN B 862 -15.82 -16.27 -23.75
C GLN B 862 -16.35 -14.90 -24.13
N ARG B 863 -15.73 -13.81 -23.65
CA ARG B 863 -16.23 -12.48 -24.03
C ARG B 863 -15.99 -12.20 -25.51
N MET B 864 -14.84 -12.62 -26.04
CA MET B 864 -14.44 -12.24 -27.38
C MET B 864 -15.32 -12.88 -28.45
N MET B 865 -15.78 -14.12 -28.23
CA MET B 865 -16.69 -14.72 -29.19
C MET B 865 -17.93 -13.87 -29.38
N ILE B 866 -18.50 -13.39 -28.27
CA ILE B 866 -19.68 -12.54 -28.35
C ILE B 866 -19.37 -11.25 -29.09
N ASP B 867 -18.24 -10.62 -28.75
CA ASP B 867 -17.92 -9.35 -29.40
C ASP B 867 -17.74 -9.54 -30.91
N VAL B 868 -17.04 -10.60 -31.32
CA VAL B 868 -16.82 -10.85 -32.74
C VAL B 868 -18.15 -11.17 -33.43
N PHE B 869 -19.05 -11.86 -32.75
CA PHE B 869 -20.37 -12.11 -33.34
C PHE B 869 -21.09 -10.80 -33.60
N PHE B 870 -21.04 -9.86 -32.65
CA PHE B 870 -21.69 -8.57 -32.89
C PHE B 870 -21.06 -7.84 -34.07
N PHE B 871 -19.73 -7.89 -34.17
CA PHE B 871 -19.07 -7.24 -35.30
C PHE B 871 -19.54 -7.84 -36.63
N LEU B 872 -19.64 -9.17 -36.69
CA LEU B 872 -20.12 -9.81 -37.91
C LEU B 872 -21.54 -9.39 -38.22
N PHE B 873 -22.37 -9.24 -37.19
CA PHE B 873 -23.74 -8.78 -37.39
C PHE B 873 -23.75 -7.40 -38.04
N LEU B 874 -22.94 -6.48 -37.53
CA LEU B 874 -22.87 -5.15 -38.12
C LEU B 874 -22.39 -5.22 -39.56
N PHE B 875 -21.41 -6.07 -39.83
CA PHE B 875 -20.89 -6.20 -41.19
C PHE B 875 -21.98 -6.67 -42.15
N ALA B 876 -22.79 -7.65 -41.73
CA ALA B 876 -23.89 -8.12 -42.57
C ALA B 876 -24.89 -7.00 -42.83
N VAL B 877 -25.25 -6.26 -41.78
CA VAL B 877 -26.18 -5.15 -41.94
C VAL B 877 -25.65 -4.17 -42.99
N TRP B 878 -24.35 -3.86 -42.92
CA TRP B 878 -23.77 -2.93 -43.89
C TRP B 878 -23.80 -3.50 -45.29
N MET B 879 -23.54 -4.81 -45.42
CA MET B 879 -23.51 -5.42 -46.74
C MET B 879 -24.86 -5.33 -47.41
N VAL B 880 -25.95 -5.46 -46.65
CA VAL B 880 -27.27 -5.37 -47.27
C VAL B 880 -27.45 -4.00 -47.93
N ALA B 881 -27.09 -2.93 -47.22
CA ALA B 881 -27.24 -1.59 -47.79
C ALA B 881 -26.36 -1.40 -49.01
N PHE B 882 -25.12 -1.88 -48.93
CA PHE B 882 -24.22 -1.79 -50.08
C PHE B 882 -24.84 -2.47 -51.30
N GLY B 883 -25.39 -3.66 -51.11
CA GLY B 883 -25.99 -4.39 -52.21
C GLY B 883 -27.19 -3.67 -52.79
N VAL B 884 -28.04 -3.11 -51.93
CA VAL B 884 -29.20 -2.37 -52.42
C VAL B 884 -28.75 -1.20 -53.27
N ALA B 885 -27.76 -0.44 -52.79
CA ALA B 885 -27.28 0.70 -53.54
C ALA B 885 -26.75 0.27 -54.91
N ARG B 886 -25.92 -0.78 -54.93
CA ARG B 886 -25.34 -1.23 -56.19
C ARG B 886 -26.41 -1.71 -57.16
N GLN B 887 -27.37 -2.49 -56.68
CA GLN B 887 -28.43 -2.98 -57.55
C GLN B 887 -29.26 -1.83 -58.10
N GLY B 888 -29.58 -0.85 -57.26
CA GLY B 888 -30.35 0.29 -57.73
C GLY B 888 -29.62 1.08 -58.79
N ILE B 889 -28.32 1.33 -58.58
CA ILE B 889 -27.58 2.14 -59.54
C ILE B 889 -27.44 1.42 -60.87
N LEU B 890 -27.09 0.13 -60.84
CA LEU B 890 -26.74 -0.53 -62.10
C LEU B 890 -27.96 -0.88 -62.94
N ARG B 891 -28.84 -1.73 -62.41
CA ARG B 891 -29.93 -2.30 -63.19
C ARG B 891 -31.21 -1.49 -62.99
N LYS B 892 -31.96 -1.32 -64.08
CA LYS B 892 -33.22 -0.59 -64.06
C LYS B 892 -34.38 -1.37 -64.67
N ASN B 893 -34.13 -2.13 -65.75
CA ASN B 893 -35.23 -2.78 -66.46
C ASN B 893 -35.92 -3.83 -65.60
N GLU B 894 -35.13 -4.58 -64.84
CA GLU B 894 -35.61 -5.69 -64.01
C GLU B 894 -36.58 -5.33 -62.86
N HIS B 895 -37.86 -5.69 -62.98
CA HIS B 895 -38.82 -5.44 -61.91
C HIS B 895 -39.31 -6.71 -61.20
N ARG B 896 -38.86 -7.88 -61.64
CA ARG B 896 -39.28 -9.14 -61.05
C ARG B 896 -38.95 -9.17 -59.57
N TRP B 897 -39.94 -9.49 -58.75
CA TRP B 897 -39.71 -9.60 -57.30
C TRP B 897 -38.70 -10.69 -56.99
N GLU B 898 -38.71 -11.78 -57.77
CA GLU B 898 -37.85 -12.91 -57.46
C GLU B 898 -36.38 -12.56 -57.62
N TRP B 899 -36.03 -11.84 -58.68
CA TRP B 899 -34.63 -11.55 -58.95
C TRP B 899 -34.05 -10.55 -57.95
N ILE B 900 -34.89 -9.65 -57.43
CA ILE B 900 -34.40 -8.62 -56.52
C ILE B 900 -33.81 -9.24 -55.27
N PHE B 901 -34.47 -10.26 -54.73
CA PHE B 901 -33.95 -10.93 -53.53
C PHE B 901 -32.56 -11.48 -53.79
N ARG B 902 -32.43 -12.29 -54.85
CA ARG B 902 -31.13 -12.80 -55.24
C ARG B 902 -30.10 -11.68 -55.27
N SER B 903 -30.38 -10.65 -56.07
CA SER B 903 -29.42 -9.58 -56.27
C SER B 903 -29.01 -8.97 -54.95
N VAL B 904 -29.94 -8.32 -54.26
CA VAL B 904 -29.57 -7.54 -53.09
C VAL B 904 -28.91 -8.41 -52.04
N ILE B 905 -29.37 -9.65 -51.88
CA ILE B 905 -28.89 -10.45 -50.76
C ILE B 905 -27.50 -11.03 -51.05
N TYR B 906 -27.33 -11.74 -52.17
CA TYR B 906 -26.05 -12.42 -52.40
C TYR B 906 -25.44 -12.10 -53.75
N GLU B 907 -25.52 -10.84 -54.19
CA GLU B 907 -24.55 -10.33 -55.15
C GLU B 907 -23.30 -9.81 -54.44
N PRO B 908 -23.42 -9.03 -53.36
CA PRO B 908 -22.19 -8.44 -52.77
C PRO B 908 -21.20 -9.47 -52.28
N TYR B 909 -21.67 -10.55 -51.65
CA TYR B 909 -20.74 -11.59 -51.20
C TYR B 909 -20.02 -12.22 -52.38
N LEU B 910 -20.73 -12.41 -53.50
CA LEU B 910 -20.09 -12.88 -54.71
C LEU B 910 -19.03 -11.88 -55.19
N ALA B 911 -19.35 -10.59 -55.10
CA ALA B 911 -18.37 -9.57 -55.51
C ALA B 911 -17.10 -9.66 -54.67
N MET B 912 -17.25 -9.87 -53.35
CA MET B 912 -16.08 -10.05 -52.50
C MET B 912 -15.33 -11.31 -52.89
N PHE B 913 -15.98 -12.47 -52.76
CA PHE B 913 -15.42 -13.75 -53.19
C PHE B 913 -16.49 -14.48 -53.98
N GLY B 914 -16.33 -14.52 -55.29
CA GLY B 914 -17.28 -15.21 -56.14
C GLY B 914 -16.83 -15.13 -57.59
N GLN B 915 -17.49 -15.95 -58.42
CA GLN B 915 -17.18 -15.96 -59.84
C GLN B 915 -17.76 -14.75 -60.55
N TYR B 916 -18.91 -14.25 -60.09
CA TYR B 916 -19.54 -13.10 -60.71
C TYR B 916 -18.78 -11.82 -60.36
N PRO B 950 -19.35 -0.14 -57.40
CA PRO B 950 -20.33 0.29 -58.40
C PRO B 950 -19.96 1.60 -59.07
N ARG B 951 -19.21 1.54 -60.16
CA ARG B 951 -18.78 2.73 -60.90
C ARG B 951 -19.27 2.62 -62.34
N PHE B 952 -20.54 2.98 -62.54
CA PHE B 952 -20.99 3.42 -63.85
C PHE B 952 -20.70 4.91 -64.02
N PRO B 953 -21.05 5.75 -63.01
CA PRO B 953 -20.89 7.20 -63.19
C PRO B 953 -19.51 7.70 -62.78
N GLU B 954 -18.91 8.52 -63.63
CA GLU B 954 -17.59 9.09 -63.34
C GLU B 954 -17.67 10.33 -62.46
N TRP B 955 -18.85 10.94 -62.32
CA TRP B 955 -18.93 12.28 -61.73
C TRP B 955 -19.04 12.26 -60.21
N ILE B 956 -19.53 11.16 -59.61
CA ILE B 956 -19.75 11.12 -58.17
C ILE B 956 -18.75 10.17 -57.50
N THR B 957 -17.58 10.02 -58.10
CA THR B 957 -16.58 9.10 -57.56
C THR B 957 -16.09 9.57 -56.19
N ILE B 958 -15.80 10.86 -56.05
CA ILE B 958 -15.20 11.34 -54.80
C ILE B 958 -16.12 11.18 -53.61
N PRO B 959 -17.41 11.54 -53.67
CA PRO B 959 -18.29 11.26 -52.53
C PRO B 959 -18.37 9.78 -52.19
N LEU B 960 -18.32 8.91 -53.20
CA LEU B 960 -18.29 7.48 -52.95
C LEU B 960 -17.03 7.09 -52.17
N VAL B 961 -15.89 7.67 -52.52
CA VAL B 961 -14.66 7.41 -51.79
C VAL B 961 -14.81 7.84 -50.34
N CYS B 962 -15.39 9.01 -50.11
CA CYS B 962 -15.57 9.49 -48.74
C CYS B 962 -16.49 8.57 -47.94
N ILE B 963 -17.55 8.09 -48.59
CA ILE B 963 -18.47 7.15 -47.94
C ILE B 963 -17.72 5.88 -47.55
N TYR B 964 -16.89 5.36 -48.47
CA TYR B 964 -16.07 4.20 -48.15
C TYR B 964 -15.21 4.48 -46.93
N MET B 965 -14.60 5.67 -46.85
CA MET B 965 -13.76 5.99 -45.71
C MET B 965 -14.56 5.97 -44.41
N LEU B 966 -15.76 6.52 -44.43
CA LEU B 966 -16.59 6.54 -43.21
C LEU B 966 -16.94 5.12 -42.76
N SER B 967 -17.36 4.28 -43.71
CA SER B 967 -17.70 2.91 -43.35
C SER B 967 -16.50 2.18 -42.79
N THR B 968 -15.32 2.38 -43.41
CA THR B 968 -14.10 1.81 -42.88
C THR B 968 -13.87 2.24 -41.44
N ASN B 969 -14.04 3.54 -41.17
CA ASN B 969 -13.81 4.03 -39.81
C ASN B 969 -14.69 3.28 -38.82
N ILE B 970 -16.00 3.23 -39.09
CA ILE B 970 -16.92 2.62 -38.12
C ILE B 970 -16.56 1.15 -37.91
N LEU B 971 -16.39 0.41 -39.00
CA LEU B 971 -16.20 -1.03 -38.86
C LEU B 971 -14.87 -1.35 -38.20
N LEU B 972 -13.81 -0.62 -38.54
CA LEU B 972 -12.53 -0.84 -37.88
C LEU B 972 -12.62 -0.53 -36.39
N VAL B 973 -13.31 0.55 -36.02
CA VAL B 973 -13.51 0.84 -34.61
C VAL B 973 -14.20 -0.32 -33.91
N ASN B 974 -15.27 -0.85 -34.52
CA ASN B 974 -16.00 -1.94 -33.89
C ASN B 974 -15.12 -3.18 -33.71
N LEU B 975 -14.33 -3.51 -34.73
CA LEU B 975 -13.44 -4.66 -34.62
C LEU B 975 -12.42 -4.48 -33.51
N LEU B 976 -11.81 -3.30 -33.40
CA LEU B 976 -10.81 -3.10 -32.37
C LEU B 976 -11.43 -3.12 -30.98
N VAL B 977 -12.66 -2.61 -30.85
CA VAL B 977 -13.36 -2.71 -29.58
C VAL B 977 -13.60 -4.18 -29.24
N ALA B 978 -14.00 -4.98 -30.22
CA ALA B 978 -14.15 -6.40 -29.97
C ALA B 978 -12.84 -7.00 -29.49
N MET B 979 -11.73 -6.57 -30.07
CA MET B 979 -10.42 -7.08 -29.66
C MET B 979 -10.13 -6.75 -28.19
N PHE B 980 -10.33 -5.49 -27.81
CA PHE B 980 -9.83 -5.00 -26.53
C PHE B 980 -10.90 -4.86 -25.45
N GLY B 981 -12.10 -5.41 -25.68
CA GLY B 981 -13.16 -5.24 -24.69
C GLY B 981 -12.89 -5.91 -23.36
N TYR B 982 -12.25 -7.08 -23.38
CA TYR B 982 -12.19 -7.92 -22.19
C TYR B 982 -11.40 -7.29 -21.05
N THR B 983 -10.61 -6.24 -21.30
CA THR B 983 -9.71 -5.71 -20.30
C THR B 983 -10.36 -4.71 -19.35
N VAL B 984 -11.36 -3.96 -19.82
CA VAL B 984 -11.83 -2.80 -19.05
C VAL B 984 -12.54 -3.24 -17.79
N GLY B 985 -13.44 -4.22 -17.89
CA GLY B 985 -14.30 -4.56 -16.77
C GLY B 985 -13.55 -5.17 -15.60
N SER B 986 -12.56 -6.01 -15.89
CA SER B 986 -11.94 -6.84 -14.86
C SER B 986 -11.04 -6.01 -13.95
N VAL B 987 -10.68 -6.62 -12.81
CA VAL B 987 -9.74 -6.04 -11.85
C VAL B 987 -8.58 -7.02 -11.68
N GLN B 988 -7.36 -6.48 -11.70
CA GLN B 988 -6.18 -7.34 -11.68
C GLN B 988 -6.02 -8.07 -10.35
N GLU B 989 -6.41 -7.45 -9.25
CA GLU B 989 -6.15 -8.03 -7.93
C GLU B 989 -6.83 -9.39 -7.77
N ASN B 990 -8.12 -9.47 -8.11
CA ASN B 990 -8.92 -10.67 -7.88
C ASN B 990 -9.25 -11.40 -9.17
N ASN B 991 -8.33 -11.40 -10.14
CA ASN B 991 -8.61 -12.02 -11.44
C ASN B 991 -8.70 -13.54 -11.34
N ASP B 992 -8.04 -14.15 -10.34
CA ASP B 992 -7.93 -15.60 -10.30
C ASP B 992 -9.28 -16.26 -9.98
N GLN B 993 -10.02 -15.68 -9.03
CA GLN B 993 -11.26 -16.28 -8.57
C GLN B 993 -12.25 -16.43 -9.72
N VAL B 994 -12.29 -15.46 -10.63
CA VAL B 994 -13.29 -15.45 -11.69
C VAL B 994 -13.13 -16.68 -12.58
N TRP B 995 -11.91 -16.91 -13.06
CA TRP B 995 -11.68 -18.04 -13.94
C TRP B 995 -11.78 -19.36 -13.18
N LYS B 996 -11.41 -19.37 -11.90
CA LYS B 996 -11.59 -20.61 -11.13
C LYS B 996 -13.07 -20.97 -11.06
N PHE B 997 -13.93 -19.98 -10.79
CA PHE B 997 -15.37 -20.22 -10.77
C PHE B 997 -15.87 -20.72 -12.11
N GLN B 998 -15.44 -20.06 -13.20
CA GLN B 998 -15.91 -20.45 -14.52
C GLN B 998 -15.52 -21.89 -14.84
N ARG B 999 -14.27 -22.25 -14.52
CA ARG B 999 -13.82 -23.63 -14.76
C ARG B 999 -14.62 -24.63 -13.94
N PHE B 1000 -14.87 -24.31 -12.66
CA PHE B 1000 -15.70 -25.19 -11.85
C PHE B 1000 -17.04 -25.43 -12.52
N PHE B 1001 -17.66 -24.36 -13.04
CA PHE B 1001 -18.98 -24.48 -13.65
C PHE B 1001 -18.93 -25.41 -14.87
N LEU B 1002 -17.98 -25.17 -15.77
CA LEU B 1002 -17.91 -25.98 -16.98
C LEU B 1002 -17.60 -27.44 -16.66
N VAL B 1003 -16.68 -27.68 -15.74
CA VAL B 1003 -16.34 -29.05 -15.39
C VAL B 1003 -17.55 -29.75 -14.79
N GLN B 1004 -18.27 -29.06 -13.92
CA GLN B 1004 -19.45 -29.65 -13.31
C GLN B 1004 -20.44 -30.05 -14.38
N GLU B 1005 -20.68 -29.17 -15.34
CA GLU B 1005 -21.58 -29.51 -16.43
C GLU B 1005 -21.12 -30.78 -17.15
N TYR B 1006 -19.85 -30.82 -17.54
CA TYR B 1006 -19.36 -31.99 -18.27
C TYR B 1006 -19.47 -33.26 -17.43
N CYS B 1007 -19.11 -33.17 -16.15
CA CYS B 1007 -19.18 -34.34 -15.28
C CYS B 1007 -20.62 -34.85 -15.18
N SER B 1008 -21.58 -33.94 -15.08
CA SER B 1008 -22.97 -34.36 -15.06
C SER B 1008 -23.35 -35.05 -16.36
N ARG B 1009 -22.91 -34.51 -17.50
CA ARG B 1009 -23.31 -35.09 -18.78
C ARG B 1009 -22.76 -36.50 -18.97
N LEU B 1010 -21.45 -36.66 -18.82
CA LEU B 1010 -20.81 -37.90 -19.25
C LEU B 1010 -21.24 -39.07 -18.39
N THR B 1011 -21.66 -40.16 -19.05
CA THR B 1011 -22.05 -41.39 -18.37
C THR B 1011 -21.20 -42.58 -18.76
N ILE B 1012 -21.06 -42.86 -20.05
CA ILE B 1012 -20.30 -44.01 -20.53
C ILE B 1012 -19.72 -43.68 -21.90
N PRO B 1013 -18.90 -44.55 -22.50
CA PRO B 1013 -18.39 -44.26 -23.84
C PRO B 1013 -19.51 -44.08 -24.85
N PHE B 1014 -19.26 -43.20 -25.81
CA PHE B 1014 -20.31 -42.78 -26.73
C PHE B 1014 -20.96 -43.94 -27.48
N PRO B 1015 -20.23 -44.86 -28.11
CA PRO B 1015 -20.88 -45.81 -29.03
C PRO B 1015 -21.95 -46.66 -28.38
N PHE B 1016 -21.81 -47.01 -27.10
CA PHE B 1016 -22.78 -47.85 -26.41
C PHE B 1016 -23.87 -47.05 -25.73
N VAL B 1017 -23.80 -45.72 -25.77
CA VAL B 1017 -24.69 -44.88 -24.96
C VAL B 1017 -26.14 -45.32 -25.10
N ILE B 1018 -26.57 -45.62 -26.33
CA ILE B 1018 -28.00 -45.85 -26.56
C ILE B 1018 -28.52 -46.91 -25.60
N PHE B 1019 -27.75 -47.97 -25.38
CA PHE B 1019 -28.20 -49.02 -24.49
C PHE B 1019 -28.69 -48.44 -23.18
N ALA B 1020 -27.81 -47.69 -22.50
CA ALA B 1020 -28.19 -47.09 -21.22
C ALA B 1020 -29.49 -46.31 -21.38
N TYR B 1021 -29.56 -45.44 -22.40
CA TYR B 1021 -30.78 -44.67 -22.61
C TYR B 1021 -31.99 -45.59 -22.67
N ILE B 1022 -31.93 -46.60 -23.53
CA ILE B 1022 -33.06 -47.53 -23.62
C ILE B 1022 -33.34 -48.12 -22.24
N PHE B 1023 -32.30 -48.64 -21.60
CA PHE B 1023 -32.45 -49.17 -20.25
C PHE B 1023 -33.13 -48.13 -19.36
N MET B 1024 -32.63 -46.90 -19.39
CA MET B 1024 -33.18 -45.86 -18.54
C MET B 1024 -34.68 -45.72 -18.77
N VAL B 1025 -35.09 -45.65 -20.04
CA VAL B 1025 -36.50 -45.43 -20.32
C VAL B 1025 -37.33 -46.62 -19.84
N MET B 1026 -36.76 -47.82 -19.86
CA MET B 1026 -37.46 -48.97 -19.29
C MET B 1026 -37.63 -48.81 -17.80
N ARG B 1027 -36.60 -48.28 -17.11
CA ARG B 1027 -36.67 -48.10 -15.67
C ARG B 1027 -37.74 -47.08 -15.30
N LYS B 1028 -37.78 -45.96 -16.01
CA LYS B 1028 -38.74 -44.89 -15.72
C LYS B 1028 -39.81 -44.81 -16.80
N PRO B 1041 -39.14 -39.68 1.47
CA PRO B 1041 -39.59 -39.05 2.73
C PRO B 1041 -38.54 -39.14 3.83
N SER B 1042 -37.46 -38.38 3.68
CA SER B 1042 -36.35 -38.37 4.63
C SER B 1042 -36.30 -37.02 5.33
N VAL B 1043 -36.19 -37.04 6.66
CA VAL B 1043 -36.13 -35.81 7.44
C VAL B 1043 -34.71 -35.24 7.38
N CYS B 1044 -34.60 -33.92 7.56
CA CYS B 1044 -33.30 -33.27 7.47
C CYS B 1044 -32.33 -33.80 8.52
N CYS B 1045 -32.77 -33.94 9.78
CA CYS B 1045 -31.87 -34.12 10.90
C CYS B 1045 -32.30 -35.24 11.84
N SER B 1046 -33.35 -36.00 11.47
CA SER B 1046 -33.82 -37.07 12.35
C SER B 1046 -32.77 -38.15 12.52
N ARG B 1047 -32.08 -38.51 11.43
CA ARG B 1047 -31.16 -39.64 11.47
C ARG B 1047 -29.93 -39.32 12.31
N ASN B 1048 -29.41 -40.36 12.97
CA ASN B 1048 -28.29 -40.21 13.89
C ASN B 1048 -26.98 -39.93 13.17
N GLU B 1049 -26.69 -40.71 12.12
CA GLU B 1049 -25.46 -40.49 11.37
C GLU B 1049 -25.43 -39.08 10.79
N ASP B 1050 -26.60 -38.52 10.50
CA ASP B 1050 -26.68 -37.11 10.12
C ASP B 1050 -26.36 -36.20 11.28
N ASN B 1051 -26.76 -36.59 12.50
CA ASN B 1051 -26.50 -35.77 13.68
C ASN B 1051 -25.01 -35.64 13.95
N GLU B 1052 -24.25 -36.73 13.74
CA GLU B 1052 -22.83 -36.70 14.06
C GLU B 1052 -22.10 -35.61 13.28
N ILE B 1053 -22.42 -35.47 11.99
CA ILE B 1053 -21.72 -34.51 11.15
C ILE B 1053 -21.95 -33.09 11.67
N LEU B 1054 -23.19 -32.78 12.03
CA LEU B 1054 -23.51 -31.44 12.52
C LEU B 1054 -22.82 -31.18 13.86
N ALA B 1055 -22.74 -32.20 14.72
CA ALA B 1055 -22.02 -32.02 15.98
C ALA B 1055 -20.56 -31.68 15.74
N TRP B 1056 -19.92 -32.40 14.81
CA TRP B 1056 -18.53 -32.11 14.48
C TRP B 1056 -18.39 -30.70 13.94
N GLU B 1057 -19.32 -30.27 13.08
CA GLU B 1057 -19.28 -28.92 12.54
C GLU B 1057 -19.38 -27.87 13.64
N ALA B 1058 -20.24 -28.12 14.64
CA ALA B 1058 -20.40 -27.16 15.73
C ALA B 1058 -19.11 -27.02 16.52
N VAL B 1059 -18.44 -28.14 16.82
CA VAL B 1059 -17.15 -28.08 17.50
C VAL B 1059 -16.16 -27.26 16.68
N MET B 1060 -16.13 -27.50 15.36
CA MET B 1060 -15.24 -26.74 14.50
C MET B 1060 -15.54 -25.24 14.57
N LYS B 1061 -16.82 -24.89 14.57
CA LYS B 1061 -17.20 -23.48 14.70
C LYS B 1061 -16.69 -22.89 16.00
N GLU B 1062 -16.79 -23.64 17.09
CA GLU B 1062 -16.30 -23.11 18.36
C GLU B 1062 -14.82 -22.77 18.26
N ASN B 1063 -14.05 -23.65 17.64
CA ASN B 1063 -12.63 -23.33 17.46
C ASN B 1063 -12.45 -22.07 16.61
N TYR B 1064 -13.23 -21.95 15.52
CA TYR B 1064 -13.10 -20.78 14.66
C TYR B 1064 -13.43 -19.49 15.41
N LEU B 1065 -14.48 -19.52 16.22
CA LEU B 1065 -14.87 -18.34 16.98
C LEU B 1065 -13.78 -17.94 17.96
N VAL B 1066 -13.20 -18.93 18.65
CA VAL B 1066 -12.10 -18.61 19.55
C VAL B 1066 -10.97 -17.93 18.79
N LYS B 1067 -10.65 -18.44 17.60
CA LYS B 1067 -9.56 -17.85 16.84
C LYS B 1067 -9.88 -16.41 16.42
N ILE B 1068 -11.09 -16.15 15.94
CA ILE B 1068 -11.40 -14.81 15.47
C ILE B 1068 -11.45 -13.82 16.62
N ASN B 1069 -11.95 -14.25 17.79
CA ASN B 1069 -12.19 -13.30 18.87
C ASN B 1069 -10.90 -12.61 19.31
N THR B 1070 -9.80 -13.36 19.43
CA THR B 1070 -8.57 -12.77 19.95
C THR B 1070 -8.06 -11.65 19.07
N LYS B 1071 -8.07 -11.84 17.76
CA LYS B 1071 -7.60 -10.83 16.82
C LYS B 1071 -8.58 -9.66 16.74
N GLU B 1078 -4.25 -1.85 24.57
CA GLU B 1078 -3.42 -2.63 25.46
C GLU B 1078 -2.48 -1.72 26.26
N MET B 1079 -1.77 -0.85 25.55
CA MET B 1079 -0.84 0.06 26.20
C MET B 1079 -1.57 1.06 27.09
N VAL B 1080 -2.70 1.60 26.62
CA VAL B 1080 -3.44 2.57 27.40
C VAL B 1080 -3.98 1.93 28.68
N HIS B 1081 -4.37 0.66 28.61
CA HIS B 1081 -4.83 -0.03 29.81
C HIS B 1081 -3.70 -0.14 30.83
N ARG B 1082 -2.49 -0.47 30.37
CA ARG B 1082 -1.35 -0.54 31.28
C ARG B 1082 -1.07 0.82 31.91
N PHE B 1083 -1.09 1.89 31.09
CA PHE B 1083 -0.84 3.23 31.62
C PHE B 1083 -1.89 3.60 32.66
N ARG B 1084 -3.17 3.34 32.37
CA ARG B 1084 -4.24 3.70 33.29
C ARG B 1084 -4.14 2.91 34.58
N GLN B 1085 -3.86 1.60 34.50
CA GLN B 1085 -3.72 0.79 35.69
C GLN B 1085 -2.56 1.28 36.54
N LEU B 1086 -1.43 1.60 35.91
CA LEU B 1086 -0.29 2.12 36.67
C LEU B 1086 -0.64 3.42 37.37
N ASP B 1087 -1.33 4.32 36.67
CA ASP B 1087 -1.70 5.59 37.29
C ASP B 1087 -2.63 5.38 38.48
N ALA B 1088 -3.64 4.53 38.31
CA ALA B 1088 -4.58 4.27 39.40
C ALA B 1088 -3.89 3.65 40.60
N LYS B 1089 -3.01 2.67 40.36
CA LYS B 1089 -2.30 2.03 41.46
C LYS B 1089 -1.39 3.03 42.17
N LEU B 1090 -0.71 3.89 41.42
CA LEU B 1090 0.14 4.90 42.04
C LEU B 1090 -0.69 5.87 42.89
N SER B 1091 -1.85 6.28 42.39
CA SER B 1091 -2.71 7.17 43.17
C SER B 1091 -3.18 6.50 44.45
N ASP B 1092 -3.58 5.24 44.38
CA ASP B 1092 -4.02 4.52 45.57
C ASP B 1092 -2.87 4.39 46.58
N LEU B 1093 -1.68 4.05 46.10
CA LEU B 1093 -0.53 3.94 46.99
C LEU B 1093 -0.20 5.27 47.64
N LYS B 1094 -0.27 6.36 46.88
CA LYS B 1094 -0.02 7.68 47.44
C LYS B 1094 -1.05 8.04 48.51
N GLY B 1095 -2.32 7.70 48.26
CA GLY B 1095 -3.33 7.94 49.27
C GLY B 1095 -3.10 7.14 50.54
N LEU B 1096 -2.71 5.87 50.39
CA LEU B 1096 -2.41 5.05 51.56
C LEU B 1096 -1.22 5.61 52.33
N LEU B 1097 -0.18 6.06 51.61
CA LEU B 1097 0.98 6.65 52.27
C LEU B 1097 0.60 7.93 53.00
N LYS B 1098 -0.27 8.75 52.39
CA LYS B 1098 -0.71 9.96 53.06
C LYS B 1098 -1.49 9.63 54.33
N GLU B 1099 -2.34 8.61 54.26
CA GLU B 1099 -3.07 8.19 55.46
C GLU B 1099 -2.11 7.73 56.55
N ILE B 1100 -1.09 6.95 56.17
CA ILE B 1100 -0.11 6.48 57.14
C ILE B 1100 0.62 7.65 57.77
N SER B 1101 1.02 8.64 56.95
CA SER B 1101 1.72 9.79 57.48
C SER B 1101 0.84 10.59 58.42
N SER B 1102 -0.45 10.75 58.07
CA SER B 1102 -1.37 11.43 58.97
C SER B 1102 -1.50 10.68 60.29
N LYS B 1103 -1.54 9.36 60.24
CA LYS B 1103 -1.57 8.56 61.46
C LYS B 1103 -0.32 8.80 62.30
N ILE B 1104 0.85 8.88 61.63
CA ILE B 1104 2.09 9.14 62.35
C ILE B 1104 2.04 10.50 63.03
N LYS B 1105 1.57 11.52 62.30
CA LYS B 1105 1.48 12.87 62.85
C LYS B 1105 0.13 13.08 63.53
N ASP C 42 70.01 -18.05 15.11
CA ASP C 42 71.14 -17.27 15.59
C ASP C 42 70.83 -16.60 16.92
N LEU C 43 70.04 -15.54 16.88
CA LEU C 43 69.69 -14.82 18.09
C LEU C 43 68.93 -15.70 19.06
N ALA C 44 68.00 -16.52 18.55
CA ALA C 44 67.25 -17.44 19.40
C ALA C 44 68.18 -18.40 20.16
N ASN C 45 69.06 -19.07 19.41
CA ASN C 45 70.02 -19.96 20.05
C ASN C 45 70.86 -19.20 21.07
N PHE C 46 71.15 -17.92 20.79
CA PHE C 46 71.85 -17.10 21.78
C PHE C 46 71.02 -16.91 23.04
N ILE C 47 69.72 -16.66 22.88
CA ILE C 47 68.87 -16.39 24.04
C ILE C 47 68.80 -17.62 24.94
N GLN C 48 68.76 -18.80 24.34
CA GLN C 48 68.64 -20.00 25.17
C GLN C 48 69.76 -20.06 26.20
N GLU C 49 70.98 -19.70 25.80
CA GLU C 49 72.09 -19.72 26.73
C GLU C 49 71.86 -18.77 27.91
N ASN C 50 71.38 -17.56 27.63
CA ASN C 50 71.11 -16.60 28.70
C ASN C 50 70.05 -17.13 29.65
N PHE C 51 69.00 -17.76 29.10
CA PHE C 51 67.93 -18.27 29.97
C PHE C 51 68.38 -19.53 30.71
N LYS C 52 69.13 -20.40 30.05
CA LYS C 52 69.58 -21.64 30.66
C LYS C 52 68.40 -22.49 31.12
N ALA C 104 65.32 -24.55 21.96
CA ALA C 104 64.49 -24.70 23.16
C ALA C 104 63.13 -24.05 22.97
N PHE C 105 63.08 -23.01 22.13
CA PHE C 105 61.87 -22.23 21.89
C PHE C 105 61.69 -22.08 20.39
N GLY C 106 60.99 -23.04 19.79
CA GLY C 106 60.69 -23.02 18.37
C GLY C 106 59.27 -22.55 18.11
N ASP C 107 58.66 -23.12 17.07
CA ASP C 107 57.27 -22.84 16.72
C ASP C 107 56.53 -24.14 16.54
N ILE C 108 55.25 -24.14 16.88
CA ILE C 108 54.41 -25.33 16.82
C ILE C 108 53.37 -25.13 15.71
N GLN C 109 53.28 -26.10 14.82
CA GLN C 109 52.32 -26.06 13.73
C GLN C 109 51.71 -27.45 13.55
N PHE C 110 50.40 -27.49 13.34
CA PHE C 110 49.68 -28.75 13.21
C PHE C 110 48.33 -28.55 12.55
N GLY C 117 52.35 -20.77 15.85
CA GLY C 117 53.10 -19.57 16.19
C GLY C 117 54.39 -19.86 16.92
N LYS C 118 55.01 -18.81 17.45
CA LYS C 118 56.29 -18.92 18.15
C LYS C 118 56.05 -18.75 19.64
N TYR C 119 56.64 -19.65 20.44
CA TYR C 119 56.54 -19.59 21.89
C TYR C 119 57.95 -19.64 22.48
N ILE C 120 58.10 -19.04 23.66
CA ILE C 120 59.38 -18.99 24.35
C ILE C 120 59.19 -19.46 25.78
N ARG C 121 60.25 -20.04 26.35
CA ARG C 121 60.24 -20.56 27.71
C ARG C 121 61.17 -19.71 28.57
N LEU C 122 60.65 -19.19 29.68
CA LEU C 122 61.42 -18.40 30.63
C LEU C 122 61.03 -18.82 32.03
N SER C 123 62.02 -18.95 32.92
CA SER C 123 61.77 -19.51 34.23
C SER C 123 61.04 -18.52 35.14
N CYS C 124 61.68 -17.40 35.46
CA CYS C 124 61.07 -16.38 36.32
C CYS C 124 62.07 -15.25 36.49
N ASP C 125 61.58 -14.13 37.04
CA ASP C 125 62.42 -12.98 37.38
C ASP C 125 63.06 -12.34 36.15
N THR C 126 62.60 -12.70 34.95
CA THR C 126 63.12 -12.09 33.74
C THR C 126 62.78 -10.61 33.71
N ASP C 127 63.73 -9.81 33.22
CA ASP C 127 63.50 -8.37 33.14
C ASP C 127 62.35 -8.07 32.18
N SER C 128 61.36 -7.33 32.67
CA SER C 128 60.23 -6.95 31.82
C SER C 128 60.68 -6.09 30.66
N GLU C 129 61.59 -5.15 30.92
CA GLU C 129 62.12 -4.33 29.84
C GLU C 129 62.80 -5.18 28.79
N THR C 130 63.59 -6.18 29.22
CA THR C 130 64.24 -7.06 28.25
C THR C 130 63.22 -7.87 27.46
N LEU C 131 62.14 -8.31 28.12
CA LEU C 131 61.12 -9.09 27.42
C LEU C 131 60.45 -8.25 26.34
N TYR C 132 60.01 -7.05 26.69
CA TYR C 132 59.37 -6.18 25.70
C TYR C 132 60.35 -5.81 24.60
N ASP C 133 61.62 -5.55 24.96
CA ASP C 133 62.62 -5.20 23.96
C ASP C 133 62.86 -6.36 23.01
N LEU C 134 62.91 -7.58 23.51
CA LEU C 134 63.09 -8.75 22.65
C LEU C 134 61.90 -8.94 21.73
N MET C 135 60.69 -8.79 22.25
CA MET C 135 59.51 -8.96 21.41
C MET C 135 59.49 -7.92 20.29
N THR C 136 59.86 -6.67 20.60
CA THR C 136 59.91 -5.66 19.56
C THR C 136 61.06 -5.91 18.58
N GLN C 137 62.23 -6.29 19.10
CA GLN C 137 63.41 -6.50 18.26
C GLN C 137 63.18 -7.61 17.26
N HIS C 138 62.73 -8.77 17.73
CA HIS C 138 62.60 -9.93 16.85
C HIS C 138 61.51 -9.70 15.81
N TRP C 139 60.34 -9.23 16.23
CA TRP C 139 59.18 -9.12 15.36
C TRP C 139 58.20 -8.13 15.96
N HIS C 140 56.98 -8.11 15.44
CA HIS C 140 55.87 -7.31 15.98
C HIS C 140 56.15 -5.81 15.88
N LEU C 141 55.25 -5.00 16.46
CA LEU C 141 55.32 -3.56 16.33
C LEU C 141 54.70 -2.92 17.58
N LYS C 142 54.68 -1.58 17.60
CA LYS C 142 54.23 -0.83 18.78
C LYS C 142 52.73 -0.99 19.01
N THR C 143 52.30 -0.73 20.25
CA THR C 143 50.92 -1.03 20.67
C THR C 143 50.13 0.25 20.89
N PRO C 144 49.25 0.62 19.95
CA PRO C 144 48.36 1.77 20.20
C PRO C 144 47.48 1.58 21.42
N ASN C 145 47.03 0.36 21.68
CA ASN C 145 46.17 0.08 22.83
C ASN C 145 46.17 -1.42 23.08
N LEU C 146 46.33 -1.83 24.33
CA LEU C 146 46.36 -3.24 24.69
C LEU C 146 45.34 -3.53 25.78
N VAL C 147 44.58 -4.61 25.61
CA VAL C 147 43.57 -5.03 26.59
C VAL C 147 44.11 -6.19 27.41
N ILE C 148 43.61 -6.31 28.64
CA ILE C 148 43.90 -7.43 29.51
C ILE C 148 42.59 -7.93 30.10
N SER C 149 42.44 -9.25 30.17
CA SER C 149 41.25 -9.86 30.72
C SER C 149 41.65 -11.01 31.63
N VAL C 150 40.91 -11.15 32.73
CA VAL C 150 41.10 -12.22 33.69
C VAL C 150 39.79 -12.97 33.82
N THR C 151 39.84 -14.30 33.77
CA THR C 151 38.65 -15.12 33.91
C THR C 151 38.51 -15.63 35.34
N LYS C 155 37.86 -23.18 36.40
CA LYS C 155 37.41 -21.84 36.04
C LYS C 155 36.47 -21.89 34.85
N ASN C 156 35.79 -23.02 34.68
CA ASN C 156 34.86 -23.18 33.56
C ASN C 156 33.67 -22.25 33.73
N PHE C 157 33.18 -21.73 32.60
CA PHE C 157 32.03 -20.84 32.58
C PHE C 157 31.24 -21.10 31.31
N ALA C 158 29.91 -21.01 31.41
CA ALA C 158 29.03 -21.24 30.28
C ALA C 158 28.68 -19.92 29.62
N LEU C 159 28.91 -19.84 28.31
CA LEU C 159 28.63 -18.62 27.57
C LEU C 159 27.12 -18.37 27.53
N LYS C 160 26.76 -17.09 27.57
CA LYS C 160 25.39 -16.63 27.48
C LYS C 160 25.10 -16.11 26.08
N PRO C 161 23.82 -15.94 25.73
CA PRO C 161 23.50 -15.46 24.38
C PRO C 161 24.11 -14.10 24.06
N ARG C 162 24.27 -13.22 25.06
CA ARG C 162 24.81 -11.88 24.80
C ARG C 162 26.31 -11.81 25.00
N MET C 163 26.85 -12.51 26.00
CA MET C 163 28.28 -12.42 26.30
C MET C 163 29.11 -12.64 25.05
N ARG C 164 28.70 -13.58 24.20
CA ARG C 164 29.41 -13.82 22.95
C ARG C 164 29.43 -12.55 22.09
N LYS C 165 28.30 -11.85 22.00
CA LYS C 165 28.27 -10.60 21.26
C LYS C 165 29.24 -9.59 21.86
N ILE C 166 29.24 -9.46 23.18
CA ILE C 166 30.09 -8.48 23.85
C ILE C 166 31.55 -8.74 23.50
N PHE C 167 32.00 -9.98 23.66
CA PHE C 167 33.40 -10.29 23.45
C PHE C 167 33.78 -10.25 21.97
N SER C 168 32.86 -10.65 21.07
CA SER C 168 33.13 -10.51 19.64
C SER C 168 33.33 -9.05 19.28
N ARG C 169 32.48 -8.17 19.83
CA ARG C 169 32.66 -6.74 19.58
C ARG C 169 33.99 -6.25 20.14
N LEU C 170 34.37 -6.72 21.33
CA LEU C 170 35.65 -6.34 21.91
C LEU C 170 36.80 -6.70 20.97
N ILE C 171 36.78 -7.93 20.45
CA ILE C 171 37.86 -8.37 19.57
C ILE C 171 37.83 -7.59 18.26
N TYR C 172 36.64 -7.26 17.77
CA TYR C 172 36.55 -6.46 16.55
C TYR C 172 37.18 -5.09 16.76
N ILE C 173 36.94 -4.48 17.92
CA ILE C 173 37.55 -3.17 18.20
C ILE C 173 39.06 -3.30 18.30
N ALA C 174 39.54 -4.35 18.99
CA ALA C 174 40.97 -4.57 19.08
C ALA C 174 41.57 -4.71 17.69
N GLN C 175 40.87 -5.39 16.79
CA GLN C 175 41.32 -5.48 15.40
C GLN C 175 41.35 -4.10 14.75
N SER C 176 40.31 -3.30 14.96
CA SER C 176 40.23 -2.01 14.30
C SER C 176 41.38 -1.10 14.70
N LYS C 177 41.68 -1.05 16.00
CA LYS C 177 42.70 -0.12 16.50
C LYS C 177 44.10 -0.68 16.42
N GLY C 178 44.27 -1.99 16.55
CA GLY C 178 45.59 -2.58 16.64
C GLY C 178 45.97 -2.75 18.09
N ALA C 179 45.95 -3.99 18.59
CA ALA C 179 46.02 -4.19 20.02
C ALA C 179 46.62 -5.54 20.37
N TRP C 180 47.08 -5.65 21.61
CA TRP C 180 47.44 -6.91 22.22
C TRP C 180 46.40 -7.28 23.25
N ILE C 181 45.98 -8.53 23.24
CA ILE C 181 45.12 -9.07 24.28
C ILE C 181 45.97 -9.97 25.16
N PHE C 182 45.60 -10.05 26.43
CA PHE C 182 46.30 -10.88 27.41
C PHE C 182 45.32 -11.86 28.04
N THR C 183 45.69 -13.14 28.08
CA THR C 183 44.86 -14.18 28.65
C THR C 183 45.76 -15.13 29.43
N GLY C 184 45.16 -15.84 30.38
CA GLY C 184 45.92 -16.74 31.24
C GLY C 184 45.73 -18.20 30.88
N GLY C 185 46.77 -18.81 30.31
CA GLY C 185 46.66 -20.20 29.93
C GLY C 185 45.67 -20.39 28.79
N THR C 186 45.23 -21.65 28.64
CA THR C 186 44.28 -22.00 27.61
C THR C 186 43.22 -22.97 28.11
N HIS C 187 43.00 -23.04 29.41
CA HIS C 187 41.90 -23.83 29.94
C HIS C 187 40.61 -23.44 29.25
N TYR C 188 39.97 -24.42 28.61
CA TYR C 188 38.86 -24.11 27.72
C TYR C 188 37.69 -23.53 28.49
N GLY C 189 36.95 -22.66 27.81
CA GLY C 189 35.90 -21.89 28.44
C GLY C 189 35.74 -20.54 27.75
N LEU C 190 35.82 -19.46 28.52
CA LEU C 190 35.73 -18.13 27.93
C LEU C 190 36.95 -17.83 27.07
N MET C 191 38.15 -18.15 27.56
CA MET C 191 39.37 -17.86 26.81
C MET C 191 39.43 -18.64 25.51
N LYS C 192 38.97 -19.89 25.52
CA LYS C 192 38.90 -20.66 24.28
C LYS C 192 37.96 -19.99 23.28
N TYR C 193 36.86 -19.42 23.78
CA TYR C 193 35.95 -18.70 22.89
C TYR C 193 36.64 -17.48 22.30
N ILE C 194 37.44 -16.78 23.10
CA ILE C 194 38.21 -15.65 22.58
C ILE C 194 39.13 -16.10 21.46
N GLY C 195 39.82 -17.21 21.67
CA GLY C 195 40.69 -17.72 20.62
C GLY C 195 39.93 -18.05 19.35
N GLU C 196 38.76 -18.66 19.50
CA GLU C 196 37.93 -18.97 18.33
C GLU C 196 37.53 -17.71 17.59
N VAL C 197 37.16 -16.67 18.33
CA VAL C 197 36.78 -15.40 17.71
C VAL C 197 37.96 -14.80 16.96
N VAL C 198 39.15 -14.86 17.55
CA VAL C 198 40.35 -14.37 16.87
C VAL C 198 40.54 -15.09 15.53
N ARG C 199 40.49 -16.43 15.58
CA ARG C 199 40.73 -17.23 14.39
C ARG C 199 39.67 -16.93 13.32
N ASP C 200 38.43 -16.76 13.74
CA ASP C 200 37.37 -16.40 12.80
C ASP C 200 37.65 -15.04 12.16
N ASN C 201 38.08 -14.06 12.98
CA ASN C 201 38.28 -12.71 12.48
C ASN C 201 39.35 -12.68 11.41
N THR C 202 40.46 -13.39 11.62
CA THR C 202 41.55 -13.27 10.66
C THR C 202 41.10 -13.69 9.26
N ILE C 203 40.48 -14.87 9.15
CA ILE C 203 40.03 -15.33 7.85
C ILE C 203 38.87 -14.47 7.34
N SER C 204 38.05 -13.93 8.25
CA SER C 204 36.95 -13.07 7.80
C SER C 204 37.48 -11.84 7.08
N ARG C 205 38.55 -11.24 7.59
CA ARG C 205 39.06 -9.98 7.08
C ARG C 205 40.40 -10.09 6.38
N SER C 206 41.42 -10.62 7.05
CA SER C 206 42.79 -10.64 6.51
C SER C 206 43.16 -9.18 6.17
N SER C 207 43.65 -8.89 4.98
CA SER C 207 43.94 -7.53 4.54
C SER C 207 44.96 -6.92 5.50
N GLU C 208 44.76 -5.70 6.00
CA GLU C 208 45.77 -4.99 6.76
C GLU C 208 45.66 -5.32 8.25
N GLU C 209 46.82 -5.44 8.89
CA GLU C 209 46.92 -5.55 10.34
C GLU C 209 46.51 -6.94 10.83
N ASN C 210 46.71 -7.19 12.13
CA ASN C 210 46.35 -8.45 12.75
C ASN C 210 46.25 -8.23 14.24
N VAL C 211 45.64 -9.20 14.91
CA VAL C 211 45.47 -9.18 16.36
C VAL C 211 46.29 -10.30 16.97
N VAL C 212 46.76 -10.07 18.19
CA VAL C 212 47.61 -11.02 18.91
C VAL C 212 46.93 -11.37 20.23
N ALA C 213 46.91 -12.65 20.61
CA ALA C 213 46.33 -13.04 21.88
C ALA C 213 47.38 -12.93 22.97
N ILE C 214 48.58 -13.40 22.67
CA ILE C 214 49.71 -13.31 23.60
C ILE C 214 49.40 -13.82 25.00
N GLY C 215 48.89 -15.04 25.11
CA GLY C 215 48.55 -15.62 26.39
C GLY C 215 49.73 -15.87 27.32
N ILE C 216 49.50 -15.87 28.64
CA ILE C 216 50.59 -16.14 29.58
C ILE C 216 50.20 -17.23 30.58
N ALA C 217 51.09 -18.19 30.85
CA ALA C 217 50.82 -19.26 31.80
C ALA C 217 52.12 -19.83 32.31
N ALA C 218 52.04 -20.96 33.02
CA ALA C 218 53.16 -21.58 33.70
C ALA C 218 53.57 -22.87 33.00
N TRP C 219 54.83 -23.26 33.24
CA TRP C 219 55.34 -24.51 32.68
C TRP C 219 54.65 -25.72 33.29
N GLY C 220 54.43 -25.71 34.61
CA GLY C 220 54.01 -26.93 35.29
C GLY C 220 52.63 -27.40 34.89
N MET C 221 51.68 -26.46 34.75
CA MET C 221 50.29 -26.85 34.54
C MET C 221 50.10 -27.62 33.24
N ILE C 222 50.98 -27.43 32.28
CA ILE C 222 50.81 -28.00 30.95
C ILE C 222 51.38 -29.41 30.91
N SER C 223 50.85 -30.23 29.99
CA SER C 223 51.37 -31.56 29.77
C SER C 223 52.76 -31.50 29.13
N ASN C 224 53.45 -32.63 29.15
CA ASN C 224 54.80 -32.69 28.60
C ASN C 224 54.77 -32.51 27.08
N ARG C 225 55.82 -31.88 26.57
CA ARG C 225 55.98 -31.66 25.14
C ARG C 225 57.45 -31.79 24.78
N GLU C 226 57.71 -32.12 23.52
CA GLU C 226 59.07 -32.28 23.05
C GLU C 226 59.83 -30.97 23.15
N THR C 227 61.07 -31.05 23.63
CA THR C 227 61.93 -29.88 23.78
C THR C 227 62.98 -29.86 22.69
N LEU C 228 63.22 -28.68 22.13
CA LEU C 228 64.20 -28.52 21.06
C LEU C 228 65.57 -28.99 21.49
N TYR C 238 64.25 -28.75 17.18
CA TYR C 238 64.05 -27.31 17.12
C TYR C 238 62.56 -26.97 17.08
N LEU C 239 61.93 -27.28 15.95
CA LEU C 239 60.51 -26.99 15.74
C LEU C 239 59.68 -28.23 16.06
N ALA C 240 59.64 -28.55 17.35
CA ALA C 240 58.90 -29.72 17.81
C ALA C 240 57.41 -29.53 17.59
N HIS C 241 56.76 -30.58 17.09
CA HIS C 241 55.31 -30.58 16.95
C HIS C 241 54.64 -30.83 18.30
N TYR C 242 53.38 -30.41 18.40
CA TYR C 242 52.61 -30.57 19.63
C TYR C 242 51.27 -31.22 19.31
N ILE C 243 50.84 -32.12 20.18
CA ILE C 243 49.57 -32.82 20.05
C ILE C 243 48.82 -32.68 21.37
N MET C 244 47.54 -32.29 21.29
CA MET C 244 46.72 -32.13 22.48
C MET C 244 46.58 -33.44 23.23
N TYR C 253 47.13 -27.78 32.00
CA TYR C 253 46.63 -29.13 31.79
C TYR C 253 46.22 -29.35 30.35
N CYS C 254 45.90 -28.27 29.65
CA CYS C 254 45.52 -28.33 28.25
C CYS C 254 45.74 -26.96 27.63
N LEU C 255 45.83 -26.94 26.30
CA LEU C 255 46.13 -25.72 25.55
C LEU C 255 45.11 -25.52 24.45
N ASP C 256 45.09 -24.29 23.93
CA ASP C 256 44.20 -23.89 22.85
C ASP C 256 45.03 -23.56 21.62
N ASN C 257 44.52 -23.96 20.45
CA ASN C 257 45.26 -23.78 19.21
C ASN C 257 45.19 -22.34 18.71
N ASN C 258 44.16 -21.60 19.09
CA ASN C 258 43.91 -20.29 18.49
C ASN C 258 45.00 -19.30 18.83
N HIS C 259 45.43 -19.27 20.09
CA HIS C 259 46.36 -18.24 20.54
C HIS C 259 47.65 -18.29 19.72
N THR C 260 48.16 -17.11 19.36
CA THR C 260 49.31 -17.03 18.48
C THR C 260 50.58 -17.43 19.22
N HIS C 261 50.88 -16.75 20.33
CA HIS C 261 52.05 -17.01 21.15
C HIS C 261 51.64 -17.11 22.60
N LEU C 262 52.28 -18.02 23.35
CA LEU C 262 52.16 -18.04 24.80
C LEU C 262 53.56 -18.04 25.41
N LEU C 263 53.84 -17.06 26.26
CA LEU C 263 55.09 -17.02 26.99
C LEU C 263 54.98 -17.87 28.25
N LEU C 264 56.05 -18.63 28.51
CA LEU C 264 56.05 -19.64 29.56
C LEU C 264 56.81 -19.14 30.79
N VAL C 265 56.31 -19.52 31.96
CA VAL C 265 56.72 -18.94 33.23
C VAL C 265 56.78 -20.05 34.28
N ASP C 266 56.96 -19.64 35.53
CA ASP C 266 56.84 -20.52 36.69
C ASP C 266 58.08 -21.37 36.95
N ASN C 267 59.15 -21.17 36.18
CA ASN C 267 60.47 -21.74 36.50
C ASN C 267 60.31 -23.25 36.67
N GLY C 268 60.80 -23.84 37.75
CA GLY C 268 60.74 -25.27 37.94
C GLY C 268 59.68 -25.70 38.94
N THR C 269 58.58 -26.23 38.44
CA THR C 269 57.49 -26.71 39.28
C THR C 269 56.80 -27.86 38.57
N HIS C 270 56.10 -28.69 39.36
CA HIS C 270 55.32 -29.79 38.81
C HIS C 270 53.88 -29.72 39.28
N GLY C 271 53.67 -29.25 40.51
CA GLY C 271 52.33 -29.17 41.07
C GLY C 271 51.95 -27.79 41.55
N HIS C 272 52.86 -26.83 41.43
CA HIS C 272 52.60 -25.47 41.89
C HIS C 272 51.49 -24.84 41.05
N PRO C 273 50.36 -24.44 41.64
CA PRO C 273 49.29 -23.82 40.84
C PRO C 273 49.35 -22.31 40.83
N THR C 274 49.06 -21.73 39.67
CA THR C 274 48.93 -20.28 39.50
C THR C 274 50.22 -19.55 39.86
N ILE C 275 51.36 -20.19 39.61
CA ILE C 275 52.65 -19.56 39.94
C ILE C 275 52.90 -18.36 39.04
N GLU C 276 52.63 -18.49 37.74
CA GLU C 276 52.88 -17.40 36.81
C GLU C 276 51.98 -16.20 37.05
N ALA C 277 50.84 -16.39 37.72
CA ALA C 277 49.84 -15.33 37.84
C ALA C 277 50.44 -14.06 38.41
N LYS C 278 51.48 -14.19 39.24
CA LYS C 278 52.17 -13.00 39.74
C LYS C 278 52.86 -12.26 38.61
N VAL C 279 53.85 -12.89 37.97
CA VAL C 279 54.73 -12.14 37.07
C VAL C 279 53.94 -11.53 35.92
N ARG C 280 52.87 -12.18 35.50
CA ARG C 280 52.06 -11.60 34.44
C ARG C 280 51.63 -10.19 34.80
N THR C 281 51.07 -10.00 35.99
CA THR C 281 50.65 -8.67 36.39
C THR C 281 51.82 -7.69 36.33
N GLN C 282 53.01 -8.15 36.74
CA GLN C 282 54.19 -7.31 36.68
C GLN C 282 54.37 -6.72 35.28
N LEU C 283 54.34 -7.57 34.26
CA LEU C 283 54.52 -7.06 32.90
C LEU C 283 53.39 -6.11 32.54
N GLU C 284 52.17 -6.41 32.99
CA GLU C 284 51.05 -5.52 32.72
C GLU C 284 51.33 -4.11 33.21
N LYS C 285 52.11 -3.98 34.29
CA LYS C 285 52.42 -2.66 34.82
C LYS C 285 53.49 -1.96 33.99
N TYR C 286 54.44 -2.72 33.43
CA TYR C 286 55.63 -2.10 32.86
C TYR C 286 55.31 -1.26 31.63
N ILE C 287 54.50 -1.81 30.71
CA ILE C 287 54.35 -1.19 29.41
C ILE C 287 53.80 0.23 29.54
N SER C 288 52.90 0.45 30.49
CA SER C 288 52.35 1.79 30.70
C SER C 288 53.46 2.80 30.95
N GLU C 289 54.45 2.43 31.76
CA GLU C 289 55.51 3.37 32.12
C GLU C 289 56.30 3.81 30.90
N ARG C 290 56.50 2.92 29.93
CA ARG C 290 57.26 3.27 28.74
C ARG C 290 56.63 4.45 28.03
N VAL C 291 57.48 5.36 27.55
CA VAL C 291 57.06 6.62 26.94
C VAL C 291 57.42 6.57 25.46
N ILE C 292 56.46 6.96 24.61
CA ILE C 292 56.66 7.05 23.18
C ILE C 292 56.19 8.42 22.74
N PRO C 293 57.04 9.25 22.13
CA PRO C 293 56.61 10.60 21.75
C PRO C 293 55.49 10.58 20.72
N GLU C 294 54.60 11.56 20.82
CA GLU C 294 53.51 11.74 19.87
C GLU C 294 52.67 10.46 19.73
N SER C 295 52.31 9.89 20.87
CA SER C 295 51.53 8.67 20.91
C SER C 295 50.03 8.91 20.85
N ASN C 296 49.59 10.15 20.82
CA ASN C 296 48.18 10.58 20.86
C ASN C 296 47.61 10.46 22.27
N TYR C 297 48.38 9.94 23.24
CA TYR C 297 47.96 9.87 24.63
C TYR C 297 48.97 10.57 25.53
N GLY C 298 49.72 11.52 24.95
CA GLY C 298 50.77 12.19 25.71
C GLY C 298 51.86 11.27 26.19
N GLY C 299 52.20 10.24 25.42
CA GLY C 299 53.30 9.35 25.75
C GLY C 299 52.94 8.14 26.58
N LYS C 300 51.71 8.04 27.06
CA LYS C 300 51.30 6.93 27.94
C LYS C 300 50.36 6.01 27.16
N ILE C 301 50.84 4.81 26.85
CA ILE C 301 50.01 3.83 26.13
C ILE C 301 48.84 3.43 27.01
N PRO C 302 47.62 3.32 26.49
CA PRO C 302 46.47 2.98 27.34
C PRO C 302 46.45 1.50 27.71
N ILE C 303 45.79 1.19 28.83
CA ILE C 303 45.69 -0.17 29.37
C ILE C 303 44.34 -0.38 30.08
N VAL C 304 43.57 -1.40 29.70
CA VAL C 304 42.25 -1.60 30.31
C VAL C 304 41.98 -3.06 30.75
N CYS C 305 41.42 -3.27 31.95
CA CYS C 305 41.09 -4.62 32.41
C CYS C 305 39.60 -4.98 32.27
N PHE C 306 39.29 -6.18 31.79
CA PHE C 306 37.93 -6.59 31.62
C PHE C 306 37.70 -7.81 32.50
N ALA C 307 36.67 -7.80 33.34
CA ALA C 307 36.40 -8.93 34.21
C ALA C 307 35.29 -9.76 33.57
N GLN C 308 35.37 -11.08 33.66
CA GLN C 308 34.36 -11.95 33.08
C GLN C 308 32.97 -11.59 33.56
N GLY C 311 36.95 -16.63 38.98
CA GLY C 311 36.29 -15.54 39.70
C GLY C 311 37.16 -14.94 40.79
N LYS C 312 37.61 -15.78 41.72
CA LYS C 312 38.46 -15.31 42.80
C LYS C 312 39.78 -14.76 42.27
N GLU C 313 40.37 -15.45 41.29
CA GLU C 313 41.62 -14.97 40.70
C GLU C 313 41.43 -13.59 40.07
N THR C 314 40.31 -13.38 39.39
CA THR C 314 40.01 -12.06 38.85
C THR C 314 39.91 -11.03 39.97
N LEU C 315 39.32 -11.43 41.11
CA LEU C 315 39.22 -10.51 42.24
C LEU C 315 40.60 -10.04 42.69
N LYS C 316 41.53 -10.96 42.88
CA LYS C 316 42.87 -10.56 43.30
C LYS C 316 43.56 -9.71 42.23
N SER C 317 43.43 -10.10 40.97
CA SER C 317 44.06 -9.34 39.90
C SER C 317 43.47 -7.94 39.80
N ILE C 318 42.20 -7.76 40.21
CA ILE C 318 41.62 -6.42 40.24
C ILE C 318 42.34 -5.55 41.26
N ASN C 319 42.61 -6.11 42.45
CA ASN C 319 43.35 -5.35 43.45
C ASN C 319 44.73 -4.98 42.93
N VAL C 320 45.40 -5.93 42.26
CA VAL C 320 46.71 -5.61 41.69
C VAL C 320 46.58 -4.50 40.65
N ALA C 321 45.58 -4.60 39.78
CA ALA C 321 45.37 -3.59 38.75
C ALA C 321 45.19 -2.21 39.37
N ILE C 322 44.32 -2.10 40.37
CA ILE C 322 44.05 -0.80 40.99
C ILE C 322 45.32 -0.27 41.64
N LYS C 323 46.05 -1.14 42.34
CA LYS C 323 47.31 -0.71 42.94
C LYS C 323 48.30 -0.23 41.87
N SER C 324 48.18 -0.72 40.65
CA SER C 324 49.01 -0.23 39.54
C SER C 324 48.40 0.98 38.83
N LYS C 325 47.25 1.48 39.30
CA LYS C 325 46.61 2.66 38.70
C LYS C 325 46.16 2.37 37.27
N ILE C 326 45.48 1.24 37.10
CA ILE C 326 44.96 0.80 35.82
C ILE C 326 43.43 0.77 35.91
N PRO C 327 42.72 1.49 35.05
CA PRO C 327 41.25 1.39 35.06
C PRO C 327 40.78 0.03 34.59
N CYS C 328 39.69 -0.44 35.20
CA CYS C 328 39.12 -1.74 34.89
C CYS C 328 37.65 -1.58 34.51
N VAL C 329 37.15 -2.57 33.79
CA VAL C 329 35.75 -2.61 33.36
C VAL C 329 35.15 -3.91 33.84
N VAL C 330 33.90 -3.86 34.25
CA VAL C 330 33.21 -5.03 34.79
C VAL C 330 31.82 -5.11 34.17
N VAL C 331 31.45 -6.30 33.72
CA VAL C 331 30.13 -6.50 33.13
C VAL C 331 29.06 -6.09 34.13
N GLU C 332 27.94 -5.59 33.61
CA GLU C 332 26.80 -5.24 34.45
C GLU C 332 26.14 -6.51 34.99
N GLY C 335 27.81 -13.80 37.82
CA GLY C 335 27.64 -14.75 38.91
C GLY C 335 28.87 -14.87 39.78
N ARG C 336 29.85 -14.01 39.59
CA ARG C 336 31.08 -14.05 40.35
C ARG C 336 31.36 -12.70 41.00
N ILE C 337 32.58 -12.53 41.47
CA ILE C 337 33.03 -11.30 42.12
C ILE C 337 32.61 -10.08 41.32
N ALA C 338 32.71 -10.17 39.99
CA ALA C 338 32.27 -9.08 39.14
C ALA C 338 30.80 -8.75 39.38
N ASP C 339 29.96 -9.77 39.52
CA ASP C 339 28.55 -9.54 39.81
C ASP C 339 28.37 -8.88 41.16
N VAL C 340 29.20 -9.25 42.14
CA VAL C 340 29.12 -8.61 43.46
C VAL C 340 29.50 -7.13 43.35
N ILE C 341 30.54 -6.84 42.57
CA ILE C 341 30.95 -5.44 42.35
C ILE C 341 29.79 -4.67 41.73
N ALA C 342 29.13 -5.26 40.74
CA ALA C 342 27.98 -4.60 40.13
C ALA C 342 26.86 -4.38 41.15
N SER C 343 26.62 -5.37 42.02
CA SER C 343 25.58 -5.24 43.02
C SER C 343 25.89 -4.11 43.99
N LEU C 344 27.17 -3.92 44.31
CA LEU C 344 27.56 -2.85 45.22
C LEU C 344 27.07 -1.50 44.71
N VAL C 345 27.15 -1.29 43.40
CA VAL C 345 26.77 -0.02 42.80
C VAL C 345 25.33 0.32 43.16
N SER C 353 32.12 -6.34 56.62
CA SER C 353 30.92 -5.91 57.34
C SER C 353 29.68 -6.55 56.74
N SER C 354 28.50 -6.09 57.18
CA SER C 354 27.25 -6.69 56.72
C SER C 354 27.07 -6.48 55.23
N CYS C 355 27.50 -5.34 54.70
CA CYS C 355 27.36 -5.08 53.27
C CYS C 355 28.11 -6.14 52.45
N VAL C 356 29.38 -6.35 52.79
CA VAL C 356 30.19 -7.32 52.06
C VAL C 356 29.58 -8.71 52.15
N LYS C 357 29.19 -9.12 53.36
CA LYS C 357 28.66 -10.46 53.54
C LYS C 357 27.34 -10.64 52.81
N GLU C 358 26.49 -9.62 52.82
CA GLU C 358 25.21 -9.70 52.11
C GLU C 358 25.43 -9.87 50.61
N SER C 359 26.28 -9.02 50.02
CA SER C 359 26.53 -9.16 48.60
C SER C 359 27.17 -10.50 48.28
N LEU C 360 28.09 -10.95 49.12
CA LEU C 360 28.78 -12.21 48.88
C LEU C 360 27.80 -13.38 48.92
N LEU C 361 26.92 -13.40 49.92
CA LEU C 361 25.94 -14.48 50.00
C LEU C 361 24.99 -14.45 48.82
N ARG C 362 24.55 -13.26 48.41
CA ARG C 362 23.64 -13.16 47.28
C ARG C 362 24.29 -13.65 45.99
N PHE C 363 25.56 -13.31 45.78
CA PHE C 363 26.20 -13.58 44.49
C PHE C 363 26.34 -15.07 44.24
N LEU C 364 26.92 -15.81 45.20
CA LEU C 364 27.23 -17.21 45.01
C LEU C 364 26.96 -18.01 46.27
N PRO C 365 25.92 -18.86 46.31
CA PRO C 365 25.70 -19.66 47.53
C PRO C 365 26.81 -20.66 47.80
N ARG C 366 27.22 -21.43 46.79
CA ARG C 366 28.16 -22.51 47.02
C ARG C 366 29.59 -22.00 47.26
N THR C 367 29.98 -20.95 46.54
CA THR C 367 31.37 -20.50 46.60
C THR C 367 31.74 -20.06 48.02
N ILE C 368 30.85 -19.31 48.69
CA ILE C 368 31.18 -18.77 50.00
C ILE C 368 31.34 -19.89 51.01
N SER C 369 30.56 -20.97 50.88
CA SER C 369 30.61 -22.05 51.87
C SER C 369 31.98 -22.69 51.92
N ARG C 370 32.60 -22.91 50.75
CA ARG C 370 33.93 -23.51 50.73
C ARG C 370 34.94 -22.64 51.46
N LEU C 371 34.89 -21.33 51.24
CA LEU C 371 35.81 -20.42 51.91
C LEU C 371 35.56 -20.42 53.41
N SER C 372 36.65 -20.37 54.18
CA SER C 372 36.54 -20.33 55.62
C SER C 372 36.07 -18.95 56.09
N GLU C 373 35.73 -18.86 57.37
CA GLU C 373 35.23 -17.61 57.93
C GLU C 373 36.26 -16.49 57.79
N GLU C 374 37.52 -16.78 58.11
CA GLU C 374 38.57 -15.76 58.03
C GLU C 374 38.86 -15.38 56.58
N GLU C 375 38.74 -16.33 55.67
CA GLU C 375 38.88 -16.00 54.25
C GLU C 375 37.84 -14.97 53.84
N THR C 376 36.69 -14.96 54.52
CA THR C 376 35.71 -13.91 54.25
C THR C 376 36.19 -12.56 54.74
N GLU C 377 36.93 -12.51 55.84
CA GLU C 377 37.56 -11.25 56.25
C GLU C 377 38.57 -10.79 55.22
N SER C 378 39.36 -11.73 54.69
CA SER C 378 40.29 -11.37 53.61
C SER C 378 39.54 -10.83 52.40
N TRP C 379 38.39 -11.45 52.09
CA TRP C 379 37.56 -10.96 50.99
C TRP C 379 37.04 -9.56 51.28
N ILE C 380 36.66 -9.29 52.54
CA ILE C 380 36.23 -7.95 52.92
C ILE C 380 37.35 -6.95 52.61
N LYS C 381 38.57 -7.29 53.02
CA LYS C 381 39.69 -6.38 52.79
C LYS C 381 39.91 -6.14 51.30
N TRP C 382 39.85 -7.20 50.49
CA TRP C 382 40.08 -7.04 49.06
C TRP C 382 38.98 -6.20 48.41
N ILE C 383 37.72 -6.41 48.81
CA ILE C 383 36.63 -5.62 48.25
C ILE C 383 36.77 -4.16 48.66
N LYS C 384 37.19 -3.90 49.89
CA LYS C 384 37.45 -2.53 50.32
C LYS C 384 38.53 -1.89 49.46
N GLU C 385 39.59 -2.64 49.17
CA GLU C 385 40.64 -2.13 48.29
C GLU C 385 40.08 -1.82 46.91
N VAL C 386 39.23 -2.71 46.38
CA VAL C 386 38.68 -2.52 45.05
C VAL C 386 37.83 -1.24 45.00
N LEU C 387 36.98 -1.04 46.01
CA LEU C 387 36.10 0.12 46.05
C LEU C 387 36.80 1.38 46.54
N GLU C 388 38.04 1.29 47.00
CA GLU C 388 38.71 2.45 47.59
C GLU C 388 38.64 3.66 46.67
N SER C 389 39.03 3.49 45.39
CA SER C 389 39.06 4.58 44.44
C SER C 389 37.97 4.40 43.38
N PRO C 390 36.97 5.29 43.31
CA PRO C 390 35.88 5.07 42.33
C PRO C 390 36.23 5.50 40.92
N HIS C 391 37.09 6.52 40.77
CA HIS C 391 37.31 7.11 39.46
C HIS C 391 37.91 6.10 38.48
N LEU C 392 38.91 5.33 38.91
CA LEU C 392 39.57 4.42 37.97
C LEU C 392 38.62 3.33 37.49
N LEU C 393 37.84 2.76 38.38
CA LEU C 393 36.94 1.67 38.00
C LEU C 393 35.79 2.19 37.13
N THR C 394 35.25 1.30 36.31
CA THR C 394 34.13 1.62 35.45
C THR C 394 33.24 0.38 35.32
N VAL C 395 31.95 0.62 35.02
CA VAL C 395 30.95 -0.45 35.00
C VAL C 395 30.11 -0.30 33.74
N ILE C 396 29.78 -1.45 33.13
CA ILE C 396 28.89 -1.51 31.97
C ILE C 396 27.45 -1.60 32.47
N LYS C 397 26.50 -1.22 31.61
CA LYS C 397 25.08 -1.31 31.91
C LYS C 397 24.40 -2.16 30.85
N ILE C 398 23.40 -2.91 31.28
CA ILE C 398 22.65 -3.79 30.38
C ILE C 398 21.78 -2.95 29.46
N ASP C 403 24.77 -2.01 21.08
CA ASP C 403 25.75 -2.61 20.18
C ASP C 403 27.13 -2.01 20.42
N GLU C 404 27.17 -0.72 20.73
CA GLU C 404 28.41 0.00 20.99
C GLU C 404 28.68 0.20 22.46
N ILE C 405 27.98 -0.53 23.33
CA ILE C 405 28.15 -0.33 24.78
C ILE C 405 29.58 -0.65 25.20
N VAL C 406 30.17 -1.68 24.59
CA VAL C 406 31.54 -2.06 24.93
C VAL C 406 32.51 -0.94 24.59
N SER C 407 32.41 -0.41 23.37
CA SER C 407 33.31 0.65 22.95
C SER C 407 33.14 1.88 23.84
N ASN C 408 31.88 2.22 24.13
CA ASN C 408 31.62 3.39 24.98
C ASN C 408 32.21 3.18 26.38
N ALA C 409 32.06 1.99 26.94
CA ALA C 409 32.60 1.73 28.27
C ALA C 409 34.12 1.82 28.28
N ILE C 410 34.77 1.24 27.27
CA ILE C 410 36.22 1.27 27.19
C ILE C 410 36.71 2.71 27.11
N SER C 411 36.11 3.47 26.21
CA SER C 411 36.50 4.86 26.02
C SER C 411 36.26 5.66 27.29
N PHE C 412 35.13 5.41 27.94
CA PHE C 412 34.82 6.12 29.17
C PHE C 412 35.84 5.81 30.24
N ALA C 413 36.24 4.55 30.33
CA ALA C 413 37.22 4.13 31.33
C ALA C 413 38.49 4.93 31.11
N LEU C 414 39.00 4.87 29.88
CA LEU C 414 40.22 5.60 29.53
C LEU C 414 40.08 7.09 29.85
N TYR C 415 38.92 7.67 29.54
CA TYR C 415 38.72 9.09 29.71
C TYR C 415 38.81 9.50 31.17
N LYS C 416 38.27 8.68 32.07
CA LYS C 416 38.32 9.01 33.49
C LYS C 416 39.76 9.11 33.99
N ALA C 417 40.61 8.15 33.59
CA ALA C 417 42.00 8.21 33.98
C ALA C 417 42.65 9.47 33.41
N PHE C 418 42.35 9.80 32.16
CA PHE C 418 42.97 10.96 31.55
C PHE C 418 42.53 12.24 32.23
N SER C 419 41.32 12.23 32.79
CA SER C 419 40.78 13.39 33.47
C SER C 419 41.26 13.56 34.92
N THR C 420 41.53 12.46 35.61
CA THR C 420 41.96 12.56 37.01
C THR C 420 43.22 13.42 37.15
N ASN C 421 44.19 13.23 36.25
CA ASN C 421 45.50 13.86 36.43
C ASN C 421 45.38 15.38 36.52
N GLU C 422 44.47 15.97 35.75
CA GLU C 422 44.25 17.40 35.61
C GLU C 422 45.33 18.05 34.73
N HIS C 423 46.36 17.32 34.32
CA HIS C 423 47.30 17.86 33.33
C HIS C 423 46.67 17.94 31.95
N ASP C 424 45.76 17.01 31.64
CA ASP C 424 45.02 17.11 30.39
C ASP C 424 43.99 18.22 30.42
N ARG C 425 43.57 18.65 31.61
CA ARG C 425 42.56 19.70 31.70
C ARG C 425 43.02 20.97 31.01
N ASP C 426 44.21 21.46 31.36
CA ASP C 426 44.72 22.66 30.71
C ASP C 426 45.01 22.41 29.24
N ASN C 427 45.56 21.23 28.93
CA ASN C 427 45.83 20.85 27.53
C ASN C 427 44.59 20.18 26.95
N TRP C 428 43.57 21.01 26.71
CA TRP C 428 42.32 20.51 26.16
C TRP C 428 42.49 19.86 24.79
N ASN C 429 43.58 20.20 24.08
CA ASN C 429 43.80 19.65 22.75
C ASN C 429 44.02 18.14 22.79
N GLY C 430 44.88 17.65 23.69
CA GLY C 430 45.07 16.21 23.82
C GLY C 430 43.84 15.50 24.32
N GLN C 431 43.16 16.10 25.30
CA GLN C 431 41.90 15.57 25.79
C GLN C 431 40.89 15.43 24.65
N LEU C 432 40.95 16.36 23.69
CA LEU C 432 40.07 16.27 22.53
C LEU C 432 40.54 15.20 21.56
N LYS C 433 41.86 15.05 21.39
CA LYS C 433 42.37 14.03 20.47
C LYS C 433 41.93 12.65 20.90
N LEU C 434 42.04 12.35 22.20
CA LEU C 434 41.63 11.03 22.66
C LEU C 434 40.17 10.78 22.31
N LEU C 435 39.29 11.72 22.65
CA LEU C 435 37.88 11.54 22.36
C LEU C 435 37.60 11.52 20.86
N LEU C 436 38.50 12.08 20.05
CA LEU C 436 38.34 11.98 18.60
C LEU C 436 38.66 10.59 18.10
N GLU C 437 39.64 9.92 18.72
CA GLU C 437 39.96 8.56 18.29
C GLU C 437 38.72 7.68 18.29
N TRP C 438 38.14 7.44 19.47
CA TRP C 438 36.84 6.78 19.56
C TRP C 438 35.74 7.75 19.10
N ASN C 439 34.80 7.25 18.32
CA ASN C 439 33.76 8.09 17.71
C ASN C 439 32.68 8.38 18.75
N GLN C 440 32.99 9.34 19.63
CA GLN C 440 32.08 9.77 20.69
C GLN C 440 31.88 11.27 20.58
N LEU C 441 30.62 11.68 20.30
CA LEU C 441 30.28 13.08 20.10
C LEU C 441 29.57 13.70 21.31
N ASP C 442 28.53 13.03 21.80
CA ASP C 442 27.69 13.63 22.83
C ASP C 442 28.52 14.05 24.05
N LEU C 443 29.40 13.16 24.51
CA LEU C 443 30.26 13.45 25.65
C LEU C 443 31.25 14.57 25.35
N ALA C 444 31.84 14.53 24.15
CA ALA C 444 32.87 15.50 23.79
C ALA C 444 32.29 16.91 23.75
N SER C 445 31.13 17.08 23.11
CA SER C 445 30.51 18.39 23.05
C SER C 445 30.50 19.01 24.45
N ASP C 446 29.88 18.30 25.39
CA ASP C 446 29.77 18.81 26.75
C ASP C 446 31.14 19.15 27.31
N GLU C 447 32.08 18.19 27.33
CA GLU C 447 33.27 18.43 28.15
C GLU C 447 34.21 19.44 27.52
N ILE C 448 34.50 19.33 26.22
CA ILE C 448 35.52 20.17 25.60
C ILE C 448 34.96 21.41 24.91
N PHE C 449 33.64 21.54 24.75
CA PHE C 449 33.08 22.66 24.00
C PHE C 449 32.07 23.44 24.84
N THR C 450 32.49 23.85 26.03
CA THR C 450 31.72 24.78 26.83
C THR C 450 32.23 26.20 26.66
N ASN C 451 31.50 27.16 27.23
CA ASN C 451 31.74 28.56 26.93
C ASN C 451 32.98 29.10 27.62
N ASP C 452 33.38 28.51 28.76
CA ASP C 452 34.46 29.11 29.55
C ASP C 452 35.75 29.20 28.76
N ARG C 453 36.14 28.11 28.08
CA ARG C 453 37.33 28.09 27.27
C ARG C 453 37.03 28.56 25.85
N ASN C 454 38.09 28.92 25.13
CA ASN C 454 37.97 29.48 23.79
C ASN C 454 38.90 28.74 22.84
N TRP C 455 38.60 28.85 21.55
CA TRP C 455 39.37 28.18 20.52
C TRP C 455 39.25 28.95 19.22
N GLU C 456 40.22 28.75 18.33
CA GLU C 456 40.22 29.40 17.05
C GLU C 456 40.55 28.38 15.97
N SER C 457 40.39 28.76 14.71
CA SER C 457 40.65 27.86 13.60
C SER C 457 42.10 27.41 13.58
N ALA C 458 43.03 28.33 13.88
CA ALA C 458 44.44 27.97 13.96
C ALA C 458 44.66 26.82 14.94
N ASP C 459 43.86 26.77 16.01
CA ASP C 459 43.98 25.69 16.97
C ASP C 459 43.43 24.37 16.41
N LEU C 460 42.38 24.44 15.60
CA LEU C 460 41.63 23.25 15.21
C LEU C 460 42.01 22.70 13.85
N GLN C 461 42.97 23.31 13.14
CA GLN C 461 43.30 22.84 11.79
C GLN C 461 43.74 21.38 11.77
N ASP C 462 44.67 21.00 12.64
CA ASP C 462 45.21 19.63 12.62
C ASP C 462 44.14 18.61 12.98
N VAL C 463 43.36 18.92 14.03
CA VAL C 463 42.26 18.04 14.41
C VAL C 463 41.28 17.89 13.25
N MET C 464 41.02 18.97 12.52
CA MET C 464 40.13 18.90 11.38
C MET C 464 40.69 17.99 10.29
N PHE C 465 41.99 18.07 10.06
CA PHE C 465 42.59 17.24 9.02
C PHE C 465 42.35 15.78 9.29
N THR C 466 42.66 15.32 10.50
CA THR C 466 42.43 13.92 10.84
C THR C 466 40.96 13.60 10.82
N ALA C 467 40.13 14.53 11.29
CA ALA C 467 38.68 14.32 11.32
C ALA C 467 38.20 13.97 9.94
N LEU C 468 38.68 14.69 8.93
CA LEU C 468 38.33 14.37 7.56
C LEU C 468 38.90 13.02 7.15
N VAL C 469 40.17 12.76 7.45
CA VAL C 469 40.81 11.55 6.91
C VAL C 469 40.12 10.30 7.43
N LYS C 470 39.78 10.26 8.71
CA LYS C 470 39.24 9.07 9.34
C LYS C 470 37.73 8.92 9.15
N ASP C 471 37.10 9.75 8.33
CA ASP C 471 35.68 9.62 8.02
C ASP C 471 34.82 9.76 9.28
N ARG C 472 35.04 10.86 10.00
CA ARG C 472 34.30 11.18 11.21
C ARG C 472 33.38 12.37 10.91
N PRO C 473 32.18 12.13 10.37
CA PRO C 473 31.34 13.23 9.87
C PRO C 473 30.77 14.16 10.94
N LYS C 474 30.14 13.55 11.94
CA LYS C 474 29.51 14.35 13.00
C LYS C 474 30.50 15.25 13.69
N PHE C 475 31.74 14.80 13.85
CA PHE C 475 32.77 15.67 14.41
C PHE C 475 33.11 16.81 13.47
N VAL C 476 33.05 16.58 12.15
CA VAL C 476 33.22 17.70 11.23
C VAL C 476 32.10 18.71 11.41
N ARG C 477 30.87 18.24 11.59
CA ARG C 477 29.79 19.17 11.89
C ARG C 477 30.10 19.97 13.15
N LEU C 478 30.57 19.28 14.19
CA LEU C 478 30.83 19.97 15.46
C LEU C 478 31.92 21.02 15.30
N PHE C 479 32.95 20.71 14.53
CA PHE C 479 34.04 21.67 14.30
C PHE C 479 33.60 22.84 13.44
N LEU C 480 32.71 22.60 12.47
CA LEU C 480 32.24 23.67 11.61
C LEU C 480 31.28 24.61 12.33
N GLU C 481 30.49 24.08 13.26
CA GLU C 481 29.59 24.93 14.03
C GLU C 481 30.36 25.96 14.84
N ASN C 482 31.48 25.56 15.43
CA ASN C 482 32.23 26.41 16.34
C ASN C 482 33.35 27.15 15.60
N GLY C 483 32.94 27.93 14.61
CA GLY C 483 33.82 28.93 14.01
C GLY C 483 35.06 28.40 13.31
N LEU C 484 34.92 27.40 12.45
CA LEU C 484 36.01 26.95 11.59
C LEU C 484 35.71 27.40 10.18
N ASN C 485 36.53 28.32 9.66
CA ASN C 485 36.37 28.81 8.30
C ASN C 485 36.95 27.78 7.35
N LEU C 486 36.07 27.10 6.60
CA LEU C 486 36.50 25.96 5.81
C LEU C 486 37.28 26.41 4.57
N ARG C 487 36.83 27.48 3.91
CA ARG C 487 37.54 27.95 2.72
C ARG C 487 38.95 28.40 3.07
N LYS C 488 39.16 28.91 4.28
CA LYS C 488 40.49 29.29 4.73
C LYS C 488 41.35 28.09 5.05
N PHE C 489 40.74 27.00 5.54
CA PHE C 489 41.50 25.83 5.92
C PHE C 489 42.06 25.08 4.72
N LEU C 490 41.34 25.09 3.59
CA LEU C 490 41.73 24.31 2.42
C LEU C 490 42.76 25.09 1.60
N THR C 491 44.03 24.94 1.98
CA THR C 491 45.11 25.44 1.15
C THR C 491 45.54 24.36 0.17
N THR C 492 46.25 24.78 -0.88
CA THR C 492 46.58 23.86 -1.96
C THR C 492 47.42 22.68 -1.46
N GLU C 493 48.31 22.91 -0.49
CA GLU C 493 49.11 21.82 0.04
C GLU C 493 48.24 20.75 0.69
N VAL C 494 47.22 21.18 1.44
CA VAL C 494 46.32 20.22 2.08
C VAL C 494 45.57 19.41 1.02
N LEU C 495 45.16 20.06 -0.06
CA LEU C 495 44.47 19.33 -1.13
C LEU C 495 45.40 18.32 -1.79
N ARG C 496 46.66 18.71 -2.01
CA ARG C 496 47.63 17.76 -2.54
C ARG C 496 47.79 16.57 -1.62
N GLU C 497 47.83 16.81 -0.30
CA GLU C 497 47.97 15.71 0.64
C GLU C 497 46.73 14.81 0.61
N LEU C 498 45.56 15.41 0.45
CA LEU C 498 44.33 14.63 0.39
C LEU C 498 44.29 13.74 -0.84
N TYR C 499 44.77 14.23 -1.98
CA TYR C 499 44.65 13.47 -3.22
C TYR C 499 45.80 12.52 -3.48
N THR C 500 46.99 12.77 -2.94
CA THR C 500 48.12 11.88 -3.22
C THR C 500 48.14 10.68 -2.27
N ASN C 501 47.86 10.89 -0.99
CA ASN C 501 48.03 9.86 0.02
C ASN C 501 46.72 9.17 0.39
N ASN C 502 45.72 9.93 0.82
CA ASN C 502 44.49 9.36 1.37
C ASN C 502 43.47 9.00 0.31
N PHE C 503 43.86 8.95 -0.96
CA PHE C 503 42.97 8.56 -2.03
C PHE C 503 43.15 7.08 -2.32
N SER C 504 42.09 6.30 -2.13
CA SER C 504 42.18 4.86 -2.28
C SER C 504 42.66 4.49 -3.68
N SER C 505 43.62 3.57 -3.75
CA SER C 505 44.16 3.16 -5.04
C SER C 505 43.10 2.48 -5.90
N LEU C 506 42.22 1.70 -5.26
CA LEU C 506 41.18 1.00 -6.01
C LEU C 506 40.29 1.98 -6.76
N VAL C 507 39.85 3.03 -6.07
CA VAL C 507 38.98 4.01 -6.71
C VAL C 507 39.70 4.70 -7.86
N PHE C 508 41.00 4.95 -7.72
CA PHE C 508 41.76 5.55 -8.81
C PHE C 508 41.81 4.64 -10.02
N LYS C 509 42.11 3.35 -9.81
CA LYS C 509 42.15 2.41 -10.93
C LYS C 509 40.80 2.33 -11.63
N ASN C 510 39.72 2.37 -10.86
CA ASN C 510 38.37 2.30 -11.43
C ASN C 510 38.04 3.56 -12.22
N LEU C 511 38.42 4.70 -11.68
CA LEU C 511 38.20 5.97 -12.34
C LEU C 511 38.89 5.94 -13.68
N GLN C 512 40.06 5.31 -13.74
CA GLN C 512 40.80 5.23 -14.99
C GLN C 512 39.96 4.60 -16.09
N ILE C 513 39.37 3.44 -15.81
CA ILE C 513 38.49 2.81 -16.79
C ILE C 513 37.36 3.76 -17.18
N ALA C 514 36.76 4.42 -16.18
CA ALA C 514 35.62 5.29 -16.51
C ALA C 514 36.05 6.40 -17.46
N LYS C 515 37.23 6.97 -17.26
CA LYS C 515 37.74 7.95 -18.22
C LYS C 515 38.03 7.33 -19.58
N ASN C 516 38.62 6.13 -19.59
CA ASN C 516 39.06 5.53 -20.85
C ASN C 516 37.89 5.24 -21.78
N SER C 517 36.86 4.56 -21.27
CA SER C 517 35.89 3.93 -22.16
C SER C 517 34.48 4.49 -22.08
N TYR C 518 34.17 5.31 -21.08
CA TYR C 518 32.88 6.00 -20.97
C TYR C 518 33.12 7.51 -20.91
N ASN C 519 34.04 7.99 -21.76
CA ASN C 519 34.48 9.38 -21.73
C ASN C 519 33.30 10.34 -21.83
N ASP C 520 33.31 11.35 -20.97
CA ASP C 520 32.28 12.38 -20.94
C ASP C 520 32.96 13.73 -20.80
N ALA C 521 32.21 14.79 -21.12
CA ALA C 521 32.78 16.13 -21.13
C ALA C 521 33.24 16.55 -19.73
N LEU C 522 32.41 16.30 -18.72
CA LEU C 522 32.78 16.61 -17.33
C LEU C 522 33.83 15.66 -16.78
N LEU C 523 33.78 14.39 -17.21
CA LEU C 523 34.64 13.36 -16.65
C LEU C 523 36.09 13.47 -17.12
N THR C 524 36.36 14.28 -18.15
CA THR C 524 37.72 14.57 -18.56
C THR C 524 38.30 15.73 -17.76
N PHE C 525 37.50 16.75 -17.50
CA PHE C 525 37.93 17.85 -16.65
C PHE C 525 38.22 17.36 -15.23
N VAL C 526 37.33 16.53 -14.68
CA VAL C 526 37.58 16.00 -13.35
C VAL C 526 38.88 15.21 -13.32
N TRP C 527 39.11 14.37 -14.33
CA TRP C 527 40.34 13.58 -14.36
C TRP C 527 41.57 14.48 -14.48
N LYS C 528 41.49 15.52 -15.29
CA LYS C 528 42.61 16.45 -15.38
C LYS C 528 42.92 17.08 -14.04
N MET C 529 41.89 17.53 -13.32
CA MET C 529 42.14 18.13 -12.01
C MET C 529 42.78 17.12 -11.06
N VAL C 530 42.28 15.88 -11.06
CA VAL C 530 42.86 14.87 -10.17
C VAL C 530 44.32 14.63 -10.51
N GLU C 531 44.64 14.52 -11.80
CA GLU C 531 46.03 14.29 -12.19
C GLU C 531 46.91 15.46 -11.79
N ASP C 532 46.43 16.70 -11.99
CA ASP C 532 47.23 17.87 -11.63
C ASP C 532 47.50 17.91 -10.13
N PHE C 533 46.49 17.61 -9.31
CA PHE C 533 46.71 17.54 -7.87
C PHE C 533 47.67 16.42 -7.52
N ARG C 534 47.54 15.26 -8.18
CA ARG C 534 48.31 14.08 -7.80
C ARG C 534 49.80 14.30 -8.03
N ARG C 535 50.15 15.05 -9.07
CA ARG C 535 51.55 15.35 -9.39
C ARG C 535 52.32 15.82 -8.17
N PRO C 557 45.78 28.85 -6.82
CA PRO C 557 46.57 28.90 -8.04
C PRO C 557 46.33 27.73 -9.00
N ILE C 558 46.51 26.50 -8.54
CA ILE C 558 46.21 25.35 -9.39
C ILE C 558 44.71 25.29 -9.67
N THR C 559 43.88 25.66 -8.70
CA THR C 559 42.44 25.62 -8.89
C THR C 559 41.78 26.70 -8.04
N ARG C 560 40.70 27.27 -8.57
CA ARG C 560 39.77 28.06 -7.79
C ARG C 560 38.66 27.13 -7.31
N HIS C 561 37.69 27.69 -6.60
CA HIS C 561 36.59 26.91 -6.04
C HIS C 561 37.10 25.69 -5.25
N PRO C 562 37.90 25.92 -4.20
CA PRO C 562 38.47 24.77 -3.47
C PRO C 562 37.42 23.81 -2.93
N LEU C 563 36.30 24.37 -2.44
CA LEU C 563 35.27 23.55 -1.81
C LEU C 563 34.69 22.53 -2.80
N GLN C 564 34.59 22.91 -4.07
CA GLN C 564 34.18 21.96 -5.10
C GLN C 564 35.16 20.80 -5.20
N ALA C 565 36.47 21.10 -5.13
CA ALA C 565 37.47 20.05 -5.17
C ALA C 565 37.30 19.08 -4.00
N LEU C 566 37.10 19.61 -2.79
CA LEU C 566 36.91 18.74 -1.64
C LEU C 566 35.62 17.93 -1.75
N PHE C 567 34.56 18.54 -2.29
CA PHE C 567 33.31 17.82 -2.45
C PHE C 567 33.48 16.66 -3.43
N ILE C 568 34.21 16.88 -4.52
CA ILE C 568 34.46 15.81 -5.47
C ILE C 568 35.28 14.71 -4.81
N TRP C 569 36.31 15.09 -4.05
CA TRP C 569 37.11 14.10 -3.35
C TRP C 569 36.24 13.24 -2.44
N SER C 570 35.35 13.87 -1.68
CA SER C 570 34.47 13.11 -0.81
C SER C 570 33.54 12.21 -1.60
N VAL C 571 33.01 12.70 -2.72
CA VAL C 571 32.03 11.91 -3.48
C VAL C 571 32.67 10.68 -4.09
N LEU C 572 33.85 10.83 -4.69
CA LEU C 572 34.43 9.71 -5.43
C LEU C 572 34.64 8.49 -4.55
N GLN C 573 34.87 8.68 -3.25
CA GLN C 573 35.07 7.59 -2.32
C GLN C 573 33.77 7.09 -1.71
N ASN C 574 32.63 7.61 -2.17
CA ASN C 574 31.32 7.11 -1.77
C ASN C 574 31.11 7.18 -0.26
N LYS C 575 31.47 8.32 0.32
CA LYS C 575 31.23 8.59 1.74
C LYS C 575 29.97 9.43 1.83
N LYS C 576 28.84 8.77 2.11
CA LYS C 576 27.54 9.42 2.00
C LYS C 576 27.39 10.54 3.03
N GLU C 577 27.61 10.24 4.31
CA GLU C 577 27.37 11.23 5.36
C GLU C 577 28.38 12.38 5.29
N LEU C 578 29.65 12.04 5.07
CA LEU C 578 30.69 13.06 5.01
C LEU C 578 30.61 13.88 3.73
N SER C 579 29.93 13.36 2.70
CA SER C 579 29.69 14.18 1.51
C SER C 579 28.49 15.08 1.71
N LYS C 580 27.43 14.57 2.36
CA LYS C 580 26.27 15.41 2.63
C LYS C 580 26.64 16.56 3.56
N VAL C 581 27.52 16.32 4.53
CA VAL C 581 27.93 17.41 5.42
C VAL C 581 28.62 18.51 4.64
N ILE C 582 29.62 18.13 3.82
CA ILE C 582 30.38 19.12 3.07
C ILE C 582 29.53 19.77 1.98
N TRP C 583 28.45 19.13 1.55
CA TRP C 583 27.62 19.70 0.50
C TRP C 583 26.96 21.00 0.96
N GLU C 584 26.67 21.14 2.26
CA GLU C 584 25.98 22.34 2.72
C GLU C 584 26.87 23.57 2.64
N GLN C 585 28.16 23.42 2.97
CA GLN C 585 29.07 24.56 2.96
C GLN C 585 29.38 25.06 1.55
N THR C 586 29.20 24.21 0.54
CA THR C 586 29.43 24.64 -0.83
C THR C 586 28.51 25.81 -1.18
N ARG C 587 28.92 26.60 -2.17
CA ARG C 587 28.19 27.81 -2.50
C ARG C 587 27.04 27.55 -3.48
N GLY C 588 27.34 26.91 -4.61
CA GLY C 588 26.28 26.49 -5.52
C GLY C 588 25.79 25.10 -5.19
N CYS C 589 24.68 25.02 -4.47
CA CYS C 589 24.21 23.75 -3.93
C CYS C 589 23.54 22.89 -5.01
N THR C 590 22.53 23.44 -5.69
CA THR C 590 21.81 22.67 -6.69
C THR C 590 22.73 22.22 -7.81
N LEU C 591 23.57 23.12 -8.31
CA LEU C 591 24.47 22.76 -9.39
C LEU C 591 25.47 21.70 -8.96
N ALA C 592 26.00 21.83 -7.75
CA ALA C 592 26.95 20.84 -7.25
C ALA C 592 26.30 19.49 -7.11
N ALA C 593 25.07 19.44 -6.59
CA ALA C 593 24.38 18.16 -6.44
C ALA C 593 24.12 17.52 -7.80
N LEU C 594 23.69 18.33 -8.77
CA LEU C 594 23.43 17.79 -10.10
C LEU C 594 24.70 17.24 -10.73
N GLY C 595 25.80 17.97 -10.62
CA GLY C 595 27.06 17.49 -11.17
C GLY C 595 27.55 16.23 -10.48
N ALA C 596 27.38 16.16 -9.16
CA ALA C 596 27.77 14.95 -8.43
C ALA C 596 26.95 13.76 -8.91
N SER C 597 25.65 13.96 -9.11
CA SER C 597 24.82 12.87 -9.61
C SER C 597 25.30 12.41 -10.98
N LYS C 598 25.62 13.35 -11.86
CA LYS C 598 26.13 12.99 -13.19
C LYS C 598 27.42 12.19 -13.08
N LEU C 599 28.35 12.64 -12.23
CA LEU C 599 29.62 11.96 -12.08
C LEU C 599 29.42 10.55 -11.54
N LEU C 600 28.52 10.39 -10.58
CA LEU C 600 28.24 9.05 -10.04
C LEU C 600 27.58 8.17 -11.10
N LYS C 601 26.73 8.75 -11.95
CA LYS C 601 26.18 7.98 -13.06
C LYS C 601 27.29 7.42 -13.92
N SER C 602 28.27 8.26 -14.26
CA SER C 602 29.37 7.78 -15.08
C SER C 602 30.18 6.71 -14.34
N MET C 603 30.42 6.92 -13.05
CA MET C 603 31.18 5.94 -12.27
C MET C 603 30.46 4.60 -12.19
N ALA C 604 29.13 4.60 -12.20
CA ALA C 604 28.37 3.37 -12.03
C ALA C 604 28.44 2.46 -13.25
N LYS C 605 28.75 3.00 -14.43
CA LYS C 605 28.77 2.21 -15.66
C LYS C 605 30.02 1.35 -15.80
N VAL C 606 30.84 1.24 -14.76
CA VAL C 606 32.04 0.42 -14.80
C VAL C 606 31.73 -0.92 -14.13
N LYS C 607 32.02 -2.01 -14.84
CA LYS C 607 31.69 -3.35 -14.37
C LYS C 607 32.91 -4.11 -13.86
N ASN C 608 34.06 -3.45 -13.73
CA ASN C 608 35.21 -4.09 -13.10
C ASN C 608 34.89 -4.45 -11.65
N ASP C 609 34.23 -3.55 -10.93
CA ASP C 609 33.79 -3.79 -9.56
C ASP C 609 32.30 -3.49 -9.46
N ILE C 610 31.54 -4.48 -9.01
CA ILE C 610 30.08 -4.39 -8.98
C ILE C 610 29.59 -3.79 -7.66
N ASN C 611 30.19 -4.22 -6.55
CA ASN C 611 29.73 -3.77 -5.23
C ASN C 611 29.85 -2.26 -5.10
N ALA C 612 30.96 -1.68 -5.54
CA ALA C 612 31.12 -0.24 -5.47
C ALA C 612 30.13 0.47 -6.40
N ALA C 613 29.90 -0.11 -7.58
CA ALA C 613 29.00 0.52 -8.55
C ALA C 613 27.58 0.63 -8.00
N GLY C 614 27.11 -0.40 -7.30
CA GLY C 614 25.77 -0.33 -6.73
C GLY C 614 25.62 0.84 -5.77
N GLU C 615 26.58 0.98 -4.85
CA GLU C 615 26.53 2.08 -3.88
C GLU C 615 26.61 3.43 -4.59
N SER C 616 27.46 3.53 -5.62
CA SER C 616 27.56 4.78 -6.36
C SER C 616 26.22 5.16 -6.99
N GLU C 617 25.54 4.19 -7.60
CA GLU C 617 24.24 4.47 -8.20
C GLU C 617 23.22 4.91 -7.15
N GLU C 618 23.21 4.25 -6.00
CA GLU C 618 22.29 4.64 -4.93
C GLU C 618 22.54 6.08 -4.52
N LEU C 619 23.81 6.45 -4.32
CA LEU C 619 24.14 7.81 -3.94
C LEU C 619 23.71 8.82 -5.00
N ALA C 620 23.87 8.43 -6.28
CA ALA C 620 23.46 9.31 -7.37
C ALA C 620 21.97 9.61 -7.29
N ASN C 621 21.16 8.57 -7.08
CA ASN C 621 19.72 8.78 -6.96
C ASN C 621 19.40 9.68 -5.78
N GLU C 622 20.06 9.46 -4.64
CA GLU C 622 19.83 10.31 -3.48
C GLU C 622 20.06 11.77 -3.83
N TYR C 623 21.19 12.07 -4.46
CA TYR C 623 21.53 13.45 -4.77
C TYR C 623 20.57 14.05 -5.78
N GLU C 624 20.14 13.27 -6.76
CA GLU C 624 19.17 13.78 -7.74
C GLU C 624 17.88 14.21 -7.05
N THR C 625 17.35 13.34 -6.17
CA THR C 625 16.12 13.69 -5.47
C THR C 625 16.31 14.94 -4.63
N ARG C 626 17.46 15.04 -3.95
CA ARG C 626 17.73 16.23 -3.15
C ARG C 626 17.73 17.48 -4.00
N ALA C 627 18.37 17.43 -5.17
CA ALA C 627 18.45 18.60 -6.02
C ALA C 627 17.08 19.04 -6.50
N VAL C 628 16.24 18.10 -6.93
CA VAL C 628 14.92 18.49 -7.42
C VAL C 628 14.10 19.11 -6.28
N GLU C 629 14.17 18.53 -5.08
CA GLU C 629 13.43 19.11 -3.96
C GLU C 629 13.90 20.53 -3.67
N LEU C 630 15.21 20.75 -3.67
CA LEU C 630 15.73 22.08 -3.39
C LEU C 630 15.29 23.08 -4.45
N PHE C 631 15.28 22.68 -5.72
CA PHE C 631 14.87 23.62 -6.75
C PHE C 631 13.40 23.95 -6.64
N THR C 632 12.57 22.98 -6.25
CA THR C 632 11.17 23.30 -6.00
C THR C 632 11.04 24.33 -4.90
N GLU C 633 11.79 24.14 -3.82
CA GLU C 633 11.75 25.12 -2.72
C GLU C 633 12.15 26.50 -3.22
N CYS C 634 13.22 26.57 -4.02
CA CYS C 634 13.68 27.87 -4.52
C CYS C 634 12.64 28.52 -5.42
N TYR C 635 12.01 27.72 -6.29
CA TYR C 635 11.04 28.28 -7.22
C TYR C 635 9.80 28.79 -6.50
N SER C 636 9.45 28.17 -5.37
CA SER C 636 8.24 28.58 -4.66
C SER C 636 8.29 30.05 -4.28
N ASN C 637 9.45 30.53 -3.81
CA ASN C 637 9.54 31.89 -3.30
C ASN C 637 9.47 32.93 -4.42
N ASP C 638 10.42 32.88 -5.34
CA ASP C 638 10.53 33.89 -6.39
C ASP C 638 10.74 33.20 -7.73
N GLU C 639 9.84 33.47 -8.68
CA GLU C 639 9.95 32.87 -10.00
C GLU C 639 11.03 33.54 -10.83
N ASP C 640 11.19 34.86 -10.71
CA ASP C 640 12.11 35.58 -11.57
C ASP C 640 13.55 35.15 -11.33
N LEU C 641 13.95 35.05 -10.06
CA LEU C 641 15.34 34.73 -9.74
C LEU C 641 15.66 33.25 -9.98
N ALA C 642 14.68 32.36 -9.86
CA ALA C 642 14.94 30.95 -10.07
C ALA C 642 15.43 30.69 -11.49
N GLU C 643 14.79 31.33 -12.48
CA GLU C 643 15.20 31.13 -13.87
C GLU C 643 16.57 31.72 -14.15
N GLN C 644 16.88 32.88 -13.57
CA GLN C 644 18.23 33.43 -13.68
C GLN C 644 19.25 32.48 -13.08
N LEU C 645 18.93 31.89 -11.94
CA LEU C 645 19.82 30.90 -11.32
C LEU C 645 19.98 29.67 -12.21
N LEU C 646 18.91 29.29 -12.92
CA LEU C 646 18.91 28.02 -13.64
C LEU C 646 19.99 27.99 -14.72
N THR C 647 20.09 29.05 -15.51
CA THR C 647 21.05 29.14 -16.61
C THR C 647 22.45 29.51 -16.12
N TYR C 648 22.60 29.79 -14.83
CA TYR C 648 23.90 30.20 -14.31
C TYR C 648 24.96 29.13 -14.57
N SER C 649 26.16 29.58 -14.93
CA SER C 649 27.26 28.70 -15.28
C SER C 649 28.49 29.11 -14.47
N CYS C 650 29.26 28.12 -14.00
CA CYS C 650 30.47 28.34 -13.24
C CYS C 650 31.59 27.47 -13.78
N GLU C 651 32.81 28.00 -13.75
CA GLU C 651 33.98 27.26 -14.20
C GLU C 651 34.33 26.11 -13.28
N ALA C 652 33.76 26.06 -12.07
CA ALA C 652 34.02 24.93 -11.18
C ALA C 652 33.78 23.61 -11.89
N TRP C 653 32.74 23.54 -12.70
CA TRP C 653 32.48 22.43 -13.59
C TRP C 653 32.85 22.86 -15.02
N GLY C 654 32.68 21.95 -15.96
CA GLY C 654 33.15 22.19 -17.31
C GLY C 654 32.32 23.19 -18.08
N GLY C 655 32.19 24.40 -17.55
CA GLY C 655 31.40 25.42 -18.24
C GLY C 655 29.98 24.99 -18.50
N SER C 656 29.34 24.38 -17.52
CA SER C 656 28.01 23.80 -17.68
C SER C 656 27.03 24.43 -16.70
N ASN C 657 25.81 24.68 -17.18
CA ASN C 657 24.73 25.15 -16.34
C ASN C 657 23.82 23.98 -15.97
N CYS C 658 22.82 24.27 -15.14
CA CYS C 658 21.99 23.20 -14.57
C CYS C 658 21.27 22.40 -15.66
N LEU C 659 20.69 23.09 -16.64
CA LEU C 659 19.97 22.40 -17.71
C LEU C 659 20.91 21.52 -18.54
N GLU C 660 22.06 22.08 -18.93
CA GLU C 660 23.03 21.33 -19.72
C GLU C 660 23.48 20.09 -18.98
N LEU C 661 23.68 20.20 -17.66
CA LEU C 661 24.11 19.06 -16.86
C LEU C 661 23.00 18.03 -16.71
N ALA C 662 21.77 18.49 -16.53
CA ALA C 662 20.64 17.57 -16.39
C ALA C 662 20.46 16.74 -17.65
N VAL C 663 20.58 17.36 -18.82
CA VAL C 663 20.31 16.60 -20.04
C VAL C 663 21.33 15.47 -20.20
N GLU C 664 22.61 15.78 -20.02
CA GLU C 664 23.63 14.73 -20.10
C GLU C 664 23.49 13.71 -18.98
N ALA C 665 23.04 14.14 -17.80
CA ALA C 665 22.90 13.20 -16.69
C ALA C 665 21.72 12.26 -16.88
N ARG C 666 20.75 12.61 -17.71
CA ARG C 666 19.60 11.78 -18.02
C ARG C 666 18.84 11.42 -16.75
N ASP C 667 18.57 12.43 -15.92
CA ASP C 667 17.70 12.29 -14.76
C ASP C 667 16.35 12.87 -15.13
N GLN C 668 15.35 11.99 -15.30
CA GLN C 668 14.05 12.40 -15.80
C GLN C 668 13.31 13.32 -14.84
N GLN C 669 13.48 13.12 -13.54
CA GLN C 669 12.67 13.83 -12.55
C GLN C 669 12.91 15.34 -12.62
N PHE C 670 14.19 15.75 -12.69
CA PHE C 670 14.49 17.18 -12.63
C PHE C 670 13.83 17.92 -13.78
N ILE C 671 13.92 17.37 -14.98
CA ILE C 671 13.27 18.01 -16.13
C ILE C 671 11.76 17.93 -16.00
N ALA C 672 11.24 16.81 -15.48
CA ALA C 672 9.81 16.60 -15.44
C ALA C 672 9.09 17.54 -14.49
N GLN C 673 9.80 18.22 -13.60
CA GLN C 673 9.15 19.01 -12.58
C GLN C 673 8.52 20.27 -13.19
N PRO C 674 7.51 20.84 -12.52
CA PRO C 674 6.75 21.94 -13.14
C PRO C 674 7.56 23.17 -13.52
N GLY C 675 8.41 23.68 -12.61
CA GLY C 675 9.00 24.99 -12.83
C GLY C 675 9.84 25.07 -14.09
N VAL C 676 10.71 24.08 -14.29
CA VAL C 676 11.54 24.06 -15.49
C VAL C 676 10.65 23.93 -16.73
N GLN C 677 9.57 23.17 -16.60
CA GLN C 677 8.65 23.03 -17.73
C GLN C 677 8.02 24.37 -18.11
N ASN C 678 7.61 25.15 -17.11
CA ASN C 678 7.05 26.47 -17.38
C ASN C 678 8.08 27.39 -18.01
N PHE C 679 9.31 27.36 -17.49
CA PHE C 679 10.38 28.18 -18.07
C PHE C 679 10.59 27.82 -19.53
N LEU C 680 10.66 26.53 -19.82
CA LEU C 680 10.83 26.09 -21.21
C LEU C 680 9.66 26.50 -22.08
N SER C 681 8.44 26.39 -21.55
CA SER C 681 7.26 26.71 -22.35
C SER C 681 7.24 28.18 -22.72
N LYS C 682 7.53 29.06 -21.76
CA LYS C 682 7.52 30.48 -22.08
C LYS C 682 8.76 30.90 -22.87
N GLN C 683 9.83 30.10 -22.85
CA GLN C 683 10.89 30.29 -23.84
C GLN C 683 10.40 29.92 -25.23
N TRP C 684 9.64 28.84 -25.34
CA TRP C 684 9.12 28.38 -26.62
C TRP C 684 8.16 29.40 -27.23
N TYR C 685 7.28 29.97 -26.39
CA TYR C 685 6.38 31.01 -26.89
C TYR C 685 7.11 32.33 -27.12
N GLY C 686 8.15 32.62 -26.34
CA GLY C 686 8.90 33.85 -26.53
C GLY C 686 8.16 35.06 -25.97
N GLU C 687 8.45 36.23 -26.55
CA GLU C 687 7.84 37.45 -26.09
C GLU C 687 6.33 37.45 -26.27
N ILE C 688 5.79 36.56 -27.12
CA ILE C 688 4.35 36.44 -27.23
C ILE C 688 3.76 36.08 -25.88
N SER C 689 2.70 36.78 -25.51
CA SER C 689 2.02 36.48 -24.27
C SER C 689 1.31 35.14 -24.38
N ARG C 690 1.34 34.37 -23.30
CA ARG C 690 0.60 33.11 -23.27
C ARG C 690 -0.87 33.38 -22.98
N ASP C 691 -1.65 32.30 -22.91
CA ASP C 691 -3.10 32.34 -22.73
C ASP C 691 -3.83 32.84 -23.96
N THR C 692 -3.12 33.25 -25.01
CA THR C 692 -3.76 33.58 -26.28
C THR C 692 -4.05 32.29 -27.04
N LYS C 693 -5.31 32.09 -27.41
CA LYS C 693 -5.70 30.86 -28.08
C LYS C 693 -4.99 30.75 -29.42
N ASN C 694 -4.63 29.51 -29.79
CA ASN C 694 -3.78 29.28 -30.96
C ASN C 694 -4.35 29.93 -32.21
N TRP C 695 -5.66 29.79 -32.43
CA TRP C 695 -6.25 30.36 -33.64
C TRP C 695 -6.05 31.85 -33.70
N LYS C 696 -6.02 32.52 -32.55
CA LYS C 696 -5.70 33.94 -32.54
C LYS C 696 -4.33 34.20 -33.15
N ILE C 697 -3.34 33.41 -32.76
CA ILE C 697 -2.00 33.55 -33.31
C ILE C 697 -2.00 33.26 -34.81
N ILE C 698 -2.70 32.22 -35.24
CA ILE C 698 -2.68 31.87 -36.66
C ILE C 698 -3.35 32.96 -37.50
N LEU C 699 -4.49 33.47 -37.03
CA LEU C 699 -5.15 34.55 -37.75
C LEU C 699 -4.25 35.77 -37.84
N CYS C 700 -3.55 36.10 -36.76
CA CYS C 700 -2.57 37.19 -36.85
C CYS C 700 -1.44 36.83 -37.81
N LEU C 701 -1.08 35.56 -37.89
CA LEU C 701 -0.03 35.13 -38.81
C LEU C 701 -0.41 35.38 -40.25
N PHE C 702 -1.64 35.05 -40.63
CA PHE C 702 -2.07 35.28 -42.01
C PHE C 702 -2.15 36.77 -42.32
N PHE C 703 -2.69 37.56 -41.41
CA PHE C 703 -2.93 38.99 -41.64
C PHE C 703 -1.94 39.80 -40.84
N PHE C 704 -1.09 40.56 -41.54
CA PHE C 704 -0.11 41.41 -40.87
C PHE C 704 -0.75 42.44 -39.94
N PRO C 705 -1.76 43.21 -40.37
CA PRO C 705 -2.19 44.37 -39.56
C PRO C 705 -2.66 44.01 -38.16
N LEU C 706 -3.30 42.85 -37.97
CA LEU C 706 -3.98 42.60 -36.71
C LEU C 706 -3.07 42.79 -35.51
N ILE C 707 -1.82 42.32 -35.60
CA ILE C 707 -0.93 42.38 -34.44
C ILE C 707 -0.83 43.81 -33.93
N GLY C 708 -0.79 44.78 -34.85
CA GLY C 708 -0.66 46.17 -34.42
C GLY C 708 -1.84 46.65 -33.62
N CYS C 709 -3.05 46.24 -34.01
CA CYS C 709 -4.25 46.82 -33.40
C CYS C 709 -4.38 46.43 -31.93
N GLY C 710 -4.07 45.18 -31.60
CA GLY C 710 -4.23 44.69 -30.24
C GLY C 710 -5.00 43.39 -30.16
N PHE C 711 -5.30 42.81 -31.33
CA PHE C 711 -5.98 41.54 -31.39
C PHE C 711 -5.17 40.44 -30.70
N ILE C 712 -3.85 40.46 -30.88
CA ILE C 712 -2.93 39.61 -30.15
C ILE C 712 -2.26 40.47 -29.07
N SER C 713 -2.25 39.97 -27.85
CA SER C 713 -1.60 40.68 -26.76
C SER C 713 -0.09 40.41 -26.80
N PHE C 714 0.62 40.95 -25.81
CA PHE C 714 2.05 40.75 -25.71
C PHE C 714 2.46 40.73 -24.24
N ARG C 715 3.63 40.15 -24.01
CA ARG C 715 4.12 39.85 -22.66
C ARG C 715 5.30 40.76 -22.33
N LYS C 716 5.25 41.37 -21.15
CA LYS C 716 6.31 42.27 -20.71
C LYS C 716 6.57 42.09 -19.21
N LYS C 723 8.54 54.00 -31.90
CA LYS C 723 9.67 53.14 -31.57
C LYS C 723 9.21 51.89 -30.84
N LYS C 724 8.29 52.07 -29.88
CA LYS C 724 7.79 50.94 -29.12
C LYS C 724 7.02 49.96 -29.99
N LEU C 725 6.25 50.47 -30.96
CA LEU C 725 5.36 49.61 -31.73
C LEU C 725 6.12 48.59 -32.55
N PHE C 726 7.21 49.01 -33.22
CA PHE C 726 7.89 48.14 -34.17
C PHE C 726 8.36 46.85 -33.50
N LEU C 727 8.70 46.91 -32.21
CA LEU C 727 9.16 45.71 -31.53
C LEU C 727 8.09 44.63 -31.50
N TYR C 728 6.81 45.02 -31.48
CA TYR C 728 5.75 44.02 -31.54
C TYR C 728 5.83 43.22 -32.83
N TYR C 729 5.96 43.92 -33.97
CA TYR C 729 6.05 43.24 -35.24
C TYR C 729 7.30 42.37 -35.31
N VAL C 730 8.42 42.85 -34.82
CA VAL C 730 9.61 42.03 -34.90
C VAL C 730 9.51 40.81 -34.03
N SER C 731 9.11 40.99 -32.79
CA SER C 731 9.07 39.89 -31.83
C SER C 731 7.99 38.88 -32.17
N PHE C 732 6.97 39.28 -32.94
CA PHE C 732 5.96 38.31 -33.33
C PHE C 732 6.52 37.27 -34.30
N PHE C 733 7.56 37.63 -35.06
CA PHE C 733 8.11 36.76 -36.08
C PHE C 733 9.39 36.05 -35.66
N THR C 734 9.91 36.34 -34.46
CA THR C 734 11.10 35.63 -33.97
C THR C 734 10.76 34.55 -32.94
N SER C 735 9.50 34.44 -32.53
CA SER C 735 9.13 33.39 -31.59
C SER C 735 9.14 32.03 -32.29
N PRO C 736 9.71 31.00 -31.67
CA PRO C 736 9.80 29.70 -32.37
C PRO C 736 8.46 29.14 -32.84
N PHE C 737 7.39 29.31 -32.06
CA PHE C 737 6.10 28.74 -32.40
C PHE C 737 5.58 29.29 -33.73
N VAL C 738 5.59 30.61 -33.87
CA VAL C 738 5.16 31.26 -35.09
C VAL C 738 5.99 30.78 -36.27
N VAL C 739 7.31 30.73 -36.08
CA VAL C 739 8.20 30.34 -37.17
C VAL C 739 7.93 28.92 -37.61
N PHE C 740 7.72 28.02 -36.64
CA PHE C 740 7.44 26.62 -36.98
C PHE C 740 6.16 26.48 -37.79
N SER C 741 5.09 27.14 -37.32
CA SER C 741 3.83 27.04 -38.05
C SER C 741 3.96 27.64 -39.45
N TRP C 742 4.64 28.78 -39.56
CA TRP C 742 4.86 29.41 -40.86
C TRP C 742 5.65 28.49 -41.78
N ASN C 743 6.66 27.82 -41.24
CA ASN C 743 7.47 26.91 -42.05
C ASN C 743 6.62 25.78 -42.59
N VAL C 744 5.74 25.22 -41.77
CA VAL C 744 4.87 24.14 -42.25
C VAL C 744 3.98 24.64 -43.39
N ILE C 745 3.36 25.81 -43.19
CA ILE C 745 2.48 26.37 -44.22
C ILE C 745 3.24 26.57 -45.53
N PHE C 746 4.43 27.15 -45.44
CA PHE C 746 5.24 27.39 -46.62
C PHE C 746 5.69 26.09 -47.26
N TYR C 747 5.92 25.05 -46.46
CA TYR C 747 6.28 23.75 -47.02
C TYR C 747 5.15 23.18 -47.85
N ILE C 748 3.91 23.33 -47.38
CA ILE C 748 2.77 22.89 -48.19
C ILE C 748 2.72 23.67 -49.50
N ALA C 749 2.90 24.99 -49.45
CA ALA C 749 2.92 25.76 -50.69
C ALA C 749 4.03 25.26 -51.61
N PHE C 750 5.19 24.93 -51.04
CA PHE C 750 6.31 24.42 -51.83
C PHE C 750 5.95 23.12 -52.54
N LEU C 751 5.28 22.20 -51.82
CA LEU C 751 4.88 20.94 -52.44
C LEU C 751 3.91 21.19 -53.59
N LEU C 752 2.97 22.12 -53.42
CA LEU C 752 2.06 22.42 -54.52
C LEU C 752 2.81 22.96 -55.73
N LEU C 753 3.77 23.84 -55.51
CA LEU C 753 4.55 24.37 -56.61
C LEU C 753 5.26 23.23 -57.32
N PHE C 754 5.90 22.38 -56.54
CA PHE C 754 6.62 21.23 -57.07
C PHE C 754 5.72 20.39 -57.97
N ALA C 755 4.53 20.08 -57.50
CA ALA C 755 3.61 19.25 -58.29
C ALA C 755 3.22 19.95 -59.59
N TYR C 756 2.88 21.23 -59.51
CA TYR C 756 2.50 21.95 -60.72
C TYR C 756 3.63 21.93 -61.74
N VAL C 757 4.84 22.28 -61.31
CA VAL C 757 5.97 22.34 -62.22
C VAL C 757 6.23 20.98 -62.85
N LEU C 758 6.22 19.93 -62.02
CA LEU C 758 6.52 18.59 -62.52
C LEU C 758 5.48 18.14 -63.54
N LEU C 759 4.21 18.46 -63.30
CA LEU C 759 3.17 17.92 -64.17
C LEU C 759 3.07 18.69 -65.49
N MET C 760 3.09 20.02 -65.44
CA MET C 760 2.81 20.78 -66.66
C MET C 760 3.75 21.97 -66.85
N ASP C 761 4.99 21.85 -66.38
CA ASP C 761 6.01 22.86 -66.63
C ASP C 761 7.37 22.24 -66.91
N PHE C 762 7.39 21.03 -67.49
CA PHE C 762 8.62 20.32 -67.80
C PHE C 762 8.83 20.40 -69.31
N GLN C 763 9.83 21.17 -69.73
CA GLN C 763 10.11 21.42 -71.14
C GLN C 763 11.58 21.14 -71.41
N LYS C 764 11.95 21.21 -72.69
CA LYS C 764 13.32 20.88 -73.09
C LYS C 764 14.33 21.75 -72.33
N GLU C 765 14.07 23.06 -72.27
CA GLU C 765 14.91 23.98 -71.52
C GLU C 765 14.20 24.39 -70.24
N PRO C 766 14.83 24.24 -69.07
CA PRO C 766 14.12 24.60 -67.83
C PRO C 766 13.66 26.04 -67.83
N THR C 767 12.45 26.26 -67.33
CA THR C 767 11.87 27.58 -67.24
C THR C 767 12.26 28.26 -65.93
N ALA C 768 12.01 29.57 -65.88
CA ALA C 768 12.33 30.35 -64.69
C ALA C 768 11.69 29.75 -63.44
N LEU C 769 10.46 29.26 -63.57
CA LEU C 769 9.76 28.66 -62.43
C LEU C 769 10.57 27.53 -61.81
N GLU C 770 11.06 26.61 -62.64
CA GLU C 770 11.91 25.53 -62.14
C GLU C 770 13.14 26.11 -61.46
N ILE C 771 13.65 27.24 -61.94
CA ILE C 771 14.83 27.86 -61.32
C ILE C 771 14.50 28.35 -59.92
N ILE C 772 13.33 28.95 -59.74
CA ILE C 772 12.90 29.35 -58.40
C ILE C 772 12.81 28.13 -57.50
N LEU C 773 12.24 27.04 -58.03
CA LEU C 773 12.16 25.80 -57.26
C LEU C 773 13.55 25.33 -56.84
N TYR C 774 14.50 25.37 -57.77
CA TYR C 774 15.88 24.96 -57.46
C TYR C 774 16.48 25.84 -56.37
N VAL C 775 16.21 27.15 -56.43
CA VAL C 775 16.72 28.05 -55.41
C VAL C 775 16.19 27.66 -54.04
N LEU C 776 14.88 27.39 -53.96
CA LEU C 776 14.30 26.96 -52.69
C LEU C 776 14.98 25.70 -52.17
N VAL C 777 15.21 24.75 -53.08
CA VAL C 777 15.84 23.49 -52.68
C VAL C 777 17.24 23.74 -52.14
N PHE C 778 17.97 24.68 -52.76
CA PHE C 778 19.30 25.02 -52.26
C PHE C 778 19.25 25.66 -50.87
N ILE C 779 18.25 26.52 -50.63
CA ILE C 779 18.04 27.03 -49.27
C ILE C 779 17.93 25.86 -48.30
N LEU C 780 17.12 24.87 -48.66
CA LEU C 780 16.93 23.72 -47.79
C LEU C 780 18.25 23.00 -47.54
N LEU C 781 19.09 22.89 -48.58
CA LEU C 781 20.39 22.25 -48.41
C LEU C 781 21.22 22.96 -47.34
N CYS C 782 21.28 24.29 -47.41
CA CYS C 782 22.04 25.03 -46.40
C CYS C 782 21.49 24.76 -45.00
N ASP C 783 20.16 24.77 -44.88
CA ASP C 783 19.55 24.49 -43.59
C ASP C 783 19.98 23.13 -43.05
N GLU C 784 20.09 22.13 -43.92
CA GLU C 784 20.56 20.81 -43.50
C GLU C 784 22.01 20.84 -43.05
N VAL C 785 22.85 21.57 -43.80
CA VAL C 785 24.25 21.67 -43.42
C VAL C 785 24.37 22.21 -42.01
N ARG C 786 23.48 23.12 -41.62
CA ARG C 786 23.57 23.63 -40.25
C ARG C 786 23.39 22.50 -39.24
N GLN C 787 22.47 21.57 -39.51
CA GLN C 787 22.28 20.46 -38.58
C GLN C 787 23.52 19.57 -38.54
N TRP C 788 24.16 19.37 -39.69
CA TRP C 788 25.41 18.61 -39.66
C TRP C 788 26.44 19.29 -38.76
N TYR C 789 26.56 20.61 -38.85
CA TYR C 789 27.64 21.27 -38.12
C TYR C 789 27.33 21.41 -36.63
N MET C 790 26.07 21.68 -36.28
CA MET C 790 25.75 22.01 -34.90
C MET C 790 25.81 20.78 -34.01
N ASN C 791 25.19 19.68 -34.43
CA ASN C 791 25.16 18.45 -33.66
C ASN C 791 25.30 17.28 -34.63
N GLY C 792 26.51 16.73 -34.71
CA GLY C 792 26.83 15.70 -35.68
C GLY C 792 26.52 14.29 -35.22
N SER C 793 26.83 14.00 -33.95
CA SER C 793 26.73 12.62 -33.48
C SER C 793 25.30 12.10 -33.54
N LYS C 794 24.36 12.84 -32.95
CA LYS C 794 23.00 12.35 -32.82
C LYS C 794 22.16 12.55 -34.08
N TYR C 795 22.61 13.37 -35.02
CA TYR C 795 21.80 13.64 -36.20
C TYR C 795 21.60 12.39 -37.04
N PHE C 796 22.66 11.59 -37.22
CA PHE C 796 22.60 10.39 -38.04
C PHE C 796 22.13 9.17 -37.26
N SER C 797 21.81 9.32 -35.97
CA SER C 797 21.32 8.18 -35.19
C SER C 797 19.99 7.69 -35.70
N ASP C 798 19.13 8.58 -36.18
CA ASP C 798 17.79 8.24 -36.60
C ASP C 798 17.70 8.16 -38.12
N LEU C 799 16.77 7.33 -38.59
CA LEU C 799 16.64 7.08 -40.02
C LEU C 799 16.04 8.26 -40.75
N TRP C 800 15.14 9.01 -40.10
CA TRP C 800 14.36 10.03 -40.79
C TRP C 800 15.22 11.20 -41.27
N ASN C 801 16.18 11.65 -40.46
CA ASN C 801 17.12 12.66 -40.90
C ASN C 801 17.96 12.19 -42.09
N VAL C 802 18.43 10.95 -42.03
CA VAL C 802 19.16 10.36 -43.14
C VAL C 802 18.31 10.39 -44.40
N MET C 803 17.02 10.06 -44.27
CA MET C 803 16.15 10.07 -45.45
C MET C 803 16.03 11.46 -46.04
N ASP C 804 15.85 12.47 -45.19
CA ASP C 804 15.77 13.84 -45.72
C ASP C 804 17.02 14.19 -46.51
N THR C 805 18.19 13.90 -45.94
CA THR C 805 19.44 14.23 -46.65
C THR C 805 19.55 13.46 -47.96
N LEU C 806 19.22 12.17 -47.94
CA LEU C 806 19.33 11.39 -49.16
C LEU C 806 18.36 11.89 -50.21
N ALA C 807 17.20 12.41 -49.79
CA ALA C 807 16.26 12.99 -50.75
C ALA C 807 16.87 14.20 -51.45
N ILE C 808 17.52 15.07 -50.68
CA ILE C 808 18.09 16.26 -51.34
C ILE C 808 19.20 15.85 -52.31
N PHE C 809 20.02 14.88 -51.92
CA PHE C 809 21.06 14.41 -52.84
C PHE C 809 20.46 13.78 -54.09
N TYR C 810 19.36 13.04 -53.92
CA TYR C 810 18.64 12.49 -55.06
C TYR C 810 18.21 13.58 -56.02
N PHE C 811 17.78 14.71 -55.48
CA PHE C 811 17.36 15.82 -56.32
C PHE C 811 18.53 16.31 -57.14
N ILE C 812 19.70 16.36 -56.52
CA ILE C 812 20.88 16.84 -57.19
C ILE C 812 21.11 15.97 -58.39
N ALA C 813 21.10 14.65 -58.18
CA ALA C 813 21.23 13.72 -59.31
C ALA C 813 20.21 14.02 -60.40
N GLY C 814 18.98 14.34 -60.00
CA GLY C 814 17.94 14.62 -60.99
C GLY C 814 18.28 15.80 -61.87
N ILE C 815 18.80 16.87 -61.27
CA ILE C 815 19.25 18.01 -62.08
C ILE C 815 20.35 17.57 -63.03
N VAL C 816 21.30 16.77 -62.52
CA VAL C 816 22.38 16.33 -63.38
C VAL C 816 21.81 15.70 -64.64
N PHE C 817 20.78 14.87 -64.48
CA PHE C 817 20.18 14.26 -65.67
C PHE C 817 19.46 15.30 -66.53
N ARG C 818 18.67 16.17 -65.91
CA ARG C 818 17.84 17.08 -66.70
C ARG C 818 18.69 17.95 -67.61
N LEU C 819 19.86 18.39 -67.14
CA LEU C 819 20.60 19.39 -67.89
C LEU C 819 21.21 18.85 -69.18
N HIS C 820 21.26 17.53 -69.36
CA HIS C 820 21.91 16.97 -70.55
C HIS C 820 21.16 17.31 -71.83
N SER C 821 19.88 17.69 -71.73
CA SER C 821 19.10 18.10 -72.89
C SER C 821 18.97 16.98 -73.93
N ASP C 822 19.07 15.73 -73.50
CA ASP C 822 18.77 14.58 -74.35
C ASP C 822 17.53 13.87 -73.83
N GLU C 823 16.64 13.49 -74.75
CA GLU C 823 15.35 12.96 -74.34
C GLU C 823 15.50 11.74 -73.45
N SER C 824 16.45 10.85 -73.78
CA SER C 824 16.62 9.63 -72.99
C SER C 824 16.99 9.96 -71.55
N SER C 825 17.90 10.91 -71.35
CA SER C 825 18.24 11.34 -70.00
C SER C 825 17.13 12.22 -69.39
N TRP C 826 16.42 12.96 -70.25
CA TRP C 826 15.33 13.82 -69.80
C TRP C 826 14.26 13.01 -69.07
N TYR C 827 13.83 11.91 -69.68
CA TYR C 827 12.80 11.07 -69.07
C TYR C 827 13.27 10.52 -67.71
N SER C 828 14.51 10.06 -67.65
CA SER C 828 15.03 9.52 -66.39
C SER C 828 15.05 10.59 -65.30
N GLY C 829 15.49 11.81 -65.66
CA GLY C 829 15.45 12.89 -64.69
C GLY C 829 14.05 13.17 -64.19
N ARG C 830 13.06 13.11 -65.10
CA ARG C 830 11.67 13.29 -64.70
C ARG C 830 11.25 12.24 -63.68
N VAL C 831 11.59 10.98 -63.94
CA VAL C 831 11.26 9.91 -63.01
C VAL C 831 11.90 10.16 -61.64
N ILE C 832 13.17 10.57 -61.66
CA ILE C 832 13.89 10.88 -60.42
C ILE C 832 13.13 11.96 -59.64
N PHE C 833 12.68 13.00 -60.34
CA PHE C 833 11.93 14.07 -59.68
C PHE C 833 10.67 13.53 -59.02
N CYS C 834 9.94 12.65 -59.73
CA CYS C 834 8.72 12.10 -59.15
C CYS C 834 9.01 11.37 -57.84
N LEU C 835 10.03 10.51 -57.85
CA LEU C 835 10.33 9.75 -56.64
C LEU C 835 10.76 10.67 -55.50
N ASP C 836 11.56 11.69 -55.81
CA ASP C 836 11.95 12.65 -54.78
C ASP C 836 10.72 13.36 -54.21
N TYR C 837 9.73 13.63 -55.05
CA TYR C 837 8.50 14.25 -54.58
C TYR C 837 7.81 13.36 -53.54
N ILE C 838 7.73 12.06 -53.85
CA ILE C 838 7.13 11.14 -52.88
C ILE C 838 7.89 11.20 -51.56
N VAL C 839 9.22 11.24 -51.63
CA VAL C 839 10.01 11.25 -50.39
C VAL C 839 9.73 12.51 -49.58
N PHE C 840 9.64 13.66 -50.25
CA PHE C 840 9.33 14.89 -49.54
C PHE C 840 7.98 14.81 -48.84
N THR C 841 6.97 14.25 -49.53
CA THR C 841 5.67 14.09 -48.89
C THR C 841 5.77 13.21 -47.65
N LEU C 842 6.58 12.15 -47.72
CA LEU C 842 6.76 11.30 -46.54
C LEU C 842 7.35 12.11 -45.39
N ARG C 843 8.32 12.97 -45.68
CA ARG C 843 8.89 13.82 -44.63
C ARG C 843 7.79 14.66 -43.98
N LEU C 844 6.93 15.26 -44.79
CA LEU C 844 5.85 16.09 -44.24
C LEU C 844 4.93 15.26 -43.34
N ILE C 845 4.60 14.05 -43.76
CA ILE C 845 3.73 13.19 -42.95
C ILE C 845 4.38 12.89 -41.61
N HIS C 846 5.68 12.61 -41.61
CA HIS C 846 6.40 12.38 -40.35
C HIS C 846 6.27 13.58 -39.44
N ILE C 847 6.41 14.78 -40.00
CA ILE C 847 6.29 15.98 -39.20
C ILE C 847 4.91 16.05 -38.55
N PHE C 848 3.86 15.82 -39.31
CA PHE C 848 2.50 15.89 -38.78
C PHE C 848 2.26 14.86 -37.68
N THR C 849 2.76 13.65 -37.90
CA THR C 849 2.57 12.59 -36.93
C THR C 849 3.15 12.95 -35.58
N VAL C 850 4.41 13.33 -35.57
CA VAL C 850 5.10 13.65 -34.32
C VAL C 850 4.52 14.92 -33.72
N SER C 851 4.17 15.90 -34.55
CA SER C 851 3.59 17.12 -34.03
C SER C 851 2.31 16.83 -33.25
N ARG C 852 1.45 15.97 -33.79
CA ARG C 852 0.18 15.71 -33.11
C ARG C 852 0.36 14.85 -31.86
N ASN C 853 1.26 13.85 -31.90
CA ASN C 853 1.28 12.88 -30.81
C ASN C 853 2.12 13.32 -29.61
N LEU C 854 2.79 14.48 -29.68
CA LEU C 854 3.62 14.92 -28.56
C LEU C 854 2.77 15.07 -27.29
N GLY C 855 3.24 14.44 -26.21
CA GLY C 855 2.48 14.28 -24.99
C GLY C 855 2.91 13.01 -24.28
N PRO C 856 1.95 12.19 -23.83
CA PRO C 856 2.29 10.91 -23.18
C PRO C 856 2.38 9.72 -24.12
N LYS C 857 2.32 9.92 -25.43
CA LYS C 857 2.41 8.84 -26.41
C LYS C 857 3.74 8.81 -27.15
N ILE C 858 4.68 9.68 -26.80
CA ILE C 858 5.86 9.86 -27.65
C ILE C 858 6.85 8.72 -27.46
N ILE C 859 6.97 8.19 -26.24
CA ILE C 859 7.82 7.02 -26.01
C ILE C 859 7.27 5.82 -26.79
N MET C 860 5.95 5.61 -26.75
CA MET C 860 5.34 4.54 -27.52
C MET C 860 5.63 4.71 -29.00
N LEU C 861 5.52 5.94 -29.51
CA LEU C 861 5.72 6.15 -30.93
C LEU C 861 7.18 5.96 -31.33
N GLN C 862 8.11 6.31 -30.45
CA GLN C 862 9.52 6.20 -30.83
C GLN C 862 10.00 4.76 -30.81
N ARG C 863 9.55 3.95 -29.85
CA ARG C 863 10.01 2.55 -29.84
C ARG C 863 9.45 1.77 -31.04
N MET C 864 8.21 2.04 -31.40
CA MET C 864 7.53 1.22 -32.41
C MET C 864 8.13 1.41 -33.80
N MET C 865 8.57 2.62 -34.13
CA MET C 865 9.22 2.81 -35.43
C MET C 865 10.44 1.91 -35.57
N ILE C 866 11.24 1.81 -34.52
CA ILE C 866 12.42 0.95 -34.55
C ILE C 866 12.00 -0.51 -34.71
N ASP C 867 11.01 -0.93 -33.92
CA ASP C 867 10.59 -2.34 -34.01
C ASP C 867 10.08 -2.68 -35.40
N VAL C 868 9.27 -1.80 -35.99
CA VAL C 868 8.73 -2.06 -37.32
C VAL C 868 9.85 -2.07 -38.36
N PHE C 869 10.86 -1.21 -38.19
CA PHE C 869 12.00 -1.25 -39.09
C PHE C 869 12.71 -2.59 -39.03
N PHE C 870 12.89 -3.13 -37.83
CA PHE C 870 13.53 -4.44 -37.74
C PHE C 870 12.68 -5.52 -38.40
N PHE C 871 11.36 -5.46 -38.22
CA PHE C 871 10.50 -6.43 -38.88
C PHE C 871 10.63 -6.35 -40.39
N LEU C 872 10.67 -5.13 -40.94
CA LEU C 872 10.84 -4.99 -42.39
C LEU C 872 12.18 -5.54 -42.84
N PHE C 873 13.23 -5.35 -42.02
CA PHE C 873 14.53 -5.92 -42.36
C PHE C 873 14.46 -7.44 -42.46
N LEU C 874 13.81 -8.08 -41.49
CA LEU C 874 13.68 -9.53 -41.54
C LEU C 874 12.89 -9.96 -42.77
N PHE C 875 11.83 -9.21 -43.11
CA PHE C 875 11.02 -9.55 -44.27
C PHE C 875 11.85 -9.49 -45.55
N ALA C 876 12.68 -8.46 -45.70
CA ALA C 876 13.56 -8.37 -46.87
C ALA C 876 14.52 -9.54 -46.93
N VAL C 877 15.12 -9.88 -45.79
CA VAL C 877 16.04 -11.01 -45.75
C VAL C 877 15.34 -12.26 -46.25
N TRP C 878 14.10 -12.49 -45.79
CA TRP C 878 13.37 -13.68 -46.21
C TRP C 878 13.06 -13.63 -47.71
N MET C 879 12.72 -12.45 -48.21
CA MET C 879 12.37 -12.33 -49.63
C MET C 879 13.55 -12.71 -50.51
N VAL C 880 14.77 -12.37 -50.09
CA VAL C 880 15.93 -12.73 -50.91
C VAL C 880 16.01 -14.24 -51.08
N ALA C 881 15.87 -14.99 -49.97
CA ALA C 881 15.94 -16.44 -50.05
C ALA C 881 14.81 -17.00 -50.90
N PHE C 882 13.60 -16.47 -50.72
CA PHE C 882 12.49 -16.94 -51.55
C PHE C 882 12.79 -16.76 -53.02
N GLY C 883 13.32 -15.59 -53.39
CA GLY C 883 13.62 -15.33 -54.78
C GLY C 883 14.70 -16.25 -55.32
N VAL C 884 15.74 -16.51 -54.53
CA VAL C 884 16.80 -17.41 -54.97
C VAL C 884 16.22 -18.80 -55.24
N ALA C 885 15.39 -19.29 -54.31
CA ALA C 885 14.80 -20.61 -54.49
C ALA C 885 13.96 -20.66 -55.77
N ARG C 886 13.11 -19.65 -55.98
CA ARG C 886 12.25 -19.65 -57.15
C ARG C 886 13.05 -19.60 -58.43
N GLN C 887 14.06 -18.73 -58.49
CA GLN C 887 14.89 -18.63 -59.69
C GLN C 887 15.62 -19.93 -59.96
N GLY C 888 16.15 -20.56 -58.93
CA GLY C 888 16.85 -21.82 -59.12
C GLY C 888 15.94 -22.92 -59.64
N ILE C 889 14.73 -23.01 -59.09
CA ILE C 889 13.83 -24.08 -59.50
C ILE C 889 13.37 -23.86 -60.94
N LEU C 890 12.97 -22.64 -61.29
CA LEU C 890 12.33 -22.44 -62.59
C LEU C 890 13.33 -22.46 -63.74
N ARG C 891 14.26 -21.51 -63.76
CA ARG C 891 15.13 -21.30 -64.90
C ARG C 891 16.45 -22.04 -64.72
N LYS C 892 16.95 -22.61 -65.82
CA LYS C 892 18.22 -23.34 -65.83
C LYS C 892 19.17 -22.88 -66.91
N ASN C 893 18.67 -22.53 -68.10
CA ASN C 893 19.56 -22.22 -69.23
C ASN C 893 20.38 -20.97 -68.96
N GLU C 894 19.74 -19.96 -68.36
CA GLU C 894 20.36 -18.66 -68.10
C GLU C 894 21.55 -18.62 -67.14
N HIS C 895 22.76 -18.38 -67.65
CA HIS C 895 23.95 -18.28 -66.81
C HIS C 895 24.53 -16.86 -66.73
N ARG C 896 23.94 -15.90 -67.44
CA ARG C 896 24.44 -14.53 -67.43
C ARG C 896 24.43 -13.97 -66.02
N TRP C 897 25.58 -13.42 -65.60
CA TRP C 897 25.67 -12.80 -64.28
C TRP C 897 24.70 -11.63 -64.16
N GLU C 898 24.49 -10.90 -65.25
CA GLU C 898 23.68 -9.68 -65.18
C GLU C 898 22.22 -10.01 -64.88
N TRP C 899 21.68 -11.04 -65.51
CA TRP C 899 20.27 -11.36 -65.35
C TRP C 899 19.96 -11.92 -63.97
N ILE C 900 20.93 -12.60 -63.35
CA ILE C 900 20.70 -13.22 -62.05
C ILE C 900 20.38 -12.18 -61.00
N PHE C 901 21.10 -11.06 -61.01
CA PHE C 901 20.83 -10.00 -60.04
C PHE C 901 19.39 -9.51 -60.17
N ARG C 902 19.00 -9.12 -61.39
CA ARG C 902 17.63 -8.73 -61.63
C ARG C 902 16.66 -9.75 -61.04
N SER C 903 16.80 -11.01 -61.47
CA SER C 903 15.86 -12.04 -61.07
C SER C 903 15.78 -12.13 -59.55
N VAL C 904 16.87 -12.53 -58.90
CA VAL C 904 16.79 -12.84 -57.48
C VAL C 904 16.35 -11.62 -56.68
N ILE C 905 16.78 -10.43 -57.08
CA ILE C 905 16.53 -9.26 -56.24
C ILE C 905 15.09 -8.77 -56.40
N TYR C 906 14.64 -8.50 -57.62
CA TYR C 906 13.33 -7.89 -57.79
C TYR C 906 12.44 -8.65 -58.78
N GLU C 907 12.48 -9.97 -58.75
CA GLU C 907 11.34 -10.75 -59.22
C GLU C 907 10.29 -10.93 -58.13
N PRO C 908 10.67 -11.28 -56.89
CA PRO C 908 9.65 -11.58 -55.88
C PRO C 908 8.74 -10.40 -55.58
N TYR C 909 9.29 -9.20 -55.49
CA TYR C 909 8.45 -8.02 -55.24
C TYR C 909 7.46 -7.82 -56.38
N LEU C 910 7.90 -8.07 -57.62
CA LEU C 910 6.97 -8.02 -58.74
C LEU C 910 5.89 -9.08 -58.59
N ALA C 911 6.25 -10.28 -58.13
CA ALA C 911 5.27 -11.33 -57.92
C ALA C 911 4.22 -10.89 -56.91
N MET C 912 4.64 -10.25 -55.83
CA MET C 912 3.68 -9.74 -54.86
C MET C 912 2.81 -8.65 -55.49
N PHE C 913 3.42 -7.56 -55.92
CA PHE C 913 2.73 -6.48 -56.63
C PHE C 913 3.58 -6.13 -57.85
N GLY C 914 3.11 -6.54 -59.02
CA GLY C 914 3.83 -6.25 -60.25
C GLY C 914 3.08 -6.80 -61.44
N GLN C 915 3.51 -6.36 -62.62
CA GLN C 915 2.89 -6.83 -63.86
C GLN C 915 3.34 -8.24 -64.19
N TYR C 916 4.59 -8.59 -63.86
CA TYR C 916 5.11 -9.91 -64.15
C TYR C 916 4.50 -10.95 -63.22
N PRO C 950 6.20 -20.86 -56.54
CA PRO C 950 6.94 -21.65 -57.52
C PRO C 950 6.49 -23.10 -57.59
N ARG C 951 5.49 -23.39 -58.44
CA ARG C 951 4.97 -24.75 -58.60
C ARG C 951 5.13 -25.17 -60.04
N PHE C 952 6.33 -25.63 -60.38
CA PHE C 952 6.50 -26.52 -61.53
C PHE C 952 6.25 -27.96 -61.08
N PRO C 953 6.84 -28.41 -59.96
CA PRO C 953 6.71 -29.82 -59.56
C PRO C 953 5.48 -30.09 -58.72
N GLU C 954 4.73 -31.13 -59.07
CA GLU C 954 3.54 -31.52 -58.31
C GLU C 954 3.86 -32.36 -57.10
N TRP C 955 5.07 -32.93 -57.01
CA TRP C 955 5.32 -33.97 -56.03
C TRP C 955 5.77 -33.43 -54.67
N ILE C 956 6.33 -32.21 -54.62
CA ILE C 956 6.86 -31.68 -53.38
C ILE C 956 6.00 -30.51 -52.89
N THR C 957 4.71 -30.54 -53.22
CA THR C 957 3.83 -29.44 -52.82
C THR C 957 3.67 -29.37 -51.30
N ILE C 958 3.47 -30.53 -50.66
CA ILE C 958 3.18 -30.52 -49.22
C ILE C 958 4.34 -29.98 -48.40
N PRO C 959 5.59 -30.39 -48.62
CA PRO C 959 6.69 -29.76 -47.88
C PRO C 959 6.78 -28.27 -48.10
N LEU C 960 6.48 -27.80 -49.32
CA LEU C 960 6.44 -26.37 -49.58
C LEU C 960 5.38 -25.68 -48.73
N VAL C 961 4.21 -26.31 -48.60
CA VAL C 961 3.16 -25.76 -47.75
C VAL C 961 3.65 -25.65 -46.31
N CYS C 962 4.30 -26.70 -45.82
CA CYS C 962 4.80 -26.67 -44.44
C CYS C 962 5.84 -25.57 -44.25
N ILE C 963 6.72 -25.38 -45.24
CA ILE C 963 7.71 -24.30 -45.18
C ILE C 963 7.02 -22.95 -45.12
N TYR C 964 5.99 -22.76 -45.94
CA TYR C 964 5.20 -21.53 -45.88
C TYR C 964 4.65 -21.31 -44.48
N MET C 965 4.13 -22.38 -43.86
CA MET C 965 3.57 -22.26 -42.52
C MET C 965 4.63 -21.80 -41.52
N LEU C 966 5.83 -22.38 -41.60
CA LEU C 966 6.89 -22.00 -40.68
C LEU C 966 7.28 -20.53 -40.84
N SER C 967 7.45 -20.10 -42.09
CA SER C 967 7.81 -18.70 -42.34
C SER C 967 6.72 -17.77 -41.81
N THR C 968 5.46 -18.14 -42.03
CA THR C 968 4.35 -17.36 -41.50
C THR C 968 4.46 -17.25 -39.98
N ASN C 969 4.74 -18.36 -39.32
CA ASN C 969 4.85 -18.35 -37.86
C ASN C 969 5.89 -17.34 -37.41
N ILE C 970 7.10 -17.43 -37.96
CA ILE C 970 8.18 -16.56 -37.50
C ILE C 970 7.83 -15.09 -37.74
N LEU C 971 7.38 -14.78 -38.97
CA LEU C 971 7.16 -13.38 -39.30
C LEU C 971 6.00 -12.78 -38.51
N LEU C 972 4.92 -13.55 -38.32
CA LEU C 972 3.81 -13.06 -37.52
C LEU C 972 4.25 -12.83 -36.08
N VAL C 973 5.05 -13.74 -35.52
CA VAL C 973 5.57 -13.53 -34.18
C VAL C 973 6.34 -12.22 -34.11
N ASN C 974 7.23 -11.97 -35.09
CA ASN C 974 8.04 -10.76 -35.05
C ASN C 974 7.17 -9.51 -35.13
N LEU C 975 6.16 -9.54 -36.00
CA LEU C 975 5.27 -8.37 -36.12
C LEU C 975 4.54 -8.11 -34.80
N LEU C 976 4.01 -9.16 -34.17
CA LEU C 976 3.26 -8.94 -32.93
C LEU C 976 4.18 -8.46 -31.82
N VAL C 977 5.42 -8.94 -31.79
CA VAL C 977 6.39 -8.42 -30.82
C VAL C 977 6.63 -6.94 -31.07
N ALA C 978 6.77 -6.56 -32.35
CA ALA C 978 6.92 -5.14 -32.66
C ALA C 978 5.73 -4.35 -32.13
N MET C 979 4.53 -4.92 -32.26
CA MET C 979 3.33 -4.24 -31.78
C MET C 979 3.38 -4.02 -30.27
N PHE C 980 3.71 -5.07 -29.52
CA PHE C 980 3.52 -5.07 -28.07
C PHE C 980 4.81 -4.85 -27.28
N GLY C 981 5.91 -4.48 -27.93
CA GLY C 981 7.17 -4.34 -27.21
C GLY C 981 7.18 -3.22 -26.18
N TYR C 982 6.50 -2.11 -26.48
CA TYR C 982 6.66 -0.90 -25.67
C TYR C 982 6.17 -1.05 -24.24
N THR C 983 5.39 -2.10 -23.93
CA THR C 983 4.75 -2.20 -22.63
C THR C 983 5.63 -2.83 -21.56
N VAL C 984 6.53 -3.73 -21.94
CA VAL C 984 7.21 -4.57 -20.94
C VAL C 984 8.17 -3.75 -20.10
N GLY C 985 8.97 -2.90 -20.74
CA GLY C 985 10.04 -2.22 -20.02
C GLY C 985 9.55 -1.21 -19.01
N SER C 986 8.49 -0.48 -19.35
CA SER C 986 8.09 0.68 -18.56
C SER C 986 7.44 0.25 -17.24
N VAL C 987 7.31 1.24 -16.35
CA VAL C 987 6.64 1.09 -15.07
C VAL C 987 5.50 2.10 -15.00
N GLN C 988 4.33 1.64 -14.56
CA GLN C 988 3.15 2.50 -14.58
C GLN C 988 3.26 3.66 -13.60
N GLU C 989 3.90 3.45 -12.46
CA GLU C 989 3.92 4.47 -11.41
C GLU C 989 4.56 5.77 -11.90
N ASN C 990 5.74 5.66 -12.52
CA ASN C 990 6.52 6.83 -12.90
C ASN C 990 6.53 7.06 -14.41
N ASN C 991 5.42 6.75 -15.08
CA ASN C 991 5.38 6.86 -16.53
C ASN C 991 5.43 8.31 -17.00
N ASP C 992 4.99 9.25 -16.17
CA ASP C 992 4.83 10.63 -16.61
C ASP C 992 6.18 11.31 -16.86
N GLN C 993 7.13 11.07 -15.96
CA GLN C 993 8.42 11.74 -16.02
C GLN C 993 9.13 11.45 -17.34
N VAL C 994 9.00 10.21 -17.84
CA VAL C 994 9.74 9.79 -19.01
C VAL C 994 9.34 10.63 -20.22
N TRP C 995 8.03 10.72 -20.47
CA TRP C 995 7.58 11.48 -21.62
C TRP C 995 7.79 12.98 -21.41
N LYS C 996 7.70 13.46 -20.17
CA LYS C 996 8.01 14.87 -19.95
C LYS C 996 9.45 15.18 -20.33
N PHE C 997 10.38 14.32 -19.93
CA PHE C 997 11.78 14.50 -20.31
C PHE C 997 11.95 14.46 -21.82
N GLN C 998 11.32 13.48 -22.48
CA GLN C 998 11.47 13.36 -23.93
C GLN C 998 10.96 14.61 -24.63
N ARG C 999 9.80 15.12 -24.20
CA ARG C 999 9.25 16.33 -24.79
C ARG C 999 10.17 17.53 -24.58
N PHE C 1000 10.72 17.67 -23.37
CA PHE C 1000 11.67 18.74 -23.12
C PHE C 1000 12.82 18.67 -24.11
N PHE C 1001 13.35 17.46 -24.33
CA PHE C 1001 14.49 17.32 -25.23
C PHE C 1001 14.14 17.75 -26.64
N LEU C 1002 13.02 17.25 -27.17
CA LEU C 1002 12.65 17.59 -28.55
C LEU C 1002 12.37 19.07 -28.70
N VAL C 1003 11.66 19.66 -27.75
CA VAL C 1003 11.35 21.08 -27.84
C VAL C 1003 12.63 21.89 -27.81
N GLN C 1004 13.56 21.52 -26.92
CA GLN C 1004 14.82 22.24 -26.83
C GLN C 1004 15.52 22.21 -28.18
N GLU C 1005 15.57 21.04 -28.80
CA GLU C 1005 16.20 20.93 -30.11
C GLU C 1005 15.55 21.88 -31.10
N TYR C 1006 14.21 21.84 -31.19
CA TYR C 1006 13.53 22.69 -32.16
C TYR C 1006 13.77 24.17 -31.87
N CYS C 1007 13.71 24.55 -30.59
CA CYS C 1007 13.93 25.96 -30.23
C CYS C 1007 15.32 26.41 -30.64
N SER C 1008 16.32 25.56 -30.43
CA SER C 1008 17.67 25.89 -30.87
C SER C 1008 17.71 26.07 -32.39
N ARG C 1009 17.06 25.18 -33.13
CA ARG C 1009 17.15 25.25 -34.58
C ARG C 1009 16.51 26.53 -35.13
N LEU C 1010 15.26 26.80 -34.76
CA LEU C 1010 14.49 27.81 -35.45
C LEU C 1010 15.06 29.21 -35.17
N THR C 1011 15.26 29.97 -36.24
CA THR C 1011 15.76 31.34 -36.15
C THR C 1011 14.78 32.35 -36.73
N ILE C 1012 14.35 32.16 -37.97
CA ILE C 1012 13.47 33.10 -38.64
C ILE C 1012 12.61 32.34 -39.65
N PRO C 1013 11.65 32.97 -40.31
CA PRO C 1013 10.87 32.26 -41.32
C PRO C 1013 11.73 31.68 -42.43
N PHE C 1014 11.32 30.52 -42.94
CA PHE C 1014 12.15 29.77 -43.87
C PHE C 1014 12.58 30.57 -45.10
N PRO C 1015 11.68 31.23 -45.83
CA PRO C 1015 12.08 31.77 -47.14
C PRO C 1015 13.24 32.75 -47.09
N PHE C 1016 13.36 33.53 -46.02
CA PHE C 1016 14.42 34.53 -45.90
C PHE C 1016 15.68 33.98 -45.24
N VAL C 1017 15.65 32.71 -44.79
CA VAL C 1017 16.72 32.18 -43.96
C VAL C 1017 18.08 32.49 -44.55
N ILE C 1018 18.23 32.31 -45.87
CA ILE C 1018 19.55 32.39 -46.48
C ILE C 1018 20.24 33.69 -46.10
N PHE C 1019 19.48 34.80 -46.10
CA PHE C 1019 20.09 36.08 -45.76
C PHE C 1019 20.87 35.97 -44.46
N ALA C 1020 20.20 35.55 -43.39
CA ALA C 1020 20.88 35.41 -42.11
C ALA C 1020 22.14 34.59 -42.27
N TYR C 1021 22.02 33.42 -42.90
CA TYR C 1021 23.19 32.56 -43.09
C TYR C 1021 24.32 33.34 -43.73
N ILE C 1022 24.03 34.01 -44.86
CA ILE C 1022 25.07 34.79 -45.51
C ILE C 1022 25.62 35.81 -44.53
N PHE C 1023 24.73 36.56 -43.89
CA PHE C 1023 25.16 37.53 -42.89
C PHE C 1023 26.05 36.86 -41.87
N MET C 1024 25.60 35.71 -41.35
CA MET C 1024 26.38 35.01 -40.33
C MET C 1024 27.79 34.74 -40.82
N VAL C 1025 27.91 34.22 -42.05
CA VAL C 1025 29.25 33.85 -42.53
C VAL C 1025 30.10 35.09 -42.70
N MET C 1026 29.49 36.24 -43.02
CA MET C 1026 30.25 37.48 -43.06
C MET C 1026 30.76 37.85 -41.67
N ARG C 1027 29.93 37.65 -40.65
CA ARG C 1027 30.32 37.98 -39.28
C ARG C 1027 31.49 37.11 -38.82
N LYS C 1028 31.41 35.80 -39.08
CA LYS C 1028 32.45 34.87 -38.65
C LYS C 1028 33.26 34.39 -39.84
N PRO C 1041 36.86 36.02 -21.27
CA PRO C 1041 37.59 35.86 -20.01
C PRO C 1041 36.80 36.39 -18.80
N SER C 1042 35.75 35.66 -18.43
CA SER C 1042 34.89 36.03 -17.32
C SER C 1042 35.05 35.02 -16.20
N VAL C 1043 35.22 35.50 -14.98
CA VAL C 1043 35.39 34.63 -13.82
C VAL C 1043 34.02 34.13 -13.37
N CYS C 1044 34.01 32.97 -12.70
CA CYS C 1044 32.75 32.38 -12.26
C CYS C 1044 32.01 33.29 -11.28
N CYS C 1045 32.72 33.83 -10.30
CA CYS C 1045 32.09 34.44 -9.14
C CYS C 1045 32.67 35.80 -8.78
N SER C 1046 33.57 36.35 -9.60
CA SER C 1046 34.18 37.63 -9.28
C SER C 1046 33.14 38.75 -9.29
N ARG C 1047 32.22 38.73 -10.24
CA ARG C 1047 31.28 39.83 -10.41
C ARG C 1047 30.28 39.89 -9.26
N ASN C 1048 29.88 41.11 -8.90
CA ASN C 1048 29.01 41.33 -7.76
C ASN C 1048 27.57 40.87 -8.03
N GLU C 1049 27.03 41.25 -9.19
CA GLU C 1049 25.68 40.82 -9.54
C GLU C 1049 25.58 39.30 -9.57
N ASP C 1050 26.68 38.63 -9.88
CA ASP C 1050 26.72 37.18 -9.76
C ASP C 1050 26.70 36.75 -8.30
N ASN C 1051 27.35 37.52 -7.42
CA ASN C 1051 27.39 37.19 -6.00
C ASN C 1051 26.00 37.22 -5.38
N GLU C 1052 25.18 38.19 -5.79
CA GLU C 1052 23.86 38.34 -5.17
C GLU C 1052 23.02 37.07 -5.34
N ILE C 1053 23.06 36.48 -6.53
CA ILE C 1053 22.24 35.30 -6.81
C ILE C 1053 22.63 34.15 -5.88
N LEU C 1054 23.93 33.93 -5.73
CA LEU C 1054 24.39 32.85 -4.86
C LEU C 1054 24.03 33.10 -3.41
N ALA C 1055 24.10 34.36 -2.97
CA ALA C 1055 23.69 34.67 -1.60
C ALA C 1055 22.22 34.31 -1.38
N TRP C 1056 21.36 34.70 -2.34
CA TRP C 1056 19.95 34.37 -2.23
C TRP C 1056 19.75 32.85 -2.18
N GLU C 1057 20.49 32.12 -3.02
CA GLU C 1057 20.38 30.67 -3.04
C GLU C 1057 20.78 30.07 -1.68
N ALA C 1058 21.82 30.62 -1.05
CA ALA C 1058 22.25 30.10 0.24
C ALA C 1058 21.17 30.30 1.30
N VAL C 1059 20.55 31.48 1.32
CA VAL C 1059 19.44 31.71 2.24
C VAL C 1059 18.33 30.70 2.01
N MET C 1060 17.99 30.45 0.73
CA MET C 1060 16.96 29.48 0.40
C MET C 1060 17.33 28.09 0.93
N LYS C 1061 18.60 27.70 0.78
CA LYS C 1061 19.05 26.43 1.31
C LYS C 1061 18.88 26.35 2.81
N GLU C 1062 19.18 27.44 3.51
CA GLU C 1062 19.01 27.40 4.96
C GLU C 1062 17.56 27.10 5.32
N ASN C 1063 16.62 27.74 4.61
CA ASN C 1063 15.21 27.44 4.87
C ASN C 1063 14.91 25.98 4.58
N TYR C 1064 15.43 25.44 3.46
CA TYR C 1064 15.16 24.04 3.12
C TYR C 1064 15.70 23.09 4.18
N LEU C 1065 16.91 23.36 4.68
CA LEU C 1065 17.51 22.52 5.71
C LEU C 1065 16.67 22.54 6.98
N VAL C 1066 16.20 23.72 7.39
CA VAL C 1066 15.35 23.79 8.56
C VAL C 1066 14.11 22.92 8.35
N LYS C 1067 13.52 23.00 7.15
CA LYS C 1067 12.31 22.22 6.92
C LYS C 1067 12.59 20.72 6.99
N ILE C 1068 13.68 20.25 6.36
CA ILE C 1068 13.93 18.81 6.33
C ILE C 1068 14.27 18.30 7.73
N ASN C 1069 15.00 19.09 8.52
CA ASN C 1069 15.50 18.58 9.79
C ASN C 1069 14.37 18.13 10.71
N THR C 1070 13.29 18.92 10.80
CA THR C 1070 12.24 18.61 11.75
C THR C 1070 11.60 17.26 11.46
N LYS C 1071 11.31 16.99 10.19
CA LYS C 1071 10.68 15.73 9.80
C LYS C 1071 11.67 14.58 9.92
N GLU C 1078 9.51 10.19 20.74
CA GLU C 1078 8.85 11.28 21.47
C GLU C 1078 8.15 10.75 22.72
N MET C 1079 7.34 9.70 22.54
CA MET C 1079 6.61 9.12 23.66
C MET C 1079 7.56 8.47 24.66
N VAL C 1080 8.58 7.75 24.17
CA VAL C 1080 9.52 7.09 25.06
C VAL C 1080 10.29 8.12 25.88
N HIS C 1081 10.61 9.26 25.28
CA HIS C 1081 11.29 10.31 26.03
C HIS C 1081 10.42 10.82 27.16
N ARG C 1082 9.12 11.02 26.91
CA ARG C 1082 8.21 11.45 27.96
C ARG C 1082 8.13 10.40 29.07
N PHE C 1083 8.01 9.13 28.70
CA PHE C 1083 7.94 8.07 29.70
C PHE C 1083 9.21 8.04 30.55
N ARG C 1084 10.38 8.13 29.91
CA ARG C 1084 11.64 8.08 30.64
C ARG C 1084 11.79 9.28 31.57
N GLN C 1085 11.44 10.47 31.08
CA GLN C 1085 11.54 11.66 31.93
C GLN C 1085 10.62 11.55 33.13
N LEU C 1086 9.39 11.07 32.91
CA LEU C 1086 8.47 10.90 34.03
C LEU C 1086 9.02 9.92 35.05
N ASP C 1087 9.57 8.79 34.58
CA ASP C 1087 10.12 7.81 35.50
C ASP C 1087 11.28 8.38 36.30
N ALA C 1088 12.20 9.09 35.63
CA ALA C 1088 13.34 9.66 36.32
C ALA C 1088 12.90 10.71 37.35
N LYS C 1089 11.95 11.57 36.98
CA LYS C 1089 11.48 12.59 37.91
C LYS C 1089 10.80 11.94 39.11
N LEU C 1090 10.00 10.89 38.89
CA LEU C 1090 9.36 10.21 39.99
C LEU C 1090 10.39 9.58 40.92
N SER C 1091 11.43 8.95 40.36
CA SER C 1091 12.47 8.36 41.19
C SER C 1091 13.17 9.42 42.02
N ASP C 1092 13.50 10.56 41.41
CA ASP C 1092 14.16 11.63 42.15
C ASP C 1092 13.28 12.16 43.27
N LEU C 1093 11.98 12.35 42.98
CA LEU C 1093 11.06 12.83 44.01
C LEU C 1093 10.94 11.81 45.14
N LYS C 1094 10.89 10.53 44.81
CA LYS C 1094 10.81 9.49 45.85
C LYS C 1094 12.07 9.51 46.71
N GLY C 1095 13.23 9.68 46.09
CA GLY C 1095 14.46 9.76 46.87
C GLY C 1095 14.47 10.97 47.79
N LEU C 1096 14.01 12.12 47.29
CA LEU C 1096 13.94 13.31 48.14
C LEU C 1096 12.97 13.10 49.30
N LEU C 1097 11.83 12.47 49.03
CA LEU C 1097 10.86 12.20 50.09
C LEU C 1097 11.44 11.24 51.12
N LYS C 1098 12.18 10.23 50.67
CA LYS C 1098 12.82 9.31 51.60
C LYS C 1098 13.84 10.03 52.47
N GLU C 1099 14.62 10.94 51.87
CA GLU C 1099 15.58 11.72 52.65
C GLU C 1099 14.87 12.58 53.68
N ILE C 1100 13.76 13.21 53.29
CA ILE C 1100 12.99 14.03 54.22
C ILE C 1100 12.46 13.19 55.37
N SER C 1101 11.94 12.00 55.06
CA SER C 1101 11.42 11.12 56.10
C SER C 1101 12.53 10.67 57.04
N SER C 1102 13.70 10.36 56.51
CA SER C 1102 14.83 10.00 57.35
C SER C 1102 15.21 11.16 58.26
N LYS C 1103 15.19 12.38 57.73
CA LYS C 1103 15.45 13.55 58.56
C LYS C 1103 14.42 13.67 59.68
N ILE C 1104 13.15 13.40 59.37
CA ILE C 1104 12.11 13.47 60.39
C ILE C 1104 12.36 12.43 61.47
N LYS C 1105 12.70 11.20 61.06
CA LYS C 1105 12.97 10.13 62.02
C LYS C 1105 14.44 10.12 62.41
N ASP D 42 -18.16 -63.20 33.65
CA ASP D 42 -17.40 -64.13 34.47
C ASP D 42 -16.84 -63.42 35.70
N LEU D 43 -15.78 -62.64 35.49
CA LEU D 43 -15.14 -61.93 36.60
C LEU D 43 -16.11 -60.95 37.25
N ALA D 44 -16.90 -60.24 36.45
CA ALA D 44 -17.89 -59.30 36.98
C ALA D 44 -18.88 -60.00 37.90
N ASN D 45 -19.49 -61.08 37.41
CA ASN D 45 -20.41 -61.86 38.25
C ASN D 45 -19.71 -62.34 39.50
N PHE D 46 -18.41 -62.65 39.41
CA PHE D 46 -17.65 -63.01 40.59
C PHE D 46 -17.56 -61.84 41.58
N ILE D 47 -17.32 -60.63 41.06
CA ILE D 47 -17.14 -59.48 41.94
C ILE D 47 -18.42 -59.19 42.69
N GLN D 48 -19.57 -59.37 42.04
CA GLN D 48 -20.82 -59.05 42.72
C GLN D 48 -20.94 -59.83 44.03
N GLU D 49 -20.53 -61.09 44.02
CA GLU D 49 -20.61 -61.89 45.24
C GLU D 49 -19.74 -61.31 46.35
N ASN D 50 -18.52 -60.88 46.01
CA ASN D 50 -17.64 -60.28 47.02
C ASN D 50 -18.26 -59.01 47.58
N PHE D 51 -18.85 -58.18 46.73
CA PHE D 51 -19.44 -56.93 47.21
C PHE D 51 -20.74 -57.18 47.96
N LYS D 52 -21.55 -58.12 47.49
CA LYS D 52 -22.83 -58.42 48.15
C LYS D 52 -23.72 -57.18 48.18
N ALA D 104 -25.17 -56.94 38.41
CA ALA D 104 -25.44 -55.82 39.30
C ALA D 104 -24.78 -54.55 38.77
N PHE D 105 -23.69 -54.71 38.03
CA PHE D 105 -22.90 -53.59 37.49
C PHE D 105 -22.65 -53.84 36.01
N GLY D 106 -23.58 -53.39 35.17
CA GLY D 106 -23.46 -53.50 33.73
C GLY D 106 -22.99 -52.21 33.10
N ASP D 107 -23.50 -51.94 31.89
CA ASP D 107 -23.21 -50.70 31.17
C ASP D 107 -24.52 -50.10 30.70
N ILE D 108 -24.55 -48.76 30.65
CA ILE D 108 -25.74 -48.02 30.28
C ILE D 108 -25.48 -47.35 28.94
N GLN D 109 -26.39 -47.54 27.99
CA GLN D 109 -26.30 -46.94 26.67
C GLN D 109 -27.66 -46.45 26.25
N PHE D 110 -27.71 -45.25 25.67
CA PHE D 110 -28.97 -44.65 25.24
C PHE D 110 -28.73 -43.54 24.24
N GLY D 117 -21.15 -46.18 29.05
CA GLY D 117 -19.96 -46.76 29.66
C GLY D 117 -20.30 -47.80 30.71
N LYS D 118 -19.28 -48.21 31.47
CA LYS D 118 -19.41 -49.22 32.50
C LYS D 118 -19.35 -48.57 33.86
N TYR D 119 -20.30 -48.92 34.74
CA TYR D 119 -20.34 -48.41 36.10
C TYR D 119 -20.42 -49.58 37.07
N ILE D 120 -19.90 -49.36 38.28
CA ILE D 120 -19.88 -50.40 39.32
C ILE D 120 -20.44 -49.81 40.59
N ARG D 121 -21.04 -50.68 41.41
CA ARG D 121 -21.66 -50.29 42.68
C ARG D 121 -20.87 -50.91 43.82
N LEU D 122 -20.43 -50.07 44.76
CA LEU D 122 -19.70 -50.51 45.94
C LEU D 122 -20.21 -49.74 47.15
N SER D 123 -20.39 -50.44 48.27
CA SER D 123 -21.05 -49.84 49.42
C SER D 123 -20.14 -48.84 50.13
N CYS D 124 -19.03 -49.32 50.69
CA CYS D 124 -18.08 -48.47 51.39
C CYS D 124 -16.95 -49.34 51.92
N ASP D 125 -15.88 -48.68 52.37
CA ASP D 125 -14.74 -49.33 53.02
C ASP D 125 -14.01 -50.28 52.06
N THR D 126 -14.29 -50.20 50.77
CA THR D 126 -13.59 -51.03 49.80
C THR D 126 -12.12 -50.67 49.77
N ASP D 127 -11.27 -51.69 49.62
CA ASP D 127 -9.84 -51.45 49.56
C ASP D 127 -9.49 -50.61 48.34
N SER D 128 -8.79 -49.50 48.56
CA SER D 128 -8.37 -48.66 47.45
C SER D 128 -7.43 -49.40 46.52
N GLU D 129 -6.50 -50.17 47.10
CA GLU D 129 -5.59 -50.95 46.28
C GLU D 129 -6.37 -51.94 45.41
N THR D 130 -7.38 -52.60 45.98
CA THR D 130 -8.18 -53.53 45.20
C THR D 130 -8.95 -52.81 44.10
N LEU D 131 -9.44 -51.60 44.38
CA LEU D 131 -10.18 -50.85 43.37
C LEU D 131 -9.29 -50.49 42.19
N TYR D 132 -8.12 -49.93 42.48
CA TYR D 132 -7.19 -49.58 41.40
C TYR D 132 -6.73 -50.82 40.66
N ASP D 133 -6.48 -51.92 41.38
CA ASP D 133 -6.05 -53.16 40.74
C ASP D 133 -7.13 -53.70 39.83
N LEU D 134 -8.39 -53.63 40.26
CA LEU D 134 -9.49 -54.10 39.42
C LEU D 134 -9.64 -53.24 38.18
N MET D 135 -9.54 -51.92 38.34
CA MET D 135 -9.66 -51.04 37.18
C MET D 135 -8.55 -51.31 36.17
N THR D 136 -7.33 -51.55 36.64
CA THR D 136 -6.24 -51.85 35.72
C THR D 136 -6.41 -53.25 35.11
N GLN D 137 -6.80 -54.22 35.92
CA GLN D 137 -6.94 -55.60 35.45
C GLN D 137 -7.98 -55.71 34.35
N HIS D 138 -9.18 -55.19 34.61
CA HIS D 138 -10.27 -55.35 33.65
C HIS D 138 -9.99 -54.60 32.35
N TRP D 139 -9.56 -53.34 32.45
CA TRP D 139 -9.41 -52.49 31.29
C TRP D 139 -8.47 -51.34 31.65
N HIS D 140 -8.43 -50.32 30.78
CA HIS D 140 -7.69 -49.08 31.03
C HIS D 140 -6.18 -49.32 31.11
N LEU D 141 -5.43 -48.28 31.46
CA LEU D 141 -3.97 -48.32 31.44
C LEU D 141 -3.43 -47.35 32.50
N LYS D 142 -2.10 -47.28 32.60
CA LYS D 142 -1.44 -46.49 33.64
C LYS D 142 -1.64 -44.99 33.40
N THR D 143 -1.46 -44.21 34.48
CA THR D 143 -1.81 -42.78 34.47
C THR D 143 -0.56 -41.92 34.53
N PRO D 144 -0.13 -41.34 33.41
CA PRO D 144 0.98 -40.37 33.45
C PRO D 144 0.70 -39.18 34.36
N ASN D 145 -0.54 -38.72 34.39
CA ASN D 145 -0.92 -37.59 35.22
C ASN D 145 -2.43 -37.55 35.36
N LEU D 146 -2.93 -37.35 36.58
CA LEU D 146 -4.36 -37.33 36.84
C LEU D 146 -4.73 -36.04 37.57
N VAL D 147 -5.81 -35.39 37.13
CA VAL D 147 -6.31 -34.17 37.74
C VAL D 147 -7.51 -34.49 38.61
N ILE D 148 -7.72 -33.65 39.63
CA ILE D 148 -8.90 -33.71 40.48
C ILE D 148 -9.45 -32.31 40.61
N SER D 149 -10.77 -32.20 40.56
CA SER D 149 -11.44 -30.91 40.70
C SER D 149 -12.64 -31.06 41.62
N VAL D 150 -12.87 -30.04 42.44
CA VAL D 150 -14.01 -29.99 43.34
C VAL D 150 -14.78 -28.72 43.03
N THR D 151 -16.10 -28.83 42.93
CA THR D 151 -16.94 -27.67 42.66
C THR D 151 -17.56 -27.14 43.95
N LYS D 155 -25.16 -26.45 44.31
CA LYS D 155 -23.80 -26.08 43.92
C LYS D 155 -23.79 -25.53 42.50
N ASN D 156 -24.91 -24.97 42.07
CA ASN D 156 -25.00 -24.40 40.73
C ASN D 156 -24.10 -23.18 40.60
N PHE D 157 -23.52 -23.02 39.40
CA PHE D 157 -22.64 -21.90 39.11
C PHE D 157 -22.82 -21.52 37.65
N ALA D 158 -22.76 -20.22 37.37
CA ALA D 158 -22.92 -19.71 36.02
C ALA D 158 -21.56 -19.53 35.36
N LEU D 159 -21.39 -20.12 34.19
CA LEU D 159 -20.13 -20.02 33.48
C LEU D 159 -19.89 -18.59 33.01
N LYS D 160 -18.63 -18.19 33.03
CA LYS D 160 -18.18 -16.88 32.58
C LYS D 160 -17.56 -17.00 31.19
N PRO D 161 -17.39 -15.88 30.49
CA PRO D 161 -16.81 -15.95 29.14
C PRO D 161 -15.43 -16.57 29.09
N ARG D 162 -14.62 -16.42 30.15
CA ARG D 162 -13.26 -16.95 30.14
C ARG D 162 -13.18 -18.34 30.78
N MET D 163 -13.94 -18.59 31.85
CA MET D 163 -13.85 -19.86 32.55
C MET D 163 -13.97 -21.03 31.59
N ARG D 164 -14.86 -20.91 30.60
CA ARG D 164 -15.00 -21.95 29.59
C ARG D 164 -13.69 -22.19 28.86
N LYS D 165 -13.00 -21.11 28.49
CA LYS D 165 -11.69 -21.25 27.85
C LYS D 165 -10.71 -21.97 28.76
N ILE D 166 -10.68 -21.58 30.04
CA ILE D 166 -9.73 -22.18 30.98
C ILE D 166 -9.95 -23.68 31.07
N PHE D 167 -11.19 -24.10 31.26
CA PHE D 167 -11.47 -25.52 31.45
C PHE D 167 -11.32 -26.30 30.14
N SER D 168 -11.68 -25.70 29.00
CA SER D 168 -11.42 -26.36 27.73
C SER D 168 -9.94 -26.61 27.52
N ARG D 169 -9.11 -25.62 27.86
CA ARG D 169 -7.67 -25.80 27.77
C ARG D 169 -7.20 -26.90 28.71
N LEU D 170 -7.75 -26.94 29.93
CA LEU D 170 -7.39 -27.99 30.88
C LEU D 170 -7.67 -29.37 30.29
N ILE D 171 -8.86 -29.53 29.72
CA ILE D 171 -9.22 -30.84 29.16
C ILE D 171 -8.36 -31.17 27.95
N TYR D 172 -8.01 -30.16 27.15
CA TYR D 172 -7.13 -30.40 26.02
C TYR D 172 -5.77 -30.90 26.49
N ILE D 173 -5.24 -30.31 27.56
CA ILE D 173 -3.95 -30.76 28.09
C ILE D 173 -4.07 -32.18 28.63
N ALA D 174 -5.15 -32.48 29.36
CA ALA D 174 -5.36 -33.83 29.84
C ALA D 174 -5.40 -34.83 28.67
N GLN D 175 -6.03 -34.42 27.57
CA GLN D 175 -6.01 -35.26 26.37
C GLN D 175 -4.60 -35.44 25.84
N SER D 176 -3.82 -34.36 25.81
CA SER D 176 -2.48 -34.42 25.21
C SER D 176 -1.59 -35.38 25.99
N LYS D 177 -1.63 -35.30 27.32
CA LYS D 177 -0.72 -36.09 28.15
C LYS D 177 -1.26 -37.48 28.46
N GLY D 178 -2.58 -37.64 28.54
CA GLY D 178 -3.15 -38.90 28.97
C GLY D 178 -3.42 -38.86 30.46
N ALA D 179 -4.69 -38.73 30.85
CA ALA D 179 -4.98 -38.38 32.23
C ALA D 179 -6.35 -38.89 32.64
N TRP D 180 -6.54 -38.98 33.96
CA TRP D 180 -7.84 -39.20 34.57
C TRP D 180 -8.30 -37.91 35.24
N ILE D 181 -9.54 -37.55 35.02
CA ILE D 181 -10.16 -36.44 35.72
C ILE D 181 -11.11 -37.02 36.76
N PHE D 182 -11.28 -36.31 37.87
CA PHE D 182 -12.17 -36.74 38.94
C PHE D 182 -13.20 -35.64 39.20
N THR D 183 -14.47 -36.03 39.26
CA THR D 183 -15.56 -35.10 39.51
C THR D 183 -16.55 -35.77 40.44
N GLY D 184 -17.33 -34.94 41.14
CA GLY D 184 -18.28 -35.45 42.12
C GLY D 184 -19.71 -35.42 41.63
N GLY D 185 -20.27 -36.60 41.35
CA GLY D 185 -21.63 -36.65 40.87
C GLY D 185 -21.76 -36.04 39.48
N THR D 186 -23.01 -35.70 39.14
CA THR D 186 -23.29 -35.09 37.85
C THR D 186 -24.31 -33.98 37.95
N HIS D 187 -24.48 -33.38 39.14
CA HIS D 187 -25.32 -32.21 39.28
C HIS D 187 -24.91 -31.15 38.26
N TYR D 188 -25.83 -30.77 37.39
CA TYR D 188 -25.49 -29.96 36.24
C TYR D 188 -24.97 -28.59 36.68
N GLY D 189 -24.06 -28.06 35.87
CA GLY D 189 -23.35 -26.83 36.21
C GLY D 189 -21.96 -26.84 35.59
N LEU D 190 -20.93 -26.66 36.42
CA LEU D 190 -19.57 -26.70 35.91
C LEU D 190 -19.19 -28.12 35.46
N MET D 191 -19.52 -29.12 36.27
CA MET D 191 -19.17 -30.50 35.93
C MET D 191 -19.86 -30.95 34.64
N LYS D 192 -21.12 -30.55 34.44
CA LYS D 192 -21.80 -30.87 33.20
C LYS D 192 -21.07 -30.24 32.02
N TYR D 193 -20.56 -29.02 32.19
CA TYR D 193 -19.78 -28.38 31.14
C TYR D 193 -18.52 -29.18 30.84
N ILE D 194 -17.87 -29.70 31.88
CA ILE D 194 -16.69 -30.54 31.68
C ILE D 194 -17.05 -31.76 30.85
N GLY D 195 -18.17 -32.40 31.18
CA GLY D 195 -18.59 -33.55 30.41
C GLY D 195 -18.84 -33.19 28.95
N GLU D 196 -19.48 -32.05 28.71
CA GLU D 196 -19.73 -31.61 27.34
C GLU D 196 -18.41 -31.40 26.59
N VAL D 197 -17.42 -30.80 27.27
CA VAL D 197 -16.12 -30.57 26.63
C VAL D 197 -15.46 -31.89 26.29
N VAL D 198 -15.55 -32.87 27.19
CA VAL D 198 -14.99 -34.20 26.93
C VAL D 198 -15.63 -34.79 25.67
N ARG D 199 -16.96 -34.77 25.62
CA ARG D 199 -17.67 -35.37 24.49
C ARG D 199 -17.31 -34.66 23.20
N ASP D 200 -17.18 -33.34 23.23
CA ASP D 200 -16.77 -32.60 22.05
C ASP D 200 -15.37 -33.00 21.62
N ASN D 201 -14.45 -33.13 22.58
CA ASN D 201 -13.06 -33.43 22.24
C ASN D 201 -12.94 -34.77 21.53
N THR D 202 -13.65 -35.79 22.02
CA THR D 202 -13.45 -37.12 21.42
C THR D 202 -13.78 -37.10 19.93
N ILE D 203 -14.95 -36.57 19.57
CA ILE D 203 -15.34 -36.52 18.16
C ILE D 203 -14.45 -35.55 17.40
N SER D 204 -13.98 -34.48 18.06
CA SER D 204 -13.12 -33.53 17.37
C SER D 204 -11.83 -34.21 16.91
N ARG D 205 -11.26 -35.06 17.75
CA ARG D 205 -9.95 -35.64 17.48
C ARG D 205 -9.99 -37.14 17.20
N SER D 206 -10.56 -37.94 18.10
CA SER D 206 -10.52 -39.41 17.98
C SER D 206 -9.04 -39.81 17.87
N SER D 207 -8.66 -40.62 16.88
CA SER D 207 -7.27 -40.98 16.63
C SER D 207 -6.71 -41.65 17.88
N GLU D 208 -5.53 -41.27 18.37
CA GLU D 208 -4.86 -42.00 19.44
C GLU D 208 -5.30 -41.48 20.81
N GLU D 209 -5.45 -42.41 21.76
CA GLU D 209 -5.67 -42.08 23.16
C GLU D 209 -7.08 -41.60 23.42
N ASN D 210 -7.42 -41.43 24.70
CA ASN D 210 -8.72 -40.94 25.11
C ASN D 210 -8.62 -40.41 26.52
N VAL D 211 -9.64 -39.65 26.93
CA VAL D 211 -9.71 -39.07 28.27
C VAL D 211 -10.87 -39.72 29.01
N VAL D 212 -10.71 -39.81 30.33
CA VAL D 212 -11.71 -40.45 31.20
C VAL D 212 -12.15 -39.43 32.24
N ALA D 213 -13.45 -39.34 32.51
CA ALA D 213 -13.94 -38.42 33.54
C ALA D 213 -13.89 -39.12 34.89
N ILE D 214 -14.33 -40.37 34.92
CA ILE D 214 -14.28 -41.17 36.15
C ILE D 214 -14.90 -40.50 37.37
N GLY D 215 -16.12 -40.01 37.23
CA GLY D 215 -16.79 -39.33 38.33
C GLY D 215 -17.09 -40.19 39.55
N ILE D 216 -17.18 -39.60 40.73
CA ILE D 216 -17.51 -40.37 41.93
C ILE D 216 -18.67 -39.76 42.70
N ALA D 217 -19.63 -40.56 43.17
CA ALA D 217 -20.77 -40.05 43.92
C ALA D 217 -21.37 -41.18 44.75
N ALA D 218 -22.53 -40.93 45.33
CA ALA D 218 -23.19 -41.82 46.28
C ALA D 218 -24.42 -42.46 45.65
N TRP D 219 -24.81 -43.60 46.22
CA TRP D 219 -26.01 -44.30 45.75
C TRP D 219 -27.27 -43.50 46.06
N GLY D 220 -27.35 -42.91 47.25
CA GLY D 220 -28.62 -42.35 47.70
C GLY D 220 -29.08 -41.16 46.89
N MET D 221 -28.15 -40.26 46.54
CA MET D 221 -28.54 -39.00 45.92
C MET D 221 -29.22 -39.22 44.56
N ILE D 222 -28.95 -40.34 43.91
CA ILE D 222 -29.43 -40.59 42.56
C ILE D 222 -30.83 -41.19 42.60
N SER D 223 -31.58 -40.97 41.52
CA SER D 223 -32.89 -41.58 41.38
C SER D 223 -32.77 -43.08 41.17
N ASN D 224 -33.90 -43.78 41.32
CA ASN D 224 -33.90 -45.23 41.18
C ASN D 224 -33.61 -45.63 39.74
N ARG D 225 -32.94 -46.77 39.60
CA ARG D 225 -32.61 -47.32 38.29
C ARG D 225 -32.70 -48.83 38.36
N GLU D 226 -32.94 -49.45 37.21
CA GLU D 226 -33.05 -50.91 37.15
C GLU D 226 -31.74 -51.57 37.55
N THR D 227 -31.83 -52.61 38.37
CA THR D 227 -30.66 -53.34 38.84
C THR D 227 -30.56 -54.67 38.10
N LEU D 228 -29.34 -55.02 37.71
CA LEU D 228 -29.09 -56.25 36.97
C LEU D 228 -29.58 -57.47 37.75
N TYR D 238 -29.05 -57.45 33.28
CA TYR D 238 -27.61 -57.22 33.25
C TYR D 238 -27.29 -55.80 32.79
N LEU D 239 -27.53 -55.53 31.51
CA LEU D 239 -27.25 -54.22 30.92
C LEU D 239 -28.52 -53.37 30.91
N ALA D 240 -28.93 -52.98 32.11
CA ALA D 240 -30.13 -52.17 32.26
C ALA D 240 -29.95 -50.79 31.62
N HIS D 241 -30.96 -50.35 30.89
CA HIS D 241 -30.98 -49.01 30.34
C HIS D 241 -31.32 -47.99 31.43
N TYR D 242 -30.93 -46.75 31.19
CA TYR D 242 -31.18 -45.66 32.11
C TYR D 242 -31.83 -44.48 31.37
N ILE D 243 -32.79 -43.85 32.03
CA ILE D 243 -33.49 -42.69 31.49
C ILE D 243 -33.46 -41.59 32.53
N MET D 244 -33.08 -40.39 32.12
CA MET D 244 -33.01 -39.25 33.03
C MET D 244 -34.38 -38.94 33.62
N TYR D 253 -29.33 -36.75 42.51
CA TYR D 253 -30.67 -36.36 42.09
C TYR D 253 -30.80 -36.41 40.56
N CYS D 254 -29.67 -36.26 39.88
CA CYS D 254 -29.64 -36.30 38.42
C CYS D 254 -28.22 -36.65 37.99
N LEU D 255 -28.11 -37.12 36.74
CA LEU D 255 -26.85 -37.59 36.20
C LEU D 255 -26.57 -36.92 34.86
N ASP D 256 -25.32 -37.01 34.43
CA ASP D 256 -24.85 -36.46 33.16
C ASP D 256 -24.43 -37.60 32.25
N ASN D 257 -24.75 -37.46 30.96
CA ASN D 257 -24.47 -38.53 30.01
C ASN D 257 -23.01 -38.56 29.59
N ASN D 258 -22.30 -37.43 29.71
CA ASN D 258 -20.97 -37.33 29.14
C ASN D 258 -19.98 -38.24 29.84
N HIS D 259 -20.04 -38.29 31.18
CA HIS D 259 -19.02 -39.01 31.93
C HIS D 259 -19.01 -40.49 31.53
N THR D 260 -17.81 -41.03 31.41
CA THR D 260 -17.65 -42.40 30.91
C THR D 260 -18.08 -43.41 31.97
N HIS D 261 -17.47 -43.34 33.14
CA HIS D 261 -17.77 -44.24 34.25
C HIS D 261 -17.97 -43.43 35.52
N LEU D 262 -18.93 -43.85 36.35
CA LEU D 262 -19.05 -43.33 37.70
C LEU D 262 -19.08 -44.49 38.70
N LEU D 263 -18.15 -44.47 39.64
CA LEU D 263 -18.15 -45.46 40.72
C LEU D 263 -19.09 -45.02 41.84
N LEU D 264 -19.85 -45.99 42.35
CA LEU D 264 -20.93 -45.73 43.29
C LEU D 264 -20.50 -46.08 44.70
N VAL D 265 -20.97 -45.27 45.65
CA VAL D 265 -20.48 -45.29 47.02
C VAL D 265 -21.65 -45.07 47.97
N ASP D 266 -21.34 -44.87 49.24
CA ASP D 266 -22.30 -44.44 50.26
C ASP D 266 -23.14 -45.58 50.82
N ASN D 267 -22.87 -46.82 50.41
CA ASN D 267 -23.44 -48.01 51.05
C ASN D 267 -24.97 -47.86 51.07
N GLY D 268 -25.62 -48.03 52.23
CA GLY D 268 -27.06 -47.97 52.30
C GLY D 268 -27.57 -46.68 52.92
N THR D 269 -28.09 -45.79 52.08
CA THR D 269 -28.64 -44.53 52.54
C THR D 269 -29.75 -44.09 51.59
N HIS D 270 -30.63 -43.22 52.08
CA HIS D 270 -31.71 -42.68 51.27
C HIS D 270 -31.68 -41.16 51.29
N GLY D 271 -31.30 -40.59 52.43
CA GLY D 271 -31.28 -39.15 52.60
C GLY D 271 -29.94 -38.60 53.04
N HIS D 272 -28.97 -39.48 53.24
CA HIS D 272 -27.64 -39.04 53.69
C HIS D 272 -26.98 -38.21 52.60
N PRO D 273 -26.63 -36.95 52.86
CA PRO D 273 -25.97 -36.13 51.83
C PRO D 273 -24.45 -36.13 51.94
N THR D 274 -23.81 -36.17 50.76
CA THR D 274 -22.35 -36.06 50.66
C THR D 274 -21.63 -37.17 51.42
N ILE D 275 -22.23 -38.36 51.49
CA ILE D 275 -21.62 -39.46 52.21
C ILE D 275 -20.35 -39.93 51.49
N GLU D 276 -20.39 -40.05 50.17
CA GLU D 276 -19.24 -40.53 49.42
C GLU D 276 -18.06 -39.55 49.47
N ALA D 277 -18.32 -38.27 49.76
CA ALA D 277 -17.29 -37.25 49.65
C ALA D 277 -16.05 -37.62 50.45
N LYS D 278 -16.22 -38.38 51.53
CA LYS D 278 -15.06 -38.85 52.29
C LYS D 278 -14.23 -39.82 51.45
N VAL D 279 -14.81 -40.97 51.09
CA VAL D 279 -13.99 -42.05 50.53
C VAL D 279 -13.31 -41.61 49.26
N ARG D 280 -13.94 -40.72 48.49
CA ARG D 280 -13.30 -40.23 47.28
C ARG D 280 -11.92 -39.67 47.59
N THR D 281 -11.83 -38.79 48.58
CA THR D 281 -10.52 -38.22 48.93
C THR D 281 -9.54 -39.34 49.26
N GLN D 282 -10.01 -40.37 49.97
CA GLN D 282 -9.14 -41.49 50.31
C GLN D 282 -8.46 -42.04 49.07
N LEU D 283 -9.23 -42.33 48.03
CA LEU D 283 -8.63 -42.88 46.82
C LEU D 283 -7.67 -41.89 46.21
N GLU D 284 -8.02 -40.59 46.25
CA GLU D 284 -7.13 -39.57 45.72
C GLU D 284 -5.75 -39.64 46.37
N LYS D 285 -5.69 -40.07 47.63
CA LYS D 285 -4.40 -40.18 48.31
C LYS D 285 -3.63 -41.42 47.88
N TYR D 286 -4.33 -42.51 47.57
CA TYR D 286 -3.66 -43.79 47.42
C TYR D 286 -2.75 -43.83 46.19
N ILE D 287 -3.24 -43.33 45.05
CA ILE D 287 -2.53 -43.54 43.79
C ILE D 287 -1.13 -42.93 43.86
N SER D 288 -1.00 -41.78 44.51
CA SER D 288 0.32 -41.16 44.63
C SER D 288 1.32 -42.12 45.26
N GLU D 289 0.91 -42.85 46.30
CA GLU D 289 1.83 -43.72 47.00
C GLU D 289 2.38 -44.81 46.10
N ARG D 290 1.56 -45.31 45.18
CA ARG D 290 2.00 -46.37 44.28
C ARG D 290 3.22 -45.94 43.50
N VAL D 291 4.16 -46.87 43.34
CA VAL D 291 5.45 -46.61 42.72
C VAL D 291 5.52 -47.36 41.41
N ILE D 292 5.95 -46.67 40.35
CA ILE D 292 6.15 -47.28 39.04
C ILE D 292 7.54 -46.91 38.56
N PRO D 293 8.42 -47.89 38.28
CA PRO D 293 9.79 -47.53 37.88
C PRO D 293 9.82 -46.76 36.57
N GLU D 294 10.79 -45.85 36.46
CA GLU D 294 11.01 -45.07 35.25
C GLU D 294 9.74 -44.36 34.80
N SER D 295 9.09 -43.70 35.74
CA SER D 295 7.85 -42.98 35.48
C SER D 295 8.08 -41.55 35.01
N ASN D 296 9.32 -41.10 34.92
CA ASN D 296 9.73 -39.74 34.58
C ASN D 296 9.49 -38.78 35.76
N TYR D 297 8.92 -39.25 36.87
CA TYR D 297 8.75 -38.45 38.07
C TYR D 297 9.39 -39.14 39.27
N GLY D 298 10.39 -40.00 38.99
CA GLY D 298 11.02 -40.75 40.06
C GLY D 298 10.08 -41.69 40.78
N GLY D 299 9.11 -42.26 40.08
CA GLY D 299 8.22 -43.25 40.65
C GLY D 299 6.95 -42.71 41.27
N LYS D 300 6.80 -41.39 41.38
CA LYS D 300 5.63 -40.78 42.01
C LYS D 300 4.75 -40.14 40.94
N ILE D 301 3.58 -40.72 40.70
CA ILE D 301 2.65 -40.17 39.72
C ILE D 301 2.16 -38.80 40.21
N PRO D 302 2.08 -37.80 39.34
CA PRO D 302 1.67 -36.47 39.79
C PRO D 302 0.17 -36.39 40.05
N ILE D 303 -0.22 -35.44 40.92
CA ILE D 303 -1.63 -35.23 41.31
C ILE D 303 -1.90 -33.75 41.58
N VAL D 304 -2.90 -33.14 40.94
CA VAL D 304 -3.16 -31.72 41.11
C VAL D 304 -4.65 -31.38 41.37
N CYS D 305 -4.95 -30.51 42.34
CA CYS D 305 -6.34 -30.10 42.60
C CYS D 305 -6.70 -28.72 42.02
N PHE D 306 -7.87 -28.61 41.38
CA PHE D 306 -8.28 -27.36 40.79
C PHE D 306 -9.56 -26.93 41.51
N ALA D 307 -9.63 -25.70 41.99
CA ALA D 307 -10.82 -25.23 42.68
C ALA D 307 -11.61 -24.38 41.69
N GLN D 308 -12.94 -24.47 41.73
CA GLN D 308 -13.78 -23.71 40.82
C GLN D 308 -13.47 -22.22 40.90
N GLY D 311 -18.82 -24.63 46.92
CA GLY D 311 -17.79 -23.75 47.47
C GLY D 311 -17.26 -24.25 48.80
N LYS D 312 -18.16 -24.43 49.77
CA LYS D 312 -17.75 -24.93 51.08
C LYS D 312 -17.15 -26.32 50.99
N GLU D 313 -17.76 -27.20 50.18
CA GLU D 313 -17.23 -28.55 50.01
C GLU D 313 -15.82 -28.51 49.46
N THR D 314 -15.57 -27.62 48.49
CA THR D 314 -14.21 -27.44 47.97
C THR D 314 -13.28 -26.98 49.07
N LEU D 315 -13.75 -26.11 49.97
CA LEU D 315 -12.91 -25.66 51.07
C LEU D 315 -12.46 -26.84 51.93
N LYS D 316 -13.38 -27.70 52.32
CA LYS D 316 -13.00 -28.85 53.15
C LYS D 316 -12.06 -29.79 52.38
N SER D 317 -12.37 -30.04 51.10
CA SER D 317 -11.52 -30.93 50.32
C SER D 317 -10.13 -30.34 50.14
N ILE D 318 -9.99 -29.01 50.18
CA ILE D 318 -8.66 -28.40 50.12
C ILE D 318 -7.86 -28.77 51.35
N ASN D 319 -8.49 -28.70 52.53
CA ASN D 319 -7.79 -29.09 53.75
C ASN D 319 -7.38 -30.56 53.67
N VAL D 320 -8.28 -31.42 53.18
CA VAL D 320 -7.89 -32.83 53.02
C VAL D 320 -6.72 -32.97 52.06
N ALA D 321 -6.76 -32.26 50.94
CA ALA D 321 -5.69 -32.32 49.96
C ALA D 321 -4.35 -31.94 50.59
N ILE D 322 -4.33 -30.80 51.30
CA ILE D 322 -3.08 -30.33 51.88
C ILE D 322 -2.58 -31.33 52.91
N LYS D 323 -3.49 -31.86 53.74
CA LYS D 323 -3.08 -32.88 54.70
C LYS D 323 -2.52 -34.12 54.01
N SER D 324 -2.91 -34.38 52.76
CA SER D 324 -2.35 -35.47 51.99
C SER D 324 -1.10 -35.05 51.20
N LYS D 325 -0.65 -33.80 51.34
CA LYS D 325 0.56 -33.33 50.66
C LYS D 325 0.37 -33.31 49.15
N ILE D 326 -0.76 -32.75 48.72
CA ILE D 326 -1.12 -32.64 47.31
C ILE D 326 -1.17 -31.15 46.95
N PRO D 327 -0.41 -30.69 45.97
CA PRO D 327 -0.52 -29.29 45.55
C PRO D 327 -1.85 -29.02 44.88
N CYS D 328 -2.38 -27.82 45.12
CA CYS D 328 -3.65 -27.40 44.57
C CYS D 328 -3.49 -26.10 43.79
N VAL D 329 -4.43 -25.86 42.90
CA VAL D 329 -4.46 -24.66 42.07
C VAL D 329 -5.80 -23.98 42.28
N VAL D 330 -5.79 -22.66 42.32
CA VAL D 330 -7.01 -21.88 42.56
C VAL D 330 -7.06 -20.74 41.56
N VAL D 331 -8.23 -20.54 40.94
CA VAL D 331 -8.39 -19.46 39.99
C VAL D 331 -8.08 -18.14 40.65
N GLU D 332 -7.55 -17.20 39.86
CA GLU D 332 -7.28 -15.85 40.35
C GLU D 332 -8.59 -15.11 40.60
N GLY D 335 -16.04 -16.12 43.33
CA GLY D 335 -17.06 -15.68 44.25
C GLY D 335 -17.23 -16.60 45.44
N ARG D 336 -16.34 -17.58 45.59
CA ARG D 336 -16.42 -18.53 46.68
C ARG D 336 -15.12 -18.57 47.46
N ILE D 337 -14.96 -19.59 48.27
CA ILE D 337 -13.78 -19.80 49.10
C ILE D 337 -12.51 -19.58 48.29
N ALA D 338 -12.51 -20.07 47.05
CA ALA D 338 -11.36 -19.86 46.17
C ALA D 338 -11.07 -18.37 46.01
N ASP D 339 -12.11 -17.56 45.83
CA ASP D 339 -11.92 -16.13 45.71
C ASP D 339 -11.35 -15.53 46.99
N VAL D 340 -11.78 -16.05 48.14
CA VAL D 340 -11.22 -15.59 49.41
C VAL D 340 -9.75 -15.94 49.51
N ILE D 341 -9.39 -17.14 49.09
CA ILE D 341 -7.98 -17.54 49.08
C ILE D 341 -7.17 -16.60 48.22
N ALA D 342 -7.70 -16.27 47.03
CA ALA D 342 -7.02 -15.32 46.16
C ALA D 342 -6.89 -13.95 46.82
N SER D 343 -7.94 -13.51 47.51
CA SER D 343 -7.89 -12.21 48.18
C SER D 343 -6.81 -12.19 49.26
N LEU D 344 -6.64 -13.32 49.97
CA LEU D 344 -5.63 -13.39 51.00
C LEU D 344 -4.25 -13.03 50.46
N VAL D 345 -3.95 -13.48 49.25
CA VAL D 345 -2.64 -13.25 48.64
C VAL D 345 -2.36 -11.75 48.59
N SER D 353 -9.84 -14.57 63.00
CA SER D 353 -9.47 -13.21 63.36
C SER D 353 -10.10 -12.21 62.38
N SER D 354 -9.68 -10.94 62.50
CA SER D 354 -10.25 -9.90 61.66
C SER D 354 -9.95 -10.15 60.19
N CYS D 355 -8.76 -10.68 59.88
CA CYS D 355 -8.42 -10.95 58.49
C CYS D 355 -9.41 -11.93 57.86
N VAL D 356 -9.63 -13.06 58.54
CA VAL D 356 -10.53 -14.08 58.02
C VAL D 356 -11.93 -13.51 57.84
N LYS D 357 -12.42 -12.81 58.87
CA LYS D 357 -13.79 -12.28 58.80
C LYS D 357 -13.93 -11.25 57.70
N GLU D 358 -12.92 -10.39 57.53
CA GLU D 358 -12.97 -9.37 56.48
C GLU D 358 -13.03 -10.02 55.11
N SER D 359 -12.14 -10.98 54.83
CA SER D 359 -12.16 -11.64 53.53
C SER D 359 -13.48 -12.38 53.33
N LEU D 360 -13.97 -13.04 54.38
CA LEU D 360 -15.20 -13.80 54.27
C LEU D 360 -16.39 -12.89 53.95
N LEU D 361 -16.49 -11.77 54.64
CA LEU D 361 -17.58 -10.83 54.38
C LEU D 361 -17.49 -10.27 52.98
N ARG D 362 -16.27 -9.93 52.53
CA ARG D 362 -16.11 -9.38 51.19
C ARG D 362 -16.49 -10.40 50.12
N PHE D 363 -16.12 -11.66 50.30
CA PHE D 363 -16.30 -12.65 49.23
C PHE D 363 -17.77 -12.92 48.95
N LEU D 364 -18.56 -13.20 49.99
CA LEU D 364 -19.95 -13.60 49.80
C LEU D 364 -20.83 -13.01 50.89
N PRO D 365 -21.69 -12.03 50.56
CA PRO D 365 -22.58 -11.49 51.61
C PRO D 365 -23.59 -12.51 52.13
N ARG D 366 -24.27 -13.22 51.24
CA ARG D 366 -25.36 -14.08 51.67
C ARG D 366 -24.85 -15.36 52.34
N THR D 367 -23.75 -15.91 51.83
CA THR D 367 -23.28 -17.21 52.34
C THR D 367 -22.93 -17.14 53.82
N ILE D 368 -22.24 -16.09 54.24
CA ILE D 368 -21.80 -16.00 55.63
C ILE D 368 -22.99 -15.90 56.57
N SER D 369 -24.06 -15.22 56.15
CA SER D 369 -25.20 -15.01 57.03
C SER D 369 -25.83 -16.33 57.44
N ARG D 370 -25.96 -17.26 56.50
CA ARG D 370 -26.54 -18.56 56.83
C ARG D 370 -25.71 -19.30 57.87
N LEU D 371 -24.39 -19.27 57.73
CA LEU D 371 -23.52 -19.92 58.69
C LEU D 371 -23.62 -19.25 60.05
N SER D 372 -23.61 -20.06 61.11
CA SER D 372 -23.67 -19.54 62.46
C SER D 372 -22.33 -18.92 62.85
N GLU D 373 -22.34 -18.21 63.99
CA GLU D 373 -21.14 -17.53 64.44
C GLU D 373 -20.00 -18.53 64.68
N GLU D 374 -20.29 -19.66 65.34
CA GLU D 374 -19.26 -20.64 65.62
C GLU D 374 -18.77 -21.33 64.35
N GLU D 375 -19.66 -21.51 63.38
CA GLU D 375 -19.23 -22.04 62.10
C GLU D 375 -18.19 -21.13 61.46
N THR D 376 -18.24 -19.83 61.77
CA THR D 376 -17.19 -18.94 61.30
C THR D 376 -15.86 -19.21 61.99
N GLU D 377 -15.88 -19.60 63.27
CA GLU D 377 -14.65 -20.04 63.91
C GLU D 377 -14.10 -21.30 63.25
N SER D 378 -14.99 -22.23 62.91
CA SER D 378 -14.54 -23.42 62.19
C SER D 378 -13.94 -23.04 60.84
N TRP D 379 -14.54 -22.06 60.17
CA TRP D 379 -13.99 -21.56 58.92
C TRP D 379 -12.61 -20.93 59.14
N ILE D 380 -12.45 -20.19 60.23
CA ILE D 380 -11.13 -19.64 60.56
C ILE D 380 -10.11 -20.75 60.65
N LYS D 381 -10.46 -21.82 61.37
CA LYS D 381 -9.51 -22.93 61.54
C LYS D 381 -9.18 -23.56 60.19
N TRP D 382 -10.18 -23.77 59.35
CA TRP D 382 -9.92 -24.40 58.05
C TRP D 382 -9.05 -23.51 57.16
N ILE D 383 -9.30 -22.19 57.17
CA ILE D 383 -8.49 -21.29 56.37
C ILE D 383 -7.06 -21.25 56.88
N LYS D 384 -6.88 -21.29 58.21
CA LYS D 384 -5.54 -21.37 58.76
C LYS D 384 -4.83 -22.63 58.30
N GLU D 385 -5.54 -23.76 58.29
CA GLU D 385 -4.96 -25.00 57.78
C GLU D 385 -4.56 -24.85 56.31
N VAL D 386 -5.42 -24.22 55.51
CA VAL D 386 -5.14 -24.07 54.09
C VAL D 386 -3.88 -23.23 53.88
N LEU D 387 -3.77 -22.13 54.62
CA LEU D 387 -2.62 -21.23 54.46
C LEU D 387 -1.38 -21.71 55.22
N GLU D 388 -1.49 -22.78 56.01
CA GLU D 388 -0.36 -23.20 56.84
C GLU D 388 0.91 -23.37 56.01
N SER D 389 0.83 -24.11 54.91
CA SER D 389 1.99 -24.38 54.07
C SER D 389 1.86 -23.66 52.73
N PRO D 390 2.73 -22.69 52.42
CA PRO D 390 2.58 -21.93 51.17
C PRO D 390 3.11 -22.66 49.94
N HIS D 391 4.14 -23.49 50.12
CA HIS D 391 4.83 -24.06 48.96
C HIS D 391 3.90 -24.95 48.14
N LEU D 392 3.12 -25.81 48.79
CA LEU D 392 2.28 -26.74 48.03
C LEU D 392 1.21 -26.01 47.22
N LEU D 393 0.57 -25.02 47.82
CA LEU D 393 -0.50 -24.31 47.12
C LEU D 393 0.06 -23.44 45.99
N THR D 394 -0.77 -23.20 44.99
CA THR D 394 -0.41 -22.36 43.86
C THR D 394 -1.64 -21.58 43.40
N VAL D 395 -1.41 -20.43 42.77
CA VAL D 395 -2.48 -19.52 42.38
C VAL D 395 -2.26 -19.07 40.94
N ILE D 396 -3.37 -18.97 40.19
CA ILE D 396 -3.36 -18.45 38.84
C ILE D 396 -3.50 -16.92 38.89
N LYS D 397 -3.07 -16.26 37.81
CA LYS D 397 -3.20 -14.82 37.68
C LYS D 397 -3.98 -14.50 36.41
N ILE D 398 -4.78 -13.45 36.49
CA ILE D 398 -5.60 -13.01 35.35
C ILE D 398 -4.70 -12.42 34.28
N ASP D 403 -3.15 -17.67 27.20
CA ASP D 403 -3.67 -18.88 26.59
C ASP D 403 -3.07 -20.12 27.25
N GLU D 404 -1.81 -20.03 27.65
CA GLU D 404 -1.10 -21.12 28.29
C GLU D 404 -0.99 -20.94 29.80
N ILE D 405 -1.79 -20.04 30.38
CA ILE D 405 -1.69 -19.78 31.82
C ILE D 405 -2.03 -21.04 32.61
N VAL D 406 -3.01 -21.82 32.14
CA VAL D 406 -3.39 -23.05 32.84
C VAL D 406 -2.23 -24.03 32.87
N SER D 407 -1.62 -24.27 31.71
CA SER D 407 -0.52 -25.21 31.63
C SER D 407 0.65 -24.76 32.50
N ASN D 408 0.95 -23.46 32.45
CA ASN D 408 2.04 -22.92 33.25
C ASN D 408 1.76 -23.09 34.74
N ALA D 409 0.52 -22.83 35.16
CA ALA D 409 0.18 -22.97 36.57
C ALA D 409 0.29 -24.42 37.03
N ILE D 410 -0.21 -25.34 36.22
CA ILE D 410 -0.15 -26.75 36.58
C ILE D 410 1.28 -27.21 36.72
N SER D 411 2.10 -26.86 35.74
CA SER D 411 3.51 -27.24 35.75
C SER D 411 4.21 -26.63 36.95
N PHE D 412 3.91 -25.37 37.22
CA PHE D 412 4.53 -24.68 38.35
C PHE D 412 4.15 -25.37 39.65
N ALA D 413 2.89 -25.76 39.79
CA ALA D 413 2.43 -26.43 40.99
C ALA D 413 3.24 -27.69 41.20
N LEU D 414 3.28 -28.52 40.18
CA LEU D 414 4.05 -29.76 40.23
C LEU D 414 5.51 -29.49 40.59
N TYR D 415 6.09 -28.46 40.00
CA TYR D 415 7.50 -28.16 40.19
C TYR D 415 7.81 -27.81 41.63
N LYS D 416 6.92 -27.07 42.29
CA LYS D 416 7.15 -26.70 43.67
C LYS D 416 7.23 -27.93 44.58
N ALA D 417 6.32 -28.88 44.38
CA ALA D 417 6.38 -30.11 45.16
C ALA D 417 7.68 -30.85 44.89
N PHE D 418 8.08 -30.91 43.63
CA PHE D 418 9.29 -31.64 43.29
C PHE D 418 10.51 -30.98 43.90
N SER D 419 10.45 -29.67 44.08
CA SER D 419 11.55 -28.91 44.65
C SER D 419 11.63 -28.96 46.18
N THR D 420 10.49 -29.04 46.85
CA THR D 420 10.50 -29.04 48.31
C THR D 420 11.36 -30.18 48.87
N ASN D 421 11.25 -31.38 48.28
CA ASN D 421 11.87 -32.55 48.87
C ASN D 421 13.38 -32.37 49.02
N GLU D 422 14.01 -31.71 48.06
CA GLU D 422 15.45 -31.50 47.95
C GLU D 422 16.17 -32.75 47.46
N HIS D 423 15.48 -33.89 47.33
CA HIS D 423 16.11 -35.04 46.69
C HIS D 423 16.27 -34.84 45.19
N ASP D 424 15.36 -34.08 44.57
CA ASP D 424 15.52 -33.73 43.17
C ASP D 424 16.63 -32.71 42.97
N ARG D 425 16.96 -31.95 44.01
CA ARG D 425 17.99 -30.92 43.87
C ARG D 425 19.31 -31.52 43.42
N ASP D 426 19.79 -32.54 44.14
CA ASP D 426 21.04 -33.17 43.74
C ASP D 426 20.89 -33.89 42.40
N ASN D 427 19.75 -34.54 42.19
CA ASN D 427 19.47 -35.21 40.91
C ASN D 427 18.83 -34.22 39.95
N TRP D 428 19.66 -33.29 39.48
CA TRP D 428 19.19 -32.26 38.56
C TRP D 428 18.63 -32.86 37.27
N ASN D 429 19.03 -34.09 36.93
CA ASN D 429 18.57 -34.70 35.68
C ASN D 429 17.07 -34.95 35.68
N GLY D 430 16.54 -35.53 36.76
CA GLY D 430 15.09 -35.73 36.85
C GLY D 430 14.33 -34.41 36.93
N GLN D 431 14.85 -33.46 37.70
CA GLN D 431 14.26 -32.13 37.77
C GLN D 431 14.20 -31.50 36.38
N LEU D 432 15.20 -31.80 35.55
CA LEU D 432 15.18 -31.31 34.18
C LEU D 432 14.17 -32.07 33.32
N LYS D 433 14.06 -33.38 33.53
CA LYS D 433 13.12 -34.17 32.73
C LYS D 433 11.70 -33.66 32.93
N LEU D 434 11.31 -33.41 34.18
CA LEU D 434 9.97 -32.92 34.42
C LEU D 434 9.71 -31.64 33.65
N LEU D 435 10.61 -30.67 33.78
CA LEU D 435 10.44 -29.41 33.08
C LEU D 435 10.52 -29.57 31.56
N LEU D 436 11.15 -30.65 31.08
CA LEU D 436 11.15 -30.92 29.65
C LEU D 436 9.80 -31.41 29.18
N GLU D 437 9.10 -32.20 30.01
CA GLU D 437 7.77 -32.68 29.62
C GLU D 437 6.89 -31.51 29.20
N TRP D 438 6.54 -30.63 30.14
CA TRP D 438 5.88 -29.37 29.80
C TRP D 438 6.86 -28.44 29.11
N ASN D 439 6.40 -27.77 28.05
CA ASN D 439 7.27 -26.93 27.22
C ASN D 439 7.47 -25.58 27.93
N GLN D 440 8.37 -25.59 28.91
CA GLN D 440 8.71 -24.41 29.70
C GLN D 440 10.22 -24.19 29.61
N LEU D 441 10.63 -23.06 29.01
CA LEU D 441 12.04 -22.73 28.81
C LEU D 441 12.56 -21.70 29.80
N ASP D 442 11.85 -20.58 29.93
CA ASP D 442 12.37 -19.45 30.70
C ASP D 442 12.71 -19.88 32.13
N LEU D 443 11.80 -20.62 32.77
CA LEU D 443 12.02 -21.11 34.13
C LEU D 443 13.17 -22.10 34.20
N ALA D 444 13.22 -23.02 33.23
CA ALA D 444 14.23 -24.07 33.24
C ALA D 444 15.63 -23.50 33.12
N SER D 445 15.83 -22.56 32.18
CA SER D 445 17.13 -21.94 32.03
C SER D 445 17.65 -21.51 33.40
N ASP D 446 16.87 -20.66 34.07
CA ASP D 446 17.28 -20.15 35.37
C ASP D 446 17.60 -21.28 36.33
N GLU D 447 16.66 -22.20 36.56
CA GLU D 447 16.86 -23.10 37.70
C GLU D 447 17.92 -24.17 37.44
N ILE D 448 17.90 -24.80 36.27
CA ILE D 448 18.80 -25.94 36.02
C ILE D 448 20.08 -25.56 35.28
N PHE D 449 20.19 -24.35 34.76
CA PHE D 449 21.36 -23.98 33.95
C PHE D 449 22.07 -22.75 34.51
N THR D 450 22.39 -22.79 35.79
CA THR D 450 23.27 -21.79 36.39
C THR D 450 24.70 -22.29 36.46
N ASN D 451 25.60 -21.39 36.85
CA ASN D 451 27.03 -21.66 36.73
C ASN D 451 27.54 -22.64 37.78
N ASP D 452 26.88 -22.71 38.95
CA ASP D 452 27.42 -23.48 40.05
C ASP D 452 27.59 -24.95 39.67
N ARG D 453 26.55 -25.55 39.08
CA ARG D 453 26.60 -26.94 38.65
C ARG D 453 27.16 -27.04 37.23
N ASN D 454 27.59 -28.25 36.88
CA ASN D 454 28.24 -28.50 35.60
C ASN D 454 27.58 -29.69 34.91
N TRP D 455 27.77 -29.77 33.60
CA TRP D 455 27.18 -30.83 32.80
C TRP D 455 28.04 -31.07 31.57
N GLU D 456 27.91 -32.26 31.00
CA GLU D 456 28.66 -32.61 29.80
C GLU D 456 27.72 -33.26 28.81
N SER D 457 28.18 -33.47 27.59
CA SER D 457 27.36 -34.07 26.53
C SER D 457 26.93 -35.48 26.92
N ALA D 458 27.84 -36.24 27.52
CA ALA D 458 27.50 -37.59 27.99
C ALA D 458 26.29 -37.55 28.92
N ASP D 459 26.15 -36.47 29.70
CA ASP D 459 25.01 -36.35 30.59
C ASP D 459 23.72 -36.03 29.82
N LEU D 460 23.83 -35.25 28.74
CA LEU D 460 22.66 -34.69 28.08
C LEU D 460 22.21 -35.46 26.85
N GLN D 461 22.89 -36.56 26.50
CA GLN D 461 22.52 -37.28 25.27
C GLN D 461 21.06 -37.75 25.29
N ASP D 462 20.64 -38.41 26.37
CA ASP D 462 19.29 -38.97 26.42
C ASP D 462 18.23 -37.88 26.39
N VAL D 463 18.45 -36.82 27.18
CA VAL D 463 17.53 -35.69 27.17
C VAL D 463 17.45 -35.10 25.77
N MET D 464 18.58 -35.02 25.06
CA MET D 464 18.57 -34.50 23.71
C MET D 464 17.74 -35.38 22.78
N PHE D 465 17.86 -36.68 22.94
CA PHE D 465 17.11 -37.59 22.07
C PHE D 465 15.63 -37.33 22.17
N THR D 466 15.09 -37.30 23.38
CA THR D 466 13.67 -37.02 23.55
C THR D 466 13.34 -35.62 23.08
N ALA D 467 14.22 -34.66 23.35
CA ALA D 467 13.99 -33.28 22.95
C ALA D 467 13.74 -33.23 21.47
N LEU D 468 14.53 -33.96 20.69
CA LEU D 468 14.30 -34.03 19.26
C LEU D 468 12.99 -34.73 18.94
N VAL D 469 12.72 -35.88 19.58
CA VAL D 469 11.57 -36.67 19.18
C VAL D 469 10.27 -35.92 19.40
N LYS D 470 10.13 -35.22 20.52
CA LYS D 470 8.89 -34.55 20.89
C LYS D 470 8.75 -33.16 20.26
N ASP D 471 9.63 -32.78 19.34
CA ASP D 471 9.49 -31.51 18.62
C ASP D 471 9.53 -30.32 19.59
N ARG D 472 10.58 -30.29 20.42
CA ARG D 472 10.82 -29.21 21.37
C ARG D 472 12.01 -28.39 20.89
N PRO D 473 11.79 -27.40 20.01
CA PRO D 473 12.92 -26.71 19.36
C PRO D 473 13.75 -25.83 20.28
N LYS D 474 13.08 -24.94 21.01
CA LYS D 474 13.78 -24.00 21.88
C LYS D 474 14.66 -24.74 22.89
N PHE D 475 14.20 -25.89 23.38
CA PHE D 475 15.04 -26.68 24.26
C PHE D 475 16.25 -27.25 23.53
N VAL D 476 16.12 -27.57 22.25
CA VAL D 476 17.30 -27.97 21.49
C VAL D 476 18.28 -26.81 21.39
N ARG D 477 17.79 -25.60 21.18
CA ARG D 477 18.67 -24.44 21.21
C ARG D 477 19.39 -24.36 22.56
N LEU D 478 18.64 -24.53 23.64
CA LEU D 478 19.24 -24.38 24.97
C LEU D 478 20.32 -25.44 25.21
N PHE D 479 20.06 -26.67 24.75
CA PHE D 479 21.05 -27.73 24.90
C PHE D 479 22.27 -27.52 24.02
N LEU D 480 22.08 -26.96 22.83
CA LEU D 480 23.22 -26.73 21.93
C LEU D 480 24.09 -25.57 22.41
N GLU D 481 23.48 -24.56 23.03
CA GLU D 481 24.27 -23.45 23.55
C GLU D 481 25.25 -23.92 24.61
N ASN D 482 24.82 -24.82 25.48
CA ASN D 482 25.62 -25.26 26.63
C ASN D 482 26.42 -26.52 26.28
N GLY D 483 27.27 -26.39 25.27
CA GLY D 483 28.31 -27.38 25.01
C GLY D 483 27.86 -28.78 24.68
N LEU D 484 26.91 -28.93 23.75
CA LEU D 484 26.53 -30.23 23.22
C LEU D 484 27.08 -30.34 21.80
N ASN D 485 28.04 -31.25 21.61
CA ASN D 485 28.63 -31.47 20.30
C ASN D 485 27.67 -32.33 19.49
N LEU D 486 27.04 -31.72 18.48
CA LEU D 486 25.96 -32.40 17.78
C LEU D 486 26.50 -33.49 16.85
N ARG D 487 27.61 -33.22 16.15
CA ARG D 487 28.17 -34.23 15.26
C ARG D 487 28.61 -35.46 16.03
N LYS D 488 29.03 -35.29 17.28
CA LYS D 488 29.41 -36.42 18.11
C LYS D 488 28.19 -37.20 18.60
N PHE D 489 27.07 -36.51 18.82
CA PHE D 489 25.87 -37.16 19.33
C PHE D 489 25.23 -38.06 18.29
N LEU D 490 25.30 -37.71 17.01
CA LEU D 490 24.61 -38.44 15.96
C LEU D 490 25.46 -39.63 15.53
N THR D 491 25.30 -40.75 16.23
CA THR D 491 25.86 -42.01 15.81
C THR D 491 24.86 -42.75 14.92
N THR D 492 25.37 -43.71 14.15
CA THR D 492 24.52 -44.37 13.16
C THR D 492 23.33 -45.07 13.81
N GLU D 493 23.50 -45.62 15.00
CA GLU D 493 22.39 -46.27 15.67
C GLU D 493 21.27 -45.28 15.98
N VAL D 494 21.62 -44.08 16.42
CA VAL D 494 20.61 -43.07 16.71
C VAL D 494 19.88 -42.68 15.43
N LEU D 495 20.59 -42.57 14.32
CA LEU D 495 19.92 -42.26 13.06
C LEU D 495 18.97 -43.37 12.64
N ARG D 496 19.40 -44.62 12.81
CA ARG D 496 18.50 -45.73 12.52
C ARG D 496 17.24 -45.65 13.38
N GLU D 497 17.40 -45.31 14.66
CA GLU D 497 16.24 -45.20 15.53
C GLU D 497 15.33 -44.06 15.09
N LEU D 498 15.93 -42.96 14.63
CA LEU D 498 15.14 -41.82 14.17
C LEU D 498 14.32 -42.17 12.92
N TYR D 499 14.90 -42.96 12.01
CA TYR D 499 14.23 -43.21 10.74
C TYR D 499 13.31 -44.42 10.76
N THR D 500 13.55 -45.40 11.64
CA THR D 500 12.69 -46.58 11.65
C THR D 500 11.43 -46.37 12.49
N ASN D 501 11.54 -45.72 13.64
CA ASN D 501 10.44 -45.63 14.60
C ASN D 501 9.71 -44.30 14.53
N ASN D 502 10.42 -43.18 14.69
CA ASN D 502 9.80 -41.88 14.84
C ASN D 502 9.50 -41.21 13.50
N PHE D 503 9.55 -41.95 12.39
CA PHE D 503 9.23 -41.42 11.08
C PHE D 503 7.78 -41.73 10.77
N SER D 504 6.97 -40.68 10.59
CA SER D 504 5.54 -40.87 10.40
C SER D 504 5.28 -41.73 9.16
N SER D 505 4.38 -42.70 9.32
CA SER D 505 4.06 -43.60 8.22
C SER D 505 3.43 -42.86 7.05
N LEU D 506 2.59 -41.87 7.35
CA LEU D 506 1.93 -41.11 6.29
C LEU D 506 2.95 -40.43 5.39
N VAL D 507 3.95 -39.79 5.98
CA VAL D 507 4.97 -39.10 5.17
C VAL D 507 5.74 -40.10 4.33
N PHE D 508 5.99 -41.29 4.85
CA PHE D 508 6.68 -42.33 4.07
C PHE D 508 5.85 -42.74 2.87
N LYS D 509 4.56 -43.02 3.08
CA LYS D 509 3.71 -43.41 1.96
C LYS D 509 3.65 -42.32 0.89
N ASN D 510 3.61 -41.06 1.33
CA ASN D 510 3.58 -39.94 0.38
C ASN D 510 4.88 -39.82 -0.40
N LEU D 511 5.99 -39.99 0.31
CA LEU D 511 7.29 -39.92 -0.31
C LEU D 511 7.38 -40.97 -1.39
N GLN D 512 6.76 -42.12 -1.15
CA GLN D 512 6.78 -43.21 -2.13
C GLN D 512 6.21 -42.73 -3.46
N ILE D 513 5.03 -42.13 -3.45
CA ILE D 513 4.46 -41.59 -4.68
C ILE D 513 5.42 -40.60 -5.31
N ALA D 514 6.00 -39.70 -4.50
CA ALA D 514 6.87 -38.69 -5.08
C ALA D 514 8.05 -39.33 -5.80
N LYS D 515 8.62 -40.40 -5.22
CA LYS D 515 9.68 -41.12 -5.93
C LYS D 515 9.15 -41.81 -7.19
N ASN D 516 7.97 -42.42 -7.10
CA ASN D 516 7.46 -43.22 -8.21
C ASN D 516 7.21 -42.38 -9.45
N SER D 517 6.50 -41.26 -9.31
CA SER D 517 5.90 -40.61 -10.48
C SER D 517 6.44 -39.22 -10.79
N TYR D 518 7.19 -38.61 -9.87
CA TYR D 518 7.85 -37.34 -10.09
C TYR D 518 9.36 -37.49 -9.87
N ASN D 519 9.90 -38.59 -10.38
CA ASN D 519 11.29 -38.96 -10.14
C ASN D 519 12.24 -37.84 -10.52
N ASP D 520 13.20 -37.58 -9.63
CA ASP D 520 14.21 -36.54 -9.84
C ASP D 520 15.56 -37.11 -9.42
N ALA D 521 16.62 -36.45 -9.88
CA ALA D 521 17.97 -36.94 -9.63
C ALA D 521 18.29 -36.97 -8.14
N LEU D 522 17.97 -35.90 -7.43
CA LEU D 522 18.19 -35.83 -5.99
C LEU D 522 17.21 -36.71 -5.21
N LEU D 523 15.98 -36.83 -5.71
CA LEU D 523 14.92 -37.53 -5.00
C LEU D 523 15.09 -39.04 -5.02
N THR D 524 15.97 -39.57 -5.87
CA THR D 524 16.31 -40.98 -5.84
C THR D 524 17.40 -41.27 -4.84
N PHE D 525 18.40 -40.39 -4.76
CA PHE D 525 19.44 -40.53 -3.75
C PHE D 525 18.86 -40.42 -2.34
N VAL D 526 17.98 -39.43 -2.14
CA VAL D 526 17.36 -39.30 -0.82
C VAL D 526 16.59 -40.57 -0.47
N TRP D 527 15.82 -41.10 -1.42
CA TRP D 527 15.06 -42.31 -1.14
C TRP D 527 15.97 -43.49 -0.84
N LYS D 528 17.08 -43.61 -1.57
CA LYS D 528 18.01 -44.69 -1.27
C LYS D 528 18.56 -44.58 0.14
N MET D 529 18.94 -43.37 0.55
CA MET D 529 19.45 -43.21 1.92
C MET D 529 18.39 -43.58 2.94
N VAL D 530 17.15 -43.14 2.72
CA VAL D 530 16.08 -43.46 3.68
C VAL D 530 15.88 -44.96 3.76
N GLU D 531 15.86 -45.66 2.61
CA GLU D 531 15.69 -47.10 2.63
C GLU D 531 16.84 -47.79 3.34
N ASP D 532 18.08 -47.35 3.09
CA ASP D 532 19.23 -47.97 3.74
C ASP D 532 19.17 -47.79 5.25
N PHE D 533 18.80 -46.60 5.72
CA PHE D 533 18.63 -46.40 7.16
C PHE D 533 17.50 -47.26 7.70
N ARG D 534 16.40 -47.36 6.96
CA ARG D 534 15.20 -48.02 7.47
C ARG D 534 15.45 -49.51 7.70
N ARG D 535 16.28 -50.13 6.86
CA ARG D 535 16.61 -51.53 6.97
C ARG D 535 17.01 -51.90 8.40
N PRO D 557 29.84 -44.84 8.60
CA PRO D 557 29.98 -45.95 7.66
C PRO D 557 28.88 -46.03 6.61
N ILE D 558 27.61 -46.12 7.03
CA ILE D 558 26.52 -46.10 6.04
C ILE D 558 26.47 -44.75 5.34
N THR D 559 26.75 -43.67 6.05
CA THR D 559 26.71 -42.35 5.45
C THR D 559 27.72 -41.43 6.14
N ARG D 560 28.30 -40.54 5.35
CA ARG D 560 29.04 -39.40 5.88
C ARG D 560 28.07 -38.22 5.95
N HIS D 561 28.56 -37.07 6.39
CA HIS D 561 27.73 -35.88 6.55
C HIS D 561 26.46 -36.19 7.38
N PRO D 562 26.63 -36.63 8.63
CA PRO D 562 25.43 -37.01 9.42
C PRO D 562 24.44 -35.87 9.57
N LEU D 563 24.94 -34.66 9.75
CA LEU D 563 24.06 -33.52 9.99
C LEU D 563 23.11 -33.28 8.83
N GLN D 564 23.57 -33.54 7.60
CA GLN D 564 22.69 -33.46 6.44
C GLN D 564 21.55 -34.48 6.56
N ALA D 565 21.87 -35.69 7.02
CA ALA D 565 20.83 -36.70 7.21
C ALA D 565 19.78 -36.22 8.22
N LEU D 566 20.23 -35.67 9.34
CA LEU D 566 19.28 -35.18 10.34
C LEU D 566 18.46 -34.01 9.81
N PHE D 567 19.09 -33.13 9.02
CA PHE D 567 18.37 -32.01 8.45
C PHE D 567 17.28 -32.49 7.50
N ILE D 568 17.59 -33.49 6.68
CA ILE D 568 16.58 -34.04 5.78
C ILE D 568 15.45 -34.68 6.58
N TRP D 569 15.80 -35.43 7.63
CA TRP D 569 14.75 -36.02 8.47
C TRP D 569 13.84 -34.95 9.03
N SER D 570 14.40 -33.86 9.53
CA SER D 570 13.56 -32.78 10.07
C SER D 570 12.71 -32.15 8.98
N VAL D 571 13.27 -31.96 7.79
CA VAL D 571 12.54 -31.27 6.73
C VAL D 571 11.35 -32.10 6.26
N LEU D 572 11.56 -33.40 6.04
CA LEU D 572 10.50 -34.20 5.43
C LEU D 572 9.22 -34.19 6.26
N GLN D 573 9.34 -34.03 7.57
CA GLN D 573 8.17 -33.99 8.45
C GLN D 573 7.63 -32.58 8.63
N ASN D 574 8.15 -31.61 7.89
CA ASN D 574 7.62 -30.25 7.85
C ASN D 574 7.57 -29.62 9.24
N LYS D 575 8.68 -29.75 9.97
CA LYS D 575 8.85 -29.10 11.27
C LYS D 575 9.65 -27.83 11.05
N LYS D 576 8.95 -26.70 10.94
CA LYS D 576 9.61 -25.47 10.51
C LYS D 576 10.65 -25.00 11.52
N GLU D 577 10.27 -24.84 12.78
CA GLU D 577 11.17 -24.27 13.78
C GLU D 577 12.33 -25.22 14.08
N LEU D 578 12.04 -26.52 14.22
CA LEU D 578 13.07 -27.49 14.52
C LEU D 578 13.97 -27.75 13.33
N SER D 579 13.52 -27.43 12.11
CA SER D 579 14.41 -27.51 10.96
C SER D 579 15.29 -26.28 10.86
N LYS D 580 14.72 -25.10 11.14
CA LYS D 580 15.52 -23.89 11.12
C LYS D 580 16.61 -23.93 12.18
N VAL D 581 16.32 -24.50 13.35
CA VAL D 581 17.34 -24.59 14.38
C VAL D 581 18.50 -25.45 13.91
N ILE D 582 18.20 -26.64 13.39
CA ILE D 582 19.25 -27.56 12.96
C ILE D 582 19.95 -27.05 11.71
N TRP D 583 19.34 -26.15 10.95
CA TRP D 583 19.97 -25.64 9.74
C TRP D 583 21.22 -24.83 10.07
N GLU D 584 21.27 -24.19 11.23
CA GLU D 584 22.43 -23.35 11.55
C GLU D 584 23.67 -24.19 11.80
N GLN D 585 23.51 -25.33 12.48
CA GLN D 585 24.66 -26.17 12.81
C GLN D 585 25.25 -26.85 11.59
N THR D 586 24.49 -26.99 10.52
CA THR D 586 25.01 -27.61 9.30
C THR D 586 26.18 -26.78 8.77
N ARG D 587 27.05 -27.44 8.00
CA ARG D 587 28.27 -26.80 7.55
C ARG D 587 28.05 -25.99 6.27
N GLY D 588 27.50 -26.61 5.23
CA GLY D 588 27.15 -25.88 4.03
C GLY D 588 25.72 -25.36 4.11
N CYS D 589 25.58 -24.08 4.47
CA CYS D 589 24.26 -23.53 4.77
C CYS D 589 23.48 -23.23 3.49
N THR D 590 24.07 -22.44 2.58
CA THR D 590 23.36 -22.06 1.37
C THR D 590 22.99 -23.29 0.54
N LEU D 591 23.93 -24.21 0.37
CA LEU D 591 23.67 -25.39 -0.44
C LEU D 591 22.58 -26.26 0.21
N ALA D 592 22.65 -26.41 1.53
CA ALA D 592 21.64 -27.21 2.22
C ALA D 592 20.25 -26.58 2.08
N ALA D 593 20.16 -25.27 2.22
CA ALA D 593 18.87 -24.60 2.07
C ALA D 593 18.32 -24.77 0.66
N LEU D 594 19.19 -24.61 -0.34
CA LEU D 594 18.75 -24.76 -1.73
C LEU D 594 18.24 -26.18 -1.99
N GLY D 595 18.99 -27.18 -1.51
CA GLY D 595 18.57 -28.55 -1.70
C GLY D 595 17.27 -28.87 -0.98
N ALA D 596 17.09 -28.32 0.23
CA ALA D 596 15.85 -28.52 0.95
C ALA D 596 14.68 -27.91 0.19
N SER D 597 14.87 -26.72 -0.37
CA SER D 597 13.81 -26.10 -1.16
C SER D 597 13.45 -26.98 -2.35
N LYS D 598 14.46 -27.50 -3.05
CA LYS D 598 14.20 -28.39 -4.18
C LYS D 598 13.40 -29.62 -3.75
N LEU D 599 13.82 -30.25 -2.65
CA LEU D 599 13.15 -31.44 -2.18
C LEU D 599 11.69 -31.15 -1.81
N LEU D 600 11.45 -30.01 -1.16
CA LEU D 600 10.09 -29.63 -0.82
C LEU D 600 9.27 -29.33 -2.07
N LYS D 601 9.89 -28.75 -3.10
CA LYS D 601 9.20 -28.57 -4.36
C LYS D 601 8.71 -29.91 -4.90
N SER D 602 9.59 -30.90 -4.89
CA SER D 602 9.17 -32.22 -5.37
C SER D 602 8.08 -32.80 -4.50
N MET D 603 8.19 -32.65 -3.18
CA MET D 603 7.17 -33.18 -2.28
C MET D 603 5.82 -32.52 -2.50
N ALA D 604 5.81 -31.25 -2.90
CA ALA D 604 4.56 -30.51 -3.03
C ALA D 604 3.73 -30.96 -4.24
N LYS D 605 4.35 -31.58 -5.24
CA LYS D 605 3.65 -31.97 -6.46
C LYS D 605 2.83 -33.25 -6.28
N VAL D 606 2.65 -33.73 -5.06
CA VAL D 606 1.85 -34.92 -4.79
C VAL D 606 0.47 -34.48 -4.33
N LYS D 607 -0.57 -34.99 -4.98
CA LYS D 607 -1.94 -34.59 -4.71
C LYS D 607 -2.72 -35.63 -3.92
N ASN D 608 -2.06 -36.68 -3.43
CA ASN D 608 -2.73 -37.61 -2.53
C ASN D 608 -3.20 -36.90 -1.27
N ASP D 609 -2.36 -36.02 -0.72
CA ASP D 609 -2.69 -35.22 0.45
C ASP D 609 -2.42 -33.76 0.14
N ILE D 610 -3.45 -32.93 0.28
CA ILE D 610 -3.37 -31.52 -0.10
C ILE D 610 -2.87 -30.66 1.05
N ASN D 611 -3.37 -30.92 2.26
CA ASN D 611 -3.03 -30.08 3.40
C ASN D 611 -1.52 -30.10 3.66
N ALA D 612 -0.90 -31.28 3.61
CA ALA D 612 0.54 -31.37 3.80
C ALA D 612 1.28 -30.67 2.67
N ALA D 613 0.80 -30.80 1.45
CA ALA D 613 1.47 -30.20 0.30
C ALA D 613 1.53 -28.69 0.42
N GLY D 614 0.45 -28.06 0.88
CA GLY D 614 0.47 -26.62 1.04
C GLY D 614 1.56 -26.16 2.00
N GLU D 615 1.65 -26.80 3.16
CA GLU D 615 2.67 -26.45 4.13
C GLU D 615 4.07 -26.67 3.56
N SER D 616 4.26 -27.79 2.83
CA SER D 616 5.55 -28.05 2.23
C SER D 616 5.96 -26.95 1.27
N GLU D 617 5.02 -26.49 0.44
CA GLU D 617 5.34 -25.42 -0.50
C GLU D 617 5.69 -24.13 0.23
N GLU D 618 4.93 -23.81 1.28
CA GLU D 618 5.25 -22.61 2.06
C GLU D 618 6.67 -22.67 2.62
N LEU D 619 7.04 -23.83 3.19
CA LEU D 619 8.37 -23.98 3.74
C LEU D 619 9.44 -23.86 2.67
N ALA D 620 9.15 -24.38 1.47
CA ALA D 620 10.10 -24.27 0.36
C ALA D 620 10.37 -22.83 0.03
N ASN D 621 9.31 -22.02 -0.07
CA ASN D 621 9.49 -20.60 -0.36
C ASN D 621 10.31 -19.92 0.72
N GLU D 622 10.00 -20.22 1.99
CA GLU D 622 10.77 -19.65 3.09
C GLU D 622 12.27 -19.92 2.91
N TYR D 623 12.61 -21.18 2.66
CA TYR D 623 14.02 -21.54 2.55
C TYR D 623 14.68 -20.89 1.34
N GLU D 624 13.96 -20.78 0.23
CA GLU D 624 14.52 -20.13 -0.95
C GLU D 624 14.88 -18.69 -0.65
N THR D 625 13.95 -17.95 -0.02
CA THR D 625 14.23 -16.56 0.32
C THR D 625 15.43 -16.47 1.26
N ARG D 626 15.49 -17.37 2.24
CA ARG D 626 16.62 -17.35 3.16
C ARG D 626 17.94 -17.56 2.43
N ALA D 627 17.97 -18.51 1.49
CA ALA D 627 19.20 -18.80 0.78
C ALA D 627 19.66 -17.60 -0.05
N VAL D 628 18.74 -16.96 -0.77
CA VAL D 628 19.15 -15.82 -1.59
C VAL D 628 19.67 -14.70 -0.71
N GLU D 629 19.01 -14.44 0.43
CA GLU D 629 19.50 -13.39 1.32
C GLU D 629 20.91 -13.71 1.82
N LEU D 630 21.14 -14.96 2.21
CA LEU D 630 22.46 -15.31 2.72
C LEU D 630 23.52 -15.16 1.64
N PHE D 631 23.20 -15.54 0.40
CA PHE D 631 24.22 -15.42 -0.64
C PHE D 631 24.52 -13.96 -0.94
N THR D 632 23.52 -13.09 -0.87
CA THR D 632 23.79 -11.66 -1.03
C THR D 632 24.75 -11.19 0.05
N GLU D 633 24.50 -11.60 1.30
CA GLU D 633 25.38 -11.22 2.39
C GLU D 633 26.81 -11.71 2.12
N CYS D 634 26.95 -12.95 1.67
CA CYS D 634 28.28 -13.50 1.41
C CYS D 634 28.98 -12.74 0.29
N TYR D 635 28.24 -12.42 -0.78
CA TYR D 635 28.85 -11.73 -1.92
C TYR D 635 29.28 -10.32 -1.55
N SER D 636 28.58 -9.68 -0.62
CA SER D 636 28.93 -8.30 -0.27
C SER D 636 30.38 -8.20 0.21
N ASN D 637 30.84 -9.17 1.02
CA ASN D 637 32.16 -9.06 1.63
C ASN D 637 33.26 -9.27 0.60
N ASP D 638 33.30 -10.45 -0.02
CA ASP D 638 34.38 -10.82 -0.92
C ASP D 638 33.79 -11.43 -2.18
N GLU D 639 34.11 -10.84 -3.33
CA GLU D 639 33.60 -11.35 -4.59
C GLU D 639 34.34 -12.61 -5.03
N ASP D 640 35.66 -12.67 -4.78
CA ASP D 640 36.45 -13.78 -5.30
C ASP D 640 36.03 -15.10 -4.68
N LEU D 641 35.82 -15.13 -3.36
CA LEU D 641 35.50 -16.37 -2.66
C LEU D 641 34.06 -16.80 -2.89
N ALA D 642 33.16 -15.85 -3.12
CA ALA D 642 31.76 -16.21 -3.33
C ALA D 642 31.61 -17.09 -4.57
N GLU D 643 32.30 -16.75 -5.65
CA GLU D 643 32.20 -17.55 -6.87
C GLU D 643 32.83 -18.93 -6.70
N GLN D 644 33.95 -19.01 -5.99
CA GLN D 644 34.53 -20.31 -5.67
C GLN D 644 33.55 -21.16 -4.86
N LEU D 645 32.88 -20.54 -3.89
CA LEU D 645 31.86 -21.23 -3.12
C LEU D 645 30.70 -21.68 -3.99
N LEU D 646 30.35 -20.88 -5.00
CA LEU D 646 29.14 -21.13 -5.78
C LEU D 646 29.19 -22.48 -6.50
N THR D 647 30.31 -22.76 -7.15
CA THR D 647 30.49 -23.99 -7.91
C THR D 647 30.83 -25.18 -7.02
N TYR D 648 31.03 -24.95 -5.73
CA TYR D 648 31.41 -26.02 -4.82
C TYR D 648 30.39 -27.15 -4.83
N SER D 649 30.87 -28.39 -4.79
CA SER D 649 30.03 -29.58 -4.87
C SER D 649 30.40 -30.51 -3.72
N CYS D 650 29.38 -31.13 -3.11
CA CYS D 650 29.58 -32.06 -2.01
C CYS D 650 28.75 -33.32 -2.26
N GLU D 651 29.30 -34.46 -1.85
CA GLU D 651 28.61 -35.74 -1.97
C GLU D 651 27.40 -35.85 -1.06
N ALA D 652 27.25 -34.95 -0.07
CA ALA D 652 26.07 -34.97 0.77
C ALA D 652 24.79 -35.00 -0.06
N TRP D 653 24.79 -34.23 -1.14
CA TRP D 653 23.74 -34.28 -2.14
C TRP D 653 24.25 -35.03 -3.36
N GLY D 654 23.41 -35.17 -4.37
CA GLY D 654 23.75 -36.01 -5.50
C GLY D 654 24.80 -35.40 -6.42
N GLY D 655 25.97 -35.08 -5.88
CA GLY D 655 27.02 -34.50 -6.69
C GLY D 655 26.59 -33.23 -7.39
N SER D 656 25.90 -32.34 -6.67
CA SER D 656 25.33 -31.14 -7.25
C SER D 656 25.87 -29.90 -6.56
N ASN D 657 26.13 -28.87 -7.35
CA ASN D 657 26.53 -27.56 -6.84
C ASN D 657 25.33 -26.63 -6.82
N CYS D 658 25.54 -25.43 -6.31
CA CYS D 658 24.42 -24.51 -6.07
C CYS D 658 23.70 -24.15 -7.36
N LEU D 659 24.45 -23.86 -8.44
CA LEU D 659 23.82 -23.50 -9.71
C LEU D 659 23.02 -24.66 -10.28
N GLU D 660 23.61 -25.85 -10.28
CA GLU D 660 22.94 -27.04 -10.81
C GLU D 660 21.65 -27.31 -10.04
N LEU D 661 21.68 -27.11 -8.71
CA LEU D 661 20.49 -27.33 -7.90
C LEU D 661 19.44 -26.26 -8.14
N ALA D 662 19.87 -25.00 -8.30
CA ALA D 662 18.92 -23.93 -8.55
C ALA D 662 18.18 -24.13 -9.86
N VAL D 663 18.88 -24.57 -10.91
CA VAL D 663 18.21 -24.70 -12.19
C VAL D 663 17.10 -25.75 -12.12
N GLU D 664 17.41 -26.92 -11.55
CA GLU D 664 16.39 -27.94 -11.41
C GLU D 664 15.29 -27.53 -10.43
N ALA D 665 15.63 -26.74 -9.41
CA ALA D 665 14.61 -26.31 -8.45
C ALA D 665 13.66 -25.27 -9.04
N ARG D 666 14.08 -24.57 -10.09
CA ARG D 666 13.25 -23.57 -10.77
C ARG D 666 12.78 -22.49 -9.80
N ASP D 667 13.74 -21.97 -9.03
CA ASP D 667 13.51 -20.81 -8.18
C ASP D 667 14.09 -19.59 -8.89
N GLN D 668 13.21 -18.72 -9.39
CA GLN D 668 13.64 -17.60 -10.23
C GLN D 668 14.48 -16.59 -9.47
N GLN D 669 14.19 -16.39 -8.18
CA GLN D 669 14.83 -15.30 -7.43
C GLN D 669 16.34 -15.51 -7.33
N PHE D 670 16.76 -16.72 -7.01
CA PHE D 670 18.19 -16.97 -6.77
C PHE D 670 19.00 -16.64 -8.01
N ILE D 671 18.55 -17.08 -9.17
CA ILE D 671 19.25 -16.78 -10.42
C ILE D 671 19.15 -15.29 -10.74
N ALA D 672 17.98 -14.69 -10.46
CA ALA D 672 17.74 -13.31 -10.85
C ALA D 672 18.61 -12.31 -10.09
N GLN D 673 19.24 -12.73 -8.99
CA GLN D 673 19.96 -11.77 -8.16
C GLN D 673 21.23 -11.31 -8.85
N PRO D 674 21.75 -10.14 -8.46
CA PRO D 674 22.88 -9.55 -9.21
C PRO D 674 24.14 -10.40 -9.25
N GLY D 675 24.59 -10.93 -8.12
CA GLY D 675 25.93 -11.52 -8.07
C GLY D 675 26.10 -12.68 -9.02
N VAL D 676 25.14 -13.60 -9.02
CA VAL D 676 25.21 -14.74 -9.93
C VAL D 676 25.16 -14.26 -11.37
N GLN D 677 24.38 -13.20 -11.63
CA GLN D 677 24.30 -12.65 -12.97
C GLN D 677 25.66 -12.13 -13.43
N ASN D 678 26.37 -11.42 -12.55
CA ASN D 678 27.70 -10.91 -12.89
C ASN D 678 28.67 -12.06 -13.12
N PHE D 679 28.63 -13.08 -12.28
CA PHE D 679 29.49 -14.24 -12.47
C PHE D 679 29.24 -14.87 -13.83
N LEU D 680 27.96 -15.06 -14.18
CA LEU D 680 27.63 -15.66 -15.46
C LEU D 680 28.08 -14.76 -16.61
N SER D 681 27.91 -13.45 -16.47
CA SER D 681 28.27 -12.54 -17.55
C SER D 681 29.77 -12.57 -17.82
N LYS D 682 30.59 -12.56 -16.77
CA LYS D 682 32.03 -12.60 -16.98
C LYS D 682 32.52 -13.99 -17.35
N GLN D 683 31.73 -15.04 -17.07
CA GLN D 683 32.00 -16.33 -17.70
C GLN D 683 31.73 -16.27 -19.19
N TRP D 684 30.64 -15.61 -19.58
CA TRP D 684 30.27 -15.51 -20.99
C TRP D 684 31.31 -14.73 -21.78
N TYR D 685 31.81 -13.64 -21.21
CA TYR D 685 32.88 -12.88 -21.87
C TYR D 685 34.21 -13.60 -21.80
N GLY D 686 34.47 -14.35 -20.73
CA GLY D 686 35.72 -15.08 -20.63
C GLY D 686 36.88 -14.19 -20.22
N GLU D 687 38.08 -14.59 -20.62
CA GLU D 687 39.27 -13.83 -20.28
C GLU D 687 39.25 -12.43 -20.89
N ILE D 688 38.42 -12.20 -21.91
CA ILE D 688 38.28 -10.86 -22.46
C ILE D 688 37.83 -9.92 -21.35
N SER D 689 38.49 -8.77 -21.26
CA SER D 689 38.09 -7.76 -20.30
C SER D 689 36.75 -7.15 -20.70
N ARG D 690 35.91 -6.90 -19.70
CA ARG D 690 34.64 -6.23 -19.96
C ARG D 690 34.88 -4.73 -20.10
N ASP D 691 33.79 -4.00 -20.33
CA ASP D 691 33.78 -2.56 -20.57
C ASP D 691 34.37 -2.20 -21.93
N THR D 692 34.85 -3.17 -22.70
CA THR D 692 35.26 -2.92 -24.07
C THR D 692 34.03 -2.91 -24.97
N LYS D 693 33.83 -1.81 -25.70
CA LYS D 693 32.64 -1.67 -26.53
C LYS D 693 32.63 -2.74 -27.61
N ASN D 694 31.44 -3.22 -27.95
CA ASN D 694 31.30 -4.37 -28.82
C ASN D 694 32.04 -4.18 -30.14
N TRP D 695 31.89 -3.01 -30.74
CA TRP D 695 32.52 -2.76 -32.03
C TRP D 695 34.03 -2.93 -31.93
N LYS D 696 34.61 -2.60 -30.78
CA LYS D 696 36.04 -2.84 -30.60
C LYS D 696 36.36 -4.33 -30.78
N ILE D 697 35.54 -5.20 -30.16
CA ILE D 697 35.74 -6.63 -30.28
C ILE D 697 35.57 -7.07 -31.73
N ILE D 698 34.55 -6.55 -32.42
CA ILE D 698 34.29 -7.00 -33.78
C ILE D 698 35.43 -6.57 -34.71
N LEU D 699 35.90 -5.33 -34.56
CA LEU D 699 37.01 -4.86 -35.38
C LEU D 699 38.25 -5.72 -35.12
N CYS D 700 38.52 -6.06 -33.86
CA CYS D 700 39.61 -6.99 -33.59
C CYS D 700 39.34 -8.36 -34.22
N LEU D 701 38.07 -8.76 -34.27
CA LEU D 701 37.73 -10.06 -34.85
C LEU D 701 38.08 -10.11 -36.33
N PHE D 702 37.76 -9.04 -37.07
CA PHE D 702 38.08 -9.02 -38.50
C PHE D 702 39.58 -8.99 -38.74
N PHE D 703 40.30 -8.17 -37.97
CA PHE D 703 41.73 -7.96 -38.16
C PHE D 703 42.50 -8.67 -37.06
N PHE D 704 43.31 -9.65 -37.43
CA PHE D 704 44.13 -10.36 -36.45
C PHE D 704 45.09 -9.44 -35.70
N PRO D 705 45.87 -8.59 -36.35
CA PRO D 705 46.96 -7.90 -35.63
C PRO D 705 46.51 -7.05 -34.45
N LEU D 706 45.33 -6.44 -34.52
CA LEU D 706 44.98 -5.41 -33.53
C LEU D 706 45.10 -5.93 -32.11
N ILE D 707 44.65 -7.17 -31.87
CA ILE D 707 44.65 -7.70 -30.50
C ILE D 707 46.04 -7.59 -29.90
N GLY D 708 47.07 -7.87 -30.69
CA GLY D 708 48.43 -7.83 -30.16
C GLY D 708 48.85 -6.44 -29.72
N CYS D 709 48.45 -5.41 -30.46
CA CYS D 709 48.95 -4.07 -30.19
C CYS D 709 48.47 -3.54 -28.85
N GLY D 710 47.19 -3.77 -28.52
CA GLY D 710 46.62 -3.25 -27.30
C GLY D 710 45.30 -2.52 -27.54
N PHE D 711 44.81 -2.61 -28.77
CA PHE D 711 43.52 -2.00 -29.11
C PHE D 711 42.41 -2.62 -28.27
N ILE D 712 42.45 -3.94 -28.08
CA ILE D 712 41.56 -4.64 -27.15
C ILE D 712 42.34 -4.93 -25.89
N SER D 713 41.77 -4.60 -24.73
CA SER D 713 42.41 -4.90 -23.46
C SER D 713 42.16 -6.35 -23.07
N PHE D 714 42.64 -6.72 -21.90
CA PHE D 714 42.45 -8.08 -21.40
C PHE D 714 42.34 -8.05 -19.89
N ARG D 715 41.75 -9.12 -19.35
CA ARG D 715 41.37 -9.20 -17.95
C ARG D 715 42.26 -10.20 -17.23
N LYS D 716 42.79 -9.80 -16.08
CA LYS D 716 43.67 -10.65 -15.28
C LYS D 716 43.40 -10.48 -13.80
N LYS D 723 56.18 -15.64 -24.59
CA LYS D 723 55.32 -16.66 -24.00
C LYS D 723 54.01 -16.05 -23.51
N LYS D 724 54.12 -14.88 -22.87
CA LYS D 724 52.93 -14.21 -22.34
C LYS D 724 51.99 -13.77 -23.47
N LEU D 725 52.57 -13.29 -24.58
CA LEU D 725 51.75 -12.68 -25.63
C LEU D 725 50.80 -13.70 -26.25
N PHE D 726 51.29 -14.91 -26.55
CA PHE D 726 50.49 -15.86 -27.31
C PHE D 726 49.16 -16.17 -26.62
N LEU D 727 49.13 -16.11 -25.30
CA LEU D 727 47.89 -16.40 -24.58
C LEU D 727 46.80 -15.40 -24.92
N TYR D 728 47.17 -14.16 -25.27
CA TYR D 728 46.16 -13.20 -25.68
C TYR D 728 45.45 -13.67 -26.95
N TYR D 729 46.24 -14.09 -27.94
CA TYR D 729 45.65 -14.59 -29.19
C TYR D 729 44.80 -15.82 -28.94
N VAL D 730 45.26 -16.74 -28.11
CA VAL D 730 44.47 -17.93 -27.89
C VAL D 730 43.19 -17.61 -27.17
N SER D 731 43.28 -16.88 -26.09
CA SER D 731 42.11 -16.60 -25.27
C SER D 731 41.12 -15.68 -25.95
N PHE D 732 41.55 -14.92 -26.96
CA PHE D 732 40.60 -14.10 -27.70
C PHE D 732 39.64 -14.95 -28.52
N PHE D 733 40.06 -16.14 -28.93
CA PHE D 733 39.26 -17.00 -29.79
C PHE D 733 38.55 -18.13 -29.05
N THR D 734 38.75 -18.27 -27.74
CA THR D 734 38.04 -19.27 -26.97
C THR D 734 36.89 -18.70 -26.17
N SER D 735 36.73 -17.39 -26.14
CA SER D 735 35.61 -16.78 -25.42
C SER D 735 34.31 -17.04 -26.16
N PRO D 736 33.23 -17.44 -25.47
CA PRO D 736 31.99 -17.77 -26.20
C PRO D 736 31.46 -16.64 -27.07
N PHE D 737 31.55 -15.40 -26.62
CA PHE D 737 30.99 -14.27 -27.36
C PHE D 737 31.62 -14.15 -28.75
N VAL D 738 32.95 -14.16 -28.79
CA VAL D 738 33.68 -14.06 -30.05
C VAL D 738 33.29 -15.22 -30.96
N VAL D 739 33.25 -16.43 -30.40
CA VAL D 739 32.95 -17.61 -31.20
C VAL D 739 31.54 -17.52 -31.79
N PHE D 740 30.58 -17.07 -31.00
CA PHE D 740 29.21 -16.96 -31.47
C PHE D 740 29.12 -15.95 -32.63
N SER D 741 29.73 -14.77 -32.46
CA SER D 741 29.65 -13.78 -33.53
C SER D 741 30.35 -14.30 -34.79
N TRP D 742 31.51 -14.94 -34.62
CA TRP D 742 32.22 -15.51 -35.75
C TRP D 742 31.38 -16.55 -36.47
N ASN D 743 30.69 -17.40 -35.70
CA ASN D 743 29.86 -18.43 -36.29
C ASN D 743 28.75 -17.82 -37.12
N VAL D 744 28.13 -16.74 -36.64
CA VAL D 744 27.06 -16.10 -37.41
C VAL D 744 27.64 -15.54 -38.73
N ILE D 745 28.78 -14.87 -38.64
CA ILE D 745 29.39 -14.30 -39.84
C ILE D 745 29.70 -15.40 -40.86
N PHE D 746 30.29 -16.50 -40.39
CA PHE D 746 30.62 -17.60 -41.28
C PHE D 746 29.37 -18.26 -41.84
N TYR D 747 28.28 -18.29 -41.07
CA TYR D 747 27.03 -18.84 -41.58
C TYR D 747 26.50 -18.01 -42.74
N ILE D 748 26.61 -16.68 -42.64
CA ILE D 748 26.22 -15.83 -43.77
C ILE D 748 27.08 -16.14 -45.00
N ALA D 749 28.38 -16.25 -44.80
CA ALA D 749 29.25 -16.61 -45.93
C ALA D 749 28.83 -17.97 -46.52
N PHE D 750 28.46 -18.91 -45.67
CA PHE D 750 28.02 -20.23 -46.12
C PHE D 750 26.77 -20.13 -46.98
N LEU D 751 25.80 -19.32 -46.55
CA LEU D 751 24.59 -19.15 -47.34
C LEU D 751 24.89 -18.55 -48.70
N LEU D 752 25.80 -17.57 -48.75
CA LEU D 752 26.17 -16.99 -50.05
C LEU D 752 26.79 -18.06 -50.96
N LEU D 753 27.67 -18.88 -50.40
CA LEU D 753 28.30 -19.93 -51.20
C LEU D 753 27.21 -20.84 -51.74
N PHE D 754 26.31 -21.26 -50.86
CA PHE D 754 25.21 -22.14 -51.23
C PHE D 754 24.44 -21.58 -52.41
N ALA D 755 24.07 -20.30 -52.34
CA ALA D 755 23.29 -19.67 -53.40
C ALA D 755 24.06 -19.66 -54.71
N TYR D 756 25.33 -19.27 -54.66
CA TYR D 756 26.14 -19.23 -55.87
C TYR D 756 26.20 -20.61 -56.53
N VAL D 757 26.53 -21.62 -55.73
CA VAL D 757 26.68 -22.98 -56.27
C VAL D 757 25.36 -23.45 -56.88
N LEU D 758 24.25 -23.24 -56.16
CA LEU D 758 22.96 -23.71 -56.63
C LEU D 758 22.58 -23.03 -57.93
N LEU D 759 22.85 -21.73 -58.05
CA LEU D 759 22.36 -21.01 -59.22
C LEU D 759 23.21 -21.26 -60.46
N MET D 760 24.54 -21.22 -60.34
CA MET D 760 25.38 -21.29 -61.54
C MET D 760 26.59 -22.20 -61.36
N ASP D 761 26.45 -23.25 -60.55
CA ASP D 761 27.50 -24.27 -60.44
C ASP D 761 26.90 -25.67 -60.35
N PHE D 762 25.75 -25.90 -60.98
CA PHE D 762 25.07 -27.19 -60.96
C PHE D 762 25.26 -27.82 -62.33
N GLN D 763 26.07 -28.88 -62.39
CA GLN D 763 26.42 -29.54 -63.64
C GLN D 763 26.18 -31.03 -63.50
N LYS D 764 26.35 -31.76 -64.60
CA LYS D 764 26.08 -33.19 -64.60
C LYS D 764 26.89 -33.90 -63.53
N GLU D 765 28.19 -33.61 -63.46
CA GLU D 765 29.07 -34.17 -62.45
C GLU D 765 29.37 -33.10 -61.41
N PRO D 766 29.15 -33.37 -60.12
CA PRO D 766 29.41 -32.32 -59.11
C PRO D 766 30.85 -31.83 -59.17
N THR D 767 31.01 -30.52 -59.03
CA THR D 767 32.33 -29.90 -59.03
C THR D 767 32.91 -29.88 -57.62
N ALA D 768 34.22 -29.58 -57.55
CA ALA D 768 34.92 -29.51 -56.28
C ALA D 768 34.21 -28.55 -55.31
N LEU D 769 33.72 -27.43 -55.82
CA LEU D 769 33.03 -26.45 -54.98
C LEU D 769 31.88 -27.09 -54.22
N GLU D 770 31.02 -27.82 -54.93
CA GLU D 770 29.93 -28.54 -54.27
C GLU D 770 30.46 -29.50 -53.23
N ILE D 771 31.63 -30.09 -53.47
CA ILE D 771 32.22 -31.02 -52.50
C ILE D 771 32.62 -30.28 -51.22
N ILE D 772 33.19 -29.09 -51.35
CA ILE D 772 33.49 -28.27 -50.18
C ILE D 772 32.21 -27.97 -49.41
N LEU D 773 31.15 -27.61 -50.15
CA LEU D 773 29.85 -27.35 -49.52
C LEU D 773 29.37 -28.58 -48.74
N TYR D 774 29.50 -29.76 -49.35
CA TYR D 774 29.09 -30.99 -48.69
C TYR D 774 29.90 -31.23 -47.42
N VAL D 775 31.20 -30.94 -47.47
CA VAL D 775 32.04 -31.11 -46.28
C VAL D 775 31.55 -30.22 -45.15
N LEU D 776 31.24 -28.95 -45.48
CA LEU D 776 30.72 -28.04 -44.46
C LEU D 776 29.44 -28.58 -43.85
N VAL D 777 28.55 -29.09 -44.71
CA VAL D 777 27.28 -29.61 -44.23
C VAL D 777 27.52 -30.80 -43.28
N PHE D 778 28.50 -31.65 -43.61
CA PHE D 778 28.83 -32.77 -42.73
C PHE D 778 29.36 -32.29 -41.38
N ILE D 779 30.19 -31.24 -41.38
CA ILE D 779 30.61 -30.63 -40.11
C ILE D 779 29.37 -30.29 -39.28
N LEU D 780 28.40 -29.64 -39.92
CA LEU D 780 27.18 -29.24 -39.22
C LEU D 780 26.46 -30.46 -38.65
N LEU D 781 26.44 -31.57 -39.40
CA LEU D 781 25.81 -32.79 -38.90
C LEU D 781 26.45 -33.25 -37.60
N CYS D 782 27.78 -33.28 -37.56
CA CYS D 782 28.45 -33.69 -36.33
C CYS D 782 28.09 -32.77 -35.18
N ASP D 783 28.08 -31.46 -35.44
CA ASP D 783 27.70 -30.51 -34.40
C ASP D 783 26.31 -30.81 -33.84
N GLU D 784 25.37 -31.20 -34.72
CA GLU D 784 24.03 -31.56 -34.26
C GLU D 784 24.05 -32.83 -33.41
N VAL D 785 24.85 -33.82 -33.83
CA VAL D 785 24.93 -35.05 -33.05
C VAL D 785 25.38 -34.75 -31.63
N ARG D 786 26.24 -33.74 -31.47
CA ARG D 786 26.65 -33.42 -30.11
C ARG D 786 25.47 -32.99 -29.26
N GLN D 787 24.54 -32.22 -29.84
CA GLN D 787 23.36 -31.81 -29.07
C GLN D 787 22.49 -33.01 -28.73
N TRP D 788 22.37 -33.97 -29.66
CA TRP D 788 21.63 -35.18 -29.32
C TRP D 788 22.26 -35.88 -28.11
N TYR D 789 23.58 -35.98 -28.09
CA TYR D 789 24.22 -36.77 -27.03
C TYR D 789 24.24 -36.04 -25.69
N MET D 790 24.47 -34.74 -25.72
CA MET D 790 24.70 -34.01 -24.46
C MET D 790 23.41 -33.86 -23.67
N ASN D 791 22.34 -33.40 -24.32
CA ASN D 791 21.04 -33.20 -23.67
C ASN D 791 19.96 -33.67 -24.62
N GLY D 792 19.43 -34.86 -24.38
CA GLY D 792 18.48 -35.47 -25.29
C GLY D 792 17.03 -35.10 -25.02
N SER D 793 16.65 -35.03 -23.74
CA SER D 793 15.25 -34.85 -23.41
C SER D 793 14.71 -33.52 -23.91
N LYS D 794 15.40 -32.42 -23.58
CA LYS D 794 14.89 -31.09 -23.88
C LYS D 794 15.16 -30.65 -25.31
N TYR D 795 16.05 -31.32 -26.02
CA TYR D 795 16.39 -30.88 -27.37
C TYR D 795 15.20 -30.98 -28.31
N PHE D 796 14.43 -32.07 -28.23
CA PHE D 796 13.28 -32.28 -29.10
C PHE D 796 12.00 -31.65 -28.57
N SER D 797 12.06 -30.97 -27.42
CA SER D 797 10.87 -30.32 -26.89
C SER D 797 10.39 -29.19 -27.80
N ASP D 798 11.32 -28.48 -28.45
CA ASP D 798 10.98 -27.32 -29.26
C ASP D 798 11.00 -27.69 -30.74
N LEU D 799 10.19 -26.96 -31.51
CA LEU D 799 10.04 -27.26 -32.93
C LEU D 799 11.28 -26.86 -33.73
N TRP D 800 11.95 -25.79 -33.32
CA TRP D 800 13.01 -25.21 -34.15
C TRP D 800 14.22 -26.13 -34.28
N ASN D 801 14.62 -26.80 -33.20
CA ASN D 801 15.69 -27.79 -33.28
C ASN D 801 15.31 -28.95 -34.20
N VAL D 802 14.06 -29.42 -34.09
CA VAL D 802 13.56 -30.46 -34.97
C VAL D 802 13.66 -30.01 -36.42
N MET D 803 13.32 -28.75 -36.69
CA MET D 803 13.39 -28.26 -38.07
C MET D 803 14.82 -28.27 -38.58
N ASP D 804 15.78 -27.82 -37.76
CA ASP D 804 17.17 -27.85 -38.20
C ASP D 804 17.59 -29.27 -38.57
N THR D 805 17.28 -30.24 -37.71
CA THR D 805 17.68 -31.62 -38.00
C THR D 805 16.99 -32.13 -39.27
N LEU D 806 15.70 -31.85 -39.43
CA LEU D 806 15.01 -32.34 -40.61
C LEU D 806 15.57 -31.68 -41.87
N ALA D 807 16.05 -30.45 -41.76
CA ALA D 807 16.68 -29.81 -42.91
C ALA D 807 17.94 -30.55 -43.33
N ILE D 808 18.77 -30.93 -42.36
CA ILE D 808 20.00 -31.61 -42.74
C ILE D 808 19.68 -32.97 -43.37
N PHE D 809 18.70 -33.69 -42.82
CA PHE D 809 18.30 -34.96 -43.42
C PHE D 809 17.74 -34.76 -44.84
N TYR D 810 16.99 -33.68 -45.04
CA TYR D 810 16.50 -33.34 -46.37
C TYR D 810 17.67 -33.18 -47.34
N PHE D 811 18.75 -32.57 -46.88
CA PHE D 811 19.90 -32.38 -47.74
C PHE D 811 20.46 -33.72 -48.15
N ILE D 812 20.49 -34.66 -47.21
CA ILE D 812 21.02 -35.97 -47.48
C ILE D 812 20.24 -36.56 -48.61
N ALA D 813 18.92 -36.52 -48.51
CA ALA D 813 18.07 -37.02 -49.60
C ALA D 813 18.43 -36.33 -50.92
N GLY D 814 18.70 -35.03 -50.87
CA GLY D 814 19.03 -34.32 -52.11
C GLY D 814 20.28 -34.87 -52.77
N ILE D 815 21.32 -35.15 -51.98
CA ILE D 815 22.51 -35.78 -52.55
C ILE D 815 22.15 -37.11 -53.16
N VAL D 816 21.33 -37.90 -52.45
CA VAL D 816 20.97 -39.21 -53.00
C VAL D 816 20.41 -39.04 -54.40
N PHE D 817 19.56 -38.04 -54.59
CA PHE D 817 19.03 -37.83 -55.94
C PHE D 817 20.12 -37.36 -56.90
N ARG D 818 20.94 -36.39 -56.49
CA ARG D 818 21.89 -35.80 -57.43
C ARG D 818 22.84 -36.84 -58.00
N LEU D 819 23.25 -37.80 -57.18
CA LEU D 819 24.31 -38.71 -57.62
C LEU D 819 23.87 -39.68 -58.71
N HIS D 820 22.56 -39.82 -58.94
CA HIS D 820 22.09 -40.80 -59.93
C HIS D 820 22.51 -40.45 -61.35
N SER D 821 22.87 -39.19 -61.60
CA SER D 821 23.34 -38.75 -62.91
C SER D 821 22.30 -38.97 -64.01
N ASP D 822 21.02 -38.98 -63.66
CA ASP D 822 19.94 -38.99 -64.63
C ASP D 822 19.18 -37.67 -64.53
N GLU D 823 18.84 -37.09 -65.69
CA GLU D 823 18.27 -35.75 -65.71
C GLU D 823 16.99 -35.68 -64.90
N SER D 824 16.15 -36.71 -64.99
CA SER D 824 14.89 -36.69 -64.26
C SER D 824 15.11 -36.61 -62.76
N SER D 825 16.06 -37.40 -62.24
CA SER D 825 16.40 -37.31 -60.82
C SER D 825 17.21 -36.05 -60.51
N TRP D 826 18.00 -35.59 -61.49
CA TRP D 826 18.82 -34.40 -61.32
C TRP D 826 17.95 -33.19 -60.99
N TYR D 827 16.88 -32.99 -61.76
CA TYR D 827 15.99 -31.85 -61.53
C TYR D 827 15.35 -31.92 -60.15
N SER D 828 14.91 -33.11 -59.74
CA SER D 828 14.29 -33.26 -58.43
C SER D 828 15.29 -32.94 -57.31
N GLY D 829 16.53 -33.41 -57.45
CA GLY D 829 17.54 -33.06 -56.47
C GLY D 829 17.77 -31.56 -56.39
N ARG D 830 17.76 -30.89 -57.53
CA ARG D 830 17.90 -29.44 -57.55
C ARG D 830 16.77 -28.76 -56.77
N VAL D 831 15.53 -29.22 -56.99
CA VAL D 831 14.39 -28.66 -56.27
C VAL D 831 14.56 -28.87 -54.76
N ILE D 832 14.99 -30.09 -54.38
CA ILE D 832 15.21 -30.40 -52.97
C ILE D 832 16.23 -29.42 -52.38
N PHE D 833 17.30 -29.15 -53.12
CA PHE D 833 18.31 -28.21 -52.64
C PHE D 833 17.72 -26.83 -52.41
N CYS D 834 16.88 -26.36 -53.35
CA CYS D 834 16.28 -25.04 -53.18
C CYS D 834 15.46 -24.97 -51.89
N LEU D 835 14.61 -25.98 -51.66
CA LEU D 835 13.77 -25.94 -50.46
C LEU D 835 14.62 -25.99 -49.19
N ASP D 836 15.67 -26.81 -49.19
CA ASP D 836 16.56 -26.85 -48.04
C ASP D 836 17.22 -25.49 -47.80
N TYR D 837 17.54 -24.79 -48.88
CA TYR D 837 18.11 -23.44 -48.74
C TYR D 837 17.13 -22.52 -48.01
N ILE D 838 15.86 -22.57 -48.41
CA ILE D 838 14.86 -21.75 -47.72
C ILE D 838 14.84 -22.08 -46.23
N VAL D 839 14.90 -23.38 -45.91
CA VAL D 839 14.84 -23.78 -44.51
C VAL D 839 16.03 -23.23 -43.72
N PHE D 840 17.22 -23.30 -44.32
CA PHE D 840 18.41 -22.77 -43.65
C PHE D 840 18.26 -21.27 -43.39
N THR D 841 17.73 -20.53 -44.37
CA THR D 841 17.52 -19.11 -44.14
C THR D 841 16.55 -18.85 -42.99
N LEU D 842 15.50 -19.69 -42.89
CA LEU D 842 14.59 -19.56 -41.77
C LEU D 842 15.31 -19.76 -40.44
N ARG D 843 16.21 -20.75 -40.38
CA ARG D 843 16.99 -20.95 -39.17
C ARG D 843 17.77 -19.69 -38.80
N LEU D 844 18.41 -19.07 -39.80
CA LEU D 844 19.18 -17.87 -39.53
C LEU D 844 18.28 -16.75 -38.99
N ILE D 845 17.09 -16.60 -39.56
CA ILE D 845 16.18 -15.55 -39.10
C ILE D 845 15.79 -15.80 -37.64
N HIS D 846 15.54 -17.06 -37.29
CA HIS D 846 15.23 -17.38 -35.91
C HIS D 846 16.36 -16.96 -34.98
N ILE D 847 17.59 -17.22 -35.40
CA ILE D 847 18.74 -16.82 -34.60
C ILE D 847 18.75 -15.33 -34.37
N PHE D 848 18.55 -14.54 -35.42
CA PHE D 848 18.56 -13.08 -35.30
C PHE D 848 17.46 -12.57 -34.39
N THR D 849 16.27 -13.15 -34.52
CA THR D 849 15.15 -12.72 -33.73
C THR D 849 15.41 -12.88 -32.24
N VAL D 850 15.81 -14.07 -31.84
CA VAL D 850 16.05 -14.35 -30.43
C VAL D 850 17.27 -13.59 -29.94
N SER D 851 18.30 -13.46 -30.78
CA SER D 851 19.48 -12.71 -30.37
C SER D 851 19.12 -11.28 -30.02
N ARG D 852 18.29 -10.64 -30.84
CA ARG D 852 17.96 -9.24 -30.57
C ARG D 852 17.02 -9.08 -29.38
N ASN D 853 16.04 -9.96 -29.22
CA ASN D 853 15.00 -9.71 -28.24
C ASN D 853 15.36 -10.16 -26.82
N LEU D 854 16.52 -10.78 -26.62
CA LEU D 854 16.91 -11.23 -25.28
C LEU D 854 16.95 -10.06 -24.31
N GLY D 855 16.26 -10.21 -23.18
CA GLY D 855 16.01 -9.14 -22.25
C GLY D 855 14.70 -9.39 -21.52
N PRO D 856 13.84 -8.37 -21.42
CA PRO D 856 12.52 -8.55 -20.78
C PRO D 856 11.39 -8.94 -21.73
N LYS D 857 11.69 -9.26 -22.98
CA LYS D 857 10.68 -9.66 -23.96
C LYS D 857 10.73 -11.14 -24.28
N ILE D 858 11.57 -11.92 -23.61
CA ILE D 858 11.83 -13.29 -24.08
C ILE D 858 10.69 -14.21 -23.68
N ILE D 859 10.08 -13.99 -22.52
CA ILE D 859 8.90 -14.76 -22.13
C ILE D 859 7.76 -14.52 -23.10
N MET D 860 7.53 -13.24 -23.46
CA MET D 860 6.51 -12.91 -24.44
C MET D 860 6.77 -13.61 -25.76
N LEU D 861 8.03 -13.62 -26.20
CA LEU D 861 8.35 -14.22 -27.48
C LEU D 861 8.20 -15.73 -27.46
N GLN D 862 8.51 -16.36 -26.32
CA GLN D 862 8.45 -17.82 -26.28
C GLN D 862 7.01 -18.32 -26.21
N ARG D 863 6.12 -17.64 -25.48
CA ARG D 863 4.74 -18.11 -25.43
C ARG D 863 4.04 -17.97 -26.78
N MET D 864 4.31 -16.87 -27.47
CA MET D 864 3.56 -16.54 -28.68
C MET D 864 3.86 -17.50 -29.82
N MET D 865 5.09 -17.99 -29.93
CA MET D 865 5.38 -18.97 -30.97
C MET D 865 4.50 -20.20 -30.81
N ILE D 866 4.34 -20.68 -29.58
CA ILE D 866 3.49 -21.84 -29.31
C ILE D 866 2.04 -21.53 -29.68
N ASP D 867 1.56 -20.37 -29.25
CA ASP D 867 0.17 -20.04 -29.54
C ASP D 867 -0.09 -19.96 -31.04
N VAL D 868 0.81 -19.33 -31.78
CA VAL D 868 0.64 -19.21 -33.22
C VAL D 868 0.71 -20.58 -33.89
N PHE D 869 1.57 -21.47 -33.38
CA PHE D 869 1.62 -22.82 -33.91
C PHE D 869 0.28 -23.52 -33.74
N PHE D 870 -0.34 -23.38 -32.57
CA PHE D 870 -1.64 -24.00 -32.37
C PHE D 870 -2.68 -23.42 -33.32
N PHE D 871 -2.65 -22.10 -33.53
CA PHE D 871 -3.59 -21.50 -34.47
C PHE D 871 -3.40 -22.06 -35.88
N LEU D 872 -2.15 -22.21 -36.31
CA LEU D 872 -1.90 -22.78 -37.64
C LEU D 872 -2.41 -24.22 -37.71
N PHE D 873 -2.26 -24.97 -36.62
CA PHE D 873 -2.78 -26.34 -36.59
C PHE D 873 -4.29 -26.35 -36.81
N LEU D 874 -5.01 -25.47 -36.11
CA LEU D 874 -6.46 -25.39 -36.29
C LEU D 874 -6.80 -25.01 -37.72
N PHE D 875 -6.05 -24.07 -38.30
CA PHE D 875 -6.32 -23.65 -39.67
C PHE D 875 -6.16 -24.81 -40.64
N ALA D 876 -5.11 -25.62 -40.47
CA ALA D 876 -4.92 -26.78 -41.33
C ALA D 876 -6.09 -27.77 -41.19
N VAL D 877 -6.49 -28.03 -39.94
CA VAL D 877 -7.61 -28.93 -39.71
C VAL D 877 -8.84 -28.44 -40.47
N TRP D 878 -9.11 -27.13 -40.40
CA TRP D 878 -10.27 -26.59 -41.09
C TRP D 878 -10.13 -26.73 -42.61
N MET D 879 -8.91 -26.51 -43.12
CA MET D 879 -8.71 -26.58 -44.56
C MET D 879 -9.01 -27.98 -45.09
N VAL D 880 -8.68 -29.01 -44.31
CA VAL D 880 -8.96 -30.36 -44.79
C VAL D 880 -10.47 -30.55 -45.01
N ALA D 881 -11.28 -30.12 -44.04
CA ALA D 881 -12.73 -30.25 -44.19
C ALA D 881 -13.25 -29.44 -45.36
N PHE D 882 -12.75 -28.21 -45.51
CA PHE D 882 -13.17 -27.40 -46.65
C PHE D 882 -12.88 -28.11 -47.96
N GLY D 883 -11.68 -28.68 -48.09
CA GLY D 883 -11.32 -29.37 -49.31
C GLY D 883 -12.19 -30.58 -49.57
N VAL D 884 -12.49 -31.36 -48.52
CA VAL D 884 -13.35 -32.52 -48.70
C VAL D 884 -14.72 -32.09 -49.20
N ALA D 885 -15.28 -31.05 -48.59
CA ALA D 885 -16.60 -30.58 -49.02
C ALA D 885 -16.57 -30.15 -50.48
N ARG D 886 -15.56 -29.36 -50.87
CA ARG D 886 -15.48 -28.86 -52.24
C ARG D 886 -15.33 -30.01 -53.23
N GLN D 887 -14.46 -30.97 -52.93
CA GLN D 887 -14.25 -32.09 -53.83
C GLN D 887 -15.53 -32.92 -53.96
N GLY D 888 -16.22 -33.15 -52.85
CA GLY D 888 -17.46 -33.92 -52.92
C GLY D 888 -18.52 -33.23 -53.75
N ILE D 889 -18.67 -31.92 -53.58
CA ILE D 889 -19.72 -31.21 -54.30
C ILE D 889 -19.41 -31.18 -55.80
N LEU D 890 -18.17 -30.86 -56.16
CA LEU D 890 -17.89 -30.62 -57.58
C LEU D 890 -17.82 -31.90 -58.40
N ARG D 891 -16.86 -32.77 -58.08
CA ARG D 891 -16.56 -33.93 -58.91
C ARG D 891 -17.29 -35.17 -58.40
N LYS D 892 -17.78 -35.97 -59.34
CA LYS D 892 -18.49 -37.21 -59.02
C LYS D 892 -17.94 -38.43 -59.75
N ASN D 893 -17.52 -38.27 -61.00
CA ASN D 893 -17.12 -39.43 -61.80
C ASN D 893 -15.88 -40.11 -61.23
N GLU D 894 -14.93 -39.29 -60.79
CA GLU D 894 -13.64 -39.77 -60.28
C GLU D 894 -13.65 -40.63 -59.01
N HIS D 895 -13.36 -41.92 -59.14
CA HIS D 895 -13.30 -42.81 -57.98
C HIS D 895 -11.88 -43.31 -57.64
N ARG D 896 -10.88 -42.92 -58.43
CA ARG D 896 -9.51 -43.34 -58.19
C ARG D 896 -9.05 -42.91 -56.81
N TRP D 897 -8.52 -43.87 -56.04
CA TRP D 897 -7.99 -43.55 -54.72
C TRP D 897 -6.85 -42.56 -54.81
N GLU D 898 -6.03 -42.65 -55.86
CA GLU D 898 -4.84 -41.81 -55.96
C GLU D 898 -5.20 -40.34 -56.11
N TRP D 899 -6.20 -40.04 -56.94
CA TRP D 899 -6.54 -38.64 -57.21
C TRP D 899 -7.20 -37.98 -56.01
N ILE D 900 -7.91 -38.75 -55.19
CA ILE D 900 -8.63 -38.17 -54.06
C ILE D 900 -7.67 -37.52 -53.08
N PHE D 901 -6.54 -38.18 -52.81
CA PHE D 901 -5.55 -37.61 -51.90
C PHE D 901 -5.07 -36.25 -52.41
N ARG D 902 -4.61 -36.22 -53.67
CA ARG D 902 -4.21 -34.95 -54.27
C ARG D 902 -5.28 -33.90 -54.05
N SER D 903 -6.51 -34.20 -54.50
CA SER D 903 -7.58 -33.22 -54.45
C SER D 903 -7.77 -32.70 -53.04
N VAL D 904 -8.20 -33.57 -52.12
CA VAL D 904 -8.61 -33.10 -50.81
C VAL D 904 -7.46 -32.41 -50.10
N ILE D 905 -6.24 -32.89 -50.27
CA ILE D 905 -5.13 -32.37 -49.48
C ILE D 905 -4.65 -31.02 -50.02
N TYR D 906 -4.29 -30.94 -51.30
CA TYR D 906 -3.70 -29.71 -51.80
C TYR D 906 -4.39 -29.18 -53.05
N GLU D 907 -5.72 -29.24 -53.09
CA GLU D 907 -6.48 -28.31 -53.92
C GLU D 907 -6.75 -27.00 -53.19
N PRO D 908 -7.18 -27.02 -51.92
CA PRO D 908 -7.56 -25.76 -51.28
C PRO D 908 -6.42 -24.76 -51.18
N TYR D 909 -5.21 -25.22 -50.86
CA TYR D 909 -4.07 -24.31 -50.79
C TYR D 909 -3.80 -23.69 -52.15
N LEU D 910 -3.96 -24.47 -53.23
CA LEU D 910 -3.85 -23.91 -54.56
C LEU D 910 -4.93 -22.86 -54.80
N ALA D 911 -6.14 -23.12 -54.32
CA ALA D 911 -7.22 -22.15 -54.48
C ALA D 911 -6.88 -20.84 -53.79
N MET D 912 -6.30 -20.91 -52.60
CA MET D 912 -5.86 -19.69 -51.91
C MET D 912 -4.76 -19.01 -52.71
N PHE D 913 -3.62 -19.69 -52.87
CA PHE D 913 -2.51 -19.19 -53.68
C PHE D 913 -2.06 -20.33 -54.58
N GLY D 914 -2.40 -20.25 -55.86
CA GLY D 914 -2.00 -21.28 -56.80
C GLY D 914 -2.49 -20.93 -58.19
N GLN D 915 -1.96 -21.66 -59.17
CA GLN D 915 -2.35 -21.44 -60.55
C GLN D 915 -3.73 -22.02 -60.84
N TYR D 916 -4.09 -23.12 -60.18
CA TYR D 916 -5.38 -23.76 -60.39
C TYR D 916 -6.49 -22.94 -59.74
N PRO D 950 -16.81 -22.94 -53.49
CA PRO D 950 -17.52 -23.97 -54.25
C PRO D 950 -18.97 -23.60 -54.55
N ARG D 951 -19.21 -22.91 -55.67
CA ARG D 951 -20.57 -22.49 -56.05
C ARG D 951 -20.89 -23.08 -57.42
N PHE D 952 -21.30 -24.34 -57.42
CA PHE D 952 -22.11 -24.86 -58.51
C PHE D 952 -23.58 -24.54 -58.26
N PRO D 953 -24.10 -24.79 -57.04
CA PRO D 953 -25.54 -24.60 -56.79
C PRO D 953 -25.88 -23.19 -56.36
N GLU D 954 -26.90 -22.60 -56.98
CA GLU D 954 -27.35 -21.27 -56.62
C GLU D 954 -28.28 -21.24 -55.42
N TRP D 955 -28.84 -22.39 -55.03
CA TRP D 955 -29.94 -22.39 -54.07
C TRP D 955 -29.49 -22.41 -52.61
N ILE D 956 -28.27 -22.89 -52.33
CA ILE D 956 -27.81 -23.03 -50.95
C ILE D 956 -26.70 -22.02 -50.66
N THR D 957 -26.71 -20.89 -51.36
CA THR D 957 -25.66 -19.89 -51.17
C THR D 957 -25.70 -19.29 -49.76
N ILE D 958 -26.89 -18.96 -49.27
CA ILE D 958 -26.99 -18.26 -47.98
C ILE D 958 -26.50 -19.12 -46.83
N PRO D 959 -26.88 -20.38 -46.69
CA PRO D 959 -26.29 -21.21 -45.62
C PRO D 959 -24.77 -21.31 -45.73
N LEU D 960 -24.24 -21.35 -46.95
CA LEU D 960 -22.79 -21.35 -47.12
C LEU D 960 -22.18 -20.06 -46.58
N VAL D 961 -22.82 -18.93 -46.82
CA VAL D 961 -22.34 -17.66 -46.28
C VAL D 961 -22.33 -17.70 -44.76
N CYS D 962 -23.40 -18.23 -44.16
CA CYS D 962 -23.46 -18.31 -42.71
C CYS D 962 -22.36 -19.21 -42.16
N ILE D 963 -22.10 -20.33 -42.83
CA ILE D 963 -21.02 -21.22 -42.42
C ILE D 963 -19.68 -20.49 -42.48
N TYR D 964 -19.45 -19.75 -43.55
CA TYR D 964 -18.23 -18.94 -43.64
C TYR D 964 -18.13 -17.99 -42.45
N MET D 965 -19.24 -17.36 -42.08
CA MET D 965 -19.21 -16.43 -40.96
C MET D 965 -18.81 -17.14 -39.67
N LEU D 966 -19.37 -18.33 -39.43
CA LEU D 966 -19.04 -19.07 -38.22
C LEU D 966 -17.56 -19.43 -38.17
N SER D 967 -17.03 -19.96 -39.28
CA SER D 967 -15.62 -20.31 -39.32
C SER D 967 -14.75 -19.09 -39.07
N THR D 968 -15.11 -17.96 -39.69
CA THR D 968 -14.39 -16.72 -39.45
C THR D 968 -14.38 -16.39 -37.96
N ASN D 969 -15.54 -16.50 -37.31
CA ASN D 969 -15.63 -16.18 -35.89
C ASN D 969 -14.63 -17.01 -35.10
N ILE D 970 -14.67 -18.34 -35.28
CA ILE D 970 -13.82 -19.20 -34.46
C ILE D 970 -12.35 -18.89 -34.71
N LEU D 971 -11.95 -18.80 -35.98
CA LEU D 971 -10.53 -18.65 -36.27
C LEU D 971 -10.01 -17.30 -35.82
N LEU D 972 -10.80 -16.23 -36.01
CA LEU D 972 -10.38 -14.92 -35.53
C LEU D 972 -10.24 -14.91 -34.02
N VAL D 973 -11.18 -15.54 -33.31
CA VAL D 973 -11.05 -15.64 -31.86
C VAL D 973 -9.74 -16.33 -31.49
N ASN D 974 -9.43 -17.45 -32.15
CA ASN D 974 -8.21 -18.18 -31.80
C ASN D 974 -6.97 -17.33 -32.06
N LEU D 975 -6.93 -16.61 -33.19
CA LEU D 975 -5.79 -15.75 -33.47
C LEU D 975 -5.62 -14.66 -32.42
N LEU D 976 -6.72 -14.01 -32.03
CA LEU D 976 -6.60 -12.94 -31.06
C LEU D 976 -6.18 -13.47 -29.69
N VAL D 977 -6.65 -14.67 -29.34
CA VAL D 977 -6.18 -15.29 -28.10
C VAL D 977 -4.69 -15.56 -28.17
N ALA D 978 -4.21 -16.04 -29.33
CA ALA D 978 -2.78 -16.22 -29.49
C ALA D 978 -2.05 -14.91 -29.28
N MET D 979 -2.61 -13.82 -29.80
CA MET D 979 -1.99 -12.51 -29.64
C MET D 979 -1.88 -12.12 -28.17
N PHE D 980 -2.97 -12.25 -27.43
CA PHE D 980 -3.08 -11.65 -26.09
C PHE D 980 -2.90 -12.65 -24.95
N GLY D 981 -2.46 -13.88 -25.23
CA GLY D 981 -2.35 -14.87 -24.17
C GLY D 981 -1.31 -14.54 -23.11
N TYR D 982 -0.19 -13.95 -23.53
CA TYR D 982 0.96 -13.83 -22.63
C TYR D 982 0.70 -12.94 -21.41
N THR D 983 -0.37 -12.15 -21.41
CA THR D 983 -0.57 -11.16 -20.36
C THR D 983 -1.26 -11.72 -19.12
N VAL D 984 -2.12 -12.72 -19.28
CA VAL D 984 -3.02 -13.10 -18.19
C VAL D 984 -2.24 -13.76 -17.05
N GLY D 985 -1.34 -14.68 -17.37
CA GLY D 985 -0.71 -15.48 -16.34
C GLY D 985 0.23 -14.68 -15.45
N SER D 986 0.96 -13.73 -16.03
CA SER D 986 2.06 -13.08 -15.33
C SER D 986 1.54 -12.10 -14.28
N VAL D 987 2.45 -11.68 -13.41
CA VAL D 987 2.20 -10.67 -12.38
C VAL D 987 3.19 -9.53 -12.59
N GLN D 988 2.70 -8.30 -12.54
CA GLN D 988 3.53 -7.14 -12.85
C GLN D 988 4.63 -6.94 -11.81
N GLU D 989 4.35 -7.23 -10.54
CA GLU D 989 5.30 -6.90 -9.47
C GLU D 989 6.62 -7.62 -9.67
N ASN D 990 6.59 -8.92 -9.93
CA ASN D 990 7.79 -9.76 -9.99
C ASN D 990 8.12 -10.19 -11.42
N ASN D 991 7.84 -9.32 -12.40
CA ASN D 991 8.05 -9.70 -13.79
C ASN D 991 9.53 -9.84 -14.13
N ASP D 992 10.41 -9.14 -13.41
CA ASP D 992 11.82 -9.08 -13.79
C ASP D 992 12.52 -10.42 -13.59
N GLN D 993 12.23 -11.08 -12.47
CA GLN D 993 12.93 -12.32 -12.11
C GLN D 993 12.73 -13.38 -13.18
N VAL D 994 11.53 -13.44 -13.77
CA VAL D 994 11.21 -14.50 -14.70
C VAL D 994 12.12 -14.44 -15.93
N TRP D 995 12.21 -13.26 -16.53
CA TRP D 995 13.05 -13.13 -17.72
C TRP D 995 14.52 -13.21 -17.36
N LYS D 996 14.92 -12.77 -16.17
CA LYS D 996 16.32 -12.94 -15.79
C LYS D 996 16.67 -14.43 -15.71
N PHE D 997 15.79 -15.23 -15.11
CA PHE D 997 16.01 -16.68 -15.06
C PHE D 997 16.08 -17.27 -16.46
N GLN D 998 15.15 -16.90 -17.33
CA GLN D 998 15.13 -17.46 -18.68
C GLN D 998 16.43 -17.13 -19.42
N ARG D 999 16.88 -15.88 -19.31
CA ARG D 999 18.12 -15.49 -19.96
C ARG D 999 19.30 -16.27 -19.41
N PHE D 1000 19.38 -16.43 -18.09
CA PHE D 1000 20.45 -17.24 -17.51
C PHE D 1000 20.46 -18.63 -18.13
N PHE D 1001 19.28 -19.24 -18.26
CA PHE D 1001 19.20 -20.60 -18.80
C PHE D 1001 19.73 -20.65 -20.22
N LEU D 1002 19.25 -19.74 -21.09
CA LEU D 1002 19.68 -19.79 -22.48
C LEU D 1002 21.18 -19.51 -22.62
N VAL D 1003 21.68 -18.53 -21.88
CA VAL D 1003 23.10 -18.23 -21.97
C VAL D 1003 23.93 -19.41 -21.51
N GLN D 1004 23.51 -20.06 -20.43
CA GLN D 1004 24.24 -21.22 -19.93
C GLN D 1004 24.30 -22.28 -21.00
N GLU D 1005 23.17 -22.54 -21.65
CA GLU D 1005 23.17 -23.53 -22.73
C GLU D 1005 24.18 -23.16 -23.81
N TYR D 1006 24.13 -21.92 -24.28
CA TYR D 1006 25.03 -21.51 -25.35
C TYR D 1006 26.48 -21.60 -24.91
N CYS D 1007 26.79 -21.17 -23.68
CA CYS D 1007 28.16 -21.22 -23.19
C CYS D 1007 28.65 -22.66 -23.14
N SER D 1008 27.80 -23.59 -22.71
CA SER D 1008 28.20 -24.99 -22.72
C SER D 1008 28.47 -25.47 -24.14
N ARG D 1009 27.63 -25.08 -25.10
CA ARG D 1009 27.80 -25.59 -26.45
C ARG D 1009 29.10 -25.09 -27.08
N LEU D 1010 29.33 -23.78 -27.08
CA LEU D 1010 30.39 -23.21 -27.89
C LEU D 1010 31.76 -23.62 -27.38
N THR D 1011 32.60 -24.12 -28.30
CA THR D 1011 33.96 -24.51 -27.97
C THR D 1011 35.00 -23.72 -28.75
N ILE D 1012 34.90 -23.67 -30.08
CA ILE D 1012 35.87 -22.98 -30.92
C ILE D 1012 35.16 -22.48 -32.17
N PRO D 1013 35.83 -21.74 -33.05
CA PRO D 1013 35.18 -21.29 -34.28
C PRO D 1013 34.70 -22.47 -35.12
N PHE D 1014 33.57 -22.25 -35.79
CA PHE D 1014 32.89 -23.35 -36.48
C PHE D 1014 33.77 -24.08 -37.48
N PRO D 1015 34.48 -23.40 -38.41
CA PRO D 1015 35.11 -24.15 -39.51
C PRO D 1015 36.10 -25.22 -39.06
N PHE D 1016 36.80 -24.99 -37.95
CA PHE D 1016 37.80 -25.94 -37.47
C PHE D 1016 37.22 -26.98 -36.51
N VAL D 1017 35.94 -26.86 -36.17
CA VAL D 1017 35.36 -27.66 -35.09
C VAL D 1017 35.71 -29.13 -35.25
N ILE D 1018 35.64 -29.65 -36.48
CA ILE D 1018 35.78 -31.09 -36.67
C ILE D 1018 37.05 -31.59 -36.02
N PHE D 1019 38.16 -30.85 -36.17
CA PHE D 1019 39.41 -31.28 -35.59
C PHE D 1019 39.22 -31.66 -34.13
N ALA D 1020 38.73 -30.72 -33.33
CA ALA D 1020 38.52 -31.00 -31.92
C ALA D 1020 37.71 -32.27 -31.75
N TYR D 1021 36.58 -32.38 -32.47
CA TYR D 1021 35.77 -33.58 -32.36
C TYR D 1021 36.60 -34.82 -32.60
N ILE D 1022 37.33 -34.85 -33.71
CA ILE D 1022 38.17 -36.01 -33.98
C ILE D 1022 39.13 -36.23 -32.83
N PHE D 1023 39.83 -35.17 -32.43
CA PHE D 1023 40.73 -35.25 -31.29
C PHE D 1023 39.99 -35.84 -30.09
N MET D 1024 38.81 -35.30 -29.80
CA MET D 1024 38.05 -35.77 -28.64
C MET D 1024 37.82 -37.26 -28.73
N VAL D 1025 37.40 -37.75 -29.89
CA VAL D 1025 37.09 -39.17 -29.99
C VAL D 1025 38.34 -40.01 -29.82
N MET D 1026 39.51 -39.48 -30.24
CA MET D 1026 40.76 -40.18 -29.98
C MET D 1026 41.03 -40.25 -28.48
N ARG D 1027 40.74 -39.17 -27.76
CA ARG D 1027 40.99 -39.14 -26.32
C ARG D 1027 40.11 -40.15 -25.60
N LYS D 1028 38.83 -40.19 -25.94
CA LYS D 1028 37.88 -41.10 -25.29
C LYS D 1028 37.48 -42.23 -26.22
N PRO D 1041 37.87 -40.25 -7.34
CA PRO D 1041 37.63 -40.58 -5.94
C PRO D 1041 38.06 -39.47 -4.99
N SER D 1042 37.30 -38.39 -4.98
CA SER D 1042 37.58 -37.22 -4.14
C SER D 1042 36.49 -37.08 -3.08
N VAL D 1043 36.90 -36.89 -1.84
CA VAL D 1043 35.95 -36.74 -0.74
C VAL D 1043 35.41 -35.31 -0.74
N CYS D 1044 34.20 -35.15 -0.18
CA CYS D 1044 33.56 -33.84 -0.16
C CYS D 1044 34.39 -32.81 0.62
N CYS D 1045 34.88 -33.18 1.80
CA CYS D 1045 35.39 -32.22 2.76
C CYS D 1045 36.74 -32.63 3.35
N SER D 1046 37.34 -33.72 2.86
CA SER D 1046 38.61 -34.16 3.43
C SER D 1046 39.72 -33.14 3.19
N ARG D 1047 39.75 -32.54 2.01
CA ARG D 1047 40.85 -31.65 1.65
C ARG D 1047 40.80 -30.36 2.46
N ASN D 1048 42.01 -29.83 2.75
CA ASN D 1048 42.14 -28.66 3.61
C ASN D 1048 41.67 -27.39 2.90
N GLU D 1049 42.12 -27.19 1.66
CA GLU D 1049 41.71 -26.01 0.91
C GLU D 1049 40.19 -25.97 0.76
N ASP D 1050 39.56 -27.13 0.74
CA ASP D 1050 38.10 -27.19 0.78
C ASP D 1050 37.57 -26.76 2.15
N ASN D 1051 38.28 -27.10 3.21
CA ASN D 1051 37.85 -26.74 4.56
C ASN D 1051 37.83 -25.22 4.75
N GLU D 1052 38.81 -24.53 4.18
CA GLU D 1052 38.90 -23.09 4.39
C GLU D 1052 37.64 -22.37 3.92
N ILE D 1053 37.13 -22.77 2.75
CA ILE D 1053 35.97 -22.09 2.18
C ILE D 1053 34.76 -22.24 3.10
N LEU D 1054 34.54 -23.45 3.61
CA LEU D 1054 33.41 -23.69 4.51
C LEU D 1054 33.56 -22.91 5.81
N ALA D 1055 34.79 -22.80 6.32
CA ALA D 1055 35.00 -22.00 7.52
C ALA D 1055 34.61 -20.54 7.29
N TRP D 1056 35.04 -20.00 6.16
CA TRP D 1056 34.68 -18.63 5.82
C TRP D 1056 33.17 -18.46 5.71
N GLU D 1057 32.51 -19.43 5.08
CA GLU D 1057 31.06 -19.38 4.95
C GLU D 1057 30.38 -19.39 6.32
N ALA D 1058 30.89 -20.19 7.25
CA ALA D 1058 30.30 -20.25 8.58
C ALA D 1058 30.40 -18.90 9.28
N VAL D 1059 31.57 -18.26 9.21
CA VAL D 1059 31.72 -16.93 9.78
C VAL D 1059 30.72 -15.96 9.17
N MET D 1060 30.55 -16.02 7.83
CA MET D 1060 29.58 -15.16 7.16
C MET D 1060 28.17 -15.41 7.69
N LYS D 1061 27.82 -16.67 7.88
CA LYS D 1061 26.51 -17.00 8.43
C LYS D 1061 26.33 -16.40 9.82
N GLU D 1062 27.37 -16.46 10.65
CA GLU D 1062 27.23 -15.87 11.98
C GLU D 1062 26.89 -14.38 11.88
N ASN D 1063 27.57 -13.67 10.97
CA ASN D 1063 27.23 -12.26 10.79
C ASN D 1063 25.77 -12.10 10.34
N TYR D 1064 25.34 -12.94 9.39
CA TYR D 1064 23.96 -12.83 8.89
C TYR D 1064 22.95 -13.07 10.00
N LEU D 1065 23.19 -14.07 10.85
CA LEU D 1065 22.28 -14.37 11.95
C LEU D 1065 22.20 -13.21 12.92
N VAL D 1066 23.35 -12.61 13.24
CA VAL D 1066 23.32 -11.45 14.12
C VAL D 1066 22.47 -10.35 13.51
N LYS D 1067 22.61 -10.12 12.20
CA LYS D 1067 21.83 -9.06 11.57
C LYS D 1067 20.34 -9.36 11.63
N ILE D 1068 19.94 -10.59 11.32
CA ILE D 1068 18.50 -10.88 11.27
C ILE D 1068 17.89 -10.83 12.67
N ASN D 1069 18.64 -11.27 13.69
CA ASN D 1069 18.05 -11.40 15.02
C ASN D 1069 17.52 -10.07 15.54
N THR D 1070 18.29 -9.00 15.36
CA THR D 1070 17.90 -7.72 15.95
C THR D 1070 16.57 -7.22 15.40
N LYS D 1071 16.38 -7.33 14.09
CA LYS D 1071 15.15 -6.88 13.45
C LYS D 1071 13.99 -7.83 13.78
N GLU D 1078 8.84 -2.77 23.21
CA GLU D 1078 9.87 -1.90 23.78
C GLU D 1078 9.25 -0.89 24.74
N MET D 1079 8.21 -0.19 24.26
CA MET D 1079 7.54 0.81 25.08
C MET D 1079 6.83 0.16 26.28
N VAL D 1080 6.16 -0.97 26.05
CA VAL D 1080 5.45 -1.64 27.15
C VAL D 1080 6.43 -2.11 28.21
N HIS D 1081 7.61 -2.55 27.80
CA HIS D 1081 8.62 -2.94 28.78
C HIS D 1081 9.04 -1.77 29.64
N ARG D 1082 9.24 -0.59 29.03
CA ARG D 1082 9.58 0.59 29.80
C ARG D 1082 8.46 0.96 30.77
N PHE D 1083 7.21 0.92 30.30
CA PHE D 1083 6.09 1.24 31.17
C PHE D 1083 6.02 0.28 32.35
N ARG D 1084 6.16 -1.02 32.08
CA ARG D 1084 6.08 -2.02 33.14
C ARG D 1084 7.21 -1.86 34.15
N GLN D 1085 8.43 -1.63 33.66
CA GLN D 1085 9.56 -1.44 34.57
C GLN D 1085 9.36 -0.22 35.44
N LEU D 1086 8.88 0.89 34.84
CA LEU D 1086 8.62 2.08 35.63
C LEU D 1086 7.57 1.82 36.71
N ASP D 1087 6.49 1.12 36.35
CA ASP D 1087 5.45 0.83 37.33
C ASP D 1087 5.99 -0.04 38.47
N ALA D 1088 6.75 -1.08 38.13
CA ALA D 1088 7.29 -1.96 39.17
C ALA D 1088 8.25 -1.20 40.09
N LYS D 1089 9.13 -0.38 39.51
CA LYS D 1089 10.06 0.38 40.32
C LYS D 1089 9.33 1.36 41.24
N LEU D 1090 8.29 2.02 40.72
CA LEU D 1090 7.52 2.93 41.54
C LEU D 1090 6.84 2.20 42.69
N SER D 1091 6.28 1.01 42.42
CA SER D 1091 5.64 0.24 43.47
C SER D 1091 6.65 -0.16 44.54
N ASP D 1092 7.83 -0.61 44.12
CA ASP D 1092 8.85 -0.99 45.10
C ASP D 1092 9.29 0.20 45.93
N LEU D 1093 9.49 1.35 45.30
CA LEU D 1093 9.88 2.55 46.03
C LEU D 1093 8.79 2.96 47.03
N LYS D 1094 7.53 2.87 46.61
CA LYS D 1094 6.43 3.21 47.51
C LYS D 1094 6.40 2.26 48.70
N GLY D 1095 6.63 0.97 48.46
CA GLY D 1095 6.67 0.02 49.56
C GLY D 1095 7.81 0.33 50.53
N LEU D 1096 8.99 0.65 49.99
CA LEU D 1096 10.11 1.01 50.85
C LEU D 1096 9.81 2.26 51.66
N LEU D 1097 9.18 3.26 51.03
CA LEU D 1097 8.84 4.48 51.75
C LEU D 1097 7.81 4.20 52.85
N LYS D 1098 6.84 3.32 52.56
CA LYS D 1098 5.87 2.95 53.58
C LYS D 1098 6.54 2.24 54.75
N GLU D 1099 7.50 1.35 54.46
CA GLU D 1099 8.24 0.68 55.53
C GLU D 1099 9.02 1.70 56.36
N ILE D 1100 9.65 2.66 55.71
CA ILE D 1100 10.41 3.69 56.44
C ILE D 1100 9.47 4.50 57.32
N SER D 1101 8.30 4.88 56.79
CA SER D 1101 7.34 5.65 57.58
C SER D 1101 6.85 4.84 58.78
N SER D 1102 6.58 3.55 58.58
CA SER D 1102 6.18 2.71 59.70
C SER D 1102 7.28 2.64 60.75
N LYS D 1103 8.53 2.55 60.31
CA LYS D 1103 9.64 2.58 61.25
C LYS D 1103 9.68 3.90 62.03
N ILE D 1104 9.42 5.01 61.34
CA ILE D 1104 9.40 6.30 62.02
C ILE D 1104 8.29 6.34 63.06
N LYS D 1105 7.10 5.86 62.70
CA LYS D 1105 5.97 5.84 63.62
C LYS D 1105 5.94 4.55 64.42
#